data_4PI0
#
_entry.id   4PI0
#
_cell.length_a   116.361
_cell.length_b   184.739
_cell.length_c   188.637
_cell.angle_alpha   90.000
_cell.angle_beta   90.000
_cell.angle_gamma   90.000
#
_symmetry.space_group_name_H-M   'P 21 21 21'
#
loop_
_entity.id
_entity.type
_entity.pdbx_description
1 polymer 'unknown peptide'
2 polymer 'Particulate methane monooxygenase subunit A'
3 polymer 'Particulate methane monooxygenase subunit C'
4 polymer 'Particulate methane monooxygenase subunit B'
5 non-polymer 'COPPER (II) ION'
#
loop_
_entity_poly.entity_id
_entity_poly.type
_entity_poly.pdbx_seq_one_letter_code
_entity_poly.pdbx_strand_id
1 'polypeptide(L)'
;(UNK)(UNK)(UNK)(UNK)(UNK)(UNK)(UNK)(UNK)(UNK)(UNK)(UNK)(UNK)(UNK)(UNK)(UNK)(UNK)
(UNK)(UNK)(UNK)(UNK)(UNK)(UNK)(UNK)(UNK)(UNK)
;
D,H,N
2 'polypeptide(L)'
;MSQSKSGGAVGPFNSVAEAAGCVQTVDWMLLVLLFFAVLGGYHVHFMLTAGDWDFWVDWKDRRMWPTVVPILGVTFCAAS
QAFWWVNFRLPFGAVFAALGLLIGEWINRYVNFWGWTYFPISLVFPSALIVPAIWLDVILLLSGSYVITAVVGSLGWGLL
FYPNNWPAIAAFHQATEQHGQLMTLADLIGFHFVRTSMPEYIRMVERGTLRTFGKDVVPVAAFFSGFVSMMVYFLWWFMG
RWYSTTKVIDTI
;
F,J,B
3 'polypeptide(L)'
;MSSTTSAAAGAAAEVESVVDLRGMWIGLVLLNVFYLIVRIYEQVFGWRAGLDSFAPEFQTYWMSILWTEIPLELVSGLGL
AGYLWKTRDRNVDAVTPREEMRRLVVLVQWLVVYGIAIYWGASFFTEQDGTWHMTVIRDTDFTPSHIIEFYMSYPIYSVI
AVGAFFYAKTRIPYFAHGYSLAFLIVAIGPFMIIPNVGLNEWGHTFWFMEELFVAPLHWGFVFFGWMALGVFGVVLQILM
RIHALVGKEGVKLLTE
;
K,C,G
4 'polypeptide(L)'
;MKKLVKLAAFGAAAAVAATLGAVAPASAHGEKSQQAFLRMRTLNWYDVQWSKTTVNVNEEMVLSGKVHVFSAWPQAVANP
RVSFLNAGEPGPVLVRTAQFIGEQFAPRSVSLEIGKDYAFSINLRGRRAGRWHVHAQINVEGGGPIIGPGQWIEIKGDMK
DFTDPVTLLDGSTVDLEHYGISRVYAWHLPWMAVGAAWIFFWFVRKGIITSYIRVAEGKADDVIGDDDRRIGAIVLALTI
LATIVGYAVTNSTFPRTIPLQAGLQKPLTPIETEGTVGVGKENVTTELNGGVYKVPGRELTINVKVKNNTSQPLRLGEYT
AAGLRFLNPDVFTTKPDFPDYLLADRGLSVDATPIAPGEAKEIVVKIQDARWDIERLSDLAYDTDSQIGGLLFFFSPDGK
RYASEIGGPVIPKFVAGDMP
;
E,A,I
#
loop_
_chem_comp.id
_chem_comp.type
_chem_comp.name
_chem_comp.formula
CU non-polymer 'COPPER (II) ION' 'Cu 2'
#
# COMPACT_ATOMS: atom_id res chain seq x y z
N UNK A 1 1.84 16.48 -47.12
CA UNK A 1 1.68 17.71 -46.25
C UNK A 1 0.58 17.57 -45.16
N UNK A 2 -0.49 18.38 -45.26
CA UNK A 2 -1.77 18.17 -44.52
C UNK A 2 -2.57 16.97 -45.15
N UNK A 3 -1.95 15.77 -45.13
CA UNK A 3 -2.39 14.56 -45.90
C UNK A 3 -3.33 13.63 -45.13
N UNK A 4 -2.79 12.93 -44.12
CA UNK A 4 -3.59 11.99 -43.30
C UNK A 4 -4.66 12.70 -42.46
N UNK A 5 -4.53 14.03 -42.31
CA UNK A 5 -5.59 14.86 -41.75
C UNK A 5 -6.78 15.01 -42.72
N UNK A 6 -6.51 14.96 -44.03
CA UNK A 6 -7.54 15.16 -45.08
C UNK A 6 -8.25 13.90 -45.51
N UNK A 7 -7.54 12.77 -45.47
CA UNK A 7 -8.12 11.43 -45.73
C UNK A 7 -9.27 11.07 -44.74
N UNK A 8 -9.23 11.67 -43.54
CA UNK A 8 -10.34 11.68 -42.55
C UNK A 8 -11.65 12.30 -43.10
N UNK A 9 -11.62 13.57 -43.60
CA UNK A 9 -12.79 14.18 -44.34
C UNK A 9 -13.26 13.25 -45.49
N UNK A 10 -12.29 12.70 -46.23
CA UNK A 10 -12.55 11.66 -47.24
C UNK A 10 -13.37 10.50 -46.68
N UNK A 11 -12.85 9.79 -45.65
CA UNK A 11 -13.53 8.64 -44.96
C UNK A 11 -15.00 8.95 -44.63
N UNK A 12 -15.21 10.13 -44.03
CA UNK A 12 -16.54 10.70 -43.73
C UNK A 12 -17.37 11.00 -45.01
N UNK A 13 -16.74 11.62 -46.02
CA UNK A 13 -17.45 12.01 -47.27
C UNK A 13 -17.70 10.84 -48.26
N UNK A 14 -16.70 9.98 -48.49
CA UNK A 14 -16.90 8.75 -49.27
C UNK A 14 -17.90 7.87 -48.53
N UNK A 15 -17.89 7.95 -47.20
CA UNK A 15 -18.80 7.17 -46.36
C UNK A 15 -20.21 7.78 -46.19
N UNK A 16 -20.27 9.12 -46.11
CA UNK A 16 -21.52 9.91 -46.20
C UNK A 16 -22.38 9.51 -47.45
N UNK A 17 -21.73 9.44 -48.62
CA UNK A 17 -22.28 8.84 -49.86
C UNK A 17 -22.35 7.29 -49.75
N UNK A 18 -23.36 6.83 -49.01
CA UNK A 18 -23.64 5.39 -48.69
C UNK A 18 -24.94 5.21 -47.81
N UNK A 19 -25.69 6.30 -47.67
CA UNK A 19 -27.00 6.36 -46.99
C UNK A 19 -28.19 6.15 -47.95
N UNK B 1 -15.83 30.10 36.22
CA UNK B 1 -15.61 28.76 36.85
C UNK B 1 -16.28 27.60 36.05
N UNK B 2 -17.34 27.02 36.62
CA UNK B 2 -18.08 25.93 35.99
C UNK B 2 -19.32 26.42 35.17
N UNK B 3 -19.16 27.48 34.33
CA UNK B 3 -20.30 28.06 33.57
C UNK B 3 -20.90 27.06 32.54
N UNK B 4 -20.12 26.72 31.48
CA UNK B 4 -20.51 25.71 30.42
C UNK B 4 -20.84 24.34 30.99
N UNK B 5 -20.04 23.87 31.95
CA UNK B 5 -20.39 22.67 32.74
C UNK B 5 -21.83 22.78 33.26
N UNK B 6 -22.22 23.98 33.70
CA UNK B 6 -23.53 24.27 34.32
C UNK B 6 -24.56 24.75 33.31
N UNK B 7 -24.10 25.38 32.24
CA UNK B 7 -24.99 25.73 31.12
C UNK B 7 -25.52 24.52 30.31
N UNK B 8 -24.89 23.34 30.42
CA UNK B 8 -25.47 22.09 29.87
C UNK B 8 -26.70 21.60 30.69
N UNK B 9 -26.57 21.49 32.04
CA UNK B 9 -27.70 21.18 32.95
C UNK B 9 -28.69 22.34 32.95
N UNK B 10 -28.21 23.49 32.47
CA UNK B 10 -29.05 24.64 32.18
C UNK B 10 -29.92 24.45 30.93
N UNK B 11 -29.38 23.76 29.92
CA UNK B 11 -30.10 23.50 28.65
C UNK B 11 -31.08 22.32 28.76
N UNK B 12 -30.65 21.19 29.35
CA UNK B 12 -31.50 20.00 29.42
C UNK B 12 -32.68 20.20 30.37
N UNK B 13 -32.42 20.67 31.61
CA UNK B 13 -33.51 21.08 32.55
C UNK B 13 -34.36 22.25 32.00
N UNK B 14 -33.71 23.26 31.41
CA UNK B 14 -34.43 24.32 30.65
C UNK B 14 -35.20 23.81 29.42
N UNK B 15 -35.05 22.52 29.08
CA UNK B 15 -35.68 21.97 27.88
C UNK B 15 -36.83 21.04 28.21
N UNK B 16 -36.62 20.11 29.16
CA UNK B 16 -37.68 19.20 29.63
C UNK B 16 -38.89 19.98 30.16
N UNK B 17 -38.67 20.88 31.12
CA UNK B 17 -39.67 21.87 31.56
C UNK B 17 -40.30 22.62 30.35
N UNK B 18 -39.48 23.46 29.70
CA UNK B 18 -39.87 24.38 28.60
C UNK B 18 -40.69 23.85 27.44
N UNK B 19 -40.50 22.56 27.08
CA UNK B 19 -41.29 21.88 26.03
C UNK B 19 -42.12 20.74 26.64
N UNK B 20 -43.16 21.09 27.42
CA UNK B 20 -44.05 20.17 28.21
C UNK B 20 -43.81 18.66 28.00
N ALA C 9 -62.66 22.24 4.23
CA ALA C 9 -62.73 22.49 2.76
C ALA C 9 -61.63 21.72 2.01
N VAL C 10 -60.44 21.61 2.65
CA VAL C 10 -59.33 20.80 2.11
C VAL C 10 -58.71 19.94 3.21
N GLY C 11 -59.56 19.18 3.91
CA GLY C 11 -59.12 18.22 4.95
C GLY C 11 -57.83 17.49 4.59
N PRO C 12 -56.92 17.33 5.57
CA PRO C 12 -56.99 17.67 7.00
C PRO C 12 -56.68 19.13 7.34
N PHE C 13 -56.58 19.98 6.32
CA PHE C 13 -56.51 21.43 6.50
C PHE C 13 -57.90 22.01 6.48
N ASN C 14 -58.11 23.04 7.30
CA ASN C 14 -59.39 23.73 7.33
C ASN C 14 -59.54 24.63 6.12
N SER C 15 -58.89 25.78 6.16
CA SER C 15 -58.97 26.68 5.02
C SER C 15 -58.11 26.20 3.85
N VAL C 16 -58.20 26.92 2.74
CA VAL C 16 -57.20 26.87 1.66
C VAL C 16 -55.93 27.62 2.09
N ALA C 17 -56.09 28.55 3.04
CA ALA C 17 -54.95 29.28 3.60
C ALA C 17 -54.22 28.39 4.59
N GLU C 18 -54.97 27.58 5.35
CA GLU C 18 -54.31 26.65 6.27
C GLU C 18 -53.51 25.55 5.56
N ALA C 19 -53.97 25.10 4.38
CA ALA C 19 -53.14 24.28 3.50
C ALA C 19 -51.94 25.10 3.03
N ALA C 20 -52.14 25.89 1.98
CA ALA C 20 -51.05 26.67 1.34
C ALA C 20 -50.07 27.35 2.34
N GLY C 21 -50.55 27.59 3.57
CA GLY C 21 -49.73 28.21 4.60
C GLY C 21 -48.73 27.24 5.17
N CYS C 22 -49.23 26.09 5.64
CA CYS C 22 -48.39 25.00 6.16
C CYS C 22 -47.45 24.34 5.13
N VAL C 23 -47.89 24.19 3.89
CA VAL C 23 -46.96 23.85 2.82
C VAL C 23 -45.75 24.82 2.76
N GLN C 24 -46.00 26.12 2.55
CA GLN C 24 -44.88 27.06 2.48
C GLN C 24 -43.98 27.12 3.74
N THR C 25 -44.48 26.80 4.91
CA THR C 25 -43.59 26.80 6.06
C THR C 25 -42.87 25.46 6.27
N VAL C 26 -43.36 24.38 5.66
CA VAL C 26 -42.61 23.14 5.72
C VAL C 26 -41.57 23.20 4.60
N ASP C 27 -41.97 23.62 3.39
CA ASP C 27 -40.99 23.98 2.36
C ASP C 27 -39.72 24.71 2.87
N TRP C 28 -39.86 25.60 3.86
CA TRP C 28 -38.65 26.21 4.41
C TRP C 28 -37.92 25.25 5.34
N MET C 29 -38.67 24.66 6.27
CA MET C 29 -38.09 23.78 7.28
C MET C 29 -37.24 22.68 6.68
N LEU C 30 -37.73 22.09 5.58
CA LEU C 30 -36.98 21.08 4.81
C LEU C 30 -35.72 21.72 4.28
N LEU C 31 -35.87 22.64 3.32
CA LEU C 31 -34.77 23.36 2.71
C LEU C 31 -33.66 23.73 3.71
N VAL C 32 -34.06 24.08 4.92
CA VAL C 32 -33.10 24.45 5.92
C VAL C 32 -32.45 23.23 6.52
N LEU C 33 -33.27 22.33 7.07
CA LEU C 33 -32.69 21.16 7.76
C LEU C 33 -31.82 20.36 6.80
N LEU C 34 -32.27 20.23 5.55
CA LEU C 34 -31.48 19.64 4.46
C LEU C 34 -30.24 20.45 4.14
N PHE C 35 -30.27 21.77 4.33
CA PHE C 35 -29.09 22.53 3.97
C PHE C 35 -27.90 22.14 4.82
N PHE C 36 -28.14 21.81 6.09
CA PHE C 36 -27.02 21.43 6.91
C PHE C 36 -27.30 20.58 8.14
N ALA C 37 -27.39 19.24 8.12
CA ALA C 37 -27.45 18.27 7.01
C ALA C 37 -26.27 18.18 6.13
N VAL C 38 -26.49 18.21 4.82
CA VAL C 38 -25.42 17.94 3.85
C VAL C 38 -24.17 18.76 4.08
N LEU C 39 -24.32 20.03 4.50
CA LEU C 39 -23.14 20.84 4.85
C LEU C 39 -22.32 20.11 5.93
N GLY C 40 -22.96 19.73 7.04
CA GLY C 40 -22.29 18.92 8.07
C GLY C 40 -21.50 17.73 7.52
N GLY C 41 -22.18 16.92 6.73
CA GLY C 41 -21.59 15.71 6.22
C GLY C 41 -20.54 15.99 5.17
N TYR C 42 -20.76 17.02 4.37
CA TYR C 42 -19.87 17.35 3.30
C TYR C 42 -18.60 17.89 3.88
N HIS C 43 -18.74 18.78 4.84
CA HIS C 43 -17.59 19.44 5.42
C HIS C 43 -16.68 18.39 6.05
N VAL C 44 -17.20 17.64 7.02
CA VAL C 44 -16.41 16.65 7.72
C VAL C 44 -15.64 15.74 6.76
N HIS C 45 -16.32 15.27 5.72
CA HIS C 45 -15.70 14.40 4.76
C HIS C 45 -14.62 15.10 4.00
N PHE C 46 -14.90 16.32 3.59
CA PHE C 46 -13.98 17.04 2.75
C PHE C 46 -12.77 17.49 3.55
N MET C 47 -13.03 17.90 4.79
CA MET C 47 -11.99 18.50 5.60
C MET C 47 -10.99 17.44 5.93
N LEU C 48 -11.49 16.24 6.16
CA LEU C 48 -10.69 15.08 6.50
C LEU C 48 -9.91 14.55 5.35
N THR C 49 -10.39 14.68 4.14
CA THR C 49 -9.63 14.18 3.01
C THR C 49 -8.87 15.30 2.32
N ALA C 50 -9.58 16.29 1.78
CA ALA C 50 -8.92 17.40 1.05
C ALA C 50 -8.42 18.49 1.94
N GLY C 51 -8.28 18.20 3.23
CA GLY C 51 -7.39 18.96 4.11
C GLY C 51 -7.64 20.45 4.28
N ASP C 52 -6.61 21.26 4.46
CA ASP C 52 -5.23 20.84 4.47
C ASP C 52 -4.67 21.41 3.21
N TRP C 53 -5.22 21.04 2.05
CA TRP C 53 -4.92 21.84 0.88
C TRP C 53 -5.83 23.02 0.92
N ASP C 54 -6.91 22.92 1.67
CA ASP C 54 -7.90 23.97 1.68
C ASP C 54 -7.68 25.01 2.76
N PHE C 55 -7.03 24.61 3.85
CA PHE C 55 -6.73 25.53 4.95
C PHE C 55 -5.64 26.55 4.60
N TRP C 56 -4.60 26.11 3.88
CA TRP C 56 -3.36 26.91 3.78
C TRP C 56 -3.07 27.52 2.42
N VAL C 57 -2.72 28.80 2.43
CA VAL C 57 -2.41 29.49 1.17
C VAL C 57 -1.15 28.90 0.48
N ASP C 58 -0.31 28.27 1.31
CA ASP C 58 0.98 27.74 0.86
C ASP C 58 0.89 26.25 0.66
N TRP C 59 -0.34 25.73 0.61
CA TRP C 59 -0.59 24.41 0.03
C TRP C 59 -1.17 24.51 -1.38
N LYS C 60 -1.90 25.58 -1.66
CA LYS C 60 -2.57 25.72 -2.97
C LYS C 60 -1.60 25.85 -4.15
N ASP C 61 -1.09 24.73 -4.61
CA ASP C 61 -0.04 24.74 -5.59
C ASP C 61 -0.59 24.56 -6.98
N ARG C 62 0.23 24.13 -7.92
CA ARG C 62 -0.26 23.88 -9.27
C ARG C 62 -0.61 22.43 -9.56
N ARG C 63 -0.15 21.49 -8.74
CA ARG C 63 -0.31 20.07 -9.05
C ARG C 63 -1.30 19.42 -8.12
N MET C 64 -0.95 19.29 -6.84
CA MET C 64 -1.77 18.51 -5.90
C MET C 64 -3.13 19.15 -5.69
N TRP C 65 -3.11 20.41 -5.24
CA TRP C 65 -4.34 21.08 -4.83
C TRP C 65 -5.44 21.15 -5.87
N PRO C 66 -5.11 21.55 -7.12
CA PRO C 66 -6.12 21.47 -8.18
C PRO C 66 -6.34 20.05 -8.73
N THR C 67 -5.81 19.03 -8.04
CA THR C 67 -6.14 17.62 -8.35
C THR C 67 -7.04 17.04 -7.28
N VAL C 68 -6.57 17.10 -6.03
CA VAL C 68 -7.31 16.44 -4.99
C VAL C 68 -8.60 17.15 -4.68
N VAL C 69 -8.64 18.48 -4.77
CA VAL C 69 -9.86 19.18 -4.38
C VAL C 69 -11.08 19.00 -5.31
N PRO C 70 -10.92 19.16 -6.64
CA PRO C 70 -12.05 18.75 -7.50
C PRO C 70 -12.50 17.28 -7.25
N ILE C 71 -11.52 16.37 -7.11
CA ILE C 71 -11.84 14.97 -7.04
C ILE C 71 -12.61 14.69 -5.80
N LEU C 72 -12.15 15.26 -4.70
CA LEU C 72 -12.85 15.06 -3.42
C LEU C 72 -14.11 15.92 -3.27
N GLY C 73 -14.14 17.01 -4.03
CA GLY C 73 -15.19 17.99 -3.96
C GLY C 73 -16.44 17.52 -4.65
N VAL C 74 -16.28 16.77 -5.76
CA VAL C 74 -17.44 16.34 -6.58
C VAL C 74 -18.40 15.36 -5.88
N THR C 75 -17.88 14.69 -4.84
CA THR C 75 -18.59 13.64 -4.11
C THR C 75 -19.97 14.04 -3.67
N PHE C 76 -20.07 15.07 -2.83
CA PHE C 76 -21.38 15.42 -2.31
C PHE C 76 -22.22 16.20 -3.32
N CYS C 77 -21.57 16.89 -4.24
CA CYS C 77 -22.32 17.51 -5.30
C CYS C 77 -23.06 16.44 -6.10
N ALA C 78 -22.38 15.35 -6.47
CA ALA C 78 -23.06 14.29 -7.24
C ALA C 78 -24.20 13.74 -6.41
N ALA C 79 -23.95 13.39 -5.14
CA ALA C 79 -24.97 12.78 -4.30
C ALA C 79 -26.11 13.71 -4.03
N SER C 80 -25.84 14.99 -3.85
CA SER C 80 -26.88 15.98 -3.63
C SER C 80 -27.75 16.18 -4.86
N GLN C 81 -27.10 16.20 -6.03
CA GLN C 81 -27.79 16.14 -7.31
C GLN C 81 -28.73 14.91 -7.46
N ALA C 82 -28.22 13.71 -7.18
CA ALA C 82 -29.02 12.52 -7.24
C ALA C 82 -30.26 12.71 -6.41
N PHE C 83 -30.16 13.41 -5.29
CA PHE C 83 -31.32 13.64 -4.44
C PHE C 83 -32.30 14.74 -4.84
N TRP C 84 -31.81 15.88 -5.32
CA TRP C 84 -32.70 16.99 -5.68
C TRP C 84 -33.33 16.84 -7.02
N TRP C 85 -32.59 16.27 -7.96
CA TRP C 85 -33.06 16.21 -9.33
C TRP C 85 -33.97 15.04 -9.57
N VAL C 86 -33.69 13.92 -8.89
CA VAL C 86 -34.45 12.70 -9.12
C VAL C 86 -35.75 12.89 -8.43
N ASN C 87 -35.73 13.37 -7.22
CA ASN C 87 -37.00 13.49 -6.56
C ASN C 87 -37.80 14.73 -6.82
N PHE C 88 -37.12 15.85 -7.12
CA PHE C 88 -37.84 17.14 -7.25
C PHE C 88 -37.63 17.83 -8.59
N ARG C 89 -36.83 17.22 -9.44
CA ARG C 89 -36.35 17.86 -10.65
C ARG C 89 -35.82 19.29 -10.44
N LEU C 90 -35.31 19.60 -9.25
CA LEU C 90 -34.79 20.93 -8.91
C LEU C 90 -33.32 21.05 -9.25
N PRO C 91 -32.97 21.91 -10.20
CA PRO C 91 -31.59 21.86 -10.74
C PRO C 91 -30.51 22.57 -9.86
N PHE C 92 -30.59 22.44 -8.55
CA PHE C 92 -29.62 23.11 -7.73
C PHE C 92 -28.76 22.22 -6.81
N GLY C 93 -28.77 20.92 -7.04
CA GLY C 93 -28.02 19.95 -6.21
C GLY C 93 -26.57 20.27 -5.87
N ALA C 94 -25.76 20.38 -6.92
CA ALA C 94 -24.31 20.66 -6.80
C ALA C 94 -24.09 21.96 -6.03
N VAL C 95 -24.78 23.02 -6.44
CA VAL C 95 -24.70 24.30 -5.78
C VAL C 95 -25.22 24.23 -4.32
N PHE C 96 -26.29 23.50 -4.07
CA PHE C 96 -26.74 23.26 -2.69
C PHE C 96 -25.60 22.75 -1.76
N ALA C 97 -24.73 21.90 -2.32
CA ALA C 97 -23.62 21.29 -1.56
C ALA C 97 -22.37 22.19 -1.51
N ALA C 98 -21.94 22.66 -2.69
CA ALA C 98 -20.77 23.51 -2.85
C ALA C 98 -20.87 24.73 -1.94
N LEU C 99 -21.99 25.46 -2.03
CA LEU C 99 -22.24 26.62 -1.19
C LEU C 99 -22.27 26.26 0.28
N GLY C 100 -22.96 25.18 0.58
CA GLY C 100 -23.04 24.69 1.96
C GLY C 100 -21.68 24.69 2.61
N LEU C 101 -20.76 24.03 1.92
CA LEU C 101 -19.40 23.83 2.36
C LEU C 101 -18.76 25.18 2.58
N LEU C 102 -18.86 26.03 1.57
CA LEU C 102 -18.19 27.33 1.60
C LEU C 102 -18.59 28.15 2.83
N ILE C 103 -19.87 28.38 3.02
CA ILE C 103 -20.36 29.02 4.21
C ILE C 103 -19.73 28.37 5.43
N GLY C 104 -19.89 27.06 5.57
CA GLY C 104 -19.36 26.31 6.72
C GLY C 104 -17.87 26.49 6.99
N GLU C 105 -17.10 26.59 5.89
CA GLU C 105 -15.66 26.83 5.93
C GLU C 105 -15.36 28.31 6.31
N TRP C 106 -15.73 29.25 5.42
CA TRP C 106 -15.64 30.71 5.66
C TRP C 106 -16.05 31.13 7.08
N ILE C 107 -17.25 30.78 7.52
CA ILE C 107 -17.63 30.99 8.91
C ILE C 107 -16.49 30.60 9.82
N ASN C 108 -15.88 29.45 9.57
CA ASN C 108 -14.90 28.89 10.50
C ASN C 108 -13.57 29.62 10.41
N ARG C 109 -13.11 29.81 9.17
CA ARG C 109 -11.85 30.53 8.93
C ARG C 109 -11.95 31.92 9.58
N TYR C 110 -13.09 32.57 9.44
CA TYR C 110 -13.28 33.85 10.07
C TYR C 110 -13.39 33.72 11.61
N VAL C 111 -14.45 33.09 12.10
CA VAL C 111 -14.64 33.04 13.52
C VAL C 111 -13.51 32.35 14.26
N ASN C 112 -12.83 31.39 13.61
CA ASN C 112 -11.82 30.58 14.35
C ASN C 112 -10.38 30.68 13.91
N PHE C 113 -10.09 30.31 12.68
CA PHE C 113 -8.71 30.42 12.25
C PHE C 113 -8.17 31.81 12.52
N TRP C 114 -9.04 32.80 12.43
CA TRP C 114 -8.70 34.20 12.61
C TRP C 114 -9.24 34.77 13.91
N GLY C 115 -10.54 34.64 14.13
CA GLY C 115 -11.12 35.19 15.33
C GLY C 115 -10.56 34.62 16.63
N TRP C 116 -10.27 33.33 16.60
CA TRP C 116 -9.83 32.67 17.80
C TRP C 116 -8.32 32.59 17.90
N THR C 117 -7.63 32.34 16.79
CA THR C 117 -6.18 32.01 16.79
C THR C 117 -5.33 33.01 16.04
N TYR C 118 -5.99 33.82 15.23
CA TYR C 118 -5.39 34.99 14.61
C TYR C 118 -4.43 34.69 13.48
N PHE C 119 -4.80 33.82 12.59
CA PHE C 119 -4.08 33.74 11.37
C PHE C 119 -4.83 34.65 10.43
N PRO C 120 -4.10 35.47 9.66
CA PRO C 120 -4.72 36.28 8.61
C PRO C 120 -5.55 35.45 7.67
N ILE C 121 -6.70 35.99 7.29
CA ILE C 121 -7.54 35.38 6.27
C ILE C 121 -6.78 35.14 4.94
N SER C 122 -5.65 35.84 4.74
CA SER C 122 -4.86 35.59 3.54
C SER C 122 -4.23 34.21 3.61
N LEU C 123 -3.94 33.74 4.83
CA LEU C 123 -3.39 32.40 5.04
C LEU C 123 -4.47 31.31 4.94
N VAL C 124 -5.61 31.57 5.57
CA VAL C 124 -6.63 30.55 5.82
C VAL C 124 -7.91 30.58 4.95
N PHE C 125 -7.81 31.02 3.70
CA PHE C 125 -9.04 31.17 2.93
C PHE C 125 -9.28 29.92 2.06
N PRO C 126 -10.55 29.49 1.93
CA PRO C 126 -10.95 28.29 1.18
C PRO C 126 -10.82 28.33 -0.35
N SER C 127 -10.98 27.15 -0.95
CA SER C 127 -10.89 26.98 -2.38
C SER C 127 -12.25 27.33 -2.89
N ALA C 128 -12.28 27.99 -4.06
CA ALA C 128 -13.51 28.38 -4.76
C ALA C 128 -14.14 27.23 -5.55
N LEU C 129 -15.42 26.99 -5.28
CA LEU C 129 -16.13 25.84 -5.91
C LEU C 129 -17.40 26.17 -6.70
N ILE C 130 -18.01 27.33 -6.42
CA ILE C 130 -19.34 27.63 -6.89
C ILE C 130 -19.43 27.70 -8.40
N VAL C 131 -18.41 28.24 -9.04
CA VAL C 131 -18.38 28.21 -10.49
C VAL C 131 -18.49 26.79 -11.03
N PRO C 132 -17.57 25.90 -10.63
CA PRO C 132 -17.75 24.51 -11.11
C PRO C 132 -19.10 23.92 -10.71
N ALA C 133 -19.54 24.15 -9.47
CA ALA C 133 -20.83 23.67 -9.03
C ALA C 133 -21.95 24.10 -9.97
N ILE C 134 -21.89 25.36 -10.44
CA ILE C 134 -22.87 25.86 -11.42
C ILE C 134 -22.82 25.09 -12.75
N TRP C 135 -21.67 25.05 -13.39
CA TRP C 135 -21.53 24.23 -14.58
C TRP C 135 -22.07 22.82 -14.37
N LEU C 136 -21.74 22.21 -13.25
CA LEU C 136 -22.25 20.88 -12.99
C LEU C 136 -23.76 20.87 -12.98
N ASP C 137 -24.35 21.79 -12.23
CA ASP C 137 -25.81 21.84 -12.13
C ASP C 137 -26.58 22.13 -13.42
N VAL C 138 -25.99 22.95 -14.26
CA VAL C 138 -26.61 23.36 -15.49
C VAL C 138 -26.45 22.26 -16.51
N ILE C 139 -25.39 21.46 -16.44
CA ILE C 139 -25.33 20.34 -17.36
C ILE C 139 -26.40 19.28 -17.06
N LEU C 140 -26.77 19.14 -15.79
CA LEU C 140 -27.87 18.23 -15.45
C LEU C 140 -29.20 18.85 -15.77
N LEU C 141 -29.22 20.18 -15.88
CA LEU C 141 -30.44 20.88 -16.23
C LEU C 141 -30.67 20.71 -17.68
N LEU C 142 -29.70 21.10 -18.49
CA LEU C 142 -29.83 21.01 -19.95
C LEU C 142 -30.08 19.59 -20.41
N SER C 143 -29.08 18.74 -20.51
CA SER C 143 -29.38 17.30 -20.66
C SER C 143 -30.11 16.97 -19.41
N GLY C 144 -31.00 15.99 -19.45
CA GLY C 144 -31.65 15.61 -18.20
C GLY C 144 -30.95 14.44 -17.55
N SER C 145 -29.78 14.11 -18.09
CA SER C 145 -29.09 12.85 -17.83
C SER C 145 -27.96 12.97 -16.85
N TYR C 146 -27.93 12.06 -15.88
CA TYR C 146 -26.78 12.03 -14.97
C TYR C 146 -25.56 11.44 -15.67
N VAL C 147 -25.78 10.56 -16.64
CA VAL C 147 -24.70 10.00 -17.42
C VAL C 147 -23.96 11.12 -18.19
N ILE C 148 -24.72 11.95 -18.90
CA ILE C 148 -24.11 13.12 -19.54
C ILE C 148 -23.38 14.05 -18.51
N THR C 149 -24.05 14.33 -17.38
CA THR C 149 -23.47 15.17 -16.35
C THR C 149 -22.17 14.55 -15.94
N ALA C 150 -22.22 13.25 -15.60
CA ALA C 150 -21.05 12.51 -15.16
C ALA C 150 -19.86 12.72 -16.07
N VAL C 151 -20.10 12.81 -17.39
CA VAL C 151 -19.02 13.02 -18.35
C VAL C 151 -18.69 14.48 -18.60
N VAL C 152 -19.57 15.17 -19.32
CA VAL C 152 -19.29 16.59 -19.61
C VAL C 152 -19.51 17.48 -18.40
N GLY C 153 -20.31 17.00 -17.44
CA GLY C 153 -20.50 17.73 -16.20
C GLY C 153 -19.22 17.80 -15.39
N SER C 154 -18.68 16.64 -15.04
CA SER C 154 -17.52 16.60 -14.15
C SER C 154 -16.24 17.10 -14.82
N LEU C 155 -16.10 16.77 -16.11
CA LEU C 155 -14.98 17.29 -16.92
C LEU C 155 -14.90 18.82 -16.92
N GLY C 156 -16.06 19.48 -16.93
CA GLY C 156 -16.10 20.93 -16.78
C GLY C 156 -15.66 21.32 -15.39
N TRP C 157 -16.36 20.74 -14.41
CA TRP C 157 -16.08 20.94 -12.98
C TRP C 157 -14.57 20.85 -12.71
N GLY C 158 -13.95 19.84 -13.34
CA GLY C 158 -12.52 19.62 -13.30
C GLY C 158 -11.73 20.80 -13.82
N LEU C 159 -12.09 21.24 -15.02
CA LEU C 159 -11.28 22.26 -15.72
C LEU C 159 -11.42 23.66 -15.15
N LEU C 160 -12.63 24.01 -14.74
CA LEU C 160 -12.97 25.34 -14.22
C LEU C 160 -12.40 25.69 -12.86
N PHE C 161 -11.86 24.69 -12.17
CA PHE C 161 -11.45 24.89 -10.77
C PHE C 161 -10.35 25.94 -10.61
N TYR C 162 -9.25 25.73 -11.33
CA TYR C 162 -8.09 26.60 -11.19
C TYR C 162 -8.37 27.99 -11.73
N PRO C 163 -8.91 28.07 -12.97
CA PRO C 163 -9.46 29.29 -13.50
C PRO C 163 -10.27 30.02 -12.46
N ASN C 164 -11.28 29.38 -11.88
CA ASN C 164 -12.12 30.13 -10.96
C ASN C 164 -11.50 30.43 -9.61
N ASN C 165 -10.32 29.87 -9.37
CA ASN C 165 -9.57 30.24 -8.17
C ASN C 165 -8.51 31.33 -8.38
N TRP C 166 -7.89 31.29 -9.54
CA TRP C 166 -6.89 32.29 -9.94
C TRP C 166 -7.12 33.71 -9.42
N PRO C 167 -8.32 34.31 -9.68
CA PRO C 167 -8.71 35.65 -9.18
C PRO C 167 -8.37 35.96 -7.73
N ALA C 168 -8.58 34.97 -6.85
CA ALA C 168 -8.24 35.12 -5.43
C ALA C 168 -6.80 34.71 -5.17
N ILE C 169 -6.24 33.90 -6.06
CA ILE C 169 -4.93 33.32 -5.83
C ILE C 169 -3.72 34.10 -6.38
N ALA C 170 -3.84 34.63 -7.60
CA ALA C 170 -2.76 35.35 -8.27
C ALA C 170 -2.00 36.34 -7.34
N ALA C 171 -2.77 37.19 -6.67
CA ALA C 171 -2.25 38.18 -5.72
C ALA C 171 -1.07 37.71 -4.85
N PHE C 172 -1.04 36.41 -4.51
CA PHE C 172 -0.10 35.85 -3.56
C PHE C 172 1.00 35.08 -4.22
N HIS C 173 0.95 35.00 -5.53
CA HIS C 173 2.02 34.35 -6.25
C HIS C 173 2.94 35.38 -6.84
N GLN C 174 2.80 36.63 -6.39
CA GLN C 174 3.79 37.69 -6.67
C GLN C 174 5.10 37.39 -5.93
N ALA C 175 6.23 37.58 -6.63
CA ALA C 175 7.59 37.22 -6.13
C ALA C 175 8.24 38.24 -5.19
N THR C 176 8.89 37.75 -4.15
CA THR C 176 9.66 38.59 -3.22
C THR C 176 11.09 37.99 -3.15
N GLU C 177 12.08 38.85 -2.87
CA GLU C 177 13.42 38.35 -2.61
C GLU C 177 13.61 38.36 -1.09
N GLN C 178 13.85 37.19 -0.48
CA GLN C 178 14.11 37.17 0.96
C GLN C 178 15.45 36.54 1.25
N HIS C 179 16.30 37.28 1.96
CA HIS C 179 17.63 36.79 2.26
C HIS C 179 18.20 36.00 1.09
N GLY C 180 18.24 36.67 -0.08
CA GLY C 180 18.98 36.19 -1.23
C GLY C 180 18.36 34.99 -1.91
N GLN C 181 17.08 34.76 -1.60
CA GLN C 181 16.35 33.59 -2.08
C GLN C 181 15.03 34.11 -2.60
N LEU C 182 14.48 33.42 -3.61
CA LEU C 182 13.15 33.78 -4.09
C LEU C 182 12.05 33.07 -3.31
N MET C 183 11.03 33.85 -2.93
CA MET C 183 9.77 33.30 -2.36
C MET C 183 8.54 33.93 -3.03
N THR C 184 7.41 33.22 -3.07
CA THR C 184 6.13 33.83 -3.41
C THR C 184 5.58 34.39 -2.15
N LEU C 185 4.74 35.40 -2.24
CA LEU C 185 4.08 35.97 -1.06
C LEU C 185 3.41 34.92 -0.16
N ALA C 186 2.73 34.00 -0.83
CA ALA C 186 2.07 32.94 -0.14
C ALA C 186 3.06 32.23 0.80
N ASP C 187 4.14 31.69 0.23
CA ASP C 187 5.15 30.95 0.97
C ASP C 187 5.44 31.72 2.24
N LEU C 188 5.57 33.03 2.04
CA LEU C 188 5.98 33.96 3.07
C LEU C 188 4.88 34.16 4.10
N ILE C 189 3.63 34.21 3.65
CA ILE C 189 2.53 34.37 4.60
C ILE C 189 2.58 33.18 5.55
N GLY C 190 2.85 32.03 4.95
CA GLY C 190 2.99 30.80 5.69
C GLY C 190 4.13 30.85 6.71
N PHE C 191 5.30 31.26 6.19
CA PHE C 191 6.53 31.37 6.98
C PHE C 191 6.44 32.35 8.12
N HIS C 192 5.76 33.45 7.86
CA HIS C 192 5.55 34.49 8.83
C HIS C 192 4.65 34.08 9.97
N PHE C 193 3.40 33.73 9.66
CA PHE C 193 2.43 33.62 10.72
C PHE C 193 2.49 32.23 11.34
N VAL C 194 3.30 32.07 12.37
CA VAL C 194 3.81 30.76 12.75
C VAL C 194 2.74 29.73 13.24
N ARG C 195 2.62 28.65 12.45
CA ARG C 195 1.85 27.43 12.83
C ARG C 195 2.71 26.43 13.64
N THR C 196 2.30 26.14 14.87
CA THR C 196 3.02 25.23 15.72
C THR C 196 3.38 23.88 15.10
N SER C 197 2.55 23.41 14.18
CA SER C 197 2.68 22.06 13.68
C SER C 197 2.54 22.01 12.21
N MET C 198 3.44 22.66 11.48
CA MET C 198 3.26 22.68 10.04
C MET C 198 4.57 22.87 9.24
N PRO C 199 5.58 22.02 9.46
CA PRO C 199 6.89 22.22 8.86
C PRO C 199 6.83 22.10 7.35
N GLU C 200 7.33 23.09 6.60
CA GLU C 200 7.39 22.95 5.14
C GLU C 200 8.05 21.61 4.95
N TYR C 201 7.45 20.72 4.20
CA TYR C 201 7.96 19.35 4.01
C TYR C 201 6.83 18.40 4.26
N ILE C 202 5.85 18.90 5.01
CA ILE C 202 4.61 18.20 5.27
C ILE C 202 3.67 18.50 4.10
N ARG C 203 3.93 19.64 3.43
CA ARG C 203 3.04 20.28 2.47
C ARG C 203 2.35 19.41 1.46
N MET C 204 3.11 18.67 0.64
CA MET C 204 2.48 17.95 -0.51
C MET C 204 1.98 18.92 -1.57
N VAL C 205 2.92 19.68 -2.10
CA VAL C 205 2.71 20.56 -3.20
C VAL C 205 3.77 20.15 -4.20
N GLU C 206 3.62 20.60 -5.44
CA GLU C 206 4.56 20.36 -6.53
C GLU C 206 5.99 20.69 -6.09
N ARG C 207 6.94 19.82 -6.48
CA ARG C 207 8.35 20.02 -6.18
C ARG C 207 9.26 19.72 -7.39
N GLY C 208 8.63 19.55 -8.56
CA GLY C 208 9.35 19.25 -9.78
C GLY C 208 9.64 17.77 -9.98
N THR C 209 9.68 17.34 -11.24
CA THR C 209 10.17 16.01 -11.60
C THR C 209 10.85 16.12 -12.94
N LEU C 210 11.50 15.03 -13.32
CA LEU C 210 12.19 14.98 -14.59
C LEU C 210 11.23 14.69 -15.72
N ARG C 211 10.09 14.06 -15.39
CA ARG C 211 9.07 13.73 -16.37
C ARG C 211 8.05 14.87 -16.60
N THR C 212 8.28 16.04 -16.01
CA THR C 212 7.55 17.26 -16.42
C THR C 212 8.18 17.82 -17.68
N PHE C 213 7.34 18.16 -18.66
CA PHE C 213 7.78 18.68 -19.95
C PHE C 213 6.95 19.91 -20.38
N GLY C 214 7.44 21.11 -20.06
CA GLY C 214 6.61 22.32 -20.00
C GLY C 214 6.64 22.77 -18.54
N LYS C 215 5.92 23.83 -18.13
CA LYS C 215 4.95 24.69 -18.86
C LYS C 215 3.53 24.12 -19.07
N ASP C 216 3.27 22.96 -18.47
CA ASP C 216 2.00 22.26 -18.61
C ASP C 216 1.30 21.90 -17.28
N VAL C 217 1.92 22.26 -16.16
CA VAL C 217 1.60 21.63 -14.85
C VAL C 217 0.15 21.77 -14.44
N VAL C 218 -0.45 22.93 -14.68
CA VAL C 218 -1.87 23.11 -14.36
C VAL C 218 -2.85 22.44 -15.36
N PRO C 219 -2.68 22.68 -16.69
CA PRO C 219 -3.56 21.99 -17.62
C PRO C 219 -3.66 20.51 -17.34
N VAL C 220 -2.52 19.82 -17.20
CA VAL C 220 -2.57 18.37 -16.98
C VAL C 220 -3.29 18.06 -15.66
N ALA C 221 -2.99 18.84 -14.62
CA ALA C 221 -3.64 18.64 -13.34
C ALA C 221 -5.14 18.69 -13.49
N ALA C 222 -5.64 19.71 -14.20
CA ALA C 222 -7.08 19.95 -14.33
C ALA C 222 -7.81 18.90 -15.20
N PHE C 223 -7.23 18.59 -16.36
CA PHE C 223 -7.74 17.47 -17.18
C PHE C 223 -7.75 16.18 -16.39
N PHE C 224 -6.70 15.89 -15.67
CA PHE C 224 -6.69 14.73 -14.81
C PHE C 224 -7.76 14.83 -13.75
N SER C 225 -7.91 16.01 -13.17
CA SER C 225 -8.91 16.14 -12.12
C SER C 225 -10.29 15.92 -12.74
N GLY C 226 -10.46 16.38 -13.97
CA GLY C 226 -11.69 16.18 -14.74
C GLY C 226 -12.02 14.72 -14.98
N PHE C 227 -11.06 13.98 -15.53
CA PHE C 227 -11.34 12.62 -15.94
C PHE C 227 -11.59 11.71 -14.77
N VAL C 228 -10.91 11.99 -13.66
CA VAL C 228 -11.11 11.18 -12.48
C VAL C 228 -12.44 11.52 -11.82
N SER C 229 -12.82 12.80 -11.86
CA SER C 229 -14.10 13.22 -11.27
C SER C 229 -15.32 12.56 -11.94
N MET C 230 -15.14 12.07 -13.16
CA MET C 230 -16.16 11.27 -13.82
C MET C 230 -16.50 10.03 -12.99
N MET C 231 -15.48 9.26 -12.64
CA MET C 231 -15.73 8.09 -11.88
C MET C 231 -16.31 8.41 -10.50
N VAL C 232 -15.73 9.40 -9.82
CA VAL C 232 -16.21 9.72 -8.47
C VAL C 232 -17.67 10.06 -8.57
N TYR C 233 -18.00 10.78 -9.64
CA TYR C 233 -19.34 11.28 -9.86
C TYR C 233 -20.37 10.15 -9.85
N PHE C 234 -20.28 9.26 -10.84
CA PHE C 234 -21.07 8.06 -10.89
C PHE C 234 -21.23 7.43 -9.54
N LEU C 235 -20.13 6.96 -8.98
CA LEU C 235 -20.23 6.24 -7.73
C LEU C 235 -21.07 7.04 -6.73
N TRP C 236 -20.82 8.36 -6.66
CA TRP C 236 -21.50 9.19 -5.67
C TRP C 236 -22.93 9.55 -6.03
N TRP C 237 -23.24 9.49 -7.31
CA TRP C 237 -24.61 9.60 -7.73
C TRP C 237 -25.38 8.40 -7.18
N PHE C 238 -24.87 7.18 -7.44
CA PHE C 238 -25.57 5.97 -7.03
C PHE C 238 -25.56 5.82 -5.55
N MET C 239 -24.64 6.49 -4.90
CA MET C 239 -24.67 6.52 -3.45
C MET C 239 -25.66 7.54 -2.93
N GLY C 240 -25.81 8.63 -3.68
CA GLY C 240 -26.86 9.58 -3.40
C GLY C 240 -28.16 8.85 -3.48
N ARG C 241 -28.31 8.01 -4.50
CA ARG C 241 -29.49 7.20 -4.62
C ARG C 241 -29.63 6.25 -3.44
N TRP C 242 -28.57 5.53 -3.10
CA TRP C 242 -28.68 4.54 -2.02
C TRP C 242 -29.10 5.23 -0.75
N TYR C 243 -28.62 6.44 -0.56
CA TYR C 243 -28.94 7.18 0.67
C TYR C 243 -30.36 7.71 0.69
N SER C 244 -30.96 7.89 -0.49
CA SER C 244 -32.35 8.35 -0.64
C SER C 244 -33.35 7.23 -0.32
N THR C 245 -32.87 6.08 0.15
CA THR C 245 -33.72 4.88 0.38
C THR C 245 -34.86 4.96 1.43
N THR C 246 -36.09 4.74 0.94
CA THR C 246 -37.25 4.71 1.81
C THR C 246 -37.57 3.29 2.29
N LYS C 247 -36.68 2.35 2.03
CA LYS C 247 -36.80 0.98 2.53
C LYS C 247 -37.00 0.95 4.06
N VAL C 248 -38.01 0.21 4.49
CA VAL C 248 -38.28 -0.05 5.90
C VAL C 248 -37.95 -1.52 6.11
N ILE C 249 -37.37 -1.85 7.25
CA ILE C 249 -36.92 -3.21 7.47
C ILE C 249 -37.53 -3.65 8.75
N ASP C 250 -37.59 -4.97 8.96
CA ASP C 250 -38.45 -5.55 10.00
C ASP C 250 -37.85 -5.71 11.39
N THR C 251 -36.56 -6.05 11.48
CA THR C 251 -35.93 -6.15 12.81
C THR C 251 -34.45 -5.74 12.86
N ILE C 252 -33.94 -5.53 14.07
CA ILE C 252 -32.53 -5.19 14.31
C ILE C 252 -31.84 -6.24 15.18
N GLU D 16 -36.05 -49.82 11.07
CA GLU D 16 -35.15 -50.74 11.84
C GLU D 16 -34.65 -50.00 13.06
N SER D 17 -33.57 -49.25 12.87
CA SER D 17 -33.19 -48.13 13.73
C SER D 17 -32.64 -46.97 12.88
N VAL D 18 -33.09 -45.77 13.22
CA VAL D 18 -32.73 -44.54 12.51
C VAL D 18 -31.23 -44.22 12.73
N VAL D 19 -30.86 -44.24 14.03
CA VAL D 19 -29.53 -43.86 14.57
C VAL D 19 -28.55 -45.03 14.65
N ASP D 20 -27.58 -45.17 13.75
CA ASP D 20 -26.62 -46.24 13.98
C ASP D 20 -25.36 -45.83 14.76
N LEU D 21 -24.48 -45.07 14.12
CA LEU D 21 -23.28 -44.48 14.78
C LEU D 21 -22.06 -45.35 14.60
N ARG D 22 -22.28 -46.66 14.55
CA ARG D 22 -21.20 -47.64 14.37
C ARG D 22 -20.15 -47.12 13.36
N GLY D 23 -20.59 -46.71 12.16
CA GLY D 23 -19.70 -46.15 11.14
C GLY D 23 -18.93 -44.90 11.60
N MET D 24 -19.60 -44.02 12.34
CA MET D 24 -18.96 -42.82 12.85
C MET D 24 -17.77 -43.17 13.73
N TRP D 25 -18.02 -44.02 14.73
CA TRP D 25 -16.97 -44.46 15.60
C TRP D 25 -15.85 -45.11 14.81
N ILE D 26 -16.17 -45.98 13.85
CA ILE D 26 -15.11 -46.48 12.94
C ILE D 26 -14.24 -45.33 12.41
N GLY D 27 -14.90 -44.27 11.93
CA GLY D 27 -14.19 -43.08 11.45
C GLY D 27 -13.37 -42.33 12.48
N LEU D 28 -14.02 -42.00 13.61
CA LEU D 28 -13.35 -41.28 14.73
C LEU D 28 -12.13 -41.99 15.26
N VAL D 29 -12.32 -43.25 15.62
CA VAL D 29 -11.25 -44.13 16.07
C VAL D 29 -10.20 -44.31 14.95
N LEU D 30 -10.61 -44.77 13.78
CA LEU D 30 -9.64 -44.95 12.73
C LEU D 30 -8.81 -43.69 12.42
N LEU D 31 -9.27 -42.53 12.87
CA LEU D 31 -8.60 -41.28 12.51
C LEU D 31 -7.72 -40.80 13.63
N ASN D 32 -8.34 -40.48 14.77
CA ASN D 32 -7.61 -40.06 15.95
C ASN D 32 -6.37 -40.90 16.21
N VAL D 33 -6.56 -42.22 16.12
CA VAL D 33 -5.47 -43.22 16.12
C VAL D 33 -4.39 -42.86 15.10
N PHE D 34 -4.77 -42.72 13.84
CA PHE D 34 -3.79 -42.42 12.80
C PHE D 34 -2.94 -41.18 13.07
N TYR D 35 -3.57 -40.10 13.52
CA TYR D 35 -2.82 -38.85 13.78
C TYR D 35 -1.97 -38.99 15.02
N LEU D 36 -2.47 -39.80 15.95
CA LEU D 36 -1.78 -40.08 17.17
C LEU D 36 -0.49 -40.77 16.78
N ILE D 37 -0.60 -41.86 16.02
CA ILE D 37 0.59 -42.45 15.45
C ILE D 37 1.49 -41.40 14.80
N VAL D 38 0.93 -40.55 13.93
CA VAL D 38 1.75 -39.59 13.13
C VAL D 38 2.48 -38.53 14.01
N ARG D 39 1.77 -38.07 15.04
CA ARG D 39 2.28 -37.07 15.92
C ARG D 39 3.42 -37.70 16.73
N ILE D 40 3.22 -38.95 17.16
CA ILE D 40 4.23 -39.77 17.87
C ILE D 40 5.45 -39.94 16.97
N TYR D 41 5.22 -40.45 15.77
CA TYR D 41 6.27 -40.66 14.82
C TYR D 41 7.06 -39.38 14.61
N GLU D 42 6.38 -38.25 14.52
CA GLU D 42 7.13 -37.03 14.25
C GLU D 42 7.88 -36.55 15.48
N GLN D 43 7.46 -37.00 16.67
CA GLN D 43 8.19 -36.72 17.91
C GLN D 43 9.56 -37.34 17.77
N VAL D 44 9.54 -38.56 17.24
CA VAL D 44 10.68 -39.47 17.24
C VAL D 44 11.59 -39.34 16.02
N PHE D 45 11.03 -38.96 14.86
CA PHE D 45 11.84 -38.75 13.66
C PHE D 45 11.85 -37.32 13.19
N GLY D 46 11.02 -36.47 13.78
CA GLY D 46 11.19 -35.03 13.62
C GLY D 46 12.55 -34.67 14.20
N TRP D 47 12.65 -34.87 15.53
CA TRP D 47 13.90 -34.78 16.26
C TRP D 47 14.89 -35.87 15.87
N ARG D 48 16.02 -35.45 15.28
CA ARG D 48 17.08 -36.35 14.77
C ARG D 48 16.60 -37.27 13.63
N ALA D 49 16.54 -36.73 12.42
CA ALA D 49 16.07 -37.43 11.19
C ALA D 49 15.39 -36.49 10.16
N GLY D 50 14.80 -35.41 10.65
CA GLY D 50 14.22 -34.42 9.76
C GLY D 50 14.71 -33.03 10.05
N LEU D 51 16.04 -32.85 10.09
CA LEU D 51 16.64 -31.52 10.37
C LEU D 51 17.54 -31.08 9.24
N ASP D 52 18.23 -32.03 8.62
CA ASP D 52 18.89 -31.78 7.37
C ASP D 52 18.05 -32.46 6.34
N SER D 53 17.65 -31.70 5.32
CA SER D 53 16.88 -32.27 4.23
C SER D 53 17.80 -32.82 3.15
N PHE D 54 19.09 -32.44 3.22
CA PHE D 54 20.08 -32.93 2.26
C PHE D 54 20.70 -34.27 2.63
N ALA D 55 20.50 -34.66 3.90
CA ALA D 55 20.86 -35.97 4.44
C ALA D 55 19.99 -37.08 3.80
N PRO D 56 20.53 -38.32 3.73
CA PRO D 56 19.68 -39.37 3.17
C PRO D 56 18.72 -39.98 4.19
N GLU D 57 18.86 -39.62 5.47
CA GLU D 57 17.92 -40.07 6.52
C GLU D 57 16.59 -39.35 6.37
N PHE D 58 16.59 -38.33 5.52
CA PHE D 58 15.40 -37.56 5.25
C PHE D 58 14.57 -38.23 4.16
N GLN D 59 15.28 -38.87 3.21
CA GLN D 59 14.65 -39.55 2.07
C GLN D 59 13.96 -40.82 2.52
N THR D 60 14.38 -41.36 3.65
CA THR D 60 13.82 -42.62 4.13
C THR D 60 12.71 -42.42 5.16
N TYR D 61 12.79 -41.35 5.95
CA TYR D 61 11.80 -41.15 7.03
C TYR D 61 10.73 -40.10 6.73
N TRP D 62 11.06 -39.09 5.92
CA TRP D 62 10.07 -38.04 5.60
C TRP D 62 9.62 -37.99 4.13
N MET D 63 10.56 -38.04 3.18
CA MET D 63 10.23 -38.00 1.72
C MET D 63 9.56 -39.28 1.19
N SER D 64 9.51 -40.29 2.06
CA SER D 64 8.73 -41.50 1.83
C SER D 64 7.28 -41.08 1.90
N ILE D 65 6.92 -40.49 3.04
CA ILE D 65 5.55 -40.10 3.35
C ILE D 65 4.92 -39.24 2.24
N LEU D 66 5.63 -38.18 1.85
CA LEU D 66 5.15 -37.29 0.81
C LEU D 66 4.82 -38.04 -0.45
N TRP D 67 5.81 -38.74 -1.00
CA TRP D 67 5.65 -39.53 -2.22
C TRP D 67 4.62 -40.67 -2.13
N THR D 68 4.39 -41.22 -0.93
CA THR D 68 3.32 -42.19 -0.72
C THR D 68 1.94 -41.54 -0.75
N GLU D 69 1.68 -40.68 0.25
CA GLU D 69 0.33 -40.18 0.55
C GLU D 69 -0.37 -39.42 -0.60
N ILE D 70 0.39 -38.72 -1.42
CA ILE D 70 -0.22 -37.99 -2.53
C ILE D 70 -1.04 -38.84 -3.52
N PRO D 71 -0.40 -39.86 -4.16
CA PRO D 71 -1.20 -40.76 -5.00
C PRO D 71 -2.18 -41.64 -4.20
N LEU D 72 -1.86 -41.88 -2.92
CA LEU D 72 -2.76 -42.60 -2.02
C LEU D 72 -3.98 -41.73 -1.61
N GLU D 73 -3.77 -40.44 -1.46
CA GLU D 73 -4.88 -39.53 -1.21
C GLU D 73 -5.75 -39.40 -2.46
N LEU D 74 -5.10 -39.13 -3.59
CA LEU D 74 -5.76 -38.93 -4.89
C LEU D 74 -6.71 -40.08 -5.26
N VAL D 75 -6.26 -41.30 -5.05
CA VAL D 75 -7.06 -42.47 -5.33
C VAL D 75 -8.14 -42.56 -4.27
N SER D 76 -7.74 -42.55 -3.00
CA SER D 76 -8.69 -42.53 -1.91
C SER D 76 -9.86 -41.57 -2.13
N GLY D 77 -9.53 -40.43 -2.73
CA GLY D 77 -10.50 -39.39 -3.05
C GLY D 77 -11.47 -39.83 -4.12
N LEU D 78 -10.98 -39.98 -5.35
CA LEU D 78 -11.83 -40.43 -6.47
C LEU D 78 -12.58 -41.76 -6.19
N GLY D 79 -11.94 -42.64 -5.44
CA GLY D 79 -12.57 -43.88 -5.05
C GLY D 79 -13.83 -43.50 -4.31
N LEU D 80 -13.65 -42.78 -3.20
CA LEU D 80 -14.76 -42.42 -2.34
C LEU D 80 -15.83 -41.72 -3.15
N ALA D 81 -15.43 -40.76 -3.99
CA ALA D 81 -16.39 -40.12 -4.89
C ALA D 81 -17.09 -41.14 -5.81
N GLY D 82 -16.36 -41.67 -6.79
CA GLY D 82 -16.89 -42.71 -7.67
C GLY D 82 -17.82 -43.71 -6.99
N TYR D 83 -17.33 -44.41 -5.97
CA TYR D 83 -18.12 -45.39 -5.26
C TYR D 83 -19.48 -44.83 -4.83
N LEU D 84 -19.50 -43.67 -4.18
CA LEU D 84 -20.76 -43.08 -3.66
C LEU D 84 -21.79 -42.72 -4.76
N TRP D 85 -21.29 -42.23 -5.88
CA TRP D 85 -22.11 -41.98 -7.02
C TRP D 85 -22.66 -43.27 -7.60
N LYS D 86 -21.84 -44.31 -7.62
CA LYS D 86 -22.30 -45.60 -8.08
C LYS D 86 -23.45 -46.08 -7.23
N THR D 87 -23.16 -46.40 -5.98
CA THR D 87 -24.21 -46.73 -5.04
C THR D 87 -25.23 -45.59 -4.77
N ARG D 88 -25.30 -44.63 -5.67
CA ARG D 88 -26.36 -43.62 -5.60
C ARG D 88 -27.72 -44.24 -5.77
N ASP D 89 -28.66 -43.77 -4.95
CA ASP D 89 -30.05 -44.20 -4.95
C ASP D 89 -30.79 -43.61 -6.17
N ARG D 90 -31.09 -44.48 -7.14
CA ARG D 90 -31.58 -44.04 -8.46
C ARG D 90 -33.04 -43.63 -8.47
N ASN D 91 -33.76 -43.97 -7.40
CA ASN D 91 -35.12 -43.50 -7.22
C ASN D 91 -35.22 -42.75 -5.89
N VAL D 92 -34.49 -41.64 -5.81
CA VAL D 92 -34.23 -41.00 -4.53
C VAL D 92 -35.48 -40.34 -3.93
N ASP D 93 -36.37 -39.86 -4.82
CA ASP D 93 -37.55 -39.08 -4.42
C ASP D 93 -38.54 -39.98 -3.70
N ALA D 94 -38.37 -41.28 -3.90
CA ALA D 94 -39.19 -42.29 -3.25
C ALA D 94 -38.84 -42.52 -1.76
N VAL D 95 -37.65 -42.15 -1.34
CA VAL D 95 -37.24 -42.32 0.08
C VAL D 95 -38.36 -42.05 1.13
N THR D 96 -38.60 -43.00 2.00
CA THR D 96 -39.61 -42.83 3.03
C THR D 96 -39.06 -42.02 4.15
N PRO D 97 -39.93 -41.32 4.89
CA PRO D 97 -39.57 -40.55 6.09
C PRO D 97 -38.62 -41.21 7.10
N ARG D 98 -38.75 -42.51 7.31
CA ARG D 98 -37.84 -43.15 8.27
C ARG D 98 -36.47 -43.39 7.64
N GLU D 99 -36.43 -43.72 6.35
CA GLU D 99 -35.15 -43.88 5.66
C GLU D 99 -34.39 -42.55 5.46
N GLU D 100 -35.15 -41.48 5.17
CA GLU D 100 -34.55 -40.15 5.02
C GLU D 100 -33.96 -39.77 6.35
N MET D 101 -34.76 -39.87 7.40
CA MET D 101 -34.24 -39.67 8.76
C MET D 101 -32.95 -40.40 9.00
N ARG D 102 -32.97 -41.73 8.81
CA ARG D 102 -31.73 -42.54 8.85
C ARG D 102 -30.61 -41.96 7.95
N ARG D 103 -30.93 -41.61 6.69
CA ARG D 103 -29.92 -41.03 5.79
C ARG D 103 -29.36 -39.69 6.29
N LEU D 104 -30.19 -38.91 6.99
CA LEU D 104 -29.74 -37.64 7.53
C LEU D 104 -28.80 -37.91 8.68
N VAL D 105 -29.20 -38.78 9.58
CA VAL D 105 -28.31 -39.12 10.67
C VAL D 105 -26.95 -39.74 10.21
N VAL D 106 -26.92 -40.39 9.05
CA VAL D 106 -25.62 -40.73 8.43
C VAL D 106 -24.85 -39.44 8.01
N LEU D 107 -25.58 -38.52 7.42
CA LEU D 107 -24.95 -37.30 6.96
C LEU D 107 -24.45 -36.48 8.12
N VAL D 108 -25.23 -36.36 9.19
CA VAL D 108 -24.70 -35.69 10.34
C VAL D 108 -23.47 -36.44 10.86
N GLN D 109 -23.45 -37.76 10.66
CA GLN D 109 -22.25 -38.51 10.95
C GLN D 109 -21.09 -38.02 10.09
N TRP D 110 -21.22 -38.10 8.76
CA TRP D 110 -20.13 -37.70 7.90
C TRP D 110 -19.58 -36.37 8.32
N LEU D 111 -20.44 -35.50 8.87
CA LEU D 111 -20.00 -34.13 9.22
C LEU D 111 -19.21 -34.04 10.53
N VAL D 112 -19.46 -35.02 11.40
CA VAL D 112 -18.71 -35.13 12.64
C VAL D 112 -17.32 -35.65 12.38
N VAL D 113 -17.20 -36.65 11.48
CA VAL D 113 -15.86 -37.01 10.99
C VAL D 113 -15.19 -35.96 10.15
N TYR D 114 -15.93 -35.27 9.33
CA TYR D 114 -15.40 -34.07 8.73
C TYR D 114 -14.92 -33.07 9.81
N GLY D 115 -15.81 -32.70 10.75
CA GLY D 115 -15.47 -31.80 11.88
C GLY D 115 -14.07 -32.03 12.45
N ILE D 116 -13.81 -33.27 12.88
CA ILE D 116 -12.53 -33.67 13.45
C ILE D 116 -11.36 -33.72 12.46
N ALA D 117 -11.58 -34.18 11.24
CA ALA D 117 -10.54 -34.05 10.20
C ALA D 117 -10.06 -32.61 10.03
N ILE D 118 -11.01 -31.68 10.20
CA ILE D 118 -10.74 -30.26 10.14
C ILE D 118 -9.90 -29.90 11.35
N TYR D 119 -10.39 -30.24 12.55
CA TYR D 119 -9.64 -29.91 13.75
C TYR D 119 -8.15 -30.22 13.56
N TRP D 120 -7.86 -31.47 13.21
CA TRP D 120 -6.49 -31.90 13.10
C TRP D 120 -5.76 -31.06 12.06
N GLY D 121 -6.23 -31.11 10.83
CA GLY D 121 -5.53 -30.45 9.73
C GLY D 121 -5.49 -28.93 9.68
N ALA D 122 -6.37 -28.26 10.43
CA ALA D 122 -6.45 -26.79 10.39
C ALA D 122 -5.92 -26.22 11.68
N SER D 123 -6.29 -26.79 12.80
CA SER D 123 -5.70 -26.30 14.02
C SER D 123 -4.39 -27.04 14.33
N PHE D 124 -4.48 -28.30 14.74
CA PHE D 124 -3.34 -29.05 15.21
C PHE D 124 -2.11 -28.97 14.30
N PHE D 125 -2.17 -29.51 13.09
CA PHE D 125 -0.95 -29.57 12.26
C PHE D 125 -0.61 -28.27 11.61
N THR D 126 -1.54 -27.33 11.69
CA THR D 126 -1.35 -26.00 11.15
C THR D 126 -0.51 -25.10 12.05
N GLU D 127 -0.93 -24.94 13.31
CA GLU D 127 -0.21 -24.11 14.28
C GLU D 127 1.09 -24.78 14.73
N GLN D 128 1.15 -26.09 14.54
CA GLN D 128 2.34 -26.86 14.84
C GLN D 128 3.46 -26.42 13.92
N ASP D 129 3.17 -26.21 12.63
CA ASP D 129 4.17 -25.72 11.69
C ASP D 129 4.78 -24.42 12.22
N GLY D 130 4.02 -23.76 13.11
CA GLY D 130 4.41 -22.47 13.68
C GLY D 130 5.58 -22.60 14.61
N THR D 131 5.57 -23.67 15.39
CA THR D 131 6.66 -23.98 16.30
C THR D 131 7.89 -24.57 15.61
N TRP D 132 7.70 -25.38 14.57
CA TRP D 132 8.79 -25.87 13.76
C TRP D 132 9.49 -24.80 12.93
N HIS D 133 8.77 -23.76 12.56
CA HIS D 133 9.42 -22.59 11.98
C HIS D 133 10.57 -22.06 12.89
N MET D 134 10.35 -22.07 14.20
CA MET D 134 11.30 -21.57 15.19
C MET D 134 12.32 -22.63 15.59
N THR D 135 12.42 -23.67 14.77
CA THR D 135 13.26 -24.82 15.08
C THR D 135 14.28 -25.08 13.94
N VAL D 136 13.96 -24.60 12.76
CA VAL D 136 14.91 -24.65 11.67
C VAL D 136 15.02 -23.26 11.04
N ILE D 137 15.88 -23.16 10.04
CA ILE D 137 16.08 -21.94 9.26
C ILE D 137 15.61 -22.24 7.83
N ARG D 138 15.49 -23.55 7.54
CA ARG D 138 14.81 -24.17 6.35
C ARG D 138 15.73 -24.65 5.20
N ASP D 139 15.53 -25.90 4.79
CA ASP D 139 16.26 -26.56 3.70
C ASP D 139 15.44 -26.51 2.39
N THR D 140 14.12 -26.47 2.55
CA THR D 140 13.14 -26.61 1.47
C THR D 140 11.77 -26.21 2.03
N ASP D 141 10.72 -26.44 1.24
CA ASP D 141 9.34 -26.31 1.70
C ASP D 141 8.73 -27.70 1.91
N PHE D 142 9.57 -28.73 1.83
CA PHE D 142 9.21 -30.06 2.28
C PHE D 142 9.79 -30.34 3.67
N THR D 143 9.55 -29.46 4.62
CA THR D 143 9.87 -29.74 6.03
C THR D 143 9.00 -30.92 6.53
N PRO D 144 9.34 -31.52 7.67
CA PRO D 144 8.41 -32.43 8.35
C PRO D 144 6.97 -31.93 8.49
N SER D 145 6.78 -30.77 9.10
CA SER D 145 5.43 -30.23 9.33
C SER D 145 4.68 -29.94 8.03
N HIS D 146 5.33 -29.29 7.07
CA HIS D 146 4.75 -29.16 5.74
C HIS D 146 4.17 -30.45 5.15
N ILE D 147 4.91 -31.57 5.27
CA ILE D 147 4.50 -32.87 4.72
C ILE D 147 3.18 -33.27 5.34
N ILE D 148 3.13 -33.26 6.67
CA ILE D 148 1.91 -33.60 7.41
C ILE D 148 0.76 -32.59 7.24
N GLU D 149 1.05 -31.31 7.47
CA GLU D 149 0.08 -30.22 7.32
C GLU D 149 -0.43 -30.12 5.89
N PHE D 150 0.43 -29.72 4.98
CA PHE D 150 -0.05 -29.46 3.65
C PHE D 150 -0.39 -30.68 2.85
N TYR D 151 0.46 -31.69 2.84
CA TYR D 151 0.22 -32.83 1.95
C TYR D 151 -0.42 -34.05 2.61
N MET D 152 -0.87 -33.92 3.86
CA MET D 152 -1.46 -35.05 4.50
C MET D 152 -2.78 -34.71 5.16
N SER D 153 -2.72 -33.97 6.26
CA SER D 153 -3.91 -33.54 7.03
C SER D 153 -4.92 -32.73 6.22
N TYR D 154 -4.44 -31.84 5.34
CA TYR D 154 -5.33 -31.05 4.50
C TYR D 154 -6.02 -31.90 3.48
N PRO D 155 -5.25 -32.64 2.65
CA PRO D 155 -5.94 -33.50 1.68
C PRO D 155 -6.92 -34.49 2.31
N ILE D 156 -6.53 -35.12 3.43
CA ILE D 156 -7.44 -36.00 4.16
C ILE D 156 -8.76 -35.34 4.51
N TYR D 157 -8.77 -34.22 5.22
CA TYR D 157 -10.05 -33.56 5.54
C TYR D 157 -10.77 -33.03 4.25
N SER D 158 -9.97 -32.77 3.22
CA SER D 158 -10.57 -32.46 1.97
C SER D 158 -11.29 -33.68 1.33
N VAL D 159 -10.78 -34.90 1.53
CA VAL D 159 -11.44 -36.11 1.01
C VAL D 159 -12.74 -36.43 1.75
N ILE D 160 -12.66 -36.58 3.06
CA ILE D 160 -13.85 -36.66 3.91
C ILE D 160 -14.94 -35.63 3.54
N ALA D 161 -14.54 -34.39 3.24
CA ALA D 161 -15.47 -33.35 2.79
C ALA D 161 -16.23 -33.79 1.50
N VAL D 162 -15.51 -33.90 0.37
CA VAL D 162 -16.05 -34.48 -0.87
C VAL D 162 -16.97 -35.69 -0.63
N GLY D 163 -16.57 -36.54 0.29
CA GLY D 163 -17.40 -37.66 0.73
C GLY D 163 -18.76 -37.25 1.25
N ALA D 164 -18.77 -36.43 2.31
CA ALA D 164 -20.03 -35.97 2.94
C ALA D 164 -20.90 -35.28 1.91
N PHE D 165 -20.24 -34.55 1.01
CA PHE D 165 -20.94 -33.90 -0.05
C PHE D 165 -21.55 -34.88 -1.06
N PHE D 166 -20.75 -35.77 -1.65
CA PHE D 166 -21.29 -36.78 -2.56
C PHE D 166 -22.31 -37.68 -1.90
N TYR D 167 -22.11 -37.99 -0.61
CA TYR D 167 -23.04 -38.86 0.08
C TYR D 167 -24.42 -38.24 0.14
N ALA D 168 -24.54 -37.03 0.68
CA ALA D 168 -25.80 -36.28 0.64
C ALA D 168 -26.36 -36.08 -0.75
N LYS D 169 -25.52 -35.78 -1.73
CA LYS D 169 -25.96 -35.68 -3.13
C LYS D 169 -26.60 -36.95 -3.70
N THR D 170 -26.26 -38.11 -3.14
CA THR D 170 -26.67 -39.37 -3.75
C THR D 170 -27.58 -40.15 -2.82
N ARG D 171 -27.88 -39.58 -1.66
CA ARG D 171 -28.83 -40.23 -0.81
C ARG D 171 -30.02 -39.36 -0.51
N ILE D 172 -29.84 -38.03 -0.47
CA ILE D 172 -30.96 -37.20 -0.01
C ILE D 172 -31.65 -36.31 -1.07
N PRO D 173 -32.98 -36.50 -1.24
CA PRO D 173 -33.69 -35.61 -2.13
C PRO D 173 -33.62 -34.25 -1.44
N TYR D 174 -33.03 -33.31 -2.15
CA TYR D 174 -32.80 -31.97 -1.68
C TYR D 174 -31.44 -31.72 -2.17
N PHE D 175 -30.51 -32.46 -1.57
CA PHE D 175 -29.12 -32.39 -1.95
C PHE D 175 -28.89 -32.98 -3.35
N ALA D 176 -29.57 -34.09 -3.64
CA ALA D 176 -29.68 -34.61 -5.01
C ALA D 176 -30.55 -33.62 -5.69
N HIS D 177 -30.31 -33.42 -6.99
CA HIS D 177 -30.98 -32.31 -7.77
C HIS D 177 -30.96 -30.94 -7.06
N GLY D 178 -29.92 -30.23 -7.42
CA GLY D 178 -29.61 -29.04 -6.72
C GLY D 178 -28.13 -28.79 -6.79
N TYR D 179 -27.46 -28.94 -5.66
CA TYR D 179 -26.15 -28.34 -5.31
C TYR D 179 -26.47 -27.29 -4.29
N SER D 180 -26.57 -27.70 -3.04
CA SER D 180 -26.57 -26.75 -1.95
C SER D 180 -25.30 -25.92 -2.09
N LEU D 181 -25.45 -24.61 -2.05
CA LEU D 181 -24.32 -23.71 -2.25
C LEU D 181 -23.39 -23.76 -1.06
N ALA D 182 -24.01 -23.73 0.13
CA ALA D 182 -23.29 -23.89 1.38
C ALA D 182 -22.35 -25.11 1.28
N PHE D 183 -22.92 -26.27 0.97
CA PHE D 183 -22.18 -27.49 0.83
C PHE D 183 -21.15 -27.36 -0.29
N LEU D 184 -21.60 -26.97 -1.47
CA LEU D 184 -20.71 -26.76 -2.60
C LEU D 184 -19.43 -26.08 -2.15
N ILE D 185 -19.57 -24.96 -1.43
CA ILE D 185 -18.44 -24.22 -0.85
C ILE D 185 -17.58 -25.09 0.05
N VAL D 186 -18.20 -25.65 1.10
CA VAL D 186 -17.53 -26.50 2.09
C VAL D 186 -16.63 -27.57 1.44
N ALA D 187 -17.12 -28.20 0.39
CA ALA D 187 -16.36 -29.21 -0.31
C ALA D 187 -15.24 -28.59 -1.13
N ILE D 188 -15.46 -27.40 -1.68
CA ILE D 188 -14.52 -26.84 -2.69
C ILE D 188 -13.54 -25.84 -2.09
N GLY D 189 -14.01 -25.01 -1.18
CA GLY D 189 -13.13 -24.10 -0.44
C GLY D 189 -11.76 -24.69 -0.13
N PRO D 190 -11.71 -25.94 0.39
CA PRO D 190 -10.47 -26.68 0.59
C PRO D 190 -9.45 -26.61 -0.55
N PHE D 191 -9.86 -26.47 -1.81
CA PHE D 191 -8.87 -26.37 -2.88
C PHE D 191 -8.39 -24.92 -3.09
N MET D 192 -8.79 -24.03 -2.18
CA MET D 192 -8.36 -22.63 -2.21
C MET D 192 -7.82 -22.19 -0.84
N ILE D 193 -7.12 -23.09 -0.16
CA ILE D 193 -6.39 -22.74 1.06
C ILE D 193 -4.91 -22.56 0.71
N ILE D 194 -4.48 -23.24 -0.34
CA ILE D 194 -3.15 -23.05 -0.85
C ILE D 194 -2.87 -21.57 -1.11
N PRO D 195 -3.68 -20.85 -1.96
CA PRO D 195 -3.43 -19.39 -2.01
C PRO D 195 -3.70 -18.74 -0.62
N ASN D 196 -3.73 -17.42 -0.52
CA ASN D 196 -3.67 -16.78 0.81
C ASN D 196 -3.38 -17.74 2.00
N VAL D 197 -2.13 -18.10 2.24
CA VAL D 197 -0.96 -17.82 1.37
C VAL D 197 -0.21 -19.16 1.25
N GLY D 198 1.10 -19.12 0.99
CA GLY D 198 1.98 -20.29 1.16
C GLY D 198 1.56 -21.16 2.35
N LEU D 199 1.12 -20.51 3.43
CA LEU D 199 0.42 -21.15 4.57
C LEU D 199 -1.10 -21.00 4.42
N PHE D 224 -10.94 -9.82 8.25
CA PHE D 224 -10.89 -9.92 6.79
C PHE D 224 -10.30 -11.24 6.22
N GLY D 225 -11.15 -12.03 5.56
CA GLY D 225 -10.73 -13.24 4.86
C GLY D 225 -11.85 -14.12 4.33
N TRP D 226 -11.53 -14.84 3.23
CA TRP D 226 -12.42 -15.85 2.61
C TRP D 226 -12.31 -17.25 3.20
N MET D 227 -13.38 -17.70 3.86
CA MET D 227 -13.37 -18.94 4.64
C MET D 227 -14.57 -19.90 4.44
N ALA D 228 -14.39 -21.14 4.87
CA ALA D 228 -15.42 -22.17 4.83
C ALA D 228 -15.94 -22.52 6.25
N LEU D 229 -16.79 -21.63 6.78
CA LEU D 229 -17.79 -21.94 7.79
C LEU D 229 -19.09 -22.25 7.04
N GLY D 230 -18.99 -22.83 5.86
CA GLY D 230 -20.15 -23.12 5.03
C GLY D 230 -21.04 -24.15 5.69
N VAL D 231 -20.44 -24.85 6.64
CA VAL D 231 -21.13 -25.82 7.44
C VAL D 231 -22.30 -25.19 8.19
N PHE D 232 -22.31 -23.87 8.33
CA PHE D 232 -23.48 -23.19 8.85
C PHE D 232 -24.75 -23.45 8.00
N GLY D 233 -24.54 -23.32 6.69
CA GLY D 233 -25.57 -23.51 5.68
C GLY D 233 -26.00 -24.95 5.65
N VAL D 234 -25.02 -25.85 5.71
CA VAL D 234 -25.30 -27.28 5.63
C VAL D 234 -26.04 -27.81 6.86
N VAL D 235 -25.61 -27.46 8.06
CA VAL D 235 -26.46 -27.92 9.15
C VAL D 235 -27.83 -27.28 9.16
N LEU D 236 -27.96 -26.05 8.68
CA LEU D 236 -29.30 -25.46 8.56
C LEU D 236 -30.16 -26.19 7.53
N GLN D 237 -29.53 -26.65 6.45
CA GLN D 237 -30.25 -27.43 5.45
C GLN D 237 -30.64 -28.82 5.95
N ILE D 238 -29.78 -29.42 6.77
CA ILE D 238 -30.10 -30.68 7.48
C ILE D 238 -31.25 -30.46 8.47
N LEU D 239 -31.16 -29.38 9.24
CA LEU D 239 -32.16 -29.01 10.22
C LEU D 239 -33.54 -28.75 9.65
N MET D 240 -33.60 -28.19 8.45
CA MET D 240 -34.90 -27.95 7.80
C MET D 240 -35.63 -29.26 7.45
N ARG D 241 -34.87 -30.28 7.06
CA ARG D 241 -35.42 -31.58 6.71
C ARG D 241 -35.93 -32.24 7.96
N ILE D 242 -35.20 -32.06 9.04
CA ILE D 242 -35.62 -32.67 10.28
C ILE D 242 -36.86 -32.04 10.84
N HIS D 243 -37.08 -30.77 10.54
CA HIS D 243 -38.26 -30.08 11.00
C HIS D 243 -39.42 -30.48 10.13
N ALA D 244 -39.13 -30.83 8.89
CA ALA D 244 -40.20 -31.24 8.00
C ALA D 244 -40.63 -32.64 8.39
N LEU D 245 -39.67 -33.53 8.59
CA LEU D 245 -39.93 -34.96 8.83
C LEU D 245 -40.58 -35.31 10.17
N VAL D 246 -41.14 -34.33 10.86
CA VAL D 246 -42.02 -34.58 11.98
C VAL D 246 -43.29 -33.74 11.73
N GLY D 247 -44.46 -34.38 11.90
CA GLY D 247 -45.73 -33.67 11.74
C GLY D 247 -45.88 -32.72 12.90
N LYS D 248 -46.95 -31.94 12.89
CA LYS D 248 -47.28 -31.14 14.06
C LYS D 248 -47.11 -32.00 15.32
N GLU D 249 -47.42 -33.29 15.17
CA GLU D 249 -47.31 -34.31 16.23
C GLU D 249 -45.99 -34.21 17.01
N GLY D 250 -44.87 -34.43 16.32
CA GLY D 250 -43.57 -34.31 16.95
C GLY D 250 -43.34 -32.87 17.24
N VAL D 251 -43.18 -32.11 16.17
CA VAL D 251 -42.93 -30.67 16.24
C VAL D 251 -43.44 -29.99 17.51
N LYS D 252 -44.58 -29.33 17.38
CA LYS D 252 -45.18 -28.55 18.45
C LYS D 252 -45.34 -29.45 19.65
N LEU D 253 -46.09 -30.54 19.49
CA LEU D 253 -46.51 -31.30 20.66
C LEU D 253 -45.32 -31.87 21.46
N LEU D 254 -44.67 -32.90 20.95
CA LEU D 254 -43.63 -33.59 21.72
C LEU D 254 -42.61 -32.62 22.26
N THR D 255 -42.22 -31.66 21.43
CA THR D 255 -41.28 -30.61 21.85
C THR D 255 -41.89 -29.18 21.80
N GLU D 256 -42.67 -28.89 22.87
CA GLU D 256 -43.37 -27.61 23.13
C GLU D 256 -44.13 -26.97 21.96
N HIS E 29 4.46 23.59 24.45
CA HIS E 29 4.38 23.78 25.91
C HIS E 29 4.13 22.40 26.53
N GLY E 30 3.71 21.47 25.68
CA GLY E 30 3.36 20.12 26.12
C GLY E 30 4.54 19.20 26.32
N GLU E 31 5.75 19.74 26.20
CA GLU E 31 6.97 18.95 26.28
C GLU E 31 6.94 17.96 27.44
N LYS E 32 6.32 18.37 28.55
CA LYS E 32 6.21 17.57 29.77
C LYS E 32 5.66 16.18 29.49
N SER E 33 4.66 16.09 28.60
CA SER E 33 3.97 14.82 28.28
C SER E 33 4.67 13.87 27.29
N GLN E 34 5.60 14.41 26.49
CA GLN E 34 6.32 13.60 25.54
C GLN E 34 7.14 12.55 26.25
N GLN E 35 7.51 11.50 25.52
CA GLN E 35 8.27 10.41 26.13
C GLN E 35 9.62 10.89 26.64
N ALA E 36 9.89 10.69 27.92
CA ALA E 36 11.14 11.18 28.52
C ALA E 36 12.37 10.79 27.71
N PHE E 37 12.64 9.49 27.57
CA PHE E 37 13.84 8.99 26.85
C PHE E 37 14.06 9.57 25.46
N LEU E 38 12.97 9.82 24.75
CA LEU E 38 13.07 10.43 23.43
C LEU E 38 13.54 11.87 23.46
N ARG E 39 13.01 12.66 24.40
CA ARG E 39 13.40 14.03 24.51
C ARG E 39 14.91 14.12 24.79
N MET E 40 15.41 13.18 25.59
CA MET E 40 16.81 13.17 25.98
C MET E 40 17.77 12.65 24.92
N ARG E 41 17.33 11.72 24.08
CA ARG E 41 18.24 11.09 23.12
C ARG E 41 18.02 11.47 21.65
N THR E 42 17.50 12.68 21.42
CA THR E 42 17.40 13.19 20.07
C THR E 42 18.16 14.50 19.91
N LEU E 43 17.49 15.63 20.17
CA LEU E 43 18.17 16.92 20.15
C LEU E 43 18.66 17.43 21.54
N ASN E 44 19.96 17.72 21.60
CA ASN E 44 20.57 18.29 22.81
C ASN E 44 20.73 19.78 22.66
N TRP E 45 19.99 20.52 23.46
CA TRP E 45 19.84 21.96 23.26
C TRP E 45 20.78 22.73 24.18
N TYR E 46 21.46 23.76 23.69
CA TYR E 46 22.31 24.60 24.58
C TYR E 46 22.44 26.06 24.16
N ASP E 47 22.79 26.92 25.13
CA ASP E 47 23.04 28.37 24.90
C ASP E 47 21.85 29.00 24.21
N VAL E 48 20.67 28.72 24.73
CA VAL E 48 19.50 29.34 24.16
C VAL E 48 19.29 30.75 24.78
N GLN E 49 19.08 31.72 23.90
CA GLN E 49 19.01 33.11 24.32
C GLN E 49 17.87 33.83 23.63
N TRP E 50 17.21 34.67 24.42
CA TRP E 50 16.18 35.57 23.92
C TRP E 50 16.66 37.01 24.06
N SER E 51 17.05 37.58 22.93
CA SER E 51 17.26 38.99 22.74
C SER E 51 16.61 39.85 23.80
N LYS E 52 15.28 39.82 23.90
CA LYS E 52 14.53 40.67 24.83
C LYS E 52 13.36 39.95 25.44
N THR E 53 13.20 39.93 26.75
CA THR E 53 11.99 39.31 27.26
C THR E 53 10.83 40.28 27.41
N THR E 54 10.89 41.38 26.64
CA THR E 54 9.74 42.30 26.47
C THR E 54 9.83 42.95 25.12
N VAL E 55 8.70 43.10 24.43
CA VAL E 55 8.62 43.85 23.16
C VAL E 55 7.33 44.64 22.98
N ASN E 56 7.43 45.70 22.19
CA ASN E 56 6.27 46.39 21.72
C ASN E 56 5.76 45.68 20.49
N VAL E 57 4.47 45.78 20.24
CA VAL E 57 3.97 45.39 18.95
C VAL E 57 4.88 46.02 17.89
N ASN E 58 5.29 45.25 16.88
CA ASN E 58 6.24 45.64 15.84
C ASN E 58 7.72 45.68 16.28
N GLU E 59 7.99 45.55 17.58
CA GLU E 59 9.39 45.50 18.05
C GLU E 59 9.95 44.08 17.91
N GLU E 60 11.24 43.99 17.56
CA GLU E 60 11.76 42.84 16.80
C GLU E 60 12.73 41.84 17.51
N MET E 61 12.40 41.38 18.71
CA MET E 61 13.23 40.40 19.44
C MET E 61 13.82 39.20 18.62
N VAL E 62 14.89 38.56 19.12
CA VAL E 62 15.41 37.34 18.46
C VAL E 62 15.86 36.21 19.38
N LEU E 63 15.35 35.01 19.08
CA LEU E 63 15.63 33.77 19.79
C LEU E 63 16.66 32.94 19.02
N SER E 64 17.68 32.49 19.74
CA SER E 64 18.82 31.79 19.14
C SER E 64 19.39 30.75 20.07
N GLY E 65 20.27 29.92 19.52
CA GLY E 65 20.84 28.87 20.31
C GLY E 65 21.54 27.87 19.43
N LYS E 66 21.96 26.78 20.05
CA LYS E 66 22.71 25.75 19.38
C LYS E 66 22.11 24.42 19.79
N VAL E 67 22.22 23.44 18.92
CA VAL E 67 21.68 22.12 19.18
C VAL E 67 22.63 21.01 18.69
N HIS E 68 22.82 19.98 19.50
CA HIS E 68 23.64 18.83 19.11
C HIS E 68 22.72 17.63 18.84
N VAL E 69 22.83 17.10 17.62
CA VAL E 69 22.05 15.94 17.16
C VAL E 69 22.59 14.64 17.73
N PHE E 70 21.95 14.14 18.78
CA PHE E 70 22.43 12.97 19.52
C PHE E 70 22.89 11.86 18.58
N SER E 71 23.89 11.07 19.02
CA SER E 71 24.59 10.12 18.14
C SER E 71 23.92 8.76 17.94
N ALA E 72 23.16 8.32 18.95
CA ALA E 72 22.51 7.02 18.92
C ALA E 72 21.03 7.21 18.69
N TRP E 73 20.69 7.83 17.56
CA TRP E 73 19.35 8.33 17.33
C TRP E 73 18.37 7.22 17.39
N PRO E 74 17.37 7.35 18.25
CA PRO E 74 16.39 6.29 18.54
C PRO E 74 15.58 5.77 17.32
N GLN E 75 15.13 4.52 17.39
CA GLN E 75 14.42 3.87 16.26
C GLN E 75 13.06 4.50 16.00
N ALA E 76 12.37 4.71 17.10
CA ALA E 76 11.10 5.40 17.13
C ALA E 76 10.99 6.66 16.27
N VAL E 77 12.10 7.32 16.01
CA VAL E 77 12.05 8.59 15.32
C VAL E 77 12.76 8.54 13.98
N ALA E 78 12.10 9.04 12.94
CA ALA E 78 12.74 9.13 11.64
C ALA E 78 14.12 9.66 11.84
N ASN E 79 15.04 9.22 11.01
CA ASN E 79 16.27 9.98 10.76
C ASN E 79 16.02 11.47 10.44
N PRO E 80 16.81 12.38 11.05
CA PRO E 80 16.57 13.83 10.90
C PRO E 80 17.10 14.46 9.60
N ARG E 81 17.41 13.60 8.63
CA ARG E 81 17.65 13.99 7.24
C ARG E 81 16.68 15.05 6.68
N VAL E 82 15.47 15.09 7.24
CA VAL E 82 14.44 16.08 6.90
C VAL E 82 13.86 16.65 8.18
N SER E 83 14.16 17.91 8.44
CA SER E 83 13.76 18.60 9.66
C SER E 83 13.29 20.00 9.37
N PHE E 84 12.72 20.68 10.35
CA PHE E 84 12.27 22.06 10.16
C PHE E 84 12.29 22.86 11.46
N LEU E 85 13.05 23.98 11.47
CA LEU E 85 13.22 24.85 12.65
C LEU E 85 12.01 25.74 12.87
N ASN E 86 11.63 25.95 14.13
CA ASN E 86 10.38 26.65 14.40
C ASN E 86 10.32 27.37 15.70
N ALA E 87 9.47 28.38 15.77
CA ALA E 87 9.25 29.07 17.02
C ALA E 87 8.06 28.44 17.69
N GLY E 88 8.30 27.77 18.82
CA GLY E 88 7.20 27.17 19.59
C GLY E 88 6.43 28.25 20.32
N GLU E 89 5.26 28.60 19.77
CA GLU E 89 4.43 29.68 20.33
C GLU E 89 2.97 29.52 19.91
N PRO E 90 2.03 29.86 20.84
CA PRO E 90 0.56 29.76 20.62
C PRO E 90 0.02 30.64 19.49
N GLY E 91 0.35 30.24 18.26
CA GLY E 91 -0.09 30.95 17.06
C GLY E 91 0.80 32.14 16.82
N PRO E 92 0.43 33.01 15.88
CA PRO E 92 1.29 34.11 15.50
C PRO E 92 1.22 35.24 16.52
N VAL E 93 1.65 34.98 17.74
CA VAL E 93 1.77 36.05 18.73
C VAL E 93 3.00 36.89 18.36
N LEU E 94 3.91 36.28 17.63
CA LEU E 94 4.96 37.02 16.99
C LEU E 94 5.03 36.52 15.59
N VAL E 95 5.04 37.44 14.65
CA VAL E 95 5.43 37.06 13.31
C VAL E 95 6.88 36.63 13.35
N ARG E 96 7.24 35.67 12.51
CA ARG E 96 8.64 35.39 12.25
C ARG E 96 9.05 36.14 10.97
N THR E 97 10.16 36.85 11.08
CA THR E 97 10.64 37.68 10.01
C THR E 97 11.67 36.90 9.21
N ALA E 98 12.50 36.11 9.90
CA ALA E 98 13.33 35.06 9.27
C ALA E 98 13.96 34.12 10.31
N GLN E 99 14.59 33.06 9.83
CA GLN E 99 15.29 32.13 10.72
C GLN E 99 16.42 31.48 9.95
N PHE E 100 17.39 30.98 10.71
CA PHE E 100 18.60 30.44 10.14
C PHE E 100 19.06 29.31 11.00
N ILE E 101 19.59 28.30 10.34
CA ILE E 101 20.23 27.21 11.02
C ILE E 101 21.34 26.64 10.12
N GLY E 102 22.43 26.18 10.75
CA GLY E 102 23.57 25.60 10.04
C GLY E 102 24.16 26.60 9.09
N GLU E 103 23.97 27.87 9.42
CA GLU E 103 24.43 28.99 8.61
C GLU E 103 23.66 29.15 7.30
N GLN E 104 22.40 28.72 7.29
CA GLN E 104 21.53 28.98 6.15
C GLN E 104 20.22 29.62 6.55
N PHE E 105 19.69 30.41 5.63
CA PHE E 105 18.38 30.94 5.79
C PHE E 105 17.44 29.77 5.59
N ALA E 106 16.62 29.44 6.58
CA ALA E 106 15.92 28.18 6.53
C ALA E 106 14.41 28.25 6.64
N PRO E 107 13.73 28.87 5.66
CA PRO E 107 12.26 28.88 5.65
C PRO E 107 11.65 27.59 5.08
N ARG E 108 12.52 26.64 4.70
CA ARG E 108 12.12 25.30 4.20
C ARG E 108 12.83 24.20 4.98
N SER E 109 12.54 22.95 4.64
CA SER E 109 13.12 21.80 5.32
C SER E 109 14.59 21.62 5.01
N VAL E 110 15.31 21.13 6.01
CA VAL E 110 16.78 21.03 6.03
C VAL E 110 17.23 19.73 6.64
N SER E 111 18.41 19.23 6.23
CA SER E 111 19.03 18.01 6.83
C SER E 111 19.85 18.27 8.10
N LEU E 112 19.69 17.44 9.12
CA LEU E 112 20.57 17.51 10.29
C LEU E 112 21.29 16.19 10.38
N GLU E 113 22.62 16.23 10.52
CA GLU E 113 23.39 14.99 10.59
C GLU E 113 23.61 14.51 12.00
N ILE E 114 23.44 13.21 12.17
CA ILE E 114 23.51 12.58 13.46
C ILE E 114 24.92 12.78 13.95
N GLY E 115 25.02 13.36 15.13
CA GLY E 115 26.30 13.52 15.81
C GLY E 115 26.82 14.93 15.77
N LYS E 116 26.27 15.78 14.90
CA LYS E 116 26.84 17.13 14.74
C LYS E 116 26.06 18.12 15.54
N ASP E 117 26.63 19.32 15.70
CA ASP E 117 25.88 20.45 16.27
C ASP E 117 25.60 21.56 15.26
N TYR E 118 24.43 22.15 15.40
CA TYR E 118 24.04 23.21 14.49
C TYR E 118 23.68 24.45 15.32
N ALA E 119 23.94 25.64 14.78
CA ALA E 119 23.49 26.82 15.46
C ALA E 119 22.38 27.43 14.66
N PHE E 120 21.41 28.00 15.37
CA PHE E 120 20.22 28.54 14.74
C PHE E 120 19.81 29.85 15.39
N SER E 121 18.87 30.55 14.73
CA SER E 121 18.27 31.75 15.31
C SER E 121 17.03 32.12 14.53
N ILE E 122 16.11 32.77 15.26
CA ILE E 122 14.80 33.14 14.73
C ILE E 122 14.47 34.60 15.06
N ASN E 123 14.20 35.36 14.02
CA ASN E 123 13.88 36.77 14.16
C ASN E 123 12.35 37.00 14.31
N LEU E 124 11.94 37.37 15.52
CA LEU E 124 10.51 37.39 15.88
C LEU E 124 9.97 38.76 16.19
N ARG E 125 9.07 39.26 15.35
CA ARG E 125 8.50 40.59 15.51
C ARG E 125 7.23 40.53 16.34
N GLY E 126 7.16 41.26 17.45
CA GLY E 126 5.98 41.21 18.34
C GLY E 126 4.72 41.55 17.56
N ARG E 127 3.60 40.93 17.95
CA ARG E 127 2.31 41.11 17.22
C ARG E 127 1.06 41.17 18.11
N ARG E 128 0.99 40.31 19.12
CA ARG E 128 -0.19 40.24 19.93
C ARG E 128 0.10 40.43 21.39
N ALA E 129 -0.52 41.44 21.97
CA ALA E 129 -0.30 41.79 23.38
C ALA E 129 -0.57 40.68 24.41
N GLY E 130 0.43 40.30 25.19
CA GLY E 130 0.19 39.32 26.24
C GLY E 130 1.47 38.79 26.84
N ARG E 131 1.38 37.66 27.52
CA ARG E 131 2.56 37.03 28.10
C ARG E 131 2.68 35.60 27.62
N TRP E 132 3.43 35.41 26.54
CA TRP E 132 3.57 34.12 25.86
C TRP E 132 4.87 33.44 26.24
N HIS E 133 4.86 32.10 26.29
CA HIS E 133 6.07 31.31 26.61
C HIS E 133 6.68 30.67 25.35
N VAL E 134 7.54 31.43 24.67
CA VAL E 134 8.10 31.10 23.33
C VAL E 134 9.33 30.15 23.29
N HIS E 135 9.24 29.08 22.51
CA HIS E 135 10.29 28.04 22.46
C HIS E 135 11.07 27.94 21.17
N ALA E 136 12.33 27.53 21.29
CA ALA E 136 13.05 26.90 20.18
C ALA E 136 12.41 25.54 19.88
N GLN E 137 12.29 25.18 18.61
CA GLN E 137 11.57 23.97 18.22
C GLN E 137 12.06 23.44 16.87
N ILE E 138 12.33 22.13 16.82
CA ILE E 138 12.64 21.42 15.57
C ILE E 138 11.75 20.17 15.41
N ASN E 139 11.22 19.97 14.20
CA ASN E 139 10.41 18.77 13.86
C ASN E 139 11.10 17.91 12.85
N VAL E 140 11.06 16.59 13.07
CA VAL E 140 11.71 15.68 12.16
C VAL E 140 10.67 14.96 11.34
N GLU E 141 10.94 14.89 10.03
CA GLU E 141 10.10 14.22 9.02
C GLU E 141 9.10 13.28 9.63
N GLY E 142 9.54 12.06 9.89
CA GLY E 142 8.61 11.06 10.39
C GLY E 142 8.82 10.86 11.86
N GLY E 143 8.90 11.95 12.57
CA GLY E 143 9.27 11.91 13.97
C GLY E 143 8.25 12.68 14.76
N GLY E 144 8.07 13.95 14.41
CA GLY E 144 7.17 14.78 15.15
C GLY E 144 7.97 15.95 15.67
N PRO E 145 7.42 16.67 16.67
CA PRO E 145 8.02 17.85 17.21
C PRO E 145 8.98 17.51 18.31
N ILE E 146 10.13 18.21 18.32
CA ILE E 146 11.04 18.25 19.48
C ILE E 146 11.16 19.69 20.02
N ILE E 147 10.65 19.91 21.22
CA ILE E 147 10.57 21.24 21.79
C ILE E 147 11.82 21.57 22.59
N GLY E 148 12.43 22.73 22.36
CA GLY E 148 13.62 23.12 23.13
C GLY E 148 13.23 23.84 24.40
N PRO E 149 14.06 24.77 24.84
CA PRO E 149 13.64 25.64 25.95
C PRO E 149 12.68 26.77 25.54
N GLY E 150 12.00 27.31 26.52
CA GLY E 150 11.06 28.38 26.28
C GLY E 150 11.15 29.47 27.34
N GLN E 151 11.05 30.70 26.92
CA GLN E 151 11.01 31.76 27.86
C GLN E 151 9.76 32.59 27.65
N TRP E 152 9.12 33.00 28.75
CA TRP E 152 8.04 34.01 28.72
C TRP E 152 8.47 35.30 28.04
N ILE E 153 7.61 35.86 27.22
CA ILE E 153 7.98 37.04 26.43
C ILE E 153 6.83 38.04 26.46
N GLU E 154 6.88 38.97 27.40
CA GLU E 154 5.87 40.00 27.55
C GLU E 154 5.81 40.88 26.30
N ILE E 155 4.66 40.91 25.62
CA ILE E 155 4.45 41.86 24.53
C ILE E 155 3.45 42.89 25.01
N LYS E 156 3.66 44.14 24.58
CA LYS E 156 2.69 45.20 24.79
C LYS E 156 2.50 46.08 23.56
N GLY E 157 1.33 46.72 23.55
CA GLY E 157 0.83 47.47 22.41
C GLY E 157 -0.58 47.05 22.08
N ASP E 158 -1.06 47.54 20.94
CA ASP E 158 -2.35 47.16 20.41
C ASP E 158 -2.12 46.43 19.09
N MET E 159 -2.78 45.28 18.96
CA MET E 159 -2.64 44.46 17.75
C MET E 159 -2.96 45.28 16.50
N LYS E 160 -3.95 46.16 16.63
CA LYS E 160 -4.38 47.05 15.56
C LYS E 160 -3.21 47.70 14.85
N ASP E 161 -2.13 47.90 15.61
CA ASP E 161 -0.97 48.67 15.15
C ASP E 161 0.05 47.81 14.41
N PHE E 162 0.00 46.51 14.67
CA PHE E 162 0.92 45.60 14.03
C PHE E 162 0.90 45.72 12.52
N THR E 163 2.06 45.84 11.91
CA THR E 163 2.14 45.77 10.46
C THR E 163 3.17 44.74 10.14
N ASP E 164 3.48 44.55 8.85
CA ASP E 164 4.71 43.85 8.49
C ASP E 164 5.88 44.80 8.29
N PRO E 165 6.12 45.26 7.07
CA PRO E 165 5.63 44.84 5.80
C PRO E 165 6.74 44.10 5.09
N VAL E 166 6.71 44.15 3.76
CA VAL E 166 7.47 43.27 2.90
C VAL E 166 7.64 43.95 1.55
N THR E 167 8.73 43.67 0.89
CA THR E 167 8.99 44.29 -0.41
C THR E 167 9.03 43.30 -1.56
N LEU E 168 8.23 43.58 -2.56
CA LEU E 168 8.22 42.79 -3.81
C LEU E 168 9.48 42.99 -4.66
N LEU E 169 9.65 42.16 -5.68
CA LEU E 169 10.75 42.32 -6.60
C LEU E 169 10.59 43.57 -7.46
N ASP E 170 9.34 43.94 -7.73
CA ASP E 170 9.00 45.16 -8.47
C ASP E 170 9.33 46.39 -7.62
N GLY E 171 9.66 46.19 -6.35
CA GLY E 171 10.19 47.25 -5.50
C GLY E 171 9.16 47.81 -4.54
N SER E 172 7.88 47.59 -4.84
CA SER E 172 6.78 48.09 -3.99
C SER E 172 6.65 47.42 -2.62
N THR E 173 6.03 48.10 -1.67
CA THR E 173 5.80 47.50 -0.37
C THR E 173 4.36 47.03 -0.19
N VAL E 174 4.17 46.01 0.67
CA VAL E 174 2.82 45.55 1.08
C VAL E 174 2.79 45.21 2.57
N ASP E 175 1.74 45.63 3.29
CA ASP E 175 1.61 45.25 4.69
C ASP E 175 1.04 43.86 4.64
N LEU E 176 1.72 42.86 5.17
CA LEU E 176 1.20 41.48 5.00
C LEU E 176 0.00 41.16 5.84
N GLU E 177 -0.03 41.69 7.05
CA GLU E 177 -1.16 41.55 7.94
C GLU E 177 -2.51 41.72 7.25
N HIS E 178 -2.55 42.55 6.21
CA HIS E 178 -3.77 42.90 5.49
C HIS E 178 -3.75 42.56 4.01
N TYR E 179 -2.58 42.62 3.36
CA TYR E 179 -2.49 42.47 1.89
C TYR E 179 -3.23 41.29 1.31
N GLY E 180 -4.04 41.58 0.28
CA GLY E 180 -4.72 40.53 -0.54
C GLY E 180 -6.11 40.08 -0.11
N ILE E 181 -6.41 40.26 1.19
CA ILE E 181 -7.69 39.91 1.86
C ILE E 181 -8.95 40.61 1.30
N SER E 182 -8.76 41.85 0.88
CA SER E 182 -9.70 42.62 0.12
C SER E 182 -10.09 41.84 -1.12
N ARG E 183 -9.12 41.71 -2.05
CA ARG E 183 -9.31 41.04 -3.33
C ARG E 183 -9.97 39.67 -3.26
N VAL E 184 -9.63 38.92 -2.22
CA VAL E 184 -10.24 37.62 -1.90
C VAL E 184 -11.74 37.78 -1.68
N TYR E 185 -12.14 38.36 -0.54
CA TYR E 185 -13.55 38.62 -0.32
C TYR E 185 -14.26 39.14 -1.57
N ALA E 186 -13.56 40.01 -2.31
CA ALA E 186 -14.08 40.62 -3.53
C ALA E 186 -14.55 39.55 -4.49
N TRP E 187 -13.87 38.44 -4.52
CA TRP E 187 -14.24 37.40 -5.44
C TRP E 187 -15.09 36.32 -4.77
N HIS E 188 -14.90 36.11 -3.49
CA HIS E 188 -15.56 35.00 -2.85
C HIS E 188 -17.00 35.31 -2.61
N LEU E 189 -17.27 36.42 -1.93
CA LEU E 189 -18.64 36.70 -1.45
C LEU E 189 -19.74 36.96 -2.53
N PRO E 190 -19.41 37.76 -3.58
CA PRO E 190 -20.21 37.74 -4.81
C PRO E 190 -20.65 36.34 -5.26
N TRP E 191 -19.68 35.45 -5.47
CA TRP E 191 -20.05 34.13 -5.95
C TRP E 191 -20.92 33.35 -5.00
N MET E 192 -20.73 33.56 -3.70
CA MET E 192 -21.56 32.89 -2.67
C MET E 192 -22.95 33.43 -2.74
N ALA E 193 -23.06 34.75 -2.89
CA ALA E 193 -24.34 35.38 -3.17
C ALA E 193 -24.99 34.82 -4.43
N VAL E 194 -24.28 34.83 -5.56
CA VAL E 194 -24.77 34.17 -6.79
C VAL E 194 -25.33 32.76 -6.50
N GLY E 195 -24.51 31.88 -5.95
CA GLY E 195 -24.93 30.53 -5.55
C GLY E 195 -26.22 30.51 -4.76
N ALA E 196 -26.31 31.33 -3.70
CA ALA E 196 -27.54 31.48 -2.93
C ALA E 196 -28.75 32.00 -3.77
N ALA E 197 -28.51 32.86 -4.77
CA ALA E 197 -29.60 33.30 -5.67
C ALA E 197 -30.19 32.08 -6.39
N TRP E 198 -29.33 31.40 -7.16
CA TRP E 198 -29.68 30.16 -7.86
C TRP E 198 -30.54 29.19 -7.07
N ILE E 199 -30.17 28.95 -5.82
CA ILE E 199 -30.99 28.16 -4.94
C ILE E 199 -32.37 28.82 -4.68
N PHE E 200 -32.39 30.01 -4.07
CA PHE E 200 -33.66 30.66 -3.69
C PHE E 200 -34.57 30.89 -4.90
N PHE E 201 -33.97 31.13 -6.07
CA PHE E 201 -34.74 31.19 -7.30
C PHE E 201 -35.59 29.92 -7.47
N TRP E 202 -34.96 28.80 -7.82
CA TRP E 202 -35.70 27.58 -8.10
C TRP E 202 -36.58 27.20 -6.93
N PHE E 203 -36.15 27.39 -5.70
CA PHE E 203 -37.00 27.08 -4.55
C PHE E 203 -38.31 27.81 -4.58
N VAL E 204 -38.25 29.11 -4.77
CA VAL E 204 -39.46 29.90 -4.80
C VAL E 204 -39.74 30.15 -6.25
N ARG E 205 -40.34 29.16 -6.90
CA ARG E 205 -40.57 29.15 -8.35
C ARG E 205 -41.19 27.80 -8.65
N LYS E 206 -41.07 26.92 -7.66
CA LYS E 206 -41.54 25.55 -7.71
C LYS E 206 -41.08 24.93 -6.44
N GLY E 207 -41.93 24.88 -5.43
CA GLY E 207 -41.50 24.47 -4.10
C GLY E 207 -40.82 23.12 -3.96
N ILE E 208 -40.64 22.69 -2.73
CA ILE E 208 -40.18 21.34 -2.50
C ILE E 208 -41.37 20.37 -2.67
N ILE E 209 -42.34 20.43 -1.73
CA ILE E 209 -43.57 19.63 -1.76
C ILE E 209 -44.32 19.64 -3.08
N THR E 210 -44.55 20.83 -3.63
CA THR E 210 -45.13 20.99 -4.97
C THR E 210 -44.42 20.12 -6.02
N SER E 211 -43.11 20.28 -6.11
CA SER E 211 -42.36 19.66 -7.17
C SER E 211 -42.14 18.20 -6.89
N TYR E 212 -42.12 17.84 -5.60
CA TYR E 212 -42.06 16.43 -5.21
C TYR E 212 -43.30 15.71 -5.72
N ILE E 213 -44.44 16.27 -5.35
CA ILE E 213 -45.74 15.79 -5.74
C ILE E 213 -45.89 15.74 -7.24
N ARG E 214 -45.57 16.82 -7.93
CA ARG E 214 -45.59 16.78 -9.35
C ARG E 214 -44.84 15.56 -9.83
N VAL E 215 -43.56 15.48 -9.48
CA VAL E 215 -42.66 14.37 -9.87
C VAL E 215 -43.24 13.01 -9.49
N ALA E 216 -43.77 12.93 -8.26
CA ALA E 216 -44.38 11.72 -7.73
C ALA E 216 -45.58 11.21 -8.54
N GLU E 217 -46.46 12.13 -8.95
CA GLU E 217 -47.50 11.86 -9.96
C GLU E 217 -46.78 11.70 -11.28
N GLY E 218 -47.54 11.77 -12.37
CA GLY E 218 -46.95 11.65 -13.71
C GLY E 218 -45.75 12.56 -13.93
N LYS E 219 -45.96 13.85 -13.68
CA LYS E 219 -45.00 14.83 -14.14
C LYS E 219 -44.71 15.89 -13.10
N ALA E 220 -43.44 16.24 -12.80
CA ALA E 220 -42.26 16.22 -13.71
C ALA E 220 -42.61 17.09 -14.92
N ASP E 221 -41.69 17.36 -15.84
CA ASP E 221 -42.01 18.15 -17.06
C ASP E 221 -42.80 19.44 -16.87
N ASP E 222 -43.70 19.46 -15.90
CA ASP E 222 -44.30 20.68 -15.37
C ASP E 222 -43.25 21.41 -14.59
N VAL E 223 -42.43 20.67 -13.83
CA VAL E 223 -41.38 21.26 -12.99
C VAL E 223 -40.27 21.84 -13.84
N ILE E 224 -39.78 21.06 -14.79
CA ILE E 224 -38.81 21.62 -15.72
C ILE E 224 -39.33 21.79 -17.17
N GLY E 225 -38.61 21.30 -18.18
CA GLY E 225 -38.85 21.76 -19.55
C GLY E 225 -38.49 23.23 -19.76
N ASP E 226 -37.84 23.54 -20.89
CA ASP E 226 -37.52 24.91 -21.28
C ASP E 226 -38.82 25.68 -21.20
N ASP E 227 -38.79 26.97 -20.89
CA ASP E 227 -37.59 27.77 -20.84
C ASP E 227 -37.01 27.89 -19.44
N ASP E 228 -37.22 26.87 -18.60
CA ASP E 228 -36.42 26.74 -17.40
C ASP E 228 -35.01 26.47 -17.86
N ARG E 229 -34.88 25.75 -18.98
CA ARG E 229 -33.60 25.46 -19.58
C ARG E 229 -32.97 26.64 -20.34
N ARG E 230 -33.80 27.59 -20.77
CA ARG E 230 -33.23 28.84 -21.24
C ARG E 230 -32.53 29.61 -20.10
N ILE E 231 -33.21 29.72 -18.95
CA ILE E 231 -32.62 30.36 -17.77
C ILE E 231 -31.25 29.73 -17.52
N GLY E 232 -31.22 28.39 -17.49
CA GLY E 232 -30.00 27.65 -17.23
C GLY E 232 -28.89 27.98 -18.20
N ALA E 233 -29.12 27.81 -19.49
CA ALA E 233 -28.07 28.09 -20.47
C ALA E 233 -27.54 29.53 -20.43
N ILE E 234 -28.44 30.46 -20.08
CA ILE E 234 -28.03 31.85 -19.86
C ILE E 234 -27.20 32.01 -18.57
N VAL E 235 -27.78 31.65 -17.42
CA VAL E 235 -27.01 31.69 -16.17
C VAL E 235 -25.65 31.06 -16.38
N LEU E 236 -25.58 29.94 -17.09
CA LEU E 236 -24.29 29.34 -17.35
C LEU E 236 -23.44 30.25 -18.20
N ALA E 237 -24.00 30.80 -19.27
CA ALA E 237 -23.20 31.66 -20.15
C ALA E 237 -22.54 32.87 -19.41
N LEU E 238 -23.31 33.48 -18.51
CA LEU E 238 -22.83 34.56 -17.65
C LEU E 238 -21.76 34.09 -16.66
N THR E 239 -21.97 32.95 -16.04
CA THR E 239 -20.95 32.33 -15.18
C THR E 239 -19.57 32.20 -15.88
N ILE E 240 -19.52 31.49 -17.00
CA ILE E 240 -18.29 31.32 -17.75
C ILE E 240 -17.70 32.66 -18.17
N LEU E 241 -18.56 33.54 -18.65
CA LEU E 241 -18.11 34.89 -18.96
C LEU E 241 -17.45 35.57 -17.75
N ALA E 242 -18.18 35.58 -16.62
CA ALA E 242 -17.73 36.17 -15.36
C ALA E 242 -16.36 35.61 -15.01
N THR E 243 -16.14 34.35 -15.38
CA THR E 243 -14.85 33.69 -15.15
C THR E 243 -13.76 34.18 -16.09
N ILE E 244 -14.03 34.16 -17.39
CA ILE E 244 -13.02 34.58 -18.37
C ILE E 244 -12.59 36.03 -18.11
N VAL E 245 -13.58 36.89 -17.80
CA VAL E 245 -13.32 38.26 -17.33
C VAL E 245 -12.41 38.30 -16.07
N GLY E 246 -12.93 37.74 -14.97
CA GLY E 246 -12.23 37.70 -13.67
C GLY E 246 -10.80 37.18 -13.76
N TYR E 247 -10.62 36.21 -14.66
CA TYR E 247 -9.32 35.68 -14.99
C TYR E 247 -8.46 36.73 -15.68
N ALA E 248 -8.91 37.22 -16.83
CA ALA E 248 -8.10 38.15 -17.61
C ALA E 248 -7.72 39.46 -16.86
N VAL E 249 -8.64 40.00 -16.07
CA VAL E 249 -8.38 41.10 -15.14
C VAL E 249 -7.23 40.79 -14.17
N THR E 250 -7.42 39.74 -13.37
CA THR E 250 -6.43 39.30 -12.36
C THR E 250 -5.17 38.76 -13.02
N ASN E 251 -5.20 38.60 -14.33
CA ASN E 251 -4.04 38.27 -15.07
C ASN E 251 -3.28 39.53 -15.50
N SER E 252 -4.01 40.65 -15.52
CA SER E 252 -3.48 41.97 -15.88
C SER E 252 -2.86 42.65 -14.69
N THR E 253 -3.64 42.89 -13.64
CA THR E 253 -3.01 43.11 -12.34
C THR E 253 -2.09 41.89 -12.23
N PHE E 254 -0.92 41.98 -11.60
CA PHE E 254 -0.13 40.74 -11.37
C PHE E 254 0.17 39.88 -12.63
N PRO E 255 0.83 40.47 -13.66
CA PRO E 255 1.07 39.67 -14.86
C PRO E 255 2.41 38.96 -14.78
N ARG E 256 3.03 39.00 -13.60
CA ARG E 256 4.26 38.27 -13.28
C ARG E 256 4.05 36.87 -12.66
N THR E 257 3.85 36.79 -11.35
CA THR E 257 3.62 35.48 -10.63
C THR E 257 4.55 34.27 -10.89
N ILE E 258 4.94 33.64 -9.80
CA ILE E 258 5.79 32.45 -9.79
C ILE E 258 5.10 31.36 -8.96
N PRO E 259 5.49 30.08 -9.15
CA PRO E 259 4.90 29.01 -8.34
C PRO E 259 5.50 28.96 -6.92
N LEU E 260 4.73 28.44 -5.98
CA LEU E 260 5.22 28.20 -4.63
C LEU E 260 6.62 27.56 -4.66
N GLN E 261 7.50 28.08 -3.81
CA GLN E 261 8.87 27.63 -3.74
C GLN E 261 9.02 26.63 -2.59
N ALA E 262 9.35 25.38 -2.92
CA ALA E 262 9.37 24.27 -1.96
C ALA E 262 10.60 23.31 -2.10
N GLY E 263 10.87 22.48 -1.07
CA GLY E 263 11.90 21.45 -1.17
C GLY E 263 13.05 21.58 -0.20
N LEU E 264 13.80 20.49 -0.03
CA LEU E 264 14.85 20.36 1.00
C LEU E 264 16.07 21.21 0.66
N GLN E 265 16.53 21.99 1.63
CA GLN E 265 17.66 22.89 1.43
C GLN E 265 18.95 22.13 1.32
N LYS E 266 19.95 22.75 0.67
CA LYS E 266 21.31 22.18 0.49
C LYS E 266 21.85 21.82 1.87
N PRO E 267 22.83 20.91 1.94
CA PRO E 267 23.24 20.48 3.27
C PRO E 267 23.75 21.62 4.15
N LEU E 268 23.51 21.56 5.47
CA LEU E 268 23.92 22.65 6.36
C LEU E 268 25.42 22.58 6.67
N THR E 269 25.99 23.67 7.18
CA THR E 269 27.33 23.58 7.76
C THR E 269 27.23 23.53 9.29
N PRO E 270 27.76 22.45 9.88
CA PRO E 270 27.72 22.34 11.34
C PRO E 270 28.65 23.37 12.01
N ILE E 271 28.61 23.42 13.33
CA ILE E 271 29.48 24.23 14.16
C ILE E 271 30.86 23.58 14.19
N GLU E 272 31.94 24.36 14.07
CA GLU E 272 33.29 23.78 14.12
C GLU E 272 34.15 24.37 15.25
N THR E 273 33.48 25.07 16.14
CA THR E 273 34.14 25.80 17.19
C THR E 273 33.61 25.31 18.53
N GLU E 274 34.43 24.74 19.40
CA GLU E 274 35.84 24.56 19.26
C GLU E 274 36.38 24.12 20.62
N GLY E 275 35.88 23.04 21.25
CA GLY E 275 34.81 22.15 20.74
C GLY E 275 33.88 21.87 21.89
N THR E 276 32.59 21.58 21.68
CA THR E 276 31.99 21.21 20.40
C THR E 276 32.41 19.78 20.10
N VAL E 277 31.44 18.88 20.29
CA VAL E 277 31.68 17.44 20.35
C VAL E 277 32.38 16.87 19.13
N GLY E 278 33.41 16.05 19.35
CA GLY E 278 34.27 15.57 18.27
C GLY E 278 34.73 16.62 17.26
N VAL E 279 35.10 17.81 17.72
CA VAL E 279 35.74 18.78 16.85
C VAL E 279 36.99 19.37 17.53
N GLY E 280 38.08 19.45 16.76
CA GLY E 280 39.31 20.04 17.26
C GLY E 280 40.29 19.00 17.77
N LYS E 281 41.49 19.45 18.09
CA LYS E 281 42.49 18.54 18.55
C LYS E 281 42.26 18.16 20.00
N GLU E 282 41.68 19.04 20.78
CA GLU E 282 41.43 18.74 22.20
C GLU E 282 39.96 18.54 22.48
N ASN E 283 39.66 17.64 23.43
CA ASN E 283 38.26 17.27 23.76
C ASN E 283 38.12 16.33 24.95
N VAL E 284 36.93 16.24 25.50
CA VAL E 284 36.64 15.27 26.55
C VAL E 284 35.88 14.09 25.91
N THR E 285 35.94 12.92 26.55
CA THR E 285 35.27 11.71 26.10
C THR E 285 34.58 11.16 27.32
N THR E 286 33.28 11.07 27.28
CA THR E 286 32.60 10.41 28.39
C THR E 286 31.86 9.16 27.96
N GLU E 287 32.18 8.01 28.59
CA GLU E 287 31.37 6.79 28.49
C GLU E 287 30.39 6.79 29.63
N LEU E 288 29.17 6.30 29.40
CA LEU E 288 28.33 6.02 30.54
C LEU E 288 28.72 4.64 30.99
N ASN E 289 28.75 4.43 32.31
CA ASN E 289 29.04 3.11 32.82
C ASN E 289 28.20 2.83 34.06
N GLY E 290 26.89 2.80 33.85
CA GLY E 290 25.97 2.48 34.91
C GLY E 290 25.27 3.72 35.38
N GLY E 291 23.96 3.59 35.62
CA GLY E 291 23.16 4.66 36.19
C GLY E 291 22.07 4.08 37.07
N VAL E 292 21.43 4.92 37.85
CA VAL E 292 20.32 4.52 38.69
C VAL E 292 19.51 5.75 39.06
N TYR E 293 18.20 5.72 38.80
CA TYR E 293 17.32 6.81 39.18
C TYR E 293 16.21 6.27 40.08
N LYS E 294 15.78 7.05 41.06
CA LYS E 294 14.78 6.57 42.04
C LYS E 294 13.39 6.72 41.49
N VAL E 295 12.52 5.78 41.84
CA VAL E 295 11.15 5.84 41.37
C VAL E 295 10.20 5.61 42.54
N PRO E 296 9.44 6.64 42.91
CA PRO E 296 9.44 7.95 42.26
C PRO E 296 10.71 8.66 42.63
N GLY E 297 11.00 9.78 41.97
CA GLY E 297 12.34 10.37 42.08
C GLY E 297 12.56 11.85 41.88
N ARG E 298 13.83 12.18 41.76
CA ARG E 298 14.30 13.53 41.77
C ARG E 298 15.80 13.38 41.58
N GLU E 299 16.27 12.14 41.67
CA GLU E 299 17.70 11.81 41.74
C GLU E 299 18.18 10.91 40.61
N LEU E 300 19.41 11.12 40.17
CA LEU E 300 20.03 10.21 39.24
C LEU E 300 21.53 10.09 39.55
N THR E 301 22.01 8.87 39.62
CA THR E 301 23.41 8.65 39.94
C THR E 301 24.03 7.90 38.81
N ILE E 302 25.10 8.46 38.24
CA ILE E 302 25.75 7.85 37.09
C ILE E 302 27.26 7.83 37.20
N ASN E 303 27.87 6.76 36.75
CA ASN E 303 29.31 6.68 36.75
C ASN E 303 29.80 6.94 35.34
N VAL E 304 30.72 7.88 35.21
CA VAL E 304 31.15 8.37 33.90
C VAL E 304 32.63 8.19 33.64
N LYS E 305 32.98 7.34 32.68
CA LYS E 305 34.37 7.12 32.35
C LYS E 305 34.95 8.21 31.45
N VAL E 306 35.23 9.37 32.07
CA VAL E 306 35.85 10.52 31.36
C VAL E 306 37.32 10.30 30.92
N LYS E 307 37.64 10.79 29.74
CA LYS E 307 38.99 10.87 29.23
C LYS E 307 39.17 12.29 28.76
N ASN E 308 40.40 12.82 28.80
CA ASN E 308 40.70 14.21 28.50
C ASN E 308 42.21 14.26 28.41
N ASN E 309 42.86 14.49 27.27
CA ASN E 309 42.38 14.70 25.92
C ASN E 309 42.41 16.14 25.49
N THR E 310 42.28 17.04 26.45
CA THR E 310 42.67 18.44 26.26
C THR E 310 44.10 18.59 26.77
N SER E 311 44.50 19.82 27.08
CA SER E 311 45.80 20.07 27.65
C SER E 311 45.64 20.99 28.82
N GLN E 312 44.41 21.07 29.32
CA GLN E 312 44.10 21.82 30.54
C GLN E 312 43.40 20.92 31.50
N PRO E 313 43.47 21.23 32.81
CA PRO E 313 42.71 20.41 33.77
C PRO E 313 41.23 20.73 33.66
N LEU E 314 40.39 19.71 33.60
CA LEU E 314 38.94 19.97 33.44
C LEU E 314 38.03 19.65 34.66
N ARG E 315 37.22 20.62 35.04
CA ARG E 315 36.14 20.38 35.99
C ARG E 315 34.80 20.37 35.26
N LEU E 316 34.01 19.33 35.53
CA LEU E 316 32.67 19.21 35.02
C LEU E 316 31.69 20.19 35.70
N GLY E 317 31.09 21.08 34.90
CA GLY E 317 30.30 22.18 35.42
C GLY E 317 28.80 22.12 35.15
N GLU E 318 28.42 21.48 34.04
CA GLU E 318 27.02 21.40 33.61
C GLU E 318 26.69 20.10 32.90
N TYR E 319 25.43 19.69 33.03
CA TYR E 319 24.81 18.61 32.28
C TYR E 319 23.40 19.01 31.75
N THR E 320 23.19 18.94 30.43
CA THR E 320 21.87 19.24 29.86
C THR E 320 21.13 18.02 29.29
N ALA E 321 19.81 18.00 29.50
CA ALA E 321 18.94 16.89 29.15
C ALA E 321 17.92 17.31 28.10
N ALA E 322 16.76 17.81 28.52
CA ALA E 322 15.78 18.15 27.49
C ALA E 322 15.67 19.64 27.38
N GLY E 323 16.77 20.31 27.66
CA GLY E 323 16.79 21.78 27.77
C GLY E 323 16.91 22.18 29.22
N LEU E 324 16.75 21.18 30.10
CA LEU E 324 17.07 21.27 31.52
C LEU E 324 18.57 21.44 31.69
N ARG E 325 18.95 22.33 32.61
CA ARG E 325 20.35 22.53 32.92
C ARG E 325 20.61 22.10 34.35
N PHE E 326 21.69 21.35 34.53
CA PHE E 326 22.12 20.92 35.83
C PHE E 326 23.52 21.42 36.13
N LEU E 327 23.62 22.35 37.07
CA LEU E 327 24.86 23.10 37.29
C LEU E 327 25.66 22.67 38.51
N ASN E 328 26.99 22.61 38.36
CA ASN E 328 27.89 22.46 39.50
C ASN E 328 28.15 23.83 40.11
N PRO E 329 27.63 24.07 41.33
CA PRO E 329 27.73 25.41 41.87
C PRO E 329 29.18 25.77 42.19
N ASP E 330 30.07 24.77 42.09
CA ASP E 330 31.53 24.94 42.18
C ASP E 330 32.05 25.58 40.92
N VAL E 331 31.37 25.33 39.81
CA VAL E 331 31.79 25.91 38.57
C VAL E 331 30.92 27.10 38.24
N PHE E 332 29.64 26.96 38.47
CA PHE E 332 28.72 28.07 38.28
C PHE E 332 28.50 28.69 39.63
N THR E 333 29.53 29.40 40.08
CA THR E 333 29.53 30.16 41.33
C THR E 333 28.48 31.28 41.25
N THR E 334 28.39 31.87 40.07
CA THR E 334 27.14 32.44 39.55
C THR E 334 27.16 31.90 38.14
N LYS E 335 26.01 31.54 37.52
CA LYS E 335 24.61 31.51 38.03
C LYS E 335 23.65 32.13 36.98
N PRO E 336 23.54 31.46 35.82
CA PRO E 336 23.22 32.12 34.58
C PRO E 336 21.79 32.63 34.47
N ASP E 337 21.61 33.50 33.49
CA ASP E 337 20.32 34.04 33.09
C ASP E 337 19.67 33.04 32.16
N PHE E 338 18.61 32.38 32.65
CA PHE E 338 17.97 31.26 31.96
C PHE E 338 16.63 30.90 32.62
N PRO E 339 15.56 30.76 31.80
CA PRO E 339 14.20 30.61 32.31
C PRO E 339 14.16 29.59 33.44
N ASP E 340 13.26 29.82 34.41
CA ASP E 340 13.31 29.12 35.71
C ASP E 340 13.95 27.74 35.64
N TYR E 341 13.39 26.72 35.00
CA TYR E 341 12.03 26.24 35.15
C TYR E 341 12.12 24.73 35.04
N LEU E 342 13.25 24.09 34.67
CA LEU E 342 14.32 24.38 33.67
C LEU E 342 15.77 24.56 34.02
N LEU E 343 16.10 25.41 34.99
CA LEU E 343 17.53 25.63 35.40
C LEU E 343 17.85 25.23 36.85
N ALA E 344 18.58 24.12 36.99
CA ALA E 344 18.92 23.62 38.32
C ALA E 344 20.35 24.00 38.80
N ASP E 345 20.56 24.00 40.12
CA ASP E 345 21.85 24.29 40.73
C ASP E 345 22.30 23.14 41.59
N ARG E 346 22.03 21.92 41.11
CA ARG E 346 22.47 20.69 41.74
C ARG E 346 22.81 19.63 40.68
N GLY E 347 23.79 19.94 39.84
CA GLY E 347 24.37 18.98 38.90
C GLY E 347 25.73 18.49 39.37
N LEU E 348 25.76 18.24 40.69
CA LEU E 348 26.97 18.08 41.51
C LEU E 348 27.18 16.68 42.16
N SER E 349 28.40 16.21 42.31
CA SER E 349 29.61 16.99 41.99
C SER E 349 30.72 16.10 41.43
N VAL E 350 31.94 16.39 41.84
CA VAL E 350 33.07 15.52 41.59
C VAL E 350 33.70 15.48 42.95
N ASP E 351 35.03 15.46 42.96
CA ASP E 351 35.80 15.94 44.08
C ASP E 351 36.53 17.19 43.56
N ALA E 352 35.82 18.00 42.78
CA ALA E 352 36.42 19.15 42.08
C ALA E 352 37.86 18.93 41.54
N THR E 353 38.29 17.66 41.41
CA THR E 353 39.68 17.28 41.08
C THR E 353 39.98 17.26 39.58
N PRO E 354 40.15 18.43 39.01
CA PRO E 354 40.22 18.77 37.59
C PRO E 354 40.71 17.73 36.53
N ILE E 355 41.06 16.52 36.92
CA ILE E 355 41.35 15.54 35.87
C ILE E 355 42.70 15.74 35.13
N ALA E 356 42.69 16.30 33.94
CA ALA E 356 43.80 15.98 33.11
C ALA E 356 44.78 17.10 33.08
N PRO E 357 45.44 17.36 31.93
CA PRO E 357 45.37 16.66 30.63
C PRO E 357 45.81 15.23 30.75
N GLY E 358 45.60 14.49 29.66
CA GLY E 358 45.86 13.03 29.58
C GLY E 358 45.05 12.12 30.48
N GLU E 359 44.65 12.60 31.67
CA GLU E 359 44.05 11.76 32.72
C GLU E 359 42.77 11.10 32.27
N ALA E 360 42.62 9.82 32.59
CA ALA E 360 41.39 9.08 32.34
C ALA E 360 40.76 8.68 33.69
N LYS E 361 39.53 9.09 33.97
CA LYS E 361 39.01 8.95 35.34
C LYS E 361 37.52 8.58 35.39
N GLU E 362 37.11 7.65 36.23
CA GLU E 362 35.67 7.36 36.28
C GLU E 362 35.15 8.06 37.49
N ILE E 363 34.06 8.79 37.33
CA ILE E 363 33.64 9.73 38.36
C ILE E 363 32.16 9.67 38.66
N VAL E 364 31.79 9.33 39.88
CA VAL E 364 30.36 9.27 40.23
C VAL E 364 29.76 10.66 40.24
N VAL E 365 28.75 10.87 39.39
CA VAL E 365 28.01 12.15 39.32
C VAL E 365 26.60 11.99 39.86
N LYS E 366 26.26 12.77 40.87
CA LYS E 366 24.89 12.75 41.31
C LYS E 366 24.16 13.90 40.61
N ILE E 367 22.98 13.64 40.04
CA ILE E 367 22.10 14.71 39.58
C ILE E 367 20.83 14.66 40.40
N GLN E 368 20.55 15.73 41.13
CA GLN E 368 19.33 15.81 41.92
C GLN E 368 18.62 17.16 41.76
N ASP E 369 17.32 17.14 41.43
CA ASP E 369 16.52 18.36 41.42
C ASP E 369 15.06 18.05 41.20
N ALA E 370 14.19 18.93 41.72
CA ALA E 370 12.75 18.77 41.58
C ALA E 370 12.36 18.94 40.11
N ARG E 371 13.17 19.66 39.36
CA ARG E 371 12.90 19.86 37.95
C ARG E 371 12.95 18.54 37.18
N TRP E 372 13.85 17.64 37.55
CA TRP E 372 13.92 16.35 36.91
C TRP E 372 12.60 15.64 37.06
N ASP E 373 11.97 15.77 38.22
CA ASP E 373 10.66 15.17 38.38
C ASP E 373 9.59 16.06 37.76
N ILE E 374 9.71 17.37 37.93
CA ILE E 374 8.70 18.32 37.46
C ILE E 374 8.55 18.28 35.95
N GLU E 375 9.65 17.97 35.26
CA GLU E 375 9.69 17.82 33.82
C GLU E 375 9.53 16.35 33.42
N ARG E 376 8.80 15.62 34.23
CA ARG E 376 8.43 14.26 33.90
C ARG E 376 9.58 13.37 33.38
N LEU E 377 10.82 13.80 33.58
CA LEU E 377 11.93 12.92 33.24
C LEU E 377 12.09 11.70 34.18
N SER E 378 11.41 11.73 35.32
CA SER E 378 11.35 10.56 36.19
C SER E 378 10.33 9.50 35.67
N ASP E 379 9.53 9.88 34.69
CA ASP E 379 8.61 8.97 34.02
C ASP E 379 9.33 8.22 32.93
N LEU E 380 10.65 8.11 33.07
CA LEU E 380 11.47 7.32 32.16
C LEU E 380 11.23 5.82 32.43
N ALA E 381 10.62 5.56 33.60
CA ALA E 381 10.29 4.21 34.04
C ALA E 381 9.14 3.64 33.23
N TYR E 382 8.32 4.54 32.69
CA TYR E 382 7.22 4.24 31.80
C TYR E 382 7.64 3.91 30.35
N ASP E 383 8.83 4.33 29.95
CA ASP E 383 9.31 4.20 28.56
C ASP E 383 9.80 2.82 28.19
N THR E 384 9.71 2.55 26.89
CA THR E 384 10.12 1.28 26.29
C THR E 384 11.62 1.23 26.04
N ASP E 385 12.32 2.27 26.52
CA ASP E 385 13.77 2.31 26.43
C ASP E 385 14.33 3.10 27.60
N SER E 386 14.70 2.38 28.66
CA SER E 386 15.19 2.97 29.91
C SER E 386 16.64 3.42 29.72
N GLN E 387 16.77 4.61 29.14
CA GLN E 387 18.04 5.05 28.62
C GLN E 387 18.15 6.57 28.73
N ILE E 388 19.34 7.05 29.04
CA ILE E 388 19.55 8.45 29.23
C ILE E 388 20.28 9.05 28.04
N GLY E 389 20.13 10.35 27.83
CA GLY E 389 20.89 11.08 26.79
C GLY E 389 21.29 12.51 27.20
N GLY E 390 22.27 13.09 26.53
CA GLY E 390 22.63 14.50 26.80
C GLY E 390 24.10 14.92 26.74
N LEU E 391 24.32 16.21 27.05
CA LEU E 391 25.64 16.75 26.92
C LEU E 391 26.20 17.00 28.29
N LEU E 392 27.52 16.74 28.43
CA LEU E 392 28.33 17.15 29.58
C LEU E 392 29.29 18.32 29.30
N PHE E 393 29.34 19.26 30.25
CA PHE E 393 30.12 20.48 30.10
C PHE E 393 31.30 20.64 31.07
N PHE E 394 32.49 20.45 30.52
CA PHE E 394 33.71 20.52 31.30
C PHE E 394 34.32 21.85 31.05
N PHE E 395 34.87 22.46 32.12
CA PHE E 395 35.52 23.76 32.03
C PHE E 395 36.95 23.72 32.51
N SER E 396 37.76 24.60 31.96
CA SER E 396 39.14 24.75 32.36
C SER E 396 39.24 25.74 33.53
N PRO E 397 40.47 25.99 34.07
CA PRO E 397 40.78 27.07 34.99
C PRO E 397 40.11 28.39 34.57
N ASP E 398 40.47 28.86 33.39
CA ASP E 398 39.81 29.99 32.75
C ASP E 398 38.41 29.55 32.28
N GLY E 399 37.76 30.41 31.51
CA GLY E 399 36.43 30.06 30.95
C GLY E 399 36.24 28.78 30.14
N LYS E 400 37.12 28.55 29.15
CA LYS E 400 37.03 27.49 28.12
C LYS E 400 36.17 26.30 28.45
N ARG E 401 35.13 26.11 27.63
CA ARG E 401 34.17 25.03 27.83
C ARG E 401 34.50 23.92 26.85
N TYR E 402 34.50 22.68 27.35
CA TYR E 402 34.63 21.50 26.52
C TYR E 402 33.45 20.56 26.75
N ALA E 403 32.82 20.16 25.63
CA ALA E 403 31.51 19.45 25.58
C ALA E 403 31.69 17.99 25.21
N SER E 404 31.09 17.08 25.95
CA SER E 404 31.09 15.71 25.45
C SER E 404 29.71 15.11 25.60
N GLU E 405 29.37 14.15 24.75
CA GLU E 405 28.02 13.56 24.77
C GLU E 405 27.94 12.37 25.70
N ILE E 406 26.87 12.29 26.47
CA ILE E 406 26.72 11.19 27.39
C ILE E 406 25.42 10.43 27.09
N GLY E 407 25.45 9.10 27.16
CA GLY E 407 24.23 8.32 26.90
C GLY E 407 24.26 6.84 27.20
N GLY E 408 23.08 6.25 27.30
CA GLY E 408 23.01 4.84 27.61
C GLY E 408 22.15 4.45 28.80
N PRO E 409 22.04 3.13 29.02
CA PRO E 409 21.06 2.50 29.91
C PRO E 409 21.21 2.89 31.38
N VAL E 410 20.14 3.39 31.97
CA VAL E 410 20.15 3.65 33.42
C VAL E 410 19.04 2.82 34.03
N ILE E 411 19.25 2.33 35.25
CA ILE E 411 18.32 1.39 35.91
C ILE E 411 17.48 2.11 36.96
N PRO E 412 16.24 1.68 37.14
CA PRO E 412 15.48 2.36 38.17
C PRO E 412 15.65 1.71 39.55
N LYS E 413 15.61 2.52 40.59
CA LYS E 413 15.57 2.03 41.93
C LYS E 413 14.13 2.26 42.33
N PHE E 414 13.42 1.19 42.63
CA PHE E 414 12.04 1.34 43.00
C PHE E 414 11.86 1.61 44.49
N VAL E 415 11.67 2.88 44.84
CA VAL E 415 11.59 3.29 46.25
C VAL E 415 10.15 3.45 46.73
N ALA E 416 9.95 3.20 48.02
CA ALA E 416 8.67 3.51 48.67
C ALA E 416 8.48 5.03 48.81
N GLY E 417 7.33 5.48 49.32
CA GLY E 417 7.05 6.90 49.49
C GLY E 417 6.29 7.41 48.29
N ASP E 418 4.98 7.62 48.46
CA ASP E 418 4.09 8.10 47.39
C ASP E 418 3.74 9.57 47.58
N UNK F 1 9.82 -48.28 12.54
CA UNK F 1 11.31 -48.25 12.62
C UNK F 1 11.97 -48.19 11.21
N UNK F 2 11.50 -49.02 10.28
CA UNK F 2 11.94 -48.97 8.88
C UNK F 2 11.25 -47.78 8.22
N UNK F 3 10.06 -47.46 8.76
CA UNK F 3 9.24 -46.26 8.47
C UNK F 3 9.05 -45.82 7.00
N UNK F 4 10.00 -46.22 6.13
CA UNK F 4 9.80 -46.32 4.66
C UNK F 4 8.58 -47.24 4.42
N UNK F 5 8.08 -47.71 5.58
CA UNK F 5 6.82 -48.43 5.84
C UNK F 5 5.87 -47.59 6.73
N UNK F 6 6.00 -47.61 8.07
CA UNK F 6 4.96 -46.98 8.94
C UNK F 6 4.54 -45.61 8.36
N UNK F 7 3.42 -45.03 8.83
CA UNK F 7 2.74 -43.85 8.17
C UNK F 7 2.45 -44.17 6.71
N UNK F 8 3.42 -44.00 5.80
CA UNK F 8 3.24 -44.31 4.37
C UNK F 8 2.52 -45.64 4.15
N UNK F 9 2.58 -46.53 5.14
CA UNK F 9 1.83 -47.78 5.09
C UNK F 9 0.99 -48.01 6.35
N UNK F 10 0.95 -47.05 7.27
CA UNK F 10 -0.18 -46.99 8.23
C UNK F 10 -1.39 -46.34 7.55
N UNK F 11 -1.12 -45.79 6.35
CA UNK F 11 -2.15 -45.26 5.43
C UNK F 11 -2.92 -46.35 4.64
N UNK F 12 -2.29 -47.06 3.67
CA UNK F 12 -3.02 -48.15 2.96
C UNK F 12 -3.72 -49.09 3.98
N UNK F 13 -3.29 -49.01 5.25
CA UNK F 13 -3.97 -49.69 6.36
C UNK F 13 -5.25 -49.01 6.79
N UNK F 14 -5.18 -47.73 7.16
CA UNK F 14 -6.38 -46.92 7.55
C UNK F 14 -7.50 -46.86 6.46
N UNK F 15 -7.09 -46.89 5.18
CA UNK F 15 -8.04 -47.04 4.06
C UNK F 15 -8.63 -48.50 3.91
N UNK F 16 -7.79 -49.55 4.14
CA UNK F 16 -8.26 -50.96 4.00
C UNK F 16 -9.19 -51.31 5.14
N UNK F 17 -8.74 -51.09 6.40
CA UNK F 17 -9.59 -51.33 7.61
C UNK F 17 -10.89 -50.53 7.50
N UNK F 18 -10.95 -49.67 6.47
CA UNK F 18 -12.01 -48.66 6.29
C UNK F 18 -13.04 -49.06 5.23
N UNK F 19 -12.56 -49.30 4.00
CA UNK F 19 -13.37 -49.86 2.91
C UNK F 19 -14.12 -51.12 3.38
N UNK F 20 -13.38 -52.03 4.08
CA UNK F 20 -13.92 -53.26 4.64
C UNK F 20 -14.99 -52.91 5.69
N UNK F 21 -14.59 -52.28 6.81
CA UNK F 21 -15.50 -51.95 7.94
C UNK F 21 -16.74 -51.17 7.50
N UNK F 22 -16.50 -50.06 6.76
CA UNK F 22 -17.57 -49.12 6.38
C UNK F 22 -18.52 -49.74 5.34
N UNK F 23 -17.99 -50.32 4.25
CA UNK F 23 -18.82 -50.88 3.15
C UNK F 23 -19.83 -51.98 3.56
N UNK F 24 -19.73 -52.52 4.80
CA UNK F 24 -20.85 -53.23 5.47
C UNK F 24 -21.84 -52.14 5.96
N UNK F 25 -22.12 -52.04 7.27
CA UNK F 25 -22.79 -50.81 7.81
C UNK F 25 -22.01 -50.11 8.97
N HIS G 29 16.24 13.65 -26.70
CA HIS G 29 16.27 14.91 -27.50
C HIS G 29 15.31 15.95 -26.90
N GLY G 30 14.45 15.48 -26.01
CA GLY G 30 13.47 16.34 -25.32
C GLY G 30 14.00 17.13 -24.14
N GLU G 31 15.31 17.12 -23.96
CA GLU G 31 15.94 17.72 -22.79
C GLU G 31 15.40 19.13 -22.60
N LYS G 32 15.16 19.84 -23.71
CA LYS G 32 14.64 21.21 -23.68
C LYS G 32 13.44 21.39 -22.73
N SER G 33 12.55 20.40 -22.72
CA SER G 33 11.30 20.49 -21.98
C SER G 33 11.43 20.19 -20.49
N GLN G 34 12.49 19.47 -20.08
CA GLN G 34 12.67 19.08 -18.67
C GLN G 34 12.80 20.32 -17.83
N GLN G 35 12.53 20.17 -16.55
CA GLN G 35 12.62 21.30 -15.66
C GLN G 35 14.06 21.83 -15.58
N ALA G 36 14.21 23.11 -15.93
CA ALA G 36 15.50 23.79 -15.93
C ALA G 36 16.37 23.50 -14.69
N PHE G 37 15.92 23.97 -13.53
CA PHE G 37 16.66 23.84 -12.28
C PHE G 37 17.16 22.40 -12.04
N LEU G 38 16.33 21.40 -12.35
CA LEU G 38 16.74 20.02 -12.14
C LEU G 38 17.89 19.61 -13.06
N ARG G 39 17.86 20.07 -14.30
CA ARG G 39 18.88 19.69 -15.24
C ARG G 39 20.22 20.22 -14.76
N MET G 40 20.19 21.43 -14.22
CA MET G 40 21.42 22.10 -13.78
C MET G 40 21.98 21.55 -12.49
N ARG G 41 21.12 21.12 -11.55
CA ARG G 41 21.54 20.74 -10.18
C ARG G 41 21.55 19.25 -9.91
N THR G 42 21.68 18.44 -10.96
CA THR G 42 21.83 17.00 -10.74
C THR G 42 23.15 16.48 -11.26
N LEU G 43 23.19 16.15 -12.55
CA LEU G 43 24.44 15.78 -13.23
C LEU G 43 25.14 16.94 -14.01
N ASN G 44 26.41 17.16 -13.64
CA ASN G 44 27.26 18.15 -14.29
C ASN G 44 28.24 17.45 -15.23
N TRP G 45 27.97 17.65 -16.52
CA TRP G 45 28.58 16.92 -17.62
C TRP G 45 29.74 17.70 -18.20
N TYR G 46 30.86 17.01 -18.42
CA TYR G 46 32.02 17.68 -19.06
C TYR G 46 32.88 16.75 -19.91
N ASP G 47 33.66 17.35 -20.83
CA ASP G 47 34.61 16.65 -21.70
C ASP G 47 33.93 15.54 -22.44
N VAL G 48 32.78 15.84 -23.03
CA VAL G 48 32.09 14.84 -23.81
C VAL G 48 32.65 14.78 -25.27
N GLN G 49 33.03 13.57 -25.69
CA GLN G 49 33.70 13.39 -26.95
C GLN G 49 33.12 12.26 -27.74
N TRP G 50 33.00 12.48 -29.04
CA TRP G 50 32.59 11.41 -29.94
C TRP G 50 33.73 11.07 -30.89
N SER G 51 34.34 9.91 -30.63
CA SER G 51 35.30 9.28 -31.51
C SER G 51 35.17 9.75 -32.96
N LYS G 52 34.04 9.49 -33.61
CA LYS G 52 33.84 9.81 -35.03
C LYS G 52 32.45 10.34 -35.27
N THR G 53 32.29 11.49 -35.92
CA THR G 53 30.92 11.89 -36.29
C THR G 53 30.46 11.39 -37.66
N THR G 54 31.02 10.25 -38.08
CA THR G 54 30.53 9.49 -39.23
C THR G 54 30.88 8.03 -39.04
N VAL G 55 29.95 7.14 -39.38
CA VAL G 55 30.30 5.73 -39.42
C VAL G 55 29.65 4.96 -40.56
N ASN G 56 30.30 3.87 -40.93
CA ASN G 56 29.72 2.86 -41.79
C ASN G 56 28.95 1.91 -40.89
N VAL G 57 27.92 1.29 -41.46
CA VAL G 57 27.31 0.15 -40.83
C VAL G 57 28.41 -0.85 -40.39
N ASN G 58 28.34 -1.31 -39.14
CA ASN G 58 29.38 -2.14 -38.50
C ASN G 58 30.65 -1.39 -38.05
N GLU G 59 30.77 -0.11 -38.43
CA GLU G 59 31.91 0.69 -38.00
C GLU G 59 31.66 1.24 -36.59
N GLU G 60 32.74 1.23 -35.77
CA GLU G 60 32.70 1.13 -34.29
C GLU G 60 33.00 2.39 -33.44
N MET G 61 32.38 3.53 -33.75
CA MET G 61 32.55 4.77 -32.95
C MET G 61 32.45 4.61 -31.39
N VAL G 62 33.00 5.56 -30.63
CA VAL G 62 32.83 5.60 -29.15
C VAL G 62 32.54 6.98 -28.53
N LEU G 63 31.50 7.00 -27.68
CA LEU G 63 31.09 8.19 -26.94
C LEU G 63 31.50 8.09 -25.46
N SER G 64 32.22 9.10 -24.99
CA SER G 64 32.81 9.10 -23.65
C SER G 64 32.75 10.50 -23.03
N GLY G 65 33.02 10.55 -21.74
CA GLY G 65 33.04 11.81 -21.04
C GLY G 65 33.18 11.62 -19.54
N LYS G 66 32.84 12.69 -18.83
CA LYS G 66 32.90 12.68 -17.40
C LYS G 66 31.71 13.50 -16.89
N VAL G 67 31.32 13.13 -15.66
CA VAL G 67 30.17 13.70 -14.99
C VAL G 67 30.40 13.90 -13.52
N HIS G 68 30.01 15.08 -13.01
CA HIS G 68 30.08 15.41 -11.59
C HIS G 68 28.71 15.47 -10.96
N VAL G 69 28.54 14.62 -9.93
CA VAL G 69 27.27 14.43 -9.22
C VAL G 69 27.07 15.57 -8.26
N PHE G 70 26.36 16.60 -8.71
CA PHE G 70 26.13 17.80 -7.94
C PHE G 70 25.92 17.49 -6.46
N SER G 71 26.37 18.41 -5.61
CA SER G 71 26.40 18.16 -4.18
C SER G 71 25.07 18.31 -3.44
N ALA G 72 24.23 19.26 -3.88
CA ALA G 72 22.99 19.60 -3.17
C ALA G 72 21.76 18.96 -3.84
N TRP G 73 21.87 17.65 -4.05
CA TRP G 73 20.96 16.89 -4.89
C TRP G 73 19.53 17.18 -4.53
N PRO G 74 18.71 17.55 -5.51
CA PRO G 74 17.35 18.03 -5.26
C PRO G 74 16.43 16.98 -4.65
N GLN G 75 15.41 17.45 -3.94
CA GLN G 75 14.39 16.58 -3.30
C GLN G 75 13.63 15.77 -4.33
N ALA G 76 13.12 16.50 -5.32
CA ALA G 76 12.41 15.93 -6.45
C ALA G 76 12.96 14.60 -7.02
N VAL G 77 14.26 14.40 -6.91
CA VAL G 77 14.90 13.29 -7.58
C VAL G 77 15.48 12.32 -6.56
N ALA G 78 15.21 11.03 -6.81
CA ALA G 78 15.80 9.95 -6.03
C ALA G 78 17.28 10.22 -5.88
N ASN G 79 17.82 9.91 -4.73
CA ASN G 79 19.23 9.71 -4.57
C ASN G 79 19.73 8.75 -5.66
N PRO G 80 20.89 9.07 -6.30
CA PRO G 80 21.44 8.31 -7.43
C PRO G 80 22.25 7.06 -7.05
N ARG G 81 22.06 6.63 -5.80
CA ARG G 81 22.43 5.32 -5.31
C ARG G 81 22.15 4.19 -6.31
N VAL G 82 21.12 4.35 -7.15
CA VAL G 82 20.80 3.42 -8.26
C VAL G 82 20.58 4.17 -9.58
N SER G 83 21.49 3.99 -10.53
CA SER G 83 21.46 4.70 -11.79
C SER G 83 21.90 3.77 -12.90
N PHE G 84 21.73 4.24 -14.14
CA PHE G 84 22.09 3.45 -15.33
C PHE G 84 22.52 4.34 -16.50
N LEU G 85 23.70 4.01 -17.05
CA LEU G 85 24.34 4.80 -18.11
C LEU G 85 23.82 4.35 -19.45
N ASN G 86 23.57 5.30 -20.34
CA ASN G 86 22.88 4.99 -21.57
C ASN G 86 23.26 5.91 -22.73
N ALA G 87 23.15 5.39 -23.96
CA ALA G 87 23.26 6.20 -25.16
C ALA G 87 21.89 6.76 -25.54
N GLY G 88 21.74 8.07 -25.48
CA GLY G 88 20.45 8.67 -25.80
C GLY G 88 20.29 8.76 -27.29
N GLU G 89 19.56 7.81 -27.87
CA GLU G 89 19.40 7.70 -29.35
C GLU G 89 18.10 7.02 -29.71
N PRO G 90 17.46 7.46 -30.81
CA PRO G 90 16.16 6.96 -31.30
C PRO G 90 16.14 5.47 -31.70
N GLY G 91 16.19 4.60 -30.69
CA GLY G 91 16.21 3.18 -30.93
C GLY G 91 17.60 2.75 -31.31
N PRO G 92 17.76 1.47 -31.68
CA PRO G 92 19.06 0.92 -32.00
C PRO G 92 19.51 1.35 -33.39
N VAL G 93 19.77 2.64 -33.55
CA VAL G 93 20.48 3.12 -34.73
C VAL G 93 21.98 2.78 -34.62
N LEU G 94 22.48 2.65 -33.39
CA LEU G 94 23.73 1.96 -33.11
C LEU G 94 23.51 0.91 -32.07
N VAL G 95 23.97 -0.28 -32.33
CA VAL G 95 24.11 -1.23 -31.25
C VAL G 95 25.17 -0.71 -30.29
N ARG G 96 24.97 -0.96 -29.00
CA ARG G 96 25.99 -0.72 -28.02
C ARG G 96 26.76 -2.02 -27.81
N THR G 97 28.07 -1.93 -27.87
CA THR G 97 28.89 -3.12 -27.78
C THR G 97 29.34 -3.31 -26.35
N ALA G 98 29.64 -2.20 -25.67
CA ALA G 98 29.85 -2.18 -24.21
C ALA G 98 29.78 -0.75 -23.69
N GLN G 99 29.81 -0.61 -22.37
CA GLN G 99 29.92 0.69 -21.73
C GLN G 99 30.53 0.55 -20.34
N PHE G 100 31.16 1.63 -19.90
CA PHE G 100 31.84 1.64 -18.61
C PHE G 100 31.67 2.99 -17.94
N ILE G 101 31.61 2.95 -16.62
CA ILE G 101 31.55 4.15 -15.80
C ILE G 101 32.24 3.79 -14.49
N GLY G 102 32.85 4.81 -13.86
CA GLY G 102 33.58 4.66 -12.59
C GLY G 102 34.57 3.51 -12.65
N GLU G 103 35.08 3.27 -13.86
CA GLU G 103 36.08 2.25 -14.08
C GLU G 103 35.49 0.87 -13.97
N GLN G 104 34.19 0.78 -14.25
CA GLN G 104 33.54 -0.52 -14.33
C GLN G 104 32.73 -0.73 -15.61
N PHE G 105 32.75 -1.97 -16.09
CA PHE G 105 31.86 -2.41 -17.15
C PHE G 105 30.47 -2.40 -16.57
N ALA G 106 29.60 -1.56 -17.13
CA ALA G 106 28.31 -1.29 -16.48
C ALA G 106 27.10 -1.60 -17.34
N PRO G 107 26.83 -2.88 -17.60
CA PRO G 107 25.61 -3.21 -18.31
C PRO G 107 24.40 -3.36 -17.38
N ARG G 108 24.62 -3.09 -16.10
CA ARG G 108 23.60 -3.20 -15.05
C ARG G 108 23.67 -1.95 -14.19
N SER G 109 22.78 -1.85 -13.19
CA SER G 109 22.67 -0.62 -12.42
C SER G 109 23.85 -0.40 -11.49
N VAL G 110 24.17 0.88 -11.25
CA VAL G 110 25.39 1.28 -10.51
C VAL G 110 25.14 2.45 -9.57
N SER G 111 25.90 2.55 -8.48
CA SER G 111 25.72 3.68 -7.55
C SER G 111 26.58 4.90 -7.95
N LEU G 112 25.95 6.07 -7.95
CA LEU G 112 26.74 7.30 -8.03
C LEU G 112 26.63 8.03 -6.71
N GLU G 113 27.77 8.53 -6.20
CA GLU G 113 27.77 9.21 -4.93
C GLU G 113 27.76 10.70 -5.13
N ILE G 114 26.95 11.36 -4.32
CA ILE G 114 26.73 12.81 -4.36
C ILE G 114 28.02 13.55 -4.03
N GLY G 115 28.45 14.38 -4.96
CA GLY G 115 29.68 15.13 -4.77
C GLY G 115 30.81 14.64 -5.62
N LYS G 116 30.76 13.38 -6.07
CA LYS G 116 31.88 12.82 -6.82
C LYS G 116 31.77 12.99 -8.32
N ASP G 117 32.89 12.85 -9.03
CA ASP G 117 32.86 12.77 -10.48
C ASP G 117 33.16 11.36 -10.91
N TYR G 118 32.57 10.97 -12.04
CA TYR G 118 32.80 9.67 -12.63
C TYR G 118 33.08 9.89 -14.10
N ALA G 119 33.97 9.08 -14.66
CA ALA G 119 34.08 9.06 -16.12
C ALA G 119 33.50 7.77 -16.72
N PHE G 120 32.96 7.93 -17.90
CA PHE G 120 32.26 6.85 -18.58
C PHE G 120 32.59 6.84 -20.08
N SER G 121 32.16 5.78 -20.75
CA SER G 121 32.27 5.71 -22.18
C SER G 121 31.43 4.55 -22.71
N ILE G 122 30.89 4.74 -23.91
CA ILE G 122 29.99 3.78 -24.56
C ILE G 122 30.45 3.45 -25.98
N ASN G 123 30.70 2.17 -26.19
CA ASN G 123 31.18 1.68 -27.47
C ASN G 123 30.00 1.35 -28.40
N LEU G 124 29.86 2.16 -29.46
CA LEU G 124 28.68 2.12 -30.31
C LEU G 124 28.94 1.73 -31.75
N ARG G 125 28.47 0.56 -32.16
CA ARG G 125 28.61 0.10 -33.56
C ARG G 125 27.46 0.55 -34.49
N GLY G 126 27.78 1.32 -35.53
CA GLY G 126 26.78 1.80 -36.51
C GLY G 126 25.87 0.67 -36.95
N ARG G 127 24.61 0.98 -37.24
CA ARG G 127 23.62 -0.06 -37.61
C ARG G 127 22.59 0.41 -38.60
N ARG G 128 22.13 1.63 -38.47
CA ARG G 128 21.05 2.11 -39.32
C ARG G 128 21.37 3.41 -40.02
N ALA G 129 21.30 3.38 -41.34
CA ALA G 129 21.67 4.54 -42.15
C ALA G 129 20.84 5.82 -41.88
N GLY G 130 21.51 6.87 -41.43
CA GLY G 130 20.87 8.17 -41.31
C GLY G 130 21.75 9.19 -40.60
N ARG G 131 21.08 10.23 -40.13
CA ARG G 131 21.72 11.30 -39.35
C ARG G 131 21.00 11.45 -37.98
N TRP G 132 21.53 10.75 -36.99
CA TRP G 132 20.99 10.73 -35.63
C TRP G 132 21.78 11.62 -34.66
N HIS G 133 21.11 12.14 -33.64
CA HIS G 133 21.73 13.04 -32.66
C HIS G 133 21.95 12.39 -31.29
N VAL G 134 23.02 11.61 -31.21
CA VAL G 134 23.28 10.70 -30.11
C VAL G 134 23.80 11.38 -28.80
N HIS G 135 23.20 11.01 -27.65
CA HIS G 135 23.54 11.63 -26.35
C HIS G 135 24.18 10.73 -25.34
N ALA G 136 24.95 11.37 -24.46
CA ALA G 136 25.30 10.82 -23.15
C ALA G 136 24.09 10.90 -22.21
N GLN G 137 23.83 9.81 -21.46
CA GLN G 137 22.60 9.76 -20.66
C GLN G 137 22.73 8.88 -19.45
N ILE G 138 22.22 9.39 -18.32
CA ILE G 138 22.10 8.61 -17.11
C ILE G 138 20.72 8.75 -16.50
N ASN G 139 20.17 7.61 -16.05
CA ASN G 139 18.89 7.61 -15.35
C ASN G 139 19.01 7.23 -13.90
N VAL G 140 18.24 7.93 -13.07
CA VAL G 140 18.26 7.66 -11.64
C VAL G 140 16.98 6.90 -11.21
N GLU G 141 17.18 5.88 -10.36
CA GLU G 141 16.16 4.98 -9.82
C GLU G 141 14.81 5.60 -9.83
N GLY G 142 14.54 6.49 -8.91
CA GLY G 142 13.20 7.05 -8.82
C GLY G 142 13.29 8.49 -9.22
N GLY G 143 13.94 8.74 -10.33
CA GLY G 143 14.18 10.11 -10.69
C GLY G 143 13.76 10.31 -12.10
N GLY G 144 14.28 9.45 -12.97
CA GLY G 144 14.01 9.59 -14.38
C GLY G 144 15.31 9.79 -15.11
N PRO G 145 15.21 10.20 -16.39
CA PRO G 145 16.34 10.34 -17.28
C PRO G 145 16.98 11.71 -17.15
N ILE G 146 18.31 11.72 -17.11
CA ILE G 146 19.06 12.95 -17.24
C ILE G 146 19.94 12.84 -18.52
N ILE G 147 19.66 13.75 -19.45
CA ILE G 147 20.26 13.73 -20.77
C ILE G 147 21.53 14.58 -20.79
N GLY G 148 22.62 14.02 -21.28
CA GLY G 148 23.84 14.80 -21.37
C GLY G 148 23.89 15.64 -22.64
N PRO G 149 25.10 15.91 -23.14
CA PRO G 149 25.16 16.49 -24.47
C PRO G 149 24.91 15.44 -25.60
N GLY G 150 24.69 15.95 -26.80
CA GLY G 150 24.47 15.11 -27.95
C GLY G 150 25.07 15.70 -29.19
N GLN G 151 25.62 14.80 -30.02
CA GLN G 151 26.19 15.14 -31.33
C GLN G 151 25.55 14.32 -32.45
N TRP G 152 25.27 14.97 -33.57
CA TRP G 152 24.81 14.28 -34.76
C TRP G 152 25.86 13.31 -35.26
N ILE G 153 25.44 12.13 -35.66
CA ILE G 153 26.39 11.10 -36.06
C ILE G 153 25.90 10.44 -37.33
N GLU G 154 26.40 10.92 -38.47
CA GLU G 154 26.05 10.41 -39.79
C GLU G 154 26.49 8.95 -39.98
N ILE G 155 25.51 8.07 -40.17
CA ILE G 155 25.83 6.67 -40.48
C ILE G 155 25.55 6.43 -41.95
N LYS G 156 26.38 5.60 -42.57
CA LYS G 156 26.09 5.17 -43.92
C LYS G 156 26.37 3.67 -44.09
N GLY G 157 25.73 3.12 -45.11
CA GLY G 157 25.72 1.71 -45.43
C GLY G 157 24.29 1.24 -45.68
N ASP G 158 24.12 -0.07 -45.75
CA ASP G 158 22.82 -0.72 -45.83
C ASP G 158 22.60 -1.52 -44.55
N MET G 159 21.43 -1.36 -43.94
CA MET G 159 21.11 -2.06 -42.68
C MET G 159 21.26 -3.57 -42.86
N LYS G 160 20.85 -4.07 -44.03
CA LYS G 160 21.01 -5.48 -44.41
C LYS G 160 22.37 -6.08 -44.06
N ASP G 161 23.40 -5.24 -44.07
CA ASP G 161 24.79 -5.67 -43.88
C ASP G 161 25.21 -5.72 -42.41
N PHE G 162 24.51 -4.95 -41.57
CA PHE G 162 24.78 -5.01 -40.17
C PHE G 162 24.81 -6.46 -39.61
N THR G 163 25.86 -6.75 -38.86
CA THR G 163 25.89 -7.96 -38.06
C THR G 163 26.29 -7.56 -36.64
N ASP G 164 26.42 -8.55 -35.75
CA ASP G 164 27.11 -8.27 -34.50
C ASP G 164 28.60 -8.56 -34.56
N PRO G 165 29.03 -9.81 -34.29
CA PRO G 165 28.32 -10.91 -33.69
C PRO G 165 28.80 -10.96 -32.25
N VAL G 166 28.95 -12.17 -31.71
CA VAL G 166 29.14 -12.39 -30.28
C VAL G 166 29.63 -13.82 -30.08
N THR G 167 30.42 -14.03 -29.05
CA THR G 167 30.94 -15.36 -28.82
C THR G 167 30.49 -16.01 -27.52
N LEU G 168 29.91 -17.20 -27.62
CA LEU G 168 29.48 -17.97 -26.45
C LEU G 168 30.68 -18.51 -25.67
N LEU G 169 30.39 -19.09 -24.51
CA LEU G 169 31.41 -19.75 -23.68
C LEU G 169 31.89 -21.05 -24.30
N ASP G 170 31.02 -21.71 -25.05
CA ASP G 170 31.39 -22.93 -25.76
C ASP G 170 32.34 -22.62 -26.93
N GLY G 171 32.52 -21.33 -27.23
CA GLY G 171 33.51 -20.89 -28.22
C GLY G 171 32.92 -20.41 -29.53
N SER G 172 31.71 -20.87 -29.85
CA SER G 172 31.06 -20.57 -31.13
C SER G 172 30.62 -19.12 -31.30
N THR G 173 30.40 -18.70 -32.53
CA THR G 173 29.90 -17.36 -32.79
C THR G 173 28.42 -17.38 -33.17
N VAL G 174 27.70 -16.30 -32.86
CA VAL G 174 26.34 -16.05 -33.37
C VAL G 174 26.14 -14.59 -33.80
N ASP G 175 25.52 -14.36 -34.95
CA ASP G 175 25.18 -12.98 -35.33
C ASP G 175 23.94 -12.60 -34.53
N LEU G 176 24.03 -11.61 -33.65
CA LEU G 176 22.86 -11.34 -32.79
C LEU G 176 21.69 -10.80 -33.54
N GLU G 177 21.97 -9.89 -34.49
CA GLU G 177 20.94 -9.30 -35.29
C GLU G 177 19.88 -10.30 -35.73
N HIS G 178 20.27 -11.56 -35.87
CA HIS G 178 19.40 -12.64 -36.37
C HIS G 178 19.25 -13.82 -35.43
N TYR G 179 20.21 -14.04 -34.54
CA TYR G 179 20.22 -15.30 -33.80
C TYR G 179 18.99 -15.53 -32.99
N GLY G 180 18.40 -16.70 -33.15
CA GLY G 180 17.28 -17.17 -32.32
C GLY G 180 15.92 -17.05 -32.97
N ILE G 181 15.75 -15.99 -33.76
CA ILE G 181 14.48 -15.59 -34.37
C ILE G 181 13.83 -16.67 -35.27
N SER G 182 14.66 -17.51 -35.83
CA SER G 182 14.22 -18.69 -36.52
C SER G 182 13.43 -19.54 -35.52
N ARG G 183 14.15 -20.09 -34.54
CA ARG G 183 13.63 -21.05 -33.56
C ARG G 183 12.33 -20.60 -32.87
N VAL G 184 12.25 -19.30 -32.63
CA VAL G 184 11.06 -18.64 -32.06
C VAL G 184 9.85 -18.89 -32.96
N TYR G 185 9.82 -18.25 -34.14
CA TYR G 185 8.79 -18.48 -35.15
C TYR G 185 8.42 -19.95 -35.35
N ALA G 186 9.46 -20.80 -35.38
CA ALA G 186 9.34 -22.26 -35.42
C ALA G 186 8.36 -22.76 -34.39
N TRP G 187 8.42 -22.20 -33.18
CA TRP G 187 7.56 -22.66 -32.11
C TRP G 187 6.29 -21.85 -31.97
N HIS G 188 6.31 -20.60 -32.38
CA HIS G 188 5.15 -19.74 -32.16
C HIS G 188 4.05 -19.99 -33.19
N LEU G 189 4.40 -19.94 -34.47
CA LEU G 189 3.39 -19.99 -35.54
C LEU G 189 2.63 -21.33 -35.67
N PRO G 190 3.33 -22.50 -35.56
CA PRO G 190 2.66 -23.80 -35.43
C PRO G 190 1.53 -23.79 -34.43
N TRP G 191 1.84 -23.33 -33.22
CA TRP G 191 0.83 -23.31 -32.17
C TRP G 191 -0.26 -22.32 -32.43
N MET G 192 0.06 -21.17 -33.02
CA MET G 192 -0.99 -20.23 -33.39
C MET G 192 -1.95 -20.87 -34.39
N ALA G 193 -1.39 -21.48 -35.45
CA ALA G 193 -2.18 -22.26 -36.40
C ALA G 193 -3.04 -23.31 -35.67
N VAL G 194 -2.41 -24.18 -34.85
CA VAL G 194 -3.17 -25.15 -34.07
C VAL G 194 -4.35 -24.48 -33.35
N GLY G 195 -4.09 -23.40 -32.60
CA GLY G 195 -5.14 -22.65 -31.93
C GLY G 195 -6.28 -22.35 -32.88
N ALA G 196 -5.93 -21.76 -34.04
CA ALA G 196 -6.89 -21.41 -35.09
C ALA G 196 -7.67 -22.64 -35.61
N ALA G 197 -6.99 -23.78 -35.72
CA ALA G 197 -7.69 -25.00 -36.13
C ALA G 197 -8.82 -25.27 -35.17
N TRP G 198 -8.47 -25.45 -33.90
CA TRP G 198 -9.42 -25.70 -32.83
C TRP G 198 -10.64 -24.83 -32.89
N ILE G 199 -10.44 -23.53 -33.10
CA ILE G 199 -11.58 -22.64 -33.24
C ILE G 199 -12.39 -23.02 -34.47
N PHE G 200 -11.77 -22.94 -35.66
CA PHE G 200 -12.49 -23.14 -36.93
C PHE G 200 -13.22 -24.48 -36.96
N PHE G 201 -12.63 -25.48 -36.29
CA PHE G 201 -13.23 -26.80 -36.14
C PHE G 201 -14.61 -26.69 -35.51
N TRP G 202 -14.65 -26.43 -34.22
CA TRP G 202 -15.93 -26.38 -33.54
C TRP G 202 -16.86 -25.37 -34.18
N PHE G 203 -16.32 -24.32 -34.79
CA PHE G 203 -17.18 -23.35 -35.42
C PHE G 203 -18.02 -23.96 -36.52
N VAL G 204 -17.31 -24.60 -37.43
CA VAL G 204 -17.94 -25.26 -38.56
C VAL G 204 -18.03 -26.76 -38.22
N ARG G 205 -19.08 -27.11 -37.48
CA ARG G 205 -19.24 -28.43 -36.86
C ARG G 205 -20.39 -28.31 -35.94
N LYS G 206 -20.71 -27.05 -35.61
CA LYS G 206 -21.91 -26.63 -34.89
C LYS G 206 -21.81 -25.13 -34.81
N GLY G 207 -22.57 -24.41 -35.63
CA GLY G 207 -22.44 -22.97 -35.73
C GLY G 207 -22.73 -22.21 -34.45
N ILE G 208 -22.64 -20.89 -34.52
CA ILE G 208 -23.02 -20.05 -33.39
C ILE G 208 -24.57 -20.16 -33.18
N ILE G 209 -25.34 -19.59 -34.11
CA ILE G 209 -26.80 -19.52 -34.07
C ILE G 209 -27.44 -20.86 -33.85
N THR G 210 -26.96 -21.88 -34.58
CA THR G 210 -27.37 -23.27 -34.37
C THR G 210 -27.25 -23.66 -32.89
N SER G 211 -26.03 -23.56 -32.37
CA SER G 211 -25.75 -24.05 -31.03
C SER G 211 -26.36 -23.15 -29.97
N TYR G 212 -26.51 -21.85 -30.29
CA TYR G 212 -27.19 -20.95 -29.39
C TYR G 212 -28.61 -21.43 -29.22
N ILE G 213 -29.23 -21.68 -30.35
CA ILE G 213 -30.63 -22.09 -30.42
C ILE G 213 -30.82 -23.42 -29.73
N ARG G 214 -29.96 -24.39 -30.05
CA ARG G 214 -30.01 -25.66 -29.35
C ARG G 214 -30.04 -25.46 -27.82
N VAL G 215 -29.02 -24.78 -27.31
CA VAL G 215 -28.84 -24.50 -25.89
C VAL G 215 -30.02 -23.70 -25.31
N ALA G 216 -30.46 -22.70 -26.07
CA ALA G 216 -31.61 -21.89 -25.72
C ALA G 216 -32.89 -22.72 -25.54
N GLU G 217 -33.11 -23.70 -26.41
CA GLU G 217 -34.17 -24.70 -26.20
C GLU G 217 -33.68 -25.61 -25.10
N GLY G 218 -34.35 -26.74 -24.93
CA GLY G 218 -33.90 -27.77 -24.01
C GLY G 218 -32.44 -28.09 -24.11
N LYS G 219 -31.93 -28.36 -25.31
CA LYS G 219 -30.59 -28.94 -25.41
C LYS G 219 -29.78 -28.34 -26.55
N ALA G 220 -28.50 -27.96 -26.34
CA ALA G 220 -27.56 -28.51 -25.34
C ALA G 220 -27.36 -30.01 -25.63
N ASP G 221 -26.40 -30.67 -25.00
CA ASP G 221 -26.20 -32.12 -25.21
C ASP G 221 -26.17 -32.63 -26.64
N ASP G 222 -26.98 -32.04 -27.50
CA ASP G 222 -26.88 -32.23 -28.93
C ASP G 222 -25.56 -31.59 -29.37
N VAL G 223 -25.27 -30.41 -28.79
CA VAL G 223 -24.09 -29.63 -29.17
C VAL G 223 -22.82 -30.35 -28.77
N ILE G 224 -22.78 -30.83 -27.52
CA ILE G 224 -21.63 -31.61 -27.04
C ILE G 224 -22.07 -33.04 -26.74
N GLY G 225 -21.72 -33.57 -25.57
CA GLY G 225 -21.68 -35.03 -25.40
C GLY G 225 -20.54 -35.65 -26.21
N ASP G 226 -19.85 -36.63 -25.61
CA ASP G 226 -18.86 -37.46 -26.32
C ASP G 226 -19.57 -38.01 -27.52
N ASP G 227 -18.86 -38.25 -28.62
CA ASP G 227 -17.42 -38.19 -28.69
C ASP G 227 -16.87 -36.84 -29.19
N ASP G 228 -17.57 -35.76 -28.88
CA ASP G 228 -16.94 -34.47 -28.96
C ASP G 228 -15.86 -34.47 -27.90
N ARG G 229 -16.17 -35.15 -26.80
CA ARG G 229 -15.25 -35.31 -25.68
C ARG G 229 -14.05 -36.20 -25.94
N ARG G 230 -14.20 -37.19 -26.82
CA ARG G 230 -13.06 -37.98 -27.26
C ARG G 230 -12.09 -37.13 -28.09
N ILE G 231 -12.60 -36.27 -28.98
CA ILE G 231 -11.78 -35.34 -29.74
C ILE G 231 -10.98 -34.53 -28.73
N GLY G 232 -11.70 -34.01 -27.75
CA GLY G 232 -11.09 -33.22 -26.68
C GLY G 232 -9.89 -33.94 -26.08
N ALA G 233 -10.17 -35.04 -25.38
CA ALA G 233 -9.13 -35.80 -24.68
C ALA G 233 -7.96 -36.17 -25.57
N ILE G 234 -8.23 -36.31 -26.85
CA ILE G 234 -7.17 -36.62 -27.78
C ILE G 234 -6.37 -35.34 -28.08
N VAL G 235 -7.05 -34.31 -28.61
CA VAL G 235 -6.35 -33.07 -28.92
C VAL G 235 -5.48 -32.67 -27.72
N LEU G 236 -6.01 -32.85 -26.51
CA LEU G 236 -5.23 -32.56 -25.31
C LEU G 236 -4.02 -33.49 -25.17
N ALA G 237 -4.22 -34.80 -25.32
CA ALA G 237 -3.10 -35.72 -25.20
C ALA G 237 -1.96 -35.36 -26.19
N LEU G 238 -2.31 -34.89 -27.39
CA LEU G 238 -1.30 -34.48 -28.39
C LEU G 238 -0.61 -33.19 -28.01
N THR G 239 -1.40 -32.24 -27.51
CA THR G 239 -0.87 -30.96 -27.00
C THR G 239 0.26 -31.18 -25.98
N ILE G 240 -0.06 -31.89 -24.89
CA ILE G 240 0.89 -32.25 -23.81
C ILE G 240 2.08 -33.00 -24.37
N LEU G 241 1.80 -33.96 -25.25
CA LEU G 241 2.85 -34.69 -25.92
C LEU G 241 3.78 -33.73 -26.65
N ALA G 242 3.18 -32.90 -27.52
CA ALA G 242 3.87 -31.85 -28.28
C ALA G 242 4.76 -30.98 -27.39
N THR G 243 4.31 -30.77 -26.16
CA THR G 243 5.02 -29.99 -25.17
C THR G 243 6.19 -30.76 -24.60
N ILE G 244 5.96 -31.99 -24.10
CA ILE G 244 7.05 -32.80 -23.53
C ILE G 244 8.19 -33.00 -24.55
N VAL G 245 7.79 -33.29 -25.79
CA VAL G 245 8.70 -33.33 -26.93
C VAL G 245 9.49 -32.02 -27.11
N GLY G 246 8.80 -30.95 -27.52
CA GLY G 246 9.44 -29.65 -27.73
C GLY G 246 10.37 -29.25 -26.60
N TYR G 247 9.99 -29.63 -25.38
CA TYR G 247 10.81 -29.37 -24.21
C TYR G 247 12.08 -30.18 -24.30
N ALA G 248 11.94 -31.50 -24.29
CA ALA G 248 13.12 -32.38 -24.27
C ALA G 248 14.12 -32.17 -25.42
N VAL G 249 13.62 -31.76 -26.60
CA VAL G 249 14.44 -31.37 -27.75
C VAL G 249 15.28 -30.12 -27.46
N THR G 250 14.57 -29.04 -27.10
CA THR G 250 15.19 -27.73 -26.79
C THR G 250 16.02 -27.78 -25.53
N ASN G 251 15.84 -28.85 -24.75
CA ASN G 251 16.67 -29.18 -23.61
C ASN G 251 17.95 -29.88 -24.04
N SER G 252 17.90 -30.53 -25.20
CA SER G 252 19.05 -31.22 -25.78
C SER G 252 19.95 -30.26 -26.51
N THR G 253 19.43 -29.58 -27.53
CA THR G 253 20.08 -28.35 -27.99
C THR G 253 20.15 -27.53 -26.73
N PHE G 254 21.19 -26.72 -26.53
CA PHE G 254 21.29 -25.89 -25.31
C PHE G 254 21.06 -26.67 -23.99
N PRO G 255 21.93 -27.63 -23.68
CA PRO G 255 21.73 -28.32 -22.41
C PRO G 255 22.45 -27.64 -21.24
N ARG G 256 23.04 -26.46 -21.49
CA ARG G 256 23.71 -25.64 -20.49
C ARG G 256 22.79 -24.61 -19.81
N THR G 257 22.61 -23.43 -20.43
CA THR G 257 21.73 -22.33 -19.91
C THR G 257 21.88 -21.86 -18.44
N ILE G 258 21.87 -20.54 -18.30
CA ILE G 258 21.98 -19.88 -17.01
C ILE G 258 20.84 -18.86 -16.93
N PRO G 259 20.41 -18.49 -15.69
CA PRO G 259 19.36 -17.47 -15.54
C PRO G 259 19.88 -16.07 -15.87
N LEU G 260 18.98 -15.16 -16.25
CA LEU G 260 19.33 -13.74 -16.46
C LEU G 260 20.16 -13.19 -15.31
N GLN G 261 21.18 -12.40 -15.66
CA GLN G 261 22.11 -11.84 -14.67
C GLN G 261 21.75 -10.38 -14.38
N ALA G 262 21.36 -10.13 -13.14
CA ALA G 262 20.76 -8.84 -12.73
C ALA G 262 21.24 -8.38 -11.34
N GLY G 263 21.14 -7.07 -11.08
CA GLY G 263 21.49 -6.54 -9.76
C GLY G 263 22.50 -5.41 -9.74
N LEU G 264 22.60 -4.72 -8.61
CA LEU G 264 23.36 -3.48 -8.56
C LEU G 264 24.83 -3.85 -8.49
N GLN G 265 25.66 -3.18 -9.29
CA GLN G 265 27.09 -3.46 -9.36
C GLN G 265 27.79 -2.93 -8.11
N LYS G 266 28.92 -3.54 -7.75
CA LYS G 266 29.82 -3.05 -6.69
C LYS G 266 30.07 -1.52 -6.83
N PRO G 267 30.42 -0.84 -5.74
CA PRO G 267 30.51 0.62 -5.88
C PRO G 267 31.63 1.01 -6.85
N LEU G 268 31.42 2.12 -7.57
CA LEU G 268 32.39 2.61 -8.55
C LEU G 268 33.62 3.27 -7.93
N THR G 269 34.68 3.44 -8.72
CA THR G 269 35.77 4.29 -8.26
C THR G 269 35.67 5.67 -8.96
N PRO G 270 35.54 6.75 -8.19
CA PRO G 270 35.43 8.07 -8.83
C PRO G 270 36.76 8.47 -9.47
N ILE G 271 36.76 9.62 -10.14
CA ILE G 271 37.95 10.23 -10.72
C ILE G 271 38.75 10.87 -9.61
N GLU G 272 40.07 10.68 -9.60
CA GLU G 272 40.93 11.29 -8.56
C GLU G 272 41.93 12.31 -9.13
N THR G 273 41.70 12.69 -10.37
CA THR G 273 42.65 13.46 -11.13
C THR G 273 41.94 14.72 -11.59
N GLU G 274 42.35 15.93 -11.19
CA GLU G 274 43.46 16.21 -10.32
C GLU G 274 43.71 17.70 -10.35
N GLY G 275 42.73 18.58 -10.08
CA GLY G 275 41.35 18.26 -9.71
C GLY G 275 40.37 19.16 -10.47
N THR G 276 39.12 18.72 -10.71
CA THR G 276 38.43 17.57 -10.06
C THR G 276 38.06 17.89 -8.64
N VAL G 277 36.76 18.15 -8.46
CA VAL G 277 36.25 18.91 -7.33
C VAL G 277 36.59 18.22 -6.04
N GLY G 278 37.08 18.98 -5.07
CA GLY G 278 37.52 18.47 -3.77
C GLY G 278 38.45 17.26 -3.82
N VAL G 279 39.34 17.23 -4.81
CA VAL G 279 40.42 16.24 -4.82
C VAL G 279 41.78 16.91 -5.02
N GLY G 280 42.76 16.43 -4.26
CA GLY G 280 44.13 16.92 -4.35
C GLY G 280 44.42 18.00 -3.32
N LYS G 281 45.66 18.43 -3.27
CA LYS G 281 46.01 19.47 -2.34
C LYS G 281 45.56 20.86 -2.82
N GLU G 282 45.55 21.07 -4.13
CA GLU G 282 45.22 22.39 -4.66
C GLU G 282 43.86 22.39 -5.34
N ASN G 283 43.14 23.50 -5.23
CA ASN G 283 41.77 23.60 -5.75
C ASN G 283 41.20 25.01 -5.67
N VAL G 284 40.12 25.23 -6.40
CA VAL G 284 39.38 26.48 -6.23
C VAL G 284 38.10 26.22 -5.44
N THR G 285 37.57 27.27 -4.84
CA THR G 285 36.38 27.23 -4.03
C THR G 285 35.52 28.37 -4.49
N THR G 286 34.32 28.09 -4.94
CA THR G 286 33.39 29.17 -5.27
C THR G 286 32.12 29.10 -4.44
N GLU G 287 31.77 30.19 -3.78
CA GLU G 287 30.45 30.29 -3.16
C GLU G 287 29.63 31.10 -4.09
N LEU G 288 28.34 30.78 -4.23
CA LEU G 288 27.47 31.70 -4.91
C LEU G 288 27.08 32.73 -3.88
N ASN G 289 27.04 33.99 -4.31
CA ASN G 289 26.55 35.04 -3.46
C ASN G 289 25.68 36.03 -4.23
N GLY G 290 24.48 35.59 -4.59
CA GLY G 290 23.56 36.48 -5.28
C GLY G 290 23.65 36.28 -6.77
N GLY G 291 22.47 36.31 -7.39
CA GLY G 291 22.30 36.08 -8.81
C GLY G 291 21.10 36.83 -9.32
N VAL G 292 21.06 37.03 -10.63
CA VAL G 292 19.93 37.63 -11.31
C VAL G 292 19.91 37.23 -12.78
N TYR G 293 18.76 36.72 -13.23
CA TYR G 293 18.53 36.44 -14.64
C TYR G 293 17.31 37.25 -15.12
N LYS G 294 17.33 37.67 -16.39
CA LYS G 294 16.23 38.50 -16.91
C LYS G 294 15.10 37.62 -17.42
N VAL G 295 13.87 38.11 -17.26
CA VAL G 295 12.72 37.37 -17.73
C VAL G 295 11.82 38.27 -18.59
N PRO G 296 11.68 37.96 -19.91
CA PRO G 296 12.41 36.89 -20.63
C PRO G 296 13.88 37.25 -20.80
N GLY G 297 14.71 36.27 -21.14
CA GLY G 297 16.14 36.50 -21.04
C GLY G 297 17.09 35.80 -21.97
N ARG G 298 18.36 35.86 -21.58
CA ARG G 298 19.50 35.45 -22.39
C ARG G 298 20.70 35.64 -21.48
N GLU G 299 20.46 36.37 -20.38
CA GLU G 299 21.46 36.91 -19.46
C GLU G 299 21.35 36.43 -18.00
N LEU G 300 22.51 36.18 -17.39
CA LEU G 300 22.62 35.82 -15.98
C LEU G 300 23.85 36.47 -15.37
N THR G 301 23.64 37.15 -14.25
CA THR G 301 24.72 37.85 -13.59
C THR G 301 24.86 37.31 -12.21
N ILE G 302 26.04 36.78 -11.89
CA ILE G 302 26.28 36.16 -10.58
C ILE G 302 27.58 36.58 -9.91
N ASN G 303 27.51 36.82 -8.59
CA ASN G 303 28.67 37.23 -7.82
C ASN G 303 29.18 36.03 -7.10
N VAL G 304 30.43 35.71 -7.42
CA VAL G 304 31.09 34.47 -7.00
C VAL G 304 32.28 34.68 -6.03
N LYS G 305 32.11 34.33 -4.75
CA LYS G 305 33.22 34.34 -3.78
C LYS G 305 34.19 33.16 -4.02
N VAL G 306 35.09 33.36 -4.97
CA VAL G 306 36.18 32.43 -5.25
C VAL G 306 37.37 32.56 -4.27
N LYS G 307 37.91 31.41 -3.91
CA LYS G 307 39.11 31.25 -3.10
C LYS G 307 40.01 30.27 -3.86
N ASN G 308 41.30 30.39 -3.63
CA ASN G 308 42.30 29.67 -4.41
C ASN G 308 43.57 29.92 -3.65
N ASN G 309 44.22 28.96 -3.00
CA ASN G 309 43.93 27.51 -2.88
C ASN G 309 44.73 26.59 -3.78
N THR G 310 45.13 27.10 -4.93
CA THR G 310 46.23 26.49 -5.65
C THR G 310 47.48 27.26 -5.33
N SER G 311 48.46 27.08 -6.21
CA SER G 311 49.73 27.78 -6.10
C SER G 311 50.05 28.44 -7.44
N GLN G 312 49.04 28.56 -8.29
CA GLN G 312 49.18 29.30 -9.53
C GLN G 312 48.08 30.35 -9.59
N PRO G 313 48.29 31.43 -10.35
CA PRO G 313 47.22 32.38 -10.51
C PRO G 313 46.15 31.76 -11.41
N LEU G 314 44.88 31.98 -11.09
CA LEU G 314 43.82 31.35 -11.87
C LEU G 314 42.87 32.30 -12.62
N ARG G 315 42.71 32.04 -13.91
CA ARG G 315 41.65 32.70 -14.68
C ARG G 315 40.48 31.72 -14.98
N LEU G 316 39.28 32.20 -14.68
CA LEU G 316 38.05 31.48 -14.98
C LEU G 316 37.79 31.51 -16.50
N GLY G 317 37.75 30.32 -17.09
CA GLY G 317 37.60 30.20 -18.54
C GLY G 317 36.33 29.59 -19.08
N GLU G 318 35.66 28.75 -18.27
CA GLU G 318 34.42 28.06 -18.66
C GLU G 318 33.39 27.92 -17.51
N TYR G 319 32.12 27.81 -17.90
CA TYR G 319 31.01 27.46 -17.00
C TYR G 319 30.04 26.47 -17.67
N THR G 320 29.83 25.28 -17.09
CA THR G 320 28.87 24.32 -17.66
C THR G 320 27.59 24.15 -16.82
N ALA G 321 26.45 24.00 -17.51
CA ALA G 321 25.12 23.91 -16.89
C ALA G 321 24.47 22.59 -17.24
N ALA G 322 23.66 22.55 -18.30
CA ALA G 322 23.01 21.28 -18.64
C ALA G 322 23.77 20.51 -19.75
N GLY G 323 25.08 20.68 -19.81
CA GLY G 323 25.87 20.27 -20.97
C GLY G 323 26.22 21.48 -21.85
N LEU G 324 25.49 22.59 -21.64
CA LEU G 324 25.80 23.91 -22.20
C LEU G 324 27.15 24.39 -21.72
N ARG G 325 27.98 24.87 -22.63
CA ARG G 325 29.28 25.41 -22.24
C ARG G 325 29.26 26.93 -22.39
N PHE G 326 29.81 27.63 -21.41
CA PHE G 326 29.98 29.07 -21.54
C PHE G 326 31.44 29.47 -21.39
N LEU G 327 32.03 29.94 -22.50
CA LEU G 327 33.48 30.13 -22.56
C LEU G 327 33.88 31.56 -22.44
N ASN G 328 35.00 31.79 -21.76
CA ASN G 328 35.67 33.11 -21.73
C ASN G 328 36.58 33.15 -22.93
N PRO G 329 36.30 34.06 -23.89
CA PRO G 329 37.11 34.05 -25.11
C PRO G 329 38.55 34.48 -24.81
N ASP G 330 38.76 35.11 -23.65
CA ASP G 330 40.10 35.40 -23.11
C ASP G 330 40.90 34.14 -22.85
N VAL G 331 40.22 33.09 -22.41
CA VAL G 331 40.90 31.87 -22.07
C VAL G 331 40.78 30.89 -23.20
N PHE G 332 39.59 30.83 -23.80
CA PHE G 332 39.37 30.05 -25.00
C PHE G 332 39.46 31.03 -26.17
N THR G 333 40.69 31.43 -26.47
CA THR G 333 41.08 32.23 -27.65
C THR G 333 40.75 31.43 -28.92
N THR G 334 41.05 30.13 -28.86
CA THR G 334 40.32 29.11 -29.61
C THR G 334 40.05 28.02 -28.56
N LYS G 335 38.89 27.33 -28.57
CA LYS G 335 37.65 27.52 -29.38
C LYS G 335 37.13 26.13 -29.81
N PRO G 336 36.75 25.29 -28.82
CA PRO G 336 36.79 23.83 -28.90
C PRO G 336 35.78 23.14 -29.83
N ASP G 337 36.12 21.89 -30.13
CA ASP G 337 35.32 21.02 -30.96
C ASP G 337 34.17 20.46 -30.13
N PHE G 338 32.97 21.01 -30.33
CA PHE G 338 31.82 20.70 -29.47
C PHE G 338 30.47 21.11 -30.08
N PRO G 339 29.50 20.16 -30.17
CA PRO G 339 28.26 20.33 -30.93
C PRO G 339 27.65 21.69 -30.69
N ASP G 340 27.15 22.30 -31.77
CA ASP G 340 26.81 23.73 -31.78
C ASP G 340 26.60 24.30 -30.39
N TYR G 341 25.59 23.91 -29.60
CA TYR G 341 24.16 23.98 -29.92
C TYR G 341 23.42 24.62 -28.69
N LEU G 342 24.05 24.82 -27.51
CA LEU G 342 25.11 24.03 -26.81
C LEU G 342 26.47 24.63 -26.46
N LEU G 343 27.18 25.26 -27.39
CA LEU G 343 28.52 25.81 -27.09
C LEU G 343 28.66 27.32 -27.30
N ALA G 344 28.70 28.08 -26.21
CA ALA G 344 28.67 29.54 -26.31
C ALA G 344 30.06 30.14 -26.10
N ASP G 345 30.22 31.37 -26.58
CA ASP G 345 31.50 32.07 -26.48
C ASP G 345 31.28 33.39 -25.79
N ARG G 346 30.42 33.35 -24.76
CA ARG G 346 30.11 34.50 -23.89
C ARG G 346 29.82 34.05 -22.45
N GLY G 347 30.83 33.45 -21.83
CA GLY G 347 30.82 33.13 -20.40
C GLY G 347 31.73 34.09 -19.67
N LEU G 348 31.61 35.38 -20.03
CA LEU G 348 32.59 36.43 -19.73
C LEU G 348 32.03 37.62 -18.89
N SER G 349 32.87 38.21 -18.02
CA SER G 349 34.27 37.86 -17.87
C SER G 349 34.75 37.99 -16.43
N VAL G 350 35.95 38.54 -16.29
CA VAL G 350 36.48 38.90 -15.00
C VAL G 350 37.00 40.29 -15.27
N ASP G 351 38.15 40.59 -14.69
CA ASP G 351 39.01 41.63 -15.18
C ASP G 351 40.28 40.88 -15.54
N ALA G 352 40.11 39.67 -16.09
CA ALA G 352 41.21 38.71 -16.35
C ALA G 352 42.35 38.69 -15.30
N THR G 353 42.07 39.17 -14.08
CA THR G 353 43.08 39.40 -13.02
C THR G 353 43.31 38.16 -12.13
N PRO G 354 44.09 37.19 -12.65
CA PRO G 354 44.32 35.79 -12.22
C PRO G 354 44.21 35.36 -10.73
N ILE G 355 43.82 36.27 -9.84
CA ILE G 355 43.49 35.88 -8.47
C ILE G 355 44.75 35.52 -7.67
N ALA G 356 45.05 34.23 -7.52
CA ALA G 356 45.89 33.82 -6.40
C ALA G 356 47.31 33.48 -6.82
N PRO G 357 47.96 32.50 -6.16
CA PRO G 357 47.51 31.63 -5.05
C PRO G 357 47.13 32.44 -3.83
N GLY G 358 46.65 31.74 -2.80
CA GLY G 358 46.18 32.35 -1.56
C GLY G 358 44.98 33.30 -1.68
N GLU G 359 44.82 33.98 -2.84
CA GLU G 359 43.85 35.08 -2.98
C GLU G 359 42.40 34.63 -2.83
N ALA G 360 41.62 35.40 -2.05
CA ALA G 360 40.17 35.22 -1.97
C ALA G 360 39.48 36.46 -2.56
N LYS G 361 38.68 36.28 -3.61
CA LYS G 361 38.10 37.39 -4.39
C LYS G 361 36.63 37.15 -4.85
N GLU G 362 35.75 38.15 -4.67
CA GLU G 362 34.38 38.06 -5.18
C GLU G 362 34.27 38.75 -6.53
N ILE G 363 33.75 38.04 -7.52
CA ILE G 363 33.92 38.45 -8.89
C ILE G 363 32.64 38.35 -9.72
N VAL G 364 32.08 39.50 -10.08
CA VAL G 364 30.87 39.51 -10.94
C VAL G 364 31.14 38.71 -12.20
N VAL G 365 30.31 37.71 -12.46
CA VAL G 365 30.35 36.97 -13.73
C VAL G 365 29.05 37.18 -14.48
N LYS G 366 29.13 37.74 -15.69
CA LYS G 366 27.98 37.78 -16.58
C LYS G 366 28.02 36.53 -17.48
N ILE G 367 26.88 35.87 -17.59
CA ILE G 367 26.69 34.83 -18.58
C ILE G 367 25.58 35.30 -19.51
N GLN G 368 25.89 35.40 -20.80
CA GLN G 368 24.92 35.85 -21.79
C GLN G 368 25.03 35.03 -23.07
N ASP G 369 23.92 34.48 -23.50
CA ASP G 369 23.85 33.78 -24.78
C ASP G 369 22.42 33.44 -25.12
N ALA G 370 22.15 33.35 -26.41
CA ALA G 370 20.87 32.90 -26.91
C ALA G 370 20.65 31.43 -26.52
N ARG G 371 21.73 30.67 -26.31
CA ARG G 371 21.63 29.24 -25.98
C ARG G 371 20.97 28.98 -24.62
N TRP G 372 21.23 29.88 -23.67
CA TRP G 372 20.58 29.88 -22.37
C TRP G 372 19.08 30.05 -22.51
N ASP G 373 18.64 30.90 -23.44
CA ASP G 373 17.23 30.93 -23.73
C ASP G 373 16.77 29.76 -24.63
N ILE G 374 17.58 29.39 -25.61
CA ILE G 374 17.24 28.34 -26.57
C ILE G 374 17.10 26.96 -25.91
N GLU G 375 17.91 26.72 -24.88
CA GLU G 375 17.78 25.48 -24.08
C GLU G 375 16.85 25.64 -22.87
N ARG G 376 15.91 26.57 -22.99
CA ARG G 376 14.85 26.77 -22.03
C ARG G 376 15.37 27.00 -20.59
N LEU G 377 16.64 27.30 -20.45
CA LEU G 377 17.12 27.53 -19.11
C LEU G 377 16.63 28.85 -18.54
N SER G 378 15.99 29.66 -19.37
CA SER G 378 15.38 30.91 -18.88
C SER G 378 13.98 30.64 -18.31
N ASP G 379 13.50 29.41 -18.53
CA ASP G 379 12.25 28.90 -17.96
C ASP G 379 12.48 28.38 -16.54
N LEU G 380 13.53 28.89 -15.93
CA LEU G 380 13.80 28.66 -14.54
C LEU G 380 12.77 29.43 -13.68
N ALA G 381 12.13 30.42 -14.29
CA ALA G 381 11.13 31.24 -13.60
C ALA G 381 9.84 30.48 -13.41
N TYR G 382 9.67 29.42 -14.22
CA TYR G 382 8.55 28.49 -14.13
C TYR G 382 8.71 27.46 -13.00
N ASP G 383 9.96 27.19 -12.58
CA ASP G 383 10.27 26.17 -11.57
C ASP G 383 9.97 26.52 -10.11
N THR G 384 9.72 25.45 -9.34
CA THR G 384 9.41 25.50 -7.91
C THR G 384 10.64 25.71 -7.03
N ASP G 385 11.80 25.82 -7.68
CA ASP G 385 13.07 26.05 -7.01
C ASP G 385 14.02 26.89 -7.86
N SER G 386 13.88 28.20 -7.70
CA SER G 386 14.65 29.24 -8.45
C SER G 386 16.18 29.28 -8.06
N GLN G 387 16.94 28.43 -8.72
CA GLN G 387 18.21 28.02 -8.19
C GLN G 387 19.08 27.50 -9.33
N ILE G 388 20.36 27.84 -9.28
CA ILE G 388 21.27 27.49 -10.34
C ILE G 388 22.23 26.40 -9.88
N GLY G 389 22.79 25.65 -10.83
CA GLY G 389 23.82 24.65 -10.52
C GLY G 389 24.86 24.47 -11.60
N GLY G 390 25.95 23.76 -11.32
CA GLY G 390 27.00 23.45 -12.31
C GLY G 390 28.49 23.63 -11.90
N LEU G 391 29.38 23.40 -12.88
CA LEU G 391 30.84 23.51 -12.70
C LEU G 391 31.43 24.76 -13.30
N LEU G 392 32.40 25.33 -12.57
CA LEU G 392 33.22 26.46 -12.99
C LEU G 392 34.61 25.95 -13.29
N PHE G 393 35.16 26.41 -14.42
CA PHE G 393 36.52 26.08 -14.84
C PHE G 393 37.55 27.23 -14.77
N PHE G 394 38.49 27.08 -13.85
CA PHE G 394 39.60 28.01 -13.74
C PHE G 394 40.83 27.40 -14.36
N PHE G 395 41.58 28.25 -15.06
CA PHE G 395 42.83 27.84 -15.66
C PHE G 395 44.05 28.64 -15.20
N SER G 396 45.19 27.95 -15.16
CA SER G 396 46.49 28.53 -14.87
C SER G 396 47.09 29.24 -16.10
N PRO G 397 48.27 29.88 -15.95
CA PRO G 397 49.08 30.36 -17.08
C PRO G 397 49.21 29.29 -18.18
N ASP G 398 49.77 28.15 -17.82
CA ASP G 398 49.82 26.99 -18.69
C ASP G 398 48.39 26.42 -18.79
N GLY G 399 48.24 25.23 -19.37
CA GLY G 399 46.93 24.59 -19.53
C GLY G 399 46.10 24.37 -18.27
N LYS G 400 46.74 23.76 -17.25
CA LYS G 400 46.09 23.25 -16.03
C LYS G 400 44.70 23.79 -15.71
N ARG G 401 43.74 22.87 -15.61
CA ARG G 401 42.35 23.22 -15.34
C ARG G 401 41.99 22.85 -13.92
N TYR G 402 41.35 23.79 -13.22
CA TYR G 402 40.89 23.59 -11.85
C TYR G 402 39.40 23.81 -11.77
N ALA G 403 38.68 22.77 -11.34
CA ALA G 403 37.21 22.69 -11.33
C ALA G 403 36.59 22.94 -9.96
N SER G 404 35.69 23.89 -9.85
CA SER G 404 34.92 24.03 -8.60
C SER G 404 33.43 24.03 -8.91
N GLU G 405 32.62 23.57 -7.96
CA GLU G 405 31.19 23.50 -8.15
C GLU G 405 30.49 24.79 -7.70
N ILE G 406 29.51 25.24 -8.49
CA ILE G 406 28.78 26.46 -8.14
C ILE G 406 27.27 26.20 -8.09
N GLY G 407 26.59 26.82 -7.13
CA GLY G 407 25.13 26.61 -7.00
C GLY G 407 24.38 27.45 -5.99
N GLY G 408 23.09 27.64 -6.21
CA GLY G 408 22.31 28.36 -5.23
C GLY G 408 21.32 29.31 -5.84
N PRO G 409 20.55 30.00 -4.96
CA PRO G 409 19.40 30.84 -5.34
C PRO G 409 19.74 32.04 -6.23
N VAL G 410 19.18 32.09 -7.42
CA VAL G 410 19.31 33.28 -8.23
C VAL G 410 17.92 33.92 -8.34
N ILE G 411 17.86 35.23 -8.46
CA ILE G 411 16.56 35.96 -8.56
C ILE G 411 16.22 36.42 -9.99
N PRO G 412 14.92 36.35 -10.37
CA PRO G 412 14.64 36.85 -11.70
C PRO G 412 14.46 38.40 -11.75
N LYS G 413 14.94 38.99 -12.84
CA LYS G 413 14.62 40.35 -13.16
C LYS G 413 13.52 40.31 -14.21
N PHE G 414 12.34 40.81 -13.83
CA PHE G 414 11.18 40.75 -14.73
C PHE G 414 11.18 41.94 -15.68
N VAL G 415 11.62 41.68 -16.91
CA VAL G 415 11.79 42.72 -17.91
C VAL G 415 10.62 42.77 -18.90
N ALA G 416 10.33 43.97 -19.42
CA ALA G 416 9.41 44.14 -20.54
C ALA G 416 10.08 43.75 -21.87
N GLY G 417 9.44 44.05 -23.00
CA GLY G 417 10.06 43.94 -24.33
C GLY G 417 10.49 42.56 -24.84
N ASP G 418 10.73 42.50 -26.16
CA ASP G 418 11.19 41.27 -26.84
C ASP G 418 12.67 41.03 -26.59
N HIS H 29 20.55 -25.19 9.62
CA HIS H 29 21.41 -26.31 9.16
C HIS H 29 21.24 -26.39 7.66
N GLY H 30 20.36 -25.53 7.17
CA GLY H 30 19.96 -25.50 5.76
C GLY H 30 20.84 -24.69 4.83
N GLU H 31 21.90 -24.13 5.39
CA GLU H 31 22.84 -23.29 4.67
C GLU H 31 23.12 -23.82 3.25
N LYS H 32 23.13 -25.15 3.12
CA LYS H 32 23.40 -25.84 1.85
C LYS H 32 22.50 -25.33 0.73
N SER H 33 21.24 -25.09 1.06
CA SER H 33 20.23 -24.77 0.06
C SER H 33 20.14 -23.31 -0.33
N GLN H 34 20.66 -22.43 0.54
CA GLN H 34 20.68 -20.96 0.28
C GLN H 34 21.51 -20.64 -0.94
N GLN H 35 21.20 -19.51 -1.58
CA GLN H 35 21.87 -19.20 -2.85
C GLN H 35 23.36 -19.00 -2.60
N ALA H 36 24.17 -19.70 -3.41
CA ALA H 36 25.63 -19.70 -3.24
C ALA H 36 26.25 -18.30 -3.23
N PHE H 37 25.99 -17.52 -4.27
CA PHE H 37 26.59 -16.20 -4.37
C PHE H 37 26.21 -15.25 -3.23
N LEU H 38 25.07 -15.47 -2.61
CA LEU H 38 24.66 -14.62 -1.50
C LEU H 38 25.38 -14.93 -0.19
N ARG H 39 25.57 -16.22 0.10
CA ARG H 39 26.29 -16.62 1.30
C ARG H 39 27.73 -16.15 1.22
N MET H 40 28.29 -16.09 0.01
CA MET H 40 29.65 -15.63 -0.20
C MET H 40 29.83 -14.13 -0.11
N ARG H 41 28.91 -13.36 -0.69
CA ARG H 41 29.05 -11.89 -0.74
C ARG H 41 28.27 -11.03 0.31
N THR H 42 27.95 -11.61 1.46
CA THR H 42 27.37 -10.85 2.55
C THR H 42 28.26 -10.83 3.77
N LEU H 43 28.07 -11.83 4.64
CA LEU H 43 28.92 -12.01 5.84
C LEU H 43 30.10 -12.98 5.66
N ASN H 44 31.31 -12.48 5.91
CA ASN H 44 32.53 -13.29 5.82
C ASN H 44 33.00 -13.67 7.22
N TRP H 45 32.94 -14.98 7.51
CA TRP H 45 33.07 -15.49 8.88
C TRP H 45 34.47 -16.00 9.18
N TYR H 46 35.04 -15.64 10.33
CA TYR H 46 36.36 -16.18 10.72
C TYR H 46 36.63 -16.38 12.24
N ASP H 47 37.61 -17.25 12.54
CA ASP H 47 38.03 -17.58 13.91
C ASP H 47 36.85 -17.92 14.77
N VAL H 48 35.98 -18.80 14.29
CA VAL H 48 34.87 -19.21 15.12
C VAL H 48 35.30 -20.36 16.05
N GLN H 49 34.90 -20.24 17.31
CA GLN H 49 35.38 -21.13 18.33
C GLN H 49 34.30 -21.47 19.28
N TRP H 50 34.29 -22.74 19.66
CA TRP H 50 33.40 -23.22 20.72
C TRP H 50 34.19 -23.62 21.98
N SER H 51 33.92 -22.88 23.04
CA SER H 51 34.39 -23.17 24.37
C SER H 51 34.61 -24.66 24.60
N LYS H 52 33.55 -25.45 24.52
CA LYS H 52 33.59 -26.88 24.84
C LYS H 52 32.69 -27.64 23.87
N THR H 53 33.16 -28.74 23.26
CA THR H 53 32.24 -29.54 22.42
C THR H 53 31.51 -30.66 23.20
N THR H 54 31.28 -30.39 24.49
CA THR H 54 30.51 -31.22 25.40
C THR H 54 30.12 -30.40 26.60
N VAL H 55 28.92 -30.60 27.11
CA VAL H 55 28.49 -29.91 28.33
C VAL H 55 27.49 -30.74 29.08
N ASN H 56 27.43 -30.49 30.37
CA ASN H 56 26.33 -30.98 31.17
C ASN H 56 25.16 -30.00 31.09
N VAL H 57 23.98 -30.55 31.27
CA VAL H 57 22.83 -29.74 31.58
C VAL H 57 23.28 -28.75 32.66
N ASN H 58 22.98 -27.47 32.44
CA ASN H 58 23.38 -26.35 33.29
C ASN H 58 24.82 -25.92 33.12
N GLU H 59 25.60 -26.66 32.35
CA GLU H 59 27.01 -26.31 32.12
C GLU H 59 27.15 -25.38 30.93
N GLU H 60 28.05 -24.40 31.04
CA GLU H 60 27.90 -23.12 30.36
C GLU H 60 28.82 -22.75 29.17
N MET H 61 28.97 -23.65 28.21
CA MET H 61 29.79 -23.39 26.98
C MET H 61 29.62 -21.99 26.30
N VAL H 62 30.60 -21.56 25.50
CA VAL H 62 30.51 -20.30 24.74
C VAL H 62 31.10 -20.26 23.31
N LEU H 63 30.26 -19.77 22.41
CA LEU H 63 30.53 -19.73 20.99
C LEU H 63 30.89 -18.32 20.63
N SER H 64 32.00 -18.18 19.90
CA SER H 64 32.53 -16.87 19.54
C SER H 64 33.15 -16.87 18.15
N GLY H 65 33.59 -15.68 17.73
CA GLY H 65 34.03 -15.50 16.35
C GLY H 65 33.98 -14.08 15.84
N LYS H 66 34.44 -13.92 14.61
CA LYS H 66 34.53 -12.60 14.02
C LYS H 66 33.91 -12.68 12.65
N VAL H 67 33.32 -11.56 12.21
CA VAL H 67 32.68 -11.47 10.90
C VAL H 67 32.96 -10.18 10.16
N HIS H 68 33.32 -10.30 8.88
CA HIS H 68 33.56 -9.14 8.05
C HIS H 68 32.41 -8.85 7.10
N VAL H 69 31.85 -7.65 7.17
CA VAL H 69 30.64 -7.28 6.41
C VAL H 69 31.00 -6.91 4.96
N PHE H 70 30.85 -7.88 4.05
CA PHE H 70 31.33 -7.72 2.66
C PHE H 70 31.11 -6.32 2.11
N SER H 71 31.96 -5.84 1.22
CA SER H 71 31.90 -4.43 0.88
C SER H 71 30.93 -4.09 -0.23
N ALA H 72 30.65 -5.05 -1.11
CA ALA H 72 29.79 -4.83 -2.29
C ALA H 72 28.45 -5.56 -2.08
N TRP H 73 27.76 -5.12 -1.02
CA TRP H 73 26.59 -5.81 -0.51
C TRP H 73 25.51 -5.97 -1.58
N PRO H 74 25.10 -7.23 -1.85
CA PRO H 74 24.16 -7.53 -2.92
C PRO H 74 22.83 -6.80 -2.78
N GLN H 75 22.21 -6.55 -3.93
CA GLN H 75 20.95 -5.85 -4.04
C GLN H 75 19.86 -6.64 -3.39
N ALA H 76 19.92 -7.95 -3.62
CA ALA H 76 18.93 -8.87 -3.10
C ALA H 76 18.67 -8.76 -1.59
N VAL H 77 19.65 -8.30 -0.82
CA VAL H 77 19.55 -8.33 0.63
C VAL H 77 19.52 -6.93 1.19
N ALA H 78 18.57 -6.65 2.07
CA ALA H 78 18.51 -5.36 2.75
C ALA H 78 19.90 -4.96 3.16
N ASN H 79 20.18 -3.69 3.11
CA ASN H 79 21.29 -3.20 3.87
C ASN H 79 21.28 -3.70 5.34
N PRO H 80 22.46 -4.08 5.89
CA PRO H 80 22.52 -4.68 7.25
C PRO H 80 22.43 -3.68 8.43
N ARG H 81 22.02 -2.46 8.11
CA ARG H 81 21.71 -1.41 9.04
C ARG H 81 20.89 -1.88 10.23
N VAL H 82 20.06 -2.91 10.01
CA VAL H 82 19.32 -3.61 11.09
C VAL H 82 19.58 -5.13 10.98
N SER H 83 20.24 -5.69 12.00
CA SER H 83 20.63 -7.10 11.99
C SER H 83 20.40 -7.66 13.38
N PHE H 84 20.55 -8.97 13.56
CA PHE H 84 20.41 -9.59 14.89
C PHE H 84 21.25 -10.85 14.98
N LEU H 85 22.08 -10.94 16.05
CA LEU H 85 22.98 -12.08 16.29
C LEU H 85 22.25 -13.23 16.91
N ASN H 86 22.56 -14.45 16.47
CA ASN H 86 21.82 -15.63 16.92
C ASN H 86 22.62 -16.97 16.99
N ALA H 87 22.17 -17.83 17.92
CA ALA H 87 22.60 -19.22 18.00
C ALA H 87 21.71 -20.11 17.14
N GLY H 88 22.26 -20.49 15.98
CA GLY H 88 21.59 -21.37 15.04
C GLY H 88 21.59 -22.74 15.68
N GLU H 89 20.44 -23.11 16.22
CA GLU H 89 20.24 -24.39 16.94
C GLU H 89 18.76 -24.79 16.99
N PRO H 90 18.48 -26.10 16.86
CA PRO H 90 17.13 -26.66 16.83
C PRO H 90 16.34 -26.45 18.13
N GLY H 91 15.93 -25.20 18.37
CA GLY H 91 15.14 -24.86 19.55
C GLY H 91 16.08 -24.65 20.70
N PRO H 92 15.54 -24.48 21.90
CA PRO H 92 16.32 -24.19 23.10
C PRO H 92 16.96 -25.44 23.68
N VAL H 93 17.85 -26.04 22.88
CA VAL H 93 18.68 -27.14 23.35
C VAL H 93 19.76 -26.54 24.27
N LEU H 94 20.12 -25.29 23.98
CA LEU H 94 20.88 -24.47 24.92
C LEU H 94 20.17 -23.14 25.15
N VAL H 95 19.85 -22.83 26.40
CA VAL H 95 19.46 -21.49 26.71
C VAL H 95 20.64 -20.57 26.38
N ARG H 96 20.32 -19.35 25.97
CA ARG H 96 21.29 -18.29 25.81
C ARG H 96 21.20 -17.40 27.04
N THR H 97 22.36 -17.20 27.65
CA THR H 97 22.50 -16.47 28.89
C THR H 97 22.82 -15.03 28.57
N ALA H 98 23.71 -14.83 27.59
CA ALA H 98 23.90 -13.55 26.92
C ALA H 98 24.68 -13.65 25.61
N GLN H 99 24.77 -12.51 24.94
CA GLN H 99 25.53 -12.45 23.72
C GLN H 99 26.00 -11.01 23.51
N PHE H 100 27.03 -10.89 22.67
CA PHE H 100 27.66 -9.61 22.47
C PHE H 100 28.13 -9.54 21.06
N ILE H 101 28.07 -8.33 20.51
CA ILE H 101 28.68 -8.08 19.23
C ILE H 101 29.09 -6.60 19.16
N GLY H 102 30.13 -6.31 18.37
CA GLY H 102 30.63 -4.94 18.24
C GLY H 102 30.93 -4.31 19.58
N GLU H 103 31.23 -5.18 20.53
CA GLU H 103 31.54 -4.79 21.88
C GLU H 103 30.28 -4.28 22.58
N GLN H 104 29.12 -4.80 22.22
CA GLN H 104 27.96 -4.49 23.01
C GLN H 104 27.20 -5.74 23.35
N PHE H 105 26.50 -5.67 24.48
CA PHE H 105 25.54 -6.68 24.88
C PHE H 105 24.36 -6.48 23.96
N ALA H 106 24.09 -7.47 23.11
CA ALA H 106 23.14 -7.32 21.98
C ALA H 106 21.88 -8.20 22.00
N PRO H 107 21.01 -8.05 23.03
CA PRO H 107 19.77 -8.85 23.06
C PRO H 107 18.71 -8.30 22.13
N ARG H 108 19.03 -7.17 21.49
CA ARG H 108 18.16 -6.44 20.52
C ARG H 108 18.92 -6.19 19.23
N SER H 109 18.28 -5.50 18.29
CA SER H 109 18.80 -5.40 16.93
C SER H 109 19.87 -4.38 16.85
N VAL H 110 20.84 -4.61 15.97
CA VAL H 110 22.03 -3.76 15.86
C VAL H 110 22.41 -3.46 14.41
N SER H 111 23.17 -2.38 14.21
CA SER H 111 23.60 -1.97 12.88
C SER H 111 24.96 -2.54 12.53
N LEU H 112 25.13 -3.02 11.30
CA LEU H 112 26.42 -3.52 10.80
C LEU H 112 26.76 -2.72 9.59
N GLU H 113 27.95 -2.12 9.60
CA GLU H 113 28.38 -1.23 8.54
C GLU H 113 29.07 -2.01 7.48
N ILE H 114 28.69 -1.74 6.24
CA ILE H 114 29.27 -2.45 5.11
C ILE H 114 30.77 -2.19 5.03
N GLY H 115 31.54 -3.27 4.89
CA GLY H 115 33.00 -3.16 4.83
C GLY H 115 33.79 -3.34 6.11
N LYS H 116 33.12 -3.35 7.26
CA LYS H 116 33.83 -3.44 8.55
C LYS H 116 33.76 -4.86 9.07
N ASP H 117 34.53 -5.16 10.13
CA ASP H 117 34.46 -6.47 10.81
C ASP H 117 34.00 -6.29 12.22
N TYR H 118 33.22 -7.24 12.71
CA TYR H 118 32.73 -7.14 14.08
C TYR H 118 33.05 -8.43 14.79
N ALA H 119 33.22 -8.36 16.11
CA ALA H 119 33.49 -9.56 16.85
C ALA H 119 32.32 -9.79 17.75
N PHE H 120 32.01 -11.06 17.95
CA PHE H 120 30.85 -11.49 18.71
C PHE H 120 31.10 -12.72 19.56
N SER H 121 30.15 -13.01 20.42
CA SER H 121 30.21 -14.18 21.26
C SER H 121 28.87 -14.40 21.96
N ILE H 122 28.55 -15.69 22.17
CA ILE H 122 27.28 -16.09 22.70
C ILE H 122 27.52 -17.07 23.83
N ASN H 123 26.93 -16.76 24.99
CA ASN H 123 27.06 -17.56 26.20
C ASN H 123 25.92 -18.54 26.32
N LEU H 124 26.23 -19.81 26.10
CA LEU H 124 25.23 -20.87 25.93
C LEU H 124 25.22 -21.96 27.01
N ARG H 125 24.18 -21.94 27.85
CA ARG H 125 23.97 -22.91 28.92
C ARG H 125 23.20 -24.15 28.46
N GLY H 126 23.85 -25.32 28.47
CA GLY H 126 23.19 -26.58 28.09
C GLY H 126 21.82 -26.81 28.73
N ARG H 127 20.95 -27.51 28.02
CA ARG H 127 19.58 -27.70 28.50
C ARG H 127 18.93 -29.04 28.07
N ARG H 128 19.13 -29.46 26.83
CA ARG H 128 18.53 -30.71 26.42
C ARG H 128 19.55 -31.68 25.92
N ALA H 129 19.53 -32.87 26.52
CA ALA H 129 20.54 -33.89 26.25
C ALA H 129 20.52 -34.44 24.80
N GLY H 130 21.67 -34.40 24.11
CA GLY H 130 21.76 -34.96 22.77
C GLY H 130 23.00 -34.47 22.04
N ARG H 131 22.99 -34.57 20.73
CA ARG H 131 24.12 -34.11 19.94
C ARG H 131 23.63 -33.16 18.87
N TRP H 132 23.67 -31.88 19.21
CA TRP H 132 23.18 -30.80 18.36
C TRP H 132 24.31 -30.14 17.56
N HIS H 133 24.02 -29.63 16.36
CA HIS H 133 25.02 -28.94 15.53
C HIS H 133 24.83 -27.44 15.52
N VAL H 134 25.46 -26.74 16.50
CA VAL H 134 25.21 -25.32 16.88
C VAL H 134 26.00 -24.27 16.07
N HIS H 135 25.28 -23.29 15.52
CA HIS H 135 25.85 -22.30 14.60
C HIS H 135 25.87 -20.88 15.15
N ALA H 136 26.80 -20.10 14.59
CA ALA H 136 26.76 -18.67 14.70
C ALA H 136 25.84 -18.26 13.58
N GLN H 137 24.97 -17.28 13.85
CA GLN H 137 23.99 -16.82 12.86
C GLN H 137 23.69 -15.34 13.01
N ILE H 138 23.52 -14.65 11.89
CA ILE H 138 23.02 -13.27 11.94
C ILE H 138 21.92 -13.10 10.90
N ASN H 139 20.84 -12.40 11.26
CA ASN H 139 19.77 -12.07 10.29
C ASN H 139 19.68 -10.60 9.97
N VAL H 140 19.47 -10.29 8.70
CA VAL H 140 19.35 -8.91 8.30
C VAL H 140 17.86 -8.54 8.11
N GLU H 141 17.39 -7.46 8.75
CA GLU H 141 16.11 -6.77 8.47
C GLU H 141 15.39 -7.33 7.30
N GLY H 142 15.57 -6.73 6.13
CA GLY H 142 14.87 -7.29 4.95
C GLY H 142 15.72 -8.22 4.12
N GLY H 143 16.28 -9.25 4.77
CA GLY H 143 17.33 -10.07 4.18
C GLY H 143 17.02 -11.52 4.43
N GLY H 144 16.89 -11.87 5.70
CA GLY H 144 16.71 -13.25 6.06
C GLY H 144 17.93 -13.66 6.86
N PRO H 145 18.09 -14.97 7.12
CA PRO H 145 19.13 -15.49 7.97
C PRO H 145 20.40 -15.69 7.15
N ILE H 146 21.55 -15.37 7.77
CA ILE H 146 22.87 -15.77 7.26
C ILE H 146 23.56 -16.66 8.31
N ILE H 147 23.83 -17.90 7.90
CA ILE H 147 24.35 -18.92 8.81
C ILE H 147 25.89 -19.03 8.76
N GLY H 148 26.52 -18.95 9.93
CA GLY H 148 27.96 -19.06 10.03
C GLY H 148 28.32 -20.52 10.09
N PRO H 149 29.47 -20.83 10.69
CA PRO H 149 29.86 -22.21 10.94
C PRO H 149 29.14 -22.81 12.13
N GLY H 150 29.06 -24.13 12.16
CA GLY H 150 28.34 -24.84 13.19
C GLY H 150 29.16 -26.02 13.62
N GLN H 151 29.17 -26.29 14.91
CA GLN H 151 29.87 -27.44 15.45
C GLN H 151 28.95 -28.28 16.30
N TRP H 152 29.00 -29.59 16.10
CA TRP H 152 28.32 -30.53 16.99
C TRP H 152 28.66 -30.31 18.45
N ILE H 153 27.66 -30.40 19.31
CA ILE H 153 27.86 -30.06 20.72
C ILE H 153 27.14 -31.05 21.62
N GLU H 154 27.81 -32.15 21.95
CA GLU H 154 27.22 -33.20 22.78
C GLU H 154 26.80 -32.66 24.14
N ILE H 155 25.51 -32.72 24.46
CA ILE H 155 25.06 -32.39 25.83
C ILE H 155 24.72 -33.68 26.56
N LYS H 156 25.00 -33.72 27.85
CA LYS H 156 24.48 -34.81 28.68
C LYS H 156 23.89 -34.34 30.01
N GLY H 157 23.06 -35.21 30.59
CA GLY H 157 22.27 -34.88 31.76
C GLY H 157 20.80 -35.19 31.48
N ASP H 158 19.96 -34.79 32.41
CA ASP H 158 18.54 -34.95 32.30
C ASP H 158 17.97 -33.54 32.29
N MET H 159 17.11 -33.28 31.31
CA MET H 159 16.50 -31.98 31.18
C MET H 159 15.77 -31.57 32.46
N LYS H 160 15.26 -32.56 33.21
CA LYS H 160 14.53 -32.31 34.46
C LYS H 160 15.31 -31.46 35.40
N ASP H 161 16.63 -31.52 35.24
CA ASP H 161 17.58 -30.89 36.14
C ASP H 161 17.89 -29.45 35.75
N PHE H 162 17.79 -29.15 34.45
CA PHE H 162 17.98 -27.78 33.97
C PHE H 162 17.20 -26.73 34.77
N THR H 163 17.90 -25.66 35.11
CA THR H 163 17.32 -24.46 35.72
C THR H 163 17.80 -23.26 34.93
N ASP H 164 17.37 -22.05 35.33
CA ASP H 164 18.12 -20.88 34.92
C ASP H 164 19.28 -20.49 35.85
N PRO H 165 19.04 -19.63 36.86
CA PRO H 165 17.92 -18.77 37.10
C PRO H 165 18.35 -17.34 36.81
N VAL H 166 17.65 -16.40 37.44
CA VAL H 166 17.69 -15.03 37.05
C VAL H 166 17.33 -14.21 38.27
N THR H 167 17.85 -12.99 38.34
CA THR H 167 17.60 -12.12 39.47
C THR H 167 16.83 -10.88 39.09
N LEU H 168 15.78 -10.62 39.86
CA LEU H 168 15.03 -9.40 39.72
C LEU H 168 15.77 -8.24 40.30
N LEU H 169 15.28 -7.05 40.00
CA LEU H 169 15.79 -5.82 40.54
C LEU H 169 15.51 -5.77 42.02
N ASP H 170 14.34 -6.30 42.43
CA ASP H 170 14.02 -6.39 43.85
C ASP H 170 14.98 -7.30 44.62
N GLY H 171 15.85 -8.01 43.90
CA GLY H 171 16.89 -8.83 44.53
C GLY H 171 16.61 -10.32 44.56
N SER H 172 15.33 -10.68 44.52
CA SER H 172 14.95 -12.09 44.50
C SER H 172 15.39 -12.90 43.25
N THR H 173 15.40 -14.21 43.39
CA THR H 173 15.67 -15.07 42.24
C THR H 173 14.43 -15.78 41.69
N VAL H 174 14.47 -16.14 40.41
CA VAL H 174 13.43 -16.97 39.83
C VAL H 174 14.07 -17.95 38.82
N ASP H 175 13.58 -19.19 38.82
CA ASP H 175 14.04 -20.18 37.87
C ASP H 175 13.20 -19.92 36.65
N LEU H 176 13.83 -19.55 35.54
CA LEU H 176 13.02 -19.17 34.37
C LEU H 176 12.29 -20.31 33.73
N GLU H 177 12.97 -21.45 33.62
CA GLU H 177 12.39 -22.64 33.07
C GLU H 177 10.96 -22.88 33.55
N HIS H 178 10.65 -22.45 34.76
CA HIS H 178 9.33 -22.68 35.36
C HIS H 178 8.56 -21.40 35.69
N TYR H 179 9.25 -20.33 36.02
CA TYR H 179 8.60 -19.14 36.58
C TYR H 179 7.38 -18.68 35.83
N GLY H 180 6.31 -18.43 36.58
CA GLY H 180 5.06 -17.85 36.05
C GLY H 180 3.99 -18.76 35.42
N ILE H 181 4.42 -19.95 34.98
CA ILE H 181 3.57 -20.90 34.27
C ILE H 181 2.38 -21.32 35.14
N SER H 182 2.66 -21.46 36.43
CA SER H 182 1.69 -21.69 37.47
C SER H 182 0.54 -20.69 37.37
N ARG H 183 0.85 -19.44 37.71
CA ARG H 183 -0.07 -18.29 37.67
C ARG H 183 -0.93 -18.20 36.39
N VAL H 184 -0.30 -18.51 35.24
CA VAL H 184 -0.93 -18.51 33.91
C VAL H 184 -2.12 -19.46 33.88
N TYR H 185 -1.82 -20.78 33.95
CA TYR H 185 -2.82 -21.84 34.06
C TYR H 185 -3.89 -21.48 35.06
N ALA H 186 -3.45 -20.86 36.15
CA ALA H 186 -4.29 -20.47 37.26
C ALA H 186 -5.39 -19.56 36.81
N TRP H 187 -5.08 -18.74 35.80
CA TRP H 187 -6.06 -17.80 35.27
C TRP H 187 -6.75 -18.29 34.00
N HIS H 188 -6.00 -18.97 33.14
CA HIS H 188 -6.56 -19.49 31.90
C HIS H 188 -7.58 -20.59 32.09
N LEU H 189 -7.21 -21.64 32.84
CA LEU H 189 -8.00 -22.85 32.79
C LEU H 189 -9.38 -22.65 33.40
N PRO H 190 -9.47 -22.00 34.60
CA PRO H 190 -10.76 -21.54 35.21
C PRO H 190 -11.71 -20.85 34.24
N TRP H 191 -11.19 -19.84 33.52
CA TRP H 191 -11.98 -19.16 32.51
C TRP H 191 -12.43 -20.07 31.39
N MET H 192 -11.54 -20.93 30.87
CA MET H 192 -11.96 -21.93 29.87
C MET H 192 -13.08 -22.82 30.36
N ALA H 193 -12.92 -23.34 31.57
CA ALA H 193 -13.98 -24.06 32.24
C ALA H 193 -15.26 -23.20 32.33
N VAL H 194 -15.14 -21.94 32.78
CA VAL H 194 -16.32 -21.03 32.78
C VAL H 194 -17.03 -20.97 31.42
N GLY H 195 -16.22 -20.77 30.38
CA GLY H 195 -16.70 -20.73 29.00
C GLY H 195 -17.49 -21.95 28.60
N ALA H 196 -16.88 -23.12 28.83
CA ALA H 196 -17.55 -24.43 28.66
C ALA H 196 -18.84 -24.65 29.51
N ALA H 197 -18.89 -24.07 30.71
CA ALA H 197 -20.10 -24.08 31.51
C ALA H 197 -21.22 -23.38 30.73
N TRP H 198 -21.02 -22.09 30.48
CA TRP H 198 -21.93 -21.25 29.70
C TRP H 198 -22.54 -21.96 28.51
N ILE H 199 -21.70 -22.63 27.72
CA ILE H 199 -22.19 -23.38 26.58
C ILE H 199 -23.04 -24.58 26.99
N PHE H 200 -22.49 -25.46 27.81
CA PHE H 200 -23.22 -26.66 28.21
C PHE H 200 -24.51 -26.28 28.90
N PHE H 201 -24.48 -25.16 29.64
CA PHE H 201 -25.70 -24.66 30.24
C PHE H 201 -26.79 -24.47 29.21
N TRP H 202 -26.69 -23.43 28.39
CA TRP H 202 -27.77 -23.19 27.42
C TRP H 202 -28.11 -24.43 26.56
N PHE H 203 -27.11 -25.21 26.20
CA PHE H 203 -27.33 -26.39 25.36
C PHE H 203 -28.34 -27.34 25.96
N VAL H 204 -28.11 -27.72 27.21
CA VAL H 204 -28.99 -28.62 27.92
C VAL H 204 -29.85 -27.77 28.83
N ARG H 205 -30.88 -27.21 28.24
CA ARG H 205 -31.72 -26.23 28.90
C ARG H 205 -32.65 -25.80 27.83
N LYS H 206 -32.22 -26.00 26.58
CA LYS H 206 -33.01 -25.72 25.37
C LYS H 206 -32.20 -26.23 24.20
N GLY H 207 -32.65 -27.30 23.56
CA GLY H 207 -31.80 -28.04 22.63
C GLY H 207 -31.32 -27.27 21.41
N ILE H 208 -30.60 -27.95 20.52
CA ILE H 208 -30.33 -27.36 19.21
C ILE H 208 -31.64 -27.45 18.43
N ILE H 209 -32.07 -28.69 18.15
CA ILE H 209 -33.30 -29.02 17.38
C ILE H 209 -34.61 -28.43 17.94
N THR H 210 -34.83 -28.64 19.24
CA THR H 210 -35.90 -27.95 19.98
C THR H 210 -35.95 -26.47 19.69
N SER H 211 -34.83 -25.79 19.97
CA SER H 211 -34.74 -24.34 19.86
C SER H 211 -34.74 -23.89 18.42
N TYR H 212 -34.25 -24.75 17.53
CA TYR H 212 -34.33 -24.46 16.12
C TYR H 212 -35.80 -24.41 15.72
N ILE H 213 -36.50 -25.48 16.11
CA ILE H 213 -37.88 -25.64 15.73
C ILE H 213 -38.71 -24.56 16.39
N ARG H 214 -38.48 -24.28 17.65
CA ARG H 214 -39.25 -23.24 18.27
C ARG H 214 -39.15 -21.99 17.41
N VAL H 215 -37.91 -21.53 17.21
CA VAL H 215 -37.61 -20.35 16.40
C VAL H 215 -38.26 -20.44 15.02
N ALA H 216 -38.03 -21.56 14.32
CA ALA H 216 -38.58 -21.84 12.97
C ALA H 216 -40.12 -21.67 12.84
N GLU H 217 -40.85 -22.10 13.87
CA GLU H 217 -42.28 -21.83 14.06
C GLU H 217 -42.35 -20.41 14.54
N GLY H 218 -43.51 -20.01 15.03
CA GLY H 218 -43.66 -18.67 15.61
C GLY H 218 -42.55 -18.24 16.54
N LYS H 219 -42.23 -19.06 17.55
CA LYS H 219 -41.46 -18.55 18.65
C LYS H 219 -40.47 -19.61 19.16
N ALA H 220 -39.17 -19.28 19.38
CA ALA H 220 -38.60 -17.96 19.78
C ALA H 220 -39.18 -17.62 21.14
N ASP H 221 -38.81 -16.53 21.77
CA ASP H 221 -39.54 -16.09 23.00
C ASP H 221 -39.81 -17.16 24.03
N ASP H 222 -40.09 -18.38 23.58
CA ASP H 222 -40.09 -19.55 24.44
C ASP H 222 -38.66 -19.86 24.78
N VAL H 223 -37.79 -19.67 23.78
CA VAL H 223 -36.39 -20.01 23.92
C VAL H 223 -35.68 -19.05 24.85
N ILE H 224 -35.91 -17.76 24.66
CA ILE H 224 -35.37 -16.78 25.60
C ILE H 224 -36.49 -16.07 26.37
N GLY H 225 -36.47 -14.75 26.44
CA GLY H 225 -37.24 -14.05 27.46
C GLY H 225 -36.64 -14.27 28.84
N ASP H 226 -36.60 -13.19 29.65
CA ASP H 226 -36.21 -13.24 31.08
C ASP H 226 -37.13 -14.24 31.70
N ASP H 227 -36.67 -14.98 32.70
CA ASP H 227 -35.44 -14.75 33.40
C ASP H 227 -34.25 -15.55 32.85
N ASP H 228 -34.25 -15.84 31.55
CA ASP H 228 -33.00 -16.27 30.91
C ASP H 228 -32.03 -15.11 30.95
N ARG H 229 -32.58 -13.92 30.75
CA ARG H 229 -31.83 -12.68 30.81
C ARG H 229 -31.38 -12.30 32.21
N ARG H 230 -32.09 -12.76 33.23
CA ARG H 230 -31.59 -12.60 34.60
C ARG H 230 -30.31 -13.42 34.81
N ILE H 231 -30.33 -14.68 34.37
CA ILE H 231 -29.11 -15.48 34.35
C ILE H 231 -27.95 -14.71 33.69
N GLY H 232 -28.16 -14.28 32.45
CA GLY H 232 -27.17 -13.50 31.71
C GLY H 232 -26.63 -12.30 32.49
N ALA H 233 -27.52 -11.39 32.89
CA ALA H 233 -27.09 -10.19 33.61
C ALA H 233 -26.30 -10.57 34.84
N ILE H 234 -26.67 -11.67 35.48
CA ILE H 234 -25.91 -12.10 36.64
C ILE H 234 -24.55 -12.64 36.24
N VAL H 235 -24.55 -13.63 35.35
CA VAL H 235 -23.30 -14.22 34.90
C VAL H 235 -22.32 -13.10 34.51
N LEU H 236 -22.82 -12.09 33.78
CA LEU H 236 -21.95 -11.00 33.37
C LEU H 236 -21.43 -10.21 34.57
N ALA H 237 -22.30 -9.94 35.54
CA ALA H 237 -21.89 -9.14 36.68
C ALA H 237 -20.72 -9.85 37.39
N LEU H 238 -20.84 -11.18 37.54
CA LEU H 238 -19.79 -12.00 38.15
C LEU H 238 -18.50 -11.97 37.33
N THR H 239 -18.61 -12.20 36.03
CA THR H 239 -17.48 -12.05 35.11
C THR H 239 -16.67 -10.76 35.29
N ILE H 240 -17.34 -9.61 35.21
CA ILE H 240 -16.65 -8.32 35.39
C ILE H 240 -16.01 -8.20 36.76
N LEU H 241 -16.73 -8.69 37.78
CA LEU H 241 -16.25 -8.66 39.14
C LEU H 241 -15.04 -9.58 39.30
N ALA H 242 -15.13 -10.76 38.68
CA ALA H 242 -13.99 -11.68 38.58
C ALA H 242 -12.76 -11.02 37.95
N THR H 243 -13.01 -10.08 37.04
CA THR H 243 -11.94 -9.35 36.38
C THR H 243 -11.32 -8.25 37.26
N ILE H 244 -12.17 -7.40 37.84
CA ILE H 244 -11.72 -6.30 38.70
C ILE H 244 -10.92 -6.85 39.86
N VAL H 245 -11.43 -7.88 40.51
CA VAL H 245 -10.64 -8.62 41.49
C VAL H 245 -9.27 -9.10 40.94
N GLY H 246 -9.30 -10.01 39.97
CA GLY H 246 -8.09 -10.61 39.38
C GLY H 246 -7.08 -9.58 38.95
N TYR H 247 -7.59 -8.44 38.51
CA TYR H 247 -6.77 -7.33 38.17
C TYR H 247 -6.07 -6.77 39.42
N ALA H 248 -6.89 -6.41 40.42
CA ALA H 248 -6.41 -5.72 41.62
C ALA H 248 -5.41 -6.56 42.39
N VAL H 249 -5.74 -7.85 42.59
CA VAL H 249 -4.79 -8.85 43.12
C VAL H 249 -3.44 -8.83 42.40
N THR H 250 -3.46 -9.12 41.09
CA THR H 250 -2.24 -9.25 40.26
C THR H 250 -1.55 -7.91 40.14
N ASN H 251 -2.27 -6.88 40.58
CA ASN H 251 -1.76 -5.52 40.69
C ASN H 251 -1.06 -5.27 42.03
N SER H 252 -1.44 -6.07 43.02
CA SER H 252 -0.81 -6.05 44.33
C SER H 252 0.43 -6.91 44.38
N THR H 253 0.31 -8.20 44.08
CA THR H 253 1.49 -8.93 43.64
C THR H 253 2.03 -8.07 42.51
N PHE H 254 3.35 -8.02 42.32
CA PHE H 254 3.93 -7.23 41.18
C PHE H 254 3.40 -5.79 41.01
N PRO H 255 3.62 -4.90 42.00
CA PRO H 255 3.03 -3.60 41.80
C PRO H 255 4.05 -2.70 41.09
N ARG H 256 5.14 -3.30 40.61
CA ARG H 256 6.18 -2.57 39.87
C ARG H 256 5.96 -2.54 38.37
N THR H 257 6.49 -3.56 37.66
CA THR H 257 6.31 -3.69 36.17
C THR H 257 6.62 -2.51 35.22
N ILE H 258 7.39 -2.85 34.20
CA ILE H 258 7.82 -1.97 33.14
C ILE H 258 7.43 -2.56 31.80
N PRO H 259 7.30 -1.74 30.74
CA PRO H 259 6.97 -2.28 29.43
C PRO H 259 8.15 -2.99 28.75
N LEU H 260 7.85 -3.92 27.84
CA LEU H 260 8.87 -4.61 27.04
C LEU H 260 9.87 -3.64 26.47
N GLN H 261 11.13 -3.99 26.53
CA GLN H 261 12.21 -3.09 26.11
C GLN H 261 12.68 -3.45 24.72
N ALA H 262 12.55 -2.51 23.80
CA ALA H 262 12.74 -2.81 22.38
C ALA H 262 13.50 -1.72 21.62
N GLY H 263 13.95 -2.02 20.39
CA GLY H 263 14.60 -1.03 19.54
C GLY H 263 16.08 -1.19 19.20
N LEU H 264 16.49 -0.53 18.12
CA LEU H 264 17.83 -0.68 17.56
C LEU H 264 18.86 -0.11 18.51
N GLN H 265 19.97 -0.82 18.66
CA GLN H 265 21.02 -0.44 19.61
C GLN H 265 21.95 0.62 19.02
N LYS H 266 22.59 1.41 19.88
CA LYS H 266 23.59 2.43 19.47
C LYS H 266 24.63 1.78 18.58
N PRO H 267 25.31 2.58 17.75
CA PRO H 267 26.17 1.95 16.73
C PRO H 267 27.26 1.15 17.35
N LEU H 268 27.75 0.14 16.65
CA LEU H 268 28.69 -0.79 17.26
C LEU H 268 30.07 -0.18 17.14
N THR H 269 31.05 -0.75 17.85
CA THR H 269 32.45 -0.43 17.54
C THR H 269 33.07 -1.62 16.82
N PRO H 270 33.62 -1.36 15.63
CA PRO H 270 34.23 -2.43 14.83
C PRO H 270 35.53 -2.84 15.45
N ILE H 271 36.11 -3.91 14.90
CA ILE H 271 37.43 -4.42 15.25
C ILE H 271 38.43 -3.43 14.68
N GLU H 272 39.49 -3.11 15.44
CA GLU H 272 40.51 -2.20 14.91
C GLU H 272 41.90 -2.81 14.87
N THR H 273 41.94 -4.12 15.10
CA THR H 273 43.16 -4.87 15.28
C THR H 273 43.26 -6.00 14.23
N GLU H 274 44.26 -6.01 13.35
CA GLU H 274 45.33 -5.06 13.30
C GLU H 274 46.32 -5.55 12.26
N GLY H 275 45.92 -5.87 11.03
CA GLY H 275 44.55 -5.86 10.56
C GLY H 275 44.25 -7.13 9.76
N THR H 276 42.98 -7.49 9.54
CA THR H 276 41.73 -6.68 9.71
C THR H 276 41.65 -5.70 8.57
N VAL H 277 40.70 -5.96 7.68
CA VAL H 277 40.64 -5.29 6.39
C VAL H 277 40.54 -3.77 6.47
N GLY H 278 41.29 -3.08 5.62
CA GLY H 278 41.48 -1.64 5.73
C GLY H 278 41.60 -1.07 7.14
N VAL H 279 42.46 -1.65 7.97
CA VAL H 279 42.78 -1.07 9.27
C VAL H 279 44.30 -1.13 9.55
N GLY H 280 44.86 0.00 9.95
CA GLY H 280 46.28 0.09 10.31
C GLY H 280 47.13 0.61 9.17
N LYS H 281 48.41 0.84 9.43
CA LYS H 281 49.28 1.35 8.38
C LYS H 281 49.66 0.30 7.35
N GLU H 282 49.69 -0.95 7.79
CA GLU H 282 50.10 -2.03 6.93
C GLU H 282 48.96 -2.97 6.56
N ASN H 283 49.00 -3.52 5.34
CA ASN H 283 47.88 -4.32 4.83
C ASN H 283 48.14 -4.92 3.45
N VAL H 284 47.31 -5.90 3.08
CA VAL H 284 47.31 -6.45 1.73
C VAL H 284 46.11 -5.91 0.91
N THR H 285 46.25 -5.87 -0.40
CA THR H 285 45.18 -5.42 -1.29
C THR H 285 44.99 -6.46 -2.36
N THR H 286 43.83 -7.09 -2.41
CA THR H 286 43.59 -8.05 -3.47
C THR H 286 42.46 -7.61 -4.37
N GLU H 287 42.79 -7.49 -5.67
CA GLU H 287 41.79 -7.38 -6.74
C GLU H 287 41.47 -8.78 -7.21
N LEU H 288 40.23 -9.04 -7.59
CA LEU H 288 39.99 -10.21 -8.43
C LEU H 288 40.20 -9.81 -9.89
N ASN H 289 40.78 -10.71 -10.69
CA ASN H 289 41.02 -10.42 -12.09
C ASN H 289 40.86 -11.64 -12.97
N GLY H 290 39.65 -12.18 -12.95
CA GLY H 290 39.32 -13.39 -13.72
C GLY H 290 39.18 -14.59 -12.80
N GLY H 291 38.16 -15.39 -13.06
CA GLY H 291 37.93 -16.61 -12.31
C GLY H 291 37.27 -17.62 -13.21
N VAL H 292 37.34 -18.89 -12.83
CA VAL H 292 36.72 -19.99 -13.58
C VAL H 292 36.48 -21.17 -12.62
N TYR H 293 35.24 -21.66 -12.57
CA TYR H 293 34.88 -22.87 -11.82
C TYR H 293 34.31 -23.91 -12.76
N LYS H 294 34.52 -25.19 -12.45
CA LYS H 294 34.06 -26.25 -13.35
C LYS H 294 32.64 -26.62 -12.99
N VAL H 295 31.84 -26.92 -14.02
CA VAL H 295 30.44 -27.32 -13.84
C VAL H 295 30.15 -28.63 -14.60
N PRO H 296 29.89 -29.72 -13.86
CA PRO H 296 29.93 -29.75 -12.38
C PRO H 296 31.36 -29.64 -11.86
N GLY H 297 31.52 -29.40 -10.56
CA GLY H 297 32.83 -28.98 -10.07
C GLY H 297 33.26 -29.32 -8.67
N ARG H 298 34.41 -28.78 -8.32
CA ARG H 298 35.11 -29.05 -7.09
C ARG H 298 36.24 -28.03 -7.10
N GLU H 299 36.40 -27.38 -8.26
CA GLU H 299 37.57 -26.54 -8.59
C GLU H 299 37.23 -25.09 -8.87
N LEU H 300 38.15 -24.21 -8.49
CA LEU H 300 38.09 -22.78 -8.81
C LEU H 300 39.50 -22.21 -9.02
N THR H 301 39.65 -21.50 -10.13
CA THR H 301 40.92 -20.92 -10.51
C THR H 301 40.74 -19.42 -10.67
N ILE H 302 41.46 -18.66 -9.86
CA ILE H 302 41.34 -17.20 -9.86
C ILE H 302 42.68 -16.49 -9.90
N ASN H 303 42.74 -15.41 -10.66
CA ASN H 303 43.93 -14.60 -10.70
C ASN H 303 43.71 -13.40 -9.81
N VAL H 304 44.67 -13.16 -8.91
CA VAL H 304 44.54 -12.15 -7.86
C VAL H 304 45.67 -11.14 -7.92
N LYS H 305 45.33 -9.88 -8.19
CA LYS H 305 46.32 -8.79 -8.24
C LYS H 305 46.63 -8.23 -6.85
N VAL H 306 47.37 -9.02 -6.06
CA VAL H 306 47.79 -8.63 -4.71
C VAL H 306 48.78 -7.44 -4.74
N LYS H 307 48.67 -6.63 -3.68
CA LYS H 307 49.56 -5.53 -3.36
C LYS H 307 49.81 -5.64 -1.86
N ASN H 308 51.02 -5.28 -1.44
CA ASN H 308 51.48 -5.39 -0.05
C ASN H 308 52.74 -4.54 0.02
N ASN H 309 52.80 -3.41 0.73
CA ASN H 309 51.79 -2.73 1.57
C ASN H 309 51.92 -2.95 3.07
N THR H 310 52.44 -4.11 3.44
CA THR H 310 53.01 -4.30 4.76
C THR H 310 54.47 -3.99 4.65
N SER H 311 55.23 -4.47 5.64
CA SER H 311 56.67 -4.34 5.63
C SER H 311 57.31 -5.70 5.90
N GLN H 312 56.52 -6.75 5.74
CA GLN H 312 57.03 -8.11 5.80
C GLN H 312 56.70 -8.85 4.52
N PRO H 313 57.43 -9.94 4.23
CA PRO H 313 57.06 -10.75 3.09
C PRO H 313 55.83 -11.58 3.43
N LEU H 314 54.84 -11.61 2.54
CA LEU H 314 53.61 -12.31 2.85
C LEU H 314 53.34 -13.55 2.01
N ARG H 315 53.04 -14.64 2.71
CA ARG H 315 52.52 -15.83 2.06
C ARG H 315 51.01 -15.95 2.33
N LEU H 316 50.25 -16.23 1.26
CA LEU H 316 48.81 -16.45 1.33
C LEU H 316 48.48 -17.86 1.88
N GLY H 317 47.82 -17.90 3.04
CA GLY H 317 47.66 -19.14 3.80
C GLY H 317 46.28 -19.72 3.88
N GLU H 318 45.27 -18.84 3.77
CA GLU H 318 43.84 -19.23 3.88
C GLU H 318 42.89 -18.35 3.05
N TYR H 319 41.82 -18.99 2.59
CA TYR H 319 40.70 -18.33 1.94
C TYR H 319 39.37 -18.86 2.50
N THR H 320 38.55 -17.97 3.06
CA THR H 320 37.25 -18.36 3.57
C THR H 320 36.10 -17.83 2.72
N ALA H 321 35.06 -18.65 2.62
CA ALA H 321 33.88 -18.38 1.80
C ALA H 321 32.59 -18.26 2.62
N ALA H 322 31.92 -19.38 2.85
CA ALA H 322 30.67 -19.32 3.59
C ALA H 322 30.82 -19.92 4.99
N GLY H 323 32.03 -19.81 5.53
CA GLY H 323 32.42 -20.49 6.77
C GLY H 323 33.34 -21.64 6.42
N LEU H 324 33.44 -21.92 5.11
CA LEU H 324 34.41 -22.85 4.54
C LEU H 324 35.81 -22.28 4.56
N ARG H 325 36.77 -23.09 5.03
CA ARG H 325 38.17 -22.69 5.03
C ARG H 325 38.94 -23.45 3.97
N PHE H 326 39.78 -22.72 3.25
CA PHE H 326 40.68 -23.32 2.30
C PHE H 326 42.12 -23.00 2.67
N LEU H 327 42.87 -24.02 3.07
CA LEU H 327 44.18 -23.81 3.64
C LEU H 327 45.31 -24.20 2.68
N ASN H 328 46.37 -23.38 2.70
CA ASN H 328 47.66 -23.72 2.10
C ASN H 328 48.45 -24.57 3.11
N PRO H 329 48.64 -25.86 2.80
CA PRO H 329 49.32 -26.73 3.75
C PRO H 329 50.80 -26.33 3.92
N ASP H 330 51.27 -25.44 3.03
CA ASP H 330 52.59 -24.80 3.13
C ASP H 330 52.60 -23.87 4.28
N VAL H 331 51.46 -23.24 4.53
CA VAL H 331 51.36 -22.30 5.62
C VAL H 331 50.70 -22.95 6.83
N PHE H 332 49.70 -23.80 6.57
CA PHE H 332 49.06 -24.56 7.62
C PHE H 332 49.63 -25.96 7.59
N THR H 333 50.91 -26.04 7.94
CA THR H 333 51.67 -27.28 8.06
C THR H 333 50.95 -28.18 9.07
N THR H 334 50.43 -27.56 10.12
CA THR H 334 49.29 -28.04 10.86
C THR H 334 48.51 -26.74 11.01
N LYS H 335 47.17 -26.73 10.91
CA LYS H 335 46.23 -27.86 10.71
C LYS H 335 45.12 -27.75 11.79
N PRO H 336 44.29 -26.69 11.69
CA PRO H 336 43.59 -26.17 12.86
C PRO H 336 42.49 -27.07 13.38
N ASP H 337 42.01 -26.74 14.58
CA ASP H 337 40.85 -27.38 15.19
C ASP H 337 39.60 -26.64 14.74
N PHE H 338 38.81 -27.31 13.89
CA PHE H 338 37.67 -26.70 13.19
C PHE H 338 36.73 -27.77 12.61
N PRO H 339 35.39 -27.65 12.85
CA PRO H 339 34.41 -28.69 12.48
C PRO H 339 34.63 -29.11 11.04
N ASP H 340 34.32 -30.38 10.74
CA ASP H 340 34.92 -31.06 9.59
C ASP H 340 35.19 -30.17 8.37
N TYR H 341 34.20 -29.58 7.70
CA TYR H 341 32.97 -30.20 7.21
C TYR H 341 32.63 -29.50 5.85
N LEU H 342 33.23 -28.35 5.49
CA LEU H 342 33.78 -27.16 6.27
C LEU H 342 35.28 -26.73 6.31
N LEU H 343 36.20 -27.65 6.61
CA LEU H 343 37.62 -27.28 6.70
C LEU H 343 38.53 -27.99 5.70
N ALA H 344 38.93 -27.31 4.62
CA ALA H 344 39.72 -27.93 3.56
C ALA H 344 41.23 -27.67 3.72
N ASP H 345 42.06 -28.53 3.10
CA ASP H 345 43.52 -28.43 3.13
C ASP H 345 44.04 -28.38 1.73
N ARG H 346 43.30 -27.70 0.86
CA ARG H 346 43.69 -27.51 -0.52
C ARG H 346 43.25 -26.14 -1.02
N GLY H 347 43.75 -25.11 -0.34
CA GLY H 347 43.56 -23.74 -0.78
C GLY H 347 44.83 -23.27 -1.43
N LEU H 348 45.39 -24.14 -2.27
CA LEU H 348 46.79 -24.01 -2.72
C LEU H 348 46.93 -23.80 -4.24
N SER H 349 47.98 -23.10 -4.69
CA SER H 349 49.03 -22.51 -3.85
C SER H 349 49.52 -21.20 -4.45
N VAL H 350 50.80 -20.90 -4.24
CA VAL H 350 51.48 -19.80 -4.91
C VAL H 350 52.67 -20.49 -5.56
N ASP H 351 53.80 -19.81 -5.58
CA ASP H 351 55.09 -20.47 -5.67
C ASP H 351 55.75 -20.18 -4.33
N ALA H 352 54.97 -20.27 -3.25
CA ALA H 352 55.36 -19.84 -1.89
C ALA H 352 56.32 -18.60 -1.83
N THR H 353 56.27 -17.76 -2.86
CA THR H 353 57.23 -16.65 -3.07
C THR H 353 56.81 -15.33 -2.39
N PRO H 354 56.97 -15.25 -1.05
CA PRO H 354 56.43 -14.27 -0.10
C PRO H 354 56.09 -12.80 -0.53
N ILE H 355 56.29 -12.43 -1.80
CA ILE H 355 55.81 -11.13 -2.30
C ILE H 355 56.61 -9.92 -1.83
N ALA H 356 56.16 -9.26 -0.78
CA ALA H 356 56.63 -7.92 -0.54
C ALA H 356 57.63 -7.89 0.61
N PRO H 357 57.72 -6.77 1.35
CA PRO H 357 56.98 -5.50 1.26
C PRO H 357 57.09 -4.80 -0.09
N GLY H 358 56.22 -3.81 -0.28
CA GLY H 358 56.16 -3.06 -1.53
C GLY H 358 55.69 -3.80 -2.77
N GLU H 359 55.96 -5.10 -2.85
CA GLU H 359 55.73 -5.89 -4.08
C GLU H 359 54.26 -5.99 -4.47
N ALA H 360 54.00 -5.74 -5.75
CA ALA H 360 52.67 -5.91 -6.35
C ALA H 360 52.73 -7.08 -7.35
N LYS H 361 51.89 -8.10 -7.12
CA LYS H 361 52.01 -9.37 -7.86
C LYS H 361 50.65 -9.99 -8.20
N GLU H 362 50.45 -10.39 -9.46
CA GLU H 362 49.25 -11.15 -9.85
C GLU H 362 49.50 -12.64 -9.83
N ILE H 363 48.71 -13.36 -9.05
CA ILE H 363 49.08 -14.71 -8.69
C ILE H 363 47.95 -15.69 -8.91
N VAL H 364 48.14 -16.71 -9.75
CA VAL H 364 47.09 -17.71 -9.96
C VAL H 364 46.88 -18.61 -8.73
N VAL H 365 45.66 -18.54 -8.15
CA VAL H 365 45.27 -19.42 -7.03
C VAL H 365 44.26 -20.47 -7.47
N LYS H 366 44.58 -21.73 -7.18
CA LYS H 366 43.64 -22.81 -7.38
C LYS H 366 43.02 -23.15 -6.04
N ILE H 367 41.69 -23.26 -6.04
CA ILE H 367 40.94 -23.74 -4.89
C ILE H 367 40.21 -25.01 -5.31
N GLN H 368 40.56 -26.12 -4.69
CA GLN H 368 39.96 -27.40 -5.01
C GLN H 368 39.60 -28.18 -3.75
N ASP H 369 38.35 -28.58 -3.63
CA ASP H 369 37.91 -29.45 -2.52
C ASP H 369 36.48 -29.94 -2.75
N ALA H 370 36.23 -31.13 -2.23
CA ALA H 370 34.93 -31.77 -2.33
C ALA H 370 33.91 -30.94 -1.58
N ARG H 371 34.39 -30.25 -0.53
CA ARG H 371 33.55 -29.39 0.28
C ARG H 371 32.92 -28.25 -0.55
N TRP H 372 33.68 -27.72 -1.50
CA TRP H 372 33.17 -26.69 -2.38
C TRP H 372 31.92 -27.18 -3.08
N ASP H 373 31.91 -28.45 -3.45
CA ASP H 373 30.76 -29.01 -4.10
C ASP H 373 29.74 -29.45 -3.09
N ILE H 374 30.20 -30.08 -2.02
CA ILE H 374 29.32 -30.62 -0.96
C ILE H 374 28.51 -29.52 -0.27
N GLU H 375 29.08 -28.30 -0.23
CA GLU H 375 28.37 -27.14 0.30
C GLU H 375 27.71 -26.34 -0.81
N ARG H 376 27.33 -27.04 -1.86
CA ARG H 376 26.55 -26.47 -2.96
C ARG H 376 27.09 -25.12 -3.52
N LEU H 377 28.33 -24.79 -3.22
CA LEU H 377 28.90 -23.57 -3.77
C LEU H 377 29.18 -23.70 -5.25
N SER H 378 29.13 -24.93 -5.76
CA SER H 378 29.25 -25.17 -7.20
C SER H 378 27.92 -24.92 -7.94
N ASP H 379 26.86 -24.72 -7.15
CA ASP H 379 25.54 -24.34 -7.66
C ASP H 379 25.45 -22.83 -7.86
N LEU H 380 26.61 -22.21 -8.03
CA LEU H 380 26.72 -20.80 -8.31
C LEU H 380 26.30 -20.56 -9.76
N ALA H 381 26.31 -21.64 -10.53
CA ALA H 381 25.90 -21.60 -11.93
C ALA H 381 24.42 -21.33 -12.01
N TYR H 382 23.72 -21.73 -10.95
CA TYR H 382 22.28 -21.54 -10.84
C TYR H 382 21.89 -20.11 -10.48
N ASP H 383 22.81 -19.35 -9.88
CA ASP H 383 22.51 -17.99 -9.41
C ASP H 383 22.40 -16.90 -10.51
N THR H 384 21.66 -15.85 -10.14
CA THR H 384 21.43 -14.66 -10.97
C THR H 384 22.56 -13.62 -10.84
N ASP H 385 23.61 -14.02 -10.12
CA ASP H 385 24.85 -13.26 -10.00
C ASP H 385 26.05 -14.20 -9.83
N SER H 386 26.62 -14.61 -10.97
CA SER H 386 27.79 -15.47 -10.99
C SER H 386 28.96 -14.63 -10.53
N GLN H 387 29.15 -14.62 -9.22
CA GLN H 387 30.10 -13.74 -8.58
C GLN H 387 30.60 -14.36 -7.29
N ILE H 388 31.87 -14.13 -6.98
CA ILE H 388 32.46 -14.73 -5.80
C ILE H 388 32.70 -13.68 -4.73
N GLY H 389 32.79 -14.13 -3.48
CA GLY H 389 33.07 -13.23 -2.35
C GLY H 389 33.92 -13.90 -1.28
N GLY H 390 34.52 -13.11 -0.37
CA GLY H 390 35.30 -13.67 0.73
C GLY H 390 36.62 -13.02 1.12
N LEU H 391 37.32 -13.66 2.07
CA LEU H 391 38.49 -13.07 2.69
C LEU H 391 39.69 -13.87 2.32
N LEU H 392 40.82 -13.20 2.12
CA LEU H 392 42.12 -13.83 1.93
C LEU H 392 43.03 -13.63 3.12
N PHE H 393 43.75 -14.68 3.49
CA PHE H 393 44.63 -14.63 4.65
C PHE H 393 46.13 -14.82 4.36
N PHE H 394 46.83 -13.69 4.35
CA PHE H 394 48.27 -13.68 4.17
C PHE H 394 48.95 -13.72 5.52
N PHE H 395 50.05 -14.47 5.58
CA PHE H 395 50.88 -14.52 6.78
C PHE H 395 52.32 -14.10 6.52
N SER H 396 52.96 -13.60 7.57
CA SER H 396 54.36 -13.24 7.53
C SER H 396 55.22 -14.46 7.89
N PRO H 397 56.57 -14.29 7.89
CA PRO H 397 57.53 -15.24 8.42
C PRO H 397 57.08 -15.84 9.75
N ASP H 398 56.93 -14.97 10.75
CA ASP H 398 56.33 -15.31 12.05
C ASP H 398 54.81 -15.48 11.89
N GLY H 399 54.08 -15.51 13.01
CA GLY H 399 52.61 -15.67 12.98
C GLY H 399 51.80 -14.65 12.18
N LYS H 400 51.96 -13.37 12.52
CA LYS H 400 51.18 -12.26 11.97
C LYS H 400 50.36 -12.50 10.70
N ARG H 401 49.04 -12.36 10.89
CA ARG H 401 48.03 -12.56 9.85
C ARG H 401 47.62 -11.23 9.27
N TYR H 402 47.55 -11.15 7.95
CA TYR H 402 47.02 -9.97 7.26
C TYR H 402 45.88 -10.33 6.33
N ALA H 403 44.74 -9.65 6.50
CA ALA H 403 43.48 -10.00 5.84
C ALA H 403 43.11 -9.06 4.71
N SER H 404 42.70 -9.59 3.55
CA SER H 404 42.17 -8.73 2.50
C SER H 404 40.96 -9.36 1.82
N GLU H 405 40.03 -8.51 1.36
CA GLU H 405 38.76 -8.97 0.83
C GLU H 405 38.84 -9.17 -0.68
N ILE H 406 38.36 -10.33 -1.12
CA ILE H 406 38.37 -10.68 -2.52
C ILE H 406 36.93 -10.79 -3.01
N GLY H 407 36.65 -10.35 -4.22
CA GLY H 407 35.30 -10.54 -4.74
C GLY H 407 35.10 -10.18 -6.18
N GLY H 408 34.06 -10.72 -6.80
CA GLY H 408 33.74 -10.36 -8.16
C GLY H 408 33.51 -11.52 -9.10
N PRO H 409 33.28 -11.20 -10.39
CA PRO H 409 32.77 -12.13 -11.41
C PRO H 409 33.67 -13.34 -11.78
N VAL H 410 33.18 -14.53 -11.51
CA VAL H 410 33.86 -15.74 -11.95
C VAL H 410 33.01 -16.51 -12.96
N ILE H 411 33.65 -17.08 -13.98
CA ILE H 411 32.96 -17.69 -15.13
C ILE H 411 32.91 -19.21 -14.97
N PRO H 412 31.82 -19.84 -15.43
CA PRO H 412 31.83 -21.29 -15.32
C PRO H 412 32.47 -21.97 -16.54
N LYS H 413 33.14 -23.08 -16.28
CA LYS H 413 33.63 -23.95 -17.33
C LYS H 413 32.69 -25.12 -17.32
N PHE H 414 31.98 -25.32 -18.42
CA PHE H 414 30.94 -26.35 -18.49
C PHE H 414 31.50 -27.70 -18.92
N VAL H 415 31.88 -28.50 -17.93
CA VAL H 415 32.59 -29.75 -18.23
C VAL H 415 31.63 -30.92 -18.36
N ALA H 416 32.05 -31.91 -19.15
CA ALA H 416 31.34 -33.17 -19.24
C ALA H 416 31.30 -33.83 -17.84
N GLY H 417 30.10 -34.29 -17.50
CA GLY H 417 29.84 -34.88 -16.20
C GLY H 417 28.40 -34.64 -15.78
N ASP H 418 28.00 -35.31 -14.70
CA ASP H 418 26.71 -35.10 -14.02
C ASP H 418 26.90 -34.41 -12.67
N GLU I 16 -37.19 -8.78 -49.95
CA GLU I 16 -36.22 -8.49 -51.05
C GLU I 16 -35.00 -9.36 -50.87
N SER I 17 -34.06 -8.92 -50.02
CA SER I 17 -33.06 -9.81 -49.40
C SER I 17 -32.71 -9.32 -47.98
N VAL I 18 -32.62 -10.27 -47.06
CA VAL I 18 -32.35 -10.01 -45.65
C VAL I 18 -30.90 -9.53 -45.49
N VAL I 19 -30.00 -10.27 -46.12
CA VAL I 19 -28.55 -10.12 -46.02
C VAL I 19 -27.97 -9.22 -47.13
N ASP I 20 -27.63 -7.97 -46.84
CA ASP I 20 -26.92 -7.17 -47.86
C ASP I 20 -25.39 -7.24 -47.81
N LEU I 21 -24.77 -6.56 -46.83
CA LEU I 21 -23.30 -6.60 -46.59
C LEU I 21 -22.55 -5.49 -47.30
N ARG I 22 -23.12 -5.04 -48.42
CA ARG I 22 -22.53 -3.99 -49.21
C ARG I 22 -22.00 -2.87 -48.28
N GLY I 23 -22.86 -2.45 -47.34
CA GLY I 23 -22.54 -1.39 -46.38
C GLY I 23 -21.35 -1.71 -45.51
N MET I 24 -21.31 -2.96 -45.02
CA MET I 24 -20.22 -3.45 -44.18
C MET I 24 -18.89 -3.38 -44.90
N TRP I 25 -18.85 -3.87 -46.13
CA TRP I 25 -17.63 -3.75 -46.91
C TRP I 25 -17.21 -2.29 -47.09
N ILE I 26 -18.17 -1.41 -47.33
CA ILE I 26 -17.88 0.01 -47.39
C ILE I 26 -17.15 0.47 -46.12
N GLY I 27 -17.66 0.05 -44.97
CA GLY I 27 -17.02 0.33 -43.69
C GLY I 27 -15.64 -0.31 -43.55
N LEU I 28 -15.58 -1.64 -43.66
CA LEU I 28 -14.31 -2.37 -43.59
C LEU I 28 -13.22 -1.81 -44.49
N VAL I 29 -13.55 -1.70 -45.77
CA VAL I 29 -12.63 -1.16 -46.75
C VAL I 29 -12.26 0.28 -46.39
N LEU I 30 -13.27 1.12 -46.17
CA LEU I 30 -13.03 2.53 -45.84
C LEU I 30 -12.19 2.77 -44.58
N LEU I 31 -12.03 1.74 -43.78
CA LEU I 31 -11.32 1.88 -42.51
C LEU I 31 -9.91 1.35 -42.66
N ASN I 32 -9.78 0.03 -42.89
CA ASN I 32 -8.49 -0.65 -43.06
C ASN I 32 -7.55 0.14 -43.94
N VAL I 33 -8.11 0.68 -45.02
CA VAL I 33 -7.41 1.59 -45.92
C VAL I 33 -6.88 2.78 -45.13
N PHE I 34 -7.77 3.46 -44.42
CA PHE I 34 -7.43 4.70 -43.72
C PHE I 34 -6.31 4.52 -42.73
N TYR I 35 -6.37 3.44 -41.95
CA TYR I 35 -5.32 3.13 -40.99
C TYR I 35 -4.03 2.71 -41.68
N LEU I 36 -4.18 1.99 -42.78
CA LEU I 36 -3.06 1.63 -43.62
C LEU I 36 -2.29 2.89 -44.07
N ILE I 37 -3.01 3.84 -44.64
CA ILE I 37 -2.46 5.15 -44.91
C ILE I 37 -1.75 5.72 -43.67
N VAL I 38 -2.43 5.74 -42.53
CA VAL I 38 -1.94 6.41 -41.33
C VAL I 38 -0.68 5.74 -40.81
N ARG I 39 -0.64 4.41 -40.85
CA ARG I 39 0.51 3.67 -40.35
C ARG I 39 1.73 3.89 -41.24
N ILE I 40 1.45 3.93 -42.55
CA ILE I 40 2.43 4.28 -43.59
C ILE I 40 2.96 5.70 -43.37
N TYR I 41 2.04 6.64 -43.25
CA TYR I 41 2.37 8.01 -42.96
C TYR I 41 3.29 8.14 -41.74
N GLU I 42 2.96 7.43 -40.67
CA GLU I 42 3.75 7.52 -39.46
C GLU I 42 5.10 6.77 -39.57
N GLN I 43 5.20 5.80 -40.47
CA GLN I 43 6.50 5.21 -40.81
C GLN I 43 7.40 6.28 -41.37
N VAL I 44 6.83 7.11 -42.22
CA VAL I 44 7.56 8.10 -43.01
C VAL I 44 7.76 9.42 -42.28
N PHE I 45 6.82 9.83 -41.43
CA PHE I 45 6.96 11.11 -40.72
C PHE I 45 7.14 10.97 -39.23
N GLY I 46 6.91 9.76 -38.75
CA GLY I 46 7.33 9.44 -37.40
C GLY I 46 8.84 9.59 -37.37
N TRP I 47 9.51 8.72 -38.14
CA TRP I 47 10.93 8.82 -38.36
C TRP I 47 11.32 10.07 -39.16
N ARG I 48 12.06 10.96 -38.51
CA ARG I 48 12.46 12.25 -39.10
C ARG I 48 11.26 13.17 -39.40
N ALA I 49 10.78 13.86 -38.36
CA ALA I 49 9.66 14.81 -38.43
C ALA I 49 8.87 14.84 -37.12
N GLY I 50 8.90 13.73 -36.40
CA GLY I 50 8.18 13.63 -35.12
C GLY I 50 9.05 13.22 -33.94
N LEU I 51 10.25 13.80 -33.88
CA LEU I 51 11.18 13.43 -32.81
C LEU I 51 11.51 14.61 -31.90
N ASP I 52 11.50 15.81 -32.47
CA ASP I 52 11.53 17.03 -31.69
C ASP I 52 10.17 17.67 -31.81
N SER I 53 9.49 17.86 -30.69
CA SER I 53 8.18 18.49 -30.72
C SER I 53 8.29 20.02 -30.72
N PHE I 54 9.48 20.51 -30.38
CA PHE I 54 9.73 21.95 -30.40
C PHE I 54 10.13 22.47 -31.78
N ALA I 55 10.50 21.56 -32.68
CA ALA I 55 10.77 21.88 -34.09
C ALA I 55 9.48 22.29 -34.81
N PRO I 56 9.58 23.15 -35.84
CA PRO I 56 8.34 23.52 -36.54
C PRO I 56 7.84 22.46 -37.53
N GLU I 57 8.66 21.44 -37.83
CA GLU I 57 8.25 20.30 -38.69
C GLU I 57 7.23 19.42 -37.97
N PHE I 58 7.10 19.64 -36.68
CA PHE I 58 6.15 18.92 -35.86
C PHE I 58 4.76 19.57 -35.97
N GLN I 59 4.74 20.89 -36.14
CA GLN I 59 3.50 21.66 -36.26
C GLN I 59 2.78 21.40 -37.57
N THR I 60 3.54 21.02 -38.58
CA THR I 60 2.99 20.84 -39.92
C THR I 60 2.64 19.39 -40.20
N TYR I 61 3.40 18.45 -39.61
CA TYR I 61 3.16 17.02 -39.86
C TYR I 61 2.38 16.26 -38.79
N TRP I 62 2.48 16.69 -37.54
CA TRP I 62 1.76 15.99 -36.47
C TRP I 62 0.69 16.81 -35.76
N MET I 63 1.01 18.05 -35.40
CA MET I 63 0.03 18.89 -34.70
C MET I 63 -1.10 19.41 -35.60
N SER I 64 -0.94 19.19 -36.90
CA SER I 64 -2.01 19.40 -37.86
C SER I 64 -3.12 18.39 -37.53
N ILE I 65 -2.76 17.10 -37.56
CA ILE I 65 -3.68 15.99 -37.39
C ILE I 65 -4.52 16.16 -36.12
N LEU I 66 -3.86 16.40 -34.99
CA LEU I 66 -4.51 16.56 -33.70
C LEU I 66 -5.58 17.62 -33.76
N TRP I 67 -5.21 18.83 -34.19
CA TRP I 67 -6.13 19.95 -34.34
C TRP I 67 -7.25 19.74 -35.38
N THR I 68 -6.98 18.94 -36.41
CA THR I 68 -8.01 18.56 -37.39
C THR I 68 -9.03 17.57 -36.79
N GLU I 69 -8.55 16.39 -36.44
CA GLU I 69 -9.40 15.24 -36.15
C GLU I 69 -10.40 15.44 -35.01
N ILE I 70 -10.00 16.15 -33.97
CA ILE I 70 -10.88 16.35 -32.83
C ILE I 70 -12.25 16.99 -33.19
N PRO I 71 -12.26 18.22 -33.78
CA PRO I 71 -13.56 18.77 -34.21
C PRO I 71 -14.20 17.96 -35.36
N LEU I 72 -13.36 17.32 -36.18
CA LEU I 72 -13.82 16.40 -37.22
C LEU I 72 -14.48 15.15 -36.61
N GLU I 73 -13.87 14.60 -35.57
CA GLU I 73 -14.46 13.48 -34.85
C GLU I 73 -15.75 13.90 -34.15
N LEU I 74 -15.70 15.02 -33.46
CA LEU I 74 -16.84 15.56 -32.68
C LEU I 74 -18.11 15.75 -33.53
N VAL I 75 -17.91 16.31 -34.73
CA VAL I 75 -19.02 16.50 -35.65
C VAL I 75 -19.46 15.16 -36.24
N SER I 76 -18.48 14.42 -36.80
CA SER I 76 -18.70 13.04 -37.24
C SER I 76 -19.56 12.23 -36.27
N GLY I 77 -19.28 12.39 -34.99
CA GLY I 77 -19.99 11.71 -33.92
C GLY I 77 -21.43 12.18 -33.87
N LEU I 78 -21.63 13.45 -33.55
CA LEU I 78 -22.97 13.98 -33.37
C LEU I 78 -23.79 13.82 -34.64
N GLY I 79 -23.13 14.01 -35.78
CA GLY I 79 -23.78 13.79 -37.05
C GLY I 79 -24.44 12.43 -37.04
N LEU I 80 -23.62 11.41 -36.92
CA LEU I 80 -24.07 10.02 -36.96
C LEU I 80 -25.25 9.78 -36.03
N ALA I 81 -25.13 10.29 -34.80
CA ALA I 81 -26.18 10.16 -33.79
C ALA I 81 -27.45 10.89 -34.22
N GLY I 82 -27.38 12.22 -34.33
CA GLY I 82 -28.50 13.03 -34.82
C GLY I 82 -29.23 12.40 -36.01
N TYR I 83 -28.49 12.18 -37.10
CA TYR I 83 -29.03 11.53 -38.29
C TYR I 83 -29.79 10.23 -38.02
N LEU I 84 -29.17 9.30 -37.30
CA LEU I 84 -29.82 8.01 -37.03
C LEU I 84 -31.11 8.14 -36.20
N TRP I 85 -31.13 9.10 -35.28
CA TRP I 85 -32.32 9.40 -34.50
C TRP I 85 -33.42 9.99 -35.36
N LYS I 86 -33.03 10.86 -36.28
CA LYS I 86 -33.97 11.45 -37.24
C LYS I 86 -34.64 10.37 -38.07
N THR I 87 -33.84 9.70 -38.89
CA THR I 87 -34.32 8.56 -39.68
C THR I 87 -34.79 7.39 -38.82
N ARG I 88 -35.10 7.67 -37.55
CA ARG I 88 -35.68 6.66 -36.68
C ARG I 88 -37.05 6.25 -37.19
N ASP I 89 -37.30 4.94 -37.16
CA ASP I 89 -38.59 4.35 -37.50
C ASP I 89 -39.65 4.64 -36.41
N ARG I 90 -40.54 5.58 -36.71
CA ARG I 90 -41.48 6.09 -35.71
C ARG I 90 -42.60 5.11 -35.34
N ASN I 91 -42.70 4.02 -36.09
CA ASN I 91 -43.69 2.99 -35.84
C ASN I 91 -42.98 1.66 -35.78
N VAL I 92 -42.10 1.55 -34.81
CA VAL I 92 -41.09 0.48 -34.80
C VAL I 92 -41.66 -0.89 -34.44
N ASP I 93 -42.72 -0.88 -33.64
CA ASP I 93 -43.35 -2.11 -33.15
C ASP I 93 -44.03 -2.88 -34.27
N ALA I 94 -44.32 -2.16 -35.35
CA ALA I 94 -44.98 -2.71 -36.54
C ALA I 94 -44.05 -3.59 -37.37
N VAL I 95 -42.75 -3.35 -37.29
CA VAL I 95 -41.76 -4.06 -38.11
C VAL I 95 -42.14 -5.52 -38.36
N THR I 96 -42.07 -5.95 -39.62
CA THR I 96 -42.36 -7.35 -39.97
C THR I 96 -41.15 -8.22 -39.73
N PRO I 97 -41.37 -9.51 -39.35
CA PRO I 97 -40.28 -10.48 -39.19
C PRO I 97 -39.20 -10.49 -40.27
N ARG I 98 -39.55 -10.24 -41.52
CA ARG I 98 -38.50 -10.19 -42.54
C ARG I 98 -37.69 -8.89 -42.43
N GLU I 99 -38.36 -7.77 -42.16
CA GLU I 99 -37.68 -6.48 -41.99
C GLU I 99 -36.86 -6.41 -40.69
N GLU I 100 -37.38 -7.01 -39.62
CA GLU I 100 -36.64 -7.09 -38.38
C GLU I 100 -35.35 -7.89 -38.59
N MET I 101 -35.47 -9.05 -39.23
CA MET I 101 -34.29 -9.86 -39.60
C MET I 101 -33.26 -9.13 -40.43
N ARG I 102 -33.71 -8.38 -41.42
CA ARG I 102 -32.82 -7.48 -42.18
C ARG I 102 -32.14 -6.46 -41.24
N ARG I 103 -32.95 -5.78 -40.42
CA ARG I 103 -32.46 -4.80 -39.46
C ARG I 103 -31.43 -5.37 -38.47
N LEU I 104 -31.68 -6.56 -37.94
CA LEU I 104 -30.68 -7.25 -37.15
C LEU I 104 -29.37 -7.50 -37.94
N VAL I 105 -29.47 -8.03 -39.16
CA VAL I 105 -28.27 -8.30 -39.94
C VAL I 105 -27.49 -7.01 -40.31
N VAL I 106 -28.17 -5.87 -40.34
CA VAL I 106 -27.46 -4.57 -40.38
C VAL I 106 -26.73 -4.31 -39.06
N LEU I 107 -27.40 -4.65 -37.96
CA LEU I 107 -26.83 -4.42 -36.64
C LEU I 107 -25.64 -5.31 -36.38
N VAL I 108 -25.71 -6.56 -36.84
CA VAL I 108 -24.54 -7.40 -36.77
C VAL I 108 -23.44 -6.82 -37.65
N GLN I 109 -23.82 -6.14 -38.73
CA GLN I 109 -22.84 -5.44 -39.52
C GLN I 109 -22.18 -4.37 -38.69
N TRP I 110 -22.96 -3.44 -38.17
CA TRP I 110 -22.39 -2.36 -37.40
C TRP I 110 -21.39 -2.89 -36.42
N LEU I 111 -21.69 -4.03 -35.82
CA LEU I 111 -20.80 -4.56 -34.80
C LEU I 111 -19.52 -5.13 -35.39
N VAL I 112 -19.54 -5.59 -36.63
CA VAL I 112 -18.31 -6.05 -37.25
C VAL I 112 -17.39 -4.89 -37.63
N VAL I 113 -17.95 -3.79 -38.12
CA VAL I 113 -17.16 -2.57 -38.24
C VAL I 113 -16.67 -2.01 -36.88
N TYR I 114 -17.50 -2.13 -35.86
CA TYR I 114 -17.08 -1.82 -34.50
C TYR I 114 -15.94 -2.75 -34.07
N GLY I 115 -16.17 -4.06 -34.12
CA GLY I 115 -15.12 -5.02 -33.85
C GLY I 115 -13.77 -4.57 -34.39
N ILE I 116 -13.70 -4.21 -35.67
CA ILE I 116 -12.41 -3.86 -36.24
C ILE I 116 -11.88 -2.48 -35.83
N ALA I 117 -12.79 -1.54 -35.59
CA ALA I 117 -12.40 -0.21 -35.11
C ALA I 117 -11.80 -0.29 -33.72
N ILE I 118 -12.27 -1.28 -32.97
CA ILE I 118 -11.69 -1.68 -31.71
C ILE I 118 -10.32 -2.31 -31.90
N TYR I 119 -10.18 -3.27 -32.82
CA TYR I 119 -8.88 -3.92 -33.00
C TYR I 119 -7.77 -2.88 -33.24
N TRP I 120 -8.01 -1.98 -34.18
CA TRP I 120 -7.01 -0.98 -34.46
C TRP I 120 -6.70 -0.11 -33.24
N GLY I 121 -7.73 0.57 -32.75
CA GLY I 121 -7.60 1.51 -31.65
C GLY I 121 -7.13 0.98 -30.31
N ALA I 122 -7.40 -0.29 -30.02
CA ALA I 122 -7.11 -0.89 -28.72
C ALA I 122 -5.90 -1.82 -28.76
N SER I 123 -5.72 -2.57 -29.83
CA SER I 123 -4.53 -3.38 -29.88
C SER I 123 -3.41 -2.73 -30.68
N PHE I 124 -3.61 -2.55 -31.98
CA PHE I 124 -2.59 -1.97 -32.87
C PHE I 124 -1.96 -0.66 -32.38
N PHE I 125 -2.69 0.45 -32.46
CA PHE I 125 -2.13 1.75 -32.06
C PHE I 125 -1.84 1.95 -30.57
N THR I 126 -2.36 1.04 -29.75
CA THR I 126 -2.16 1.06 -28.31
C THR I 126 -0.85 0.42 -27.90
N GLU I 127 -0.62 -0.81 -28.35
CA GLU I 127 0.65 -1.46 -28.08
C GLU I 127 1.77 -0.86 -28.88
N GLN I 128 1.41 -0.09 -29.91
CA GLN I 128 2.41 0.60 -30.71
C GLN I 128 3.03 1.74 -29.90
N ASP I 129 2.22 2.43 -29.12
CA ASP I 129 2.73 3.47 -28.26
C ASP I 129 3.82 2.93 -27.35
N GLY I 130 3.74 1.65 -27.02
CA GLY I 130 4.71 1.01 -26.13
C GLY I 130 6.10 0.95 -26.71
N THR I 131 6.19 0.81 -28.03
CA THR I 131 7.47 0.76 -28.75
C THR I 131 8.04 2.15 -29.03
N TRP I 132 7.17 3.14 -29.22
CA TRP I 132 7.58 4.54 -29.37
C TRP I 132 8.08 5.12 -28.04
N HIS I 133 7.57 4.59 -26.93
CA HIS I 133 8.04 4.95 -25.61
C HIS I 133 9.52 4.67 -25.46
N MET I 134 9.98 3.60 -26.11
CA MET I 134 11.38 3.18 -26.11
C MET I 134 12.23 3.81 -27.21
N THR I 135 11.69 4.87 -27.80
CA THR I 135 12.28 5.54 -28.96
C THR I 135 12.46 7.03 -28.66
N VAL I 136 11.67 7.58 -27.74
CA VAL I 136 11.91 8.94 -27.29
C VAL I 136 12.09 8.96 -25.77
N ILE I 137 12.36 10.16 -25.23
CA ILE I 137 12.45 10.40 -23.78
C ILE I 137 11.30 11.35 -23.38
N ARG I 138 10.75 12.00 -24.41
CA ARG I 138 9.46 12.75 -24.43
C ARG I 138 9.57 14.29 -24.36
N ASP I 139 8.87 14.94 -25.29
CA ASP I 139 8.79 16.41 -25.38
C ASP I 139 7.48 16.90 -24.76
N THR I 140 6.46 16.04 -24.80
CA THR I 140 5.07 16.37 -24.44
C THR I 140 4.30 15.05 -24.33
N ASP I 141 2.97 15.16 -24.22
CA ASP I 141 2.05 14.01 -24.32
C ASP I 141 1.28 14.02 -25.66
N PHE I 142 1.69 14.92 -26.54
CA PHE I 142 1.28 14.91 -27.91
C PHE I 142 2.42 14.34 -28.75
N THR I 143 2.92 13.15 -28.41
CA THR I 143 3.81 12.37 -29.30
C THR I 143 3.04 11.94 -30.58
N PRO I 144 3.75 11.54 -31.66
CA PRO I 144 3.06 10.88 -32.78
C PRO I 144 2.03 9.82 -32.35
N SER I 145 2.44 8.80 -31.60
CA SER I 145 1.54 7.70 -31.27
C SER I 145 0.33 8.13 -30.45
N HIS I 146 0.56 8.98 -29.44
CA HIS I 146 -0.53 9.59 -28.69
C HIS I 146 -1.60 10.28 -29.52
N ILE I 147 -1.20 10.98 -30.60
CA ILE I 147 -2.14 11.65 -31.51
C ILE I 147 -3.04 10.61 -32.15
N ILE I 148 -2.42 9.57 -32.72
CA ILE I 148 -3.14 8.49 -33.39
C ILE I 148 -3.95 7.65 -32.40
N GLU I 149 -3.29 7.17 -31.34
CA GLU I 149 -3.93 6.30 -30.36
C GLU I 149 -5.06 7.01 -29.67
N PHE I 150 -4.72 7.98 -28.85
CA PHE I 150 -5.72 8.61 -28.04
C PHE I 150 -6.67 9.48 -28.82
N TYR I 151 -6.15 10.36 -29.66
CA TYR I 151 -7.03 11.34 -30.27
C TYR I 151 -7.55 10.95 -31.65
N MET I 152 -7.29 9.73 -32.08
CA MET I 152 -7.80 9.33 -33.37
C MET I 152 -8.47 7.97 -33.33
N SER I 153 -7.68 6.90 -33.23
CA SER I 153 -8.18 5.53 -33.18
C SER I 153 -9.27 5.28 -32.10
N TYR I 154 -9.07 5.84 -30.91
CA TYR I 154 -10.06 5.72 -29.84
C TYR I 154 -11.33 6.48 -30.16
N PRO I 155 -11.26 7.81 -30.37
CA PRO I 155 -12.52 8.48 -30.73
C PRO I 155 -13.25 7.81 -31.90
N ILE I 156 -12.53 7.38 -32.93
CA ILE I 156 -13.12 6.72 -34.10
C ILE I 156 -13.97 5.53 -33.69
N TYR I 157 -13.38 4.58 -32.99
CA TYR I 157 -14.14 3.40 -32.63
C TYR I 157 -15.25 3.81 -31.66
N SER I 158 -15.03 4.87 -30.91
CA SER I 158 -16.07 5.37 -30.04
C SER I 158 -17.27 5.93 -30.81
N VAL I 159 -17.03 6.51 -31.98
CA VAL I 159 -18.14 6.97 -32.81
C VAL I 159 -18.92 5.78 -33.39
N ILE I 160 -18.24 4.89 -34.13
CA ILE I 160 -18.84 3.64 -34.59
C ILE I 160 -19.70 2.94 -33.53
N ALA I 161 -19.20 2.86 -32.29
CA ALA I 161 -19.98 2.35 -31.16
C ALA I 161 -21.30 3.10 -30.99
N VAL I 162 -21.23 4.41 -30.67
CA VAL I 162 -22.43 5.24 -30.60
C VAL I 162 -23.39 5.01 -31.78
N GLY I 163 -22.82 4.86 -32.99
CA GLY I 163 -23.57 4.51 -34.17
C GLY I 163 -24.36 3.23 -33.99
N ALA I 164 -23.66 2.12 -33.79
CA ALA I 164 -24.29 0.79 -33.61
C ALA I 164 -25.40 0.86 -32.57
N PHE I 165 -25.12 1.55 -31.47
CA PHE I 165 -26.07 1.72 -30.40
C PHE I 165 -27.30 2.49 -30.85
N PHE I 166 -27.09 3.67 -31.42
CA PHE I 166 -28.21 4.47 -31.93
C PHE I 166 -28.94 3.77 -33.04
N TYR I 167 -28.22 3.06 -33.89
CA TYR I 167 -28.88 2.39 -34.96
C TYR I 167 -29.92 1.42 -34.40
N ALA I 168 -29.47 0.51 -33.53
CA ALA I 168 -30.36 -0.48 -32.88
C ALA I 168 -31.50 0.16 -32.09
N LYS I 169 -31.20 1.27 -31.42
CA LYS I 169 -32.19 2.01 -30.65
C LYS I 169 -33.32 2.54 -31.53
N THR I 170 -33.02 2.82 -32.80
CA THR I 170 -34.01 3.46 -33.67
C THR I 170 -34.48 2.58 -34.79
N ARG I 171 -34.18 1.29 -34.72
CA ARG I 171 -34.62 0.36 -35.75
C ARG I 171 -35.22 -0.89 -35.18
N ILE I 172 -34.81 -1.25 -33.97
CA ILE I 172 -35.27 -2.51 -33.42
C ILE I 172 -36.15 -2.42 -32.14
N PRO I 173 -37.37 -2.97 -32.23
CA PRO I 173 -38.20 -3.06 -31.06
C PRO I 173 -37.54 -4.04 -30.11
N TYR I 174 -37.14 -3.52 -28.97
CA TYR I 174 -36.33 -4.24 -27.98
C TYR I 174 -35.34 -3.20 -27.55
N PHE I 175 -34.47 -2.84 -28.50
CA PHE I 175 -33.43 -1.84 -28.26
C PHE I 175 -34.08 -0.44 -28.17
N ALA I 176 -35.09 -0.19 -29.03
CA ALA I 176 -35.97 0.95 -28.91
C ALA I 176 -36.84 0.63 -27.73
N HIS I 177 -37.22 1.64 -26.95
CA HIS I 177 -37.89 1.49 -25.61
C HIS I 177 -37.20 0.53 -24.66
N GLY I 178 -36.31 1.04 -23.86
CA GLY I 178 -35.45 0.16 -23.12
C GLY I 178 -34.17 0.88 -22.79
N TYR I 179 -33.09 0.52 -23.50
CA TYR I 179 -31.67 0.69 -23.11
C TYR I 179 -31.19 -0.65 -22.65
N SER I 180 -30.73 -1.46 -23.60
CA SER I 180 -29.97 -2.63 -23.25
C SER I 180 -28.79 -2.19 -22.33
N LEU I 181 -28.64 -2.88 -21.21
CA LEU I 181 -27.58 -2.48 -20.28
C LEU I 181 -26.22 -2.76 -20.88
N ALA I 182 -26.05 -4.00 -21.38
CA ALA I 182 -24.87 -4.41 -22.16
C ALA I 182 -24.45 -3.33 -23.19
N PHE I 183 -25.40 -2.94 -24.05
CA PHE I 183 -25.14 -1.97 -25.10
C PHE I 183 -24.83 -0.65 -24.50
N LEU I 184 -25.65 -0.20 -23.56
CA LEU I 184 -25.38 1.04 -22.87
C LEU I 184 -23.90 1.15 -22.48
N ILE I 185 -23.40 0.10 -21.83
CA ILE I 185 -22.00 0.01 -21.40
C ILE I 185 -21.05 0.08 -22.59
N VAL I 186 -21.29 -0.73 -23.63
CA VAL I 186 -20.43 -0.79 -24.82
C VAL I 186 -20.25 0.55 -25.50
N ALA I 187 -21.33 1.34 -25.54
CA ALA I 187 -21.28 2.69 -26.09
C ALA I 187 -20.59 3.71 -25.19
N ILE I 188 -20.76 3.57 -23.87
CA ILE I 188 -20.26 4.60 -22.91
C ILE I 188 -18.92 4.33 -22.20
N GLY I 189 -18.66 3.08 -21.84
CA GLY I 189 -17.35 2.64 -21.41
C GLY I 189 -16.19 3.31 -22.10
N PRO I 190 -16.22 3.40 -23.45
CA PRO I 190 -15.28 4.22 -24.19
C PRO I 190 -14.93 5.60 -23.58
N PHE I 191 -15.86 6.25 -22.88
CA PHE I 191 -15.54 7.55 -22.31
C PHE I 191 -14.88 7.44 -20.94
N MET I 192 -14.51 6.23 -20.55
CA MET I 192 -13.82 5.94 -19.25
C MET I 192 -12.61 5.03 -19.48
N ILE I 193 -11.91 5.27 -20.58
CA ILE I 193 -10.65 4.61 -20.84
C ILE I 193 -9.55 5.59 -20.45
N ILE I 194 -9.83 6.87 -20.65
CA ILE I 194 -8.90 7.94 -20.27
C ILE I 194 -8.41 7.74 -18.83
N PRO I 195 -9.33 7.62 -17.82
CA PRO I 195 -8.80 7.28 -16.49
C PRO I 195 -8.21 5.84 -16.37
N ASN I 196 -7.79 5.50 -15.15
CA ASN I 196 -6.86 4.37 -14.89
C ASN I 196 -6.22 3.69 -16.13
N VAL I 197 -5.04 4.12 -16.60
CA VAL I 197 -4.29 5.31 -16.16
C VAL I 197 -4.55 6.46 -17.17
N GLY I 198 -4.13 7.68 -16.80
CA GLY I 198 -4.19 8.84 -17.69
C GLY I 198 -3.58 8.56 -19.06
N LEU I 199 -2.41 7.90 -19.03
CA LEU I 199 -1.76 7.33 -20.23
C LEU I 199 -2.50 6.07 -20.71
N PHE I 224 -8.61 -8.56 -12.04
CA PHE I 224 -9.20 -7.34 -11.52
C PHE I 224 -9.20 -6.23 -12.61
N GLY I 225 -10.31 -5.47 -12.71
CA GLY I 225 -10.43 -4.31 -13.63
C GLY I 225 -11.78 -4.08 -14.30
N TRP I 226 -11.98 -2.88 -14.84
CA TRP I 226 -13.27 -2.51 -15.48
C TRP I 226 -13.23 -2.37 -17.00
N MET I 227 -13.92 -3.26 -17.70
CA MET I 227 -13.81 -3.33 -19.16
C MET I 227 -15.14 -3.49 -19.94
N ALA I 228 -15.05 -3.27 -21.25
CA ALA I 228 -16.19 -3.41 -22.16
C ALA I 228 -16.07 -4.63 -23.14
N LEU I 229 -16.33 -5.82 -22.57
CA LEU I 229 -16.73 -7.02 -23.28
C LEU I 229 -18.25 -7.06 -23.21
N GLY I 230 -18.86 -5.87 -23.27
CA GLY I 230 -20.31 -5.70 -23.10
C GLY I 230 -21.02 -6.22 -24.31
N VAL I 231 -20.22 -6.45 -25.36
CA VAL I 231 -20.65 -7.06 -26.60
C VAL I 231 -21.18 -8.47 -26.40
N PHE I 232 -20.69 -9.14 -25.35
CA PHE I 232 -21.25 -10.41 -24.94
C PHE I 232 -22.77 -10.42 -24.77
N GLY I 233 -23.26 -9.45 -24.01
CA GLY I 233 -24.68 -9.21 -23.82
C GLY I 233 -25.36 -8.76 -25.09
N VAL I 234 -24.68 -7.93 -25.88
CA VAL I 234 -25.29 -7.42 -27.08
C VAL I 234 -25.51 -8.54 -28.09
N VAL I 235 -24.51 -9.34 -28.39
CA VAL I 235 -24.79 -10.44 -29.34
C VAL I 235 -25.80 -11.44 -28.80
N LEU I 236 -25.81 -11.66 -27.49
CA LEU I 236 -26.84 -12.49 -26.86
C LEU I 236 -28.25 -11.89 -27.01
N GLN I 237 -28.36 -10.58 -26.87
CA GLN I 237 -29.61 -9.91 -27.16
C GLN I 237 -30.00 -9.99 -28.62
N ILE I 238 -29.04 -9.83 -29.52
CA ILE I 238 -29.27 -10.10 -30.93
C ILE I 238 -29.69 -11.54 -31.16
N LEU I 239 -28.96 -12.48 -30.56
CA LEU I 239 -29.25 -13.89 -30.74
C LEU I 239 -30.63 -14.31 -30.26
N MET I 240 -31.16 -13.60 -29.27
CA MET I 240 -32.47 -13.93 -28.76
C MET I 240 -33.57 -13.55 -29.73
N ARG I 241 -33.38 -12.47 -30.46
CA ARG I 241 -34.34 -12.10 -31.46
C ARG I 241 -34.32 -13.05 -32.66
N ILE I 242 -33.15 -13.54 -33.01
CA ILE I 242 -33.02 -14.47 -34.12
C ILE I 242 -33.72 -15.78 -33.81
N HIS I 243 -33.57 -16.25 -32.57
CA HIS I 243 -34.22 -17.49 -32.12
C HIS I 243 -35.75 -17.35 -32.04
N ALA I 244 -36.23 -16.14 -31.77
CA ALA I 244 -37.66 -15.88 -31.75
C ALA I 244 -38.17 -15.80 -33.17
N LEU I 245 -37.44 -15.12 -34.06
CA LEU I 245 -37.93 -14.88 -35.41
C LEU I 245 -37.92 -16.08 -36.37
N VAL I 246 -37.76 -17.29 -35.82
CA VAL I 246 -38.02 -18.50 -36.59
C VAL I 246 -39.00 -19.33 -35.77
N GLY I 247 -40.07 -19.81 -36.41
CA GLY I 247 -41.04 -20.66 -35.71
C GLY I 247 -40.35 -21.95 -35.32
N LYS I 248 -41.07 -22.84 -34.65
CA LYS I 248 -40.58 -24.21 -34.47
C LYS I 248 -40.02 -24.74 -35.82
N GLU I 249 -40.67 -24.32 -36.90
CA GLU I 249 -40.30 -24.66 -38.28
C GLU I 249 -38.78 -24.56 -38.50
N GLY I 250 -38.25 -23.34 -38.48
CA GLY I 250 -36.81 -23.12 -38.61
C GLY I 250 -36.13 -23.78 -37.44
N VAL I 251 -36.36 -23.20 -36.27
CA VAL I 251 -35.77 -23.66 -35.01
C VAL I 251 -35.40 -25.15 -34.98
N LYS I 252 -36.21 -25.91 -34.26
CA LYS I 252 -36.01 -27.34 -34.09
C LYS I 252 -35.78 -27.98 -35.46
N LEU I 253 -36.75 -27.84 -36.36
CA LEU I 253 -36.74 -28.65 -37.56
C LEU I 253 -35.51 -28.38 -38.43
N LEU I 254 -35.51 -27.28 -39.15
CA LEU I 254 -34.42 -27.02 -40.08
C LEU I 254 -33.06 -27.27 -39.45
N THR I 255 -32.89 -26.81 -38.20
CA THR I 255 -31.64 -26.98 -37.49
C THR I 255 -31.81 -27.82 -36.21
N GLU I 256 -31.87 -29.15 -36.42
CA GLU I 256 -32.02 -30.22 -35.38
C GLU I 256 -33.12 -30.04 -34.31
N GLU J 16 -57.09 21.79 15.42
CA GLU J 16 -56.70 23.01 16.21
C GLU J 16 -55.80 23.90 15.34
N SER J 17 -54.51 23.54 15.29
CA SER J 17 -53.59 23.96 14.23
C SER J 17 -52.55 22.85 13.98
N VAL J 18 -52.23 22.63 12.70
CA VAL J 18 -51.29 21.58 12.28
C VAL J 18 -49.86 22.06 12.62
N VAL J 19 -49.60 23.34 12.30
CA VAL J 19 -48.28 23.99 12.38
C VAL J 19 -48.08 24.80 13.67
N ASP J 20 -47.37 24.26 14.66
CA ASP J 20 -47.04 25.04 15.84
C ASP J 20 -45.72 25.83 15.67
N LEU J 21 -44.57 25.16 15.79
CA LEU J 21 -43.22 25.79 15.69
C LEU J 21 -42.65 26.31 17.00
N ARG J 22 -43.54 26.65 17.93
CA ARG J 22 -43.15 27.09 19.26
C ARG J 22 -42.02 26.19 19.81
N GLY J 23 -42.23 24.87 19.78
CA GLY J 23 -41.22 23.92 20.25
C GLY J 23 -39.88 24.03 19.54
N MET J 24 -39.91 24.22 18.23
CA MET J 24 -38.70 24.34 17.42
C MET J 24 -37.89 25.56 17.82
N TRP J 25 -38.55 26.70 17.98
CA TRP J 25 -37.81 27.89 18.39
C TRP J 25 -37.19 27.67 19.76
N ILE J 26 -37.90 27.00 20.67
CA ILE J 26 -37.34 26.64 21.97
C ILE J 26 -36.03 25.87 21.78
N GLY J 27 -36.03 24.92 20.83
CA GLY J 27 -34.82 24.17 20.45
C GLY J 27 -33.75 25.07 19.86
N LEU J 28 -34.04 25.68 18.70
CA LEU J 28 -33.11 26.58 18.04
C LEU J 28 -32.47 27.62 18.96
N VAL J 29 -33.32 28.33 19.70
CA VAL J 29 -32.89 29.36 20.62
C VAL J 29 -32.04 28.78 21.76
N LEU J 30 -32.55 27.69 22.38
CA LEU J 30 -31.80 26.97 23.45
C LEU J 30 -30.44 26.36 23.05
N LEU J 31 -30.22 26.22 21.75
CA LEU J 31 -28.98 25.64 21.24
C LEU J 31 -28.03 26.75 20.88
N ASN J 32 -28.37 27.51 19.83
CA ASN J 32 -27.50 28.58 19.33
C ASN J 32 -26.94 29.46 20.41
N VAL J 33 -27.78 29.72 21.41
CA VAL J 33 -27.37 30.42 22.64
C VAL J 33 -26.25 29.65 23.35
N PHE J 34 -26.52 28.39 23.67
CA PHE J 34 -25.59 27.57 24.40
C PHE J 34 -24.22 27.51 23.75
N TYR J 35 -24.20 27.34 22.44
CA TYR J 35 -22.95 27.24 21.72
C TYR J 35 -22.26 28.57 21.69
N LEU J 36 -23.08 29.61 21.54
CA LEU J 36 -22.60 30.98 21.58
C LEU J 36 -21.88 31.22 22.89
N ILE J 37 -22.51 30.85 24.00
CA ILE J 37 -21.84 30.85 25.30
C ILE J 37 -20.50 30.09 25.25
N VAL J 38 -20.56 28.83 24.80
CA VAL J 38 -19.39 27.95 24.76
C VAL J 38 -18.23 28.49 23.94
N ARG J 39 -18.54 29.06 22.77
CA ARG J 39 -17.51 29.60 21.89
C ARG J 39 -16.86 30.79 22.54
N ILE J 40 -17.69 31.60 23.18
CA ILE J 40 -17.29 32.81 23.92
C ILE J 40 -16.40 32.41 25.06
N TYR J 41 -16.86 31.41 25.82
CA TYR J 41 -16.07 30.83 26.88
C TYR J 41 -14.70 30.37 26.41
N GLU J 42 -14.67 29.65 25.28
CA GLU J 42 -13.39 29.15 24.80
C GLU J 42 -12.49 30.24 24.19
N GLN J 43 -13.07 31.34 23.75
CA GLN J 43 -12.25 32.51 23.40
C GLN J 43 -11.46 33.01 24.61
N VAL J 44 -12.18 33.10 25.74
CA VAL J 44 -11.67 33.64 27.01
C VAL J 44 -10.81 32.70 27.86
N PHE J 45 -11.08 31.40 27.83
CA PHE J 45 -10.32 30.46 28.64
C PHE J 45 -9.51 29.49 27.82
N GLY J 46 -9.79 29.45 26.51
CA GLY J 46 -8.94 28.72 25.58
C GLY J 46 -7.60 29.43 25.63
N TRP J 47 -7.64 30.72 25.30
CA TRP J 47 -6.51 31.61 25.46
C TRP J 47 -6.22 31.93 26.94
N ARG J 48 -5.05 31.51 27.40
CA ARG J 48 -4.65 31.64 28.80
C ARG J 48 -5.61 30.84 29.71
N ALA J 49 -5.30 29.55 29.90
CA ALA J 49 -6.09 28.61 30.72
C ALA J 49 -6.13 27.19 30.15
N GLY J 50 -6.09 27.09 28.82
CA GLY J 50 -6.09 25.80 28.16
C GLY J 50 -4.92 25.58 27.22
N LEU J 51 -3.71 25.91 27.69
CA LEU J 51 -2.51 25.75 26.88
C LEU J 51 -1.54 24.75 27.50
N ASP J 52 -1.54 24.69 28.83
CA ASP J 52 -0.83 23.65 29.56
C ASP J 52 -1.85 22.78 30.26
N SER J 53 -1.86 21.50 29.90
CA SER J 53 -2.84 20.59 30.47
C SER J 53 -2.35 20.05 31.83
N PHE J 54 -1.07 20.25 32.10
CA PHE J 54 -0.49 19.83 33.36
C PHE J 54 -0.69 20.88 34.47
N ALA J 55 -1.08 22.09 34.06
CA ALA J 55 -1.38 23.18 34.98
C ALA J 55 -2.72 22.90 35.66
N PRO J 56 -2.89 23.37 36.91
CA PRO J 56 -4.17 23.08 37.57
C PRO J 56 -5.35 23.97 37.11
N GLU J 57 -5.06 25.05 36.38
CA GLU J 57 -6.10 25.91 35.79
C GLU J 57 -6.82 25.17 34.68
N PHE J 58 -6.25 24.05 34.28
CA PHE J 58 -6.82 23.22 33.25
C PHE J 58 -7.88 22.31 33.85
N GLN J 59 -7.68 21.96 35.12
CA GLN J 59 -8.60 21.07 35.86
C GLN J 59 -9.88 21.75 36.25
N THR J 60 -9.82 23.07 36.36
CA THR J 60 -10.96 23.85 36.82
C THR J 60 -11.74 24.43 35.65
N TYR J 61 -11.06 24.73 34.55
CA TYR J 61 -11.74 25.37 33.42
C TYR J 61 -12.08 24.48 32.26
N TRP J 62 -11.31 23.41 32.05
CA TRP J 62 -11.61 22.50 30.93
C TRP J 62 -11.99 21.08 31.32
N MET J 63 -11.26 20.49 32.27
CA MET J 63 -11.52 19.13 32.67
C MET J 63 -12.77 19.02 33.55
N SER J 64 -13.30 20.17 33.96
CA SER J 64 -14.62 20.23 34.59
C SER J 64 -15.68 19.82 33.57
N ILE J 65 -15.70 20.52 32.44
CA ILE J 65 -16.68 20.33 31.39
C ILE J 65 -16.75 18.88 30.93
N LEU J 66 -15.57 18.28 30.66
CA LEU J 66 -15.45 16.90 30.19
C LEU J 66 -16.15 15.94 31.12
N TRP J 67 -15.77 15.99 32.41
CA TRP J 67 -16.36 15.16 33.46
C TRP J 67 -17.86 15.41 33.73
N THR J 68 -18.30 16.66 33.58
CA THR J 68 -19.71 17.02 33.69
C THR J 68 -20.56 16.49 32.55
N GLU J 69 -20.25 16.92 31.33
CA GLU J 69 -21.12 16.68 30.17
C GLU J 69 -21.43 15.20 29.83
N ILE J 70 -20.40 14.35 29.89
CA ILE J 70 -20.58 12.94 29.52
C ILE J 70 -21.71 12.21 30.29
N PRO J 71 -21.65 12.17 31.65
CA PRO J 71 -22.81 11.60 32.34
C PRO J 71 -24.07 12.45 32.10
N LEU J 72 -23.91 13.77 32.01
CA LEU J 72 -25.03 14.65 31.71
C LEU J 72 -25.62 14.33 30.31
N GLU J 73 -24.76 14.10 29.33
CA GLU J 73 -25.23 13.72 28.01
C GLU J 73 -25.87 12.33 28.03
N LEU J 74 -25.25 11.41 28.78
CA LEU J 74 -25.70 10.02 28.84
C LEU J 74 -27.13 9.90 29.43
N VAL J 75 -27.38 10.71 30.45
CA VAL J 75 -28.69 10.72 31.08
C VAL J 75 -29.68 11.42 30.15
N SER J 76 -29.36 12.64 29.73
CA SER J 76 -30.12 13.41 28.72
C SER J 76 -30.51 12.57 27.53
N GLY J 77 -29.61 11.69 27.14
CA GLY J 77 -29.88 10.77 26.06
C GLY J 77 -30.99 9.79 26.44
N LEU J 78 -30.73 8.97 27.46
CA LEU J 78 -31.65 7.88 27.83
C LEU J 78 -32.99 8.42 28.29
N GLY J 79 -32.95 9.52 29.03
CA GLY J 79 -34.13 10.26 29.39
C GLY J 79 -34.97 10.43 28.15
N LEU J 80 -34.48 11.21 27.19
CA LEU J 80 -35.21 11.52 25.97
C LEU J 80 -35.88 10.32 25.32
N ALA J 81 -35.09 9.25 25.19
CA ALA J 81 -35.53 7.99 24.60
C ALA J 81 -36.58 7.26 25.46
N GLY J 82 -36.24 6.94 26.70
CA GLY J 82 -37.21 6.38 27.65
C GLY J 82 -38.55 7.11 27.62
N TYR J 83 -38.54 8.39 28.03
CA TYR J 83 -39.71 9.27 27.95
C TYR J 83 -40.52 9.17 26.64
N LEU J 84 -39.87 9.36 25.48
CA LEU J 84 -40.59 9.31 24.21
C LEU J 84 -41.26 7.97 23.93
N TRP J 85 -40.64 6.90 24.40
CA TRP J 85 -41.21 5.57 24.24
C TRP J 85 -42.41 5.40 25.11
N LYS J 86 -42.33 5.96 26.32
CA LYS J 86 -43.39 5.91 27.32
C LYS J 86 -44.57 6.63 26.77
N THR J 87 -44.41 7.93 26.55
CA THR J 87 -45.46 8.72 25.93
C THR J 87 -45.81 8.27 24.52
N ARG J 88 -45.42 7.05 24.16
CA ARG J 88 -45.76 6.51 22.84
C ARG J 88 -47.26 6.35 22.72
N ASP J 89 -47.76 6.68 21.54
CA ASP J 89 -49.18 6.51 21.19
C ASP J 89 -49.51 5.01 20.96
N ARG J 90 -50.19 4.38 21.94
CA ARG J 90 -50.41 2.94 21.94
C ARG J 90 -51.44 2.47 20.92
N ASN J 91 -52.17 3.41 20.35
CA ASN J 91 -53.12 3.10 19.29
C ASN J 91 -52.81 3.94 18.03
N VAL J 92 -51.65 3.69 17.44
CA VAL J 92 -51.03 4.62 16.48
C VAL J 92 -51.63 4.58 15.08
N ASP J 93 -52.20 3.43 14.72
CA ASP J 93 -52.83 3.22 13.41
C ASP J 93 -54.11 4.00 13.27
N ALA J 94 -54.71 4.33 14.42
CA ALA J 94 -55.94 5.13 14.51
C ALA J 94 -55.75 6.58 14.08
N VAL J 95 -54.57 7.15 14.33
CA VAL J 95 -54.28 8.56 14.02
C VAL J 95 -55.11 9.11 12.82
N THR J 96 -55.78 10.24 13.05
CA THR J 96 -56.53 10.95 12.00
C THR J 96 -55.61 11.79 11.11
N PRO J 97 -55.89 11.86 9.81
CA PRO J 97 -55.13 12.69 8.85
C PRO J 97 -54.70 14.10 9.32
N ARG J 98 -55.49 14.76 10.17
CA ARG J 98 -55.07 16.07 10.70
C ARG J 98 -54.03 15.92 11.81
N GLU J 99 -54.22 14.94 12.70
CA GLU J 99 -53.24 14.64 13.75
C GLU J 99 -51.92 14.08 13.22
N GLU J 100 -51.96 13.22 12.21
CA GLU J 100 -50.75 12.71 11.56
C GLU J 100 -49.95 13.87 10.96
N MET J 101 -50.65 14.75 10.22
CA MET J 101 -50.04 15.94 9.65
C MET J 101 -49.37 16.82 10.66
N ARG J 102 -50.00 17.02 11.82
CA ARG J 102 -49.40 17.75 12.94
C ARG J 102 -48.14 17.01 13.39
N ARG J 103 -48.27 15.70 13.56
CA ARG J 103 -47.18 14.84 14.02
C ARG J 103 -46.01 14.86 13.06
N LEU J 104 -46.29 14.75 11.77
CA LEU J 104 -45.25 15.00 10.77
C LEU J 104 -44.56 16.39 10.93
N VAL J 105 -45.34 17.45 11.07
CA VAL J 105 -44.75 18.80 11.16
C VAL J 105 -43.97 19.00 12.45
N VAL J 106 -44.27 18.22 13.48
CA VAL J 106 -43.36 18.11 14.65
C VAL J 106 -42.09 17.39 14.25
N LEU J 107 -42.22 16.32 13.47
CA LEU J 107 -41.06 15.53 13.11
C LEU J 107 -40.16 16.32 12.19
N VAL J 108 -40.73 17.14 11.32
CA VAL J 108 -39.91 18.04 10.53
C VAL J 108 -39.21 19.05 11.46
N GLN J 109 -39.89 19.44 12.52
CA GLN J 109 -39.22 20.24 13.54
C GLN J 109 -38.00 19.53 14.09
N TRP J 110 -38.20 18.33 14.62
CA TRP J 110 -37.07 17.63 15.18
C TRP J 110 -35.90 17.67 14.23
N LEU J 111 -36.17 17.46 12.96
CA LEU J 111 -35.09 17.40 12.02
C LEU J 111 -34.42 18.75 11.85
N VAL J 112 -35.16 19.84 11.95
CA VAL J 112 -34.50 21.15 11.87
C VAL J 112 -33.60 21.45 13.08
N VAL J 113 -34.02 21.02 14.26
CA VAL J 113 -33.14 21.11 15.42
C VAL J 113 -31.95 20.17 15.26
N TYR J 114 -32.19 19.01 14.66
CA TYR J 114 -31.10 18.10 14.29
C TYR J 114 -30.11 18.77 13.31
N GLY J 115 -30.66 19.29 12.21
CA GLY J 115 -29.86 19.93 11.19
C GLY J 115 -28.86 20.90 11.80
N ILE J 116 -29.31 21.70 12.75
CA ILE J 116 -28.44 22.70 13.30
C ILE J 116 -27.46 22.13 14.31
N ALA J 117 -27.87 21.07 15.02
CA ALA J 117 -26.97 20.39 15.98
C ALA J 117 -25.83 19.66 15.28
N ILE J 118 -26.14 19.17 14.07
CA ILE J 118 -25.14 18.73 13.08
C ILE J 118 -24.21 19.87 12.63
N TYR J 119 -24.75 20.98 12.14
CA TYR J 119 -23.90 22.09 11.71
C TYR J 119 -22.82 22.45 12.76
N TRP J 120 -23.24 22.71 13.99
CA TRP J 120 -22.27 23.06 15.01
C TRP J 120 -21.29 21.91 15.24
N GLY J 121 -21.83 20.75 15.61
CA GLY J 121 -21.03 19.56 15.89
C GLY J 121 -20.07 19.07 14.83
N ALA J 122 -20.43 19.18 13.56
CA ALA J 122 -19.64 18.61 12.47
C ALA J 122 -18.93 19.62 11.60
N SER J 123 -19.42 20.88 11.52
CA SER J 123 -18.70 21.89 10.75
C SER J 123 -17.94 22.85 11.66
N PHE J 124 -18.67 23.61 12.46
CA PHE J 124 -18.04 24.59 13.35
C PHE J 124 -16.96 23.96 14.25
N PHE J 125 -17.36 23.22 15.28
CA PHE J 125 -16.40 22.76 16.28
C PHE J 125 -15.45 21.70 15.78
N THR J 126 -15.73 21.18 14.59
CA THR J 126 -14.85 20.23 13.95
C THR J 126 -13.69 20.87 13.19
N GLU J 127 -14.00 21.80 12.29
CA GLU J 127 -12.94 22.45 11.55
C GLU J 127 -12.21 23.38 12.49
N GLN J 128 -12.81 23.64 13.65
CA GLN J 128 -12.24 24.54 14.65
C GLN J 128 -11.01 23.87 15.25
N ASP J 129 -11.12 22.57 15.50
CA ASP J 129 -10.04 21.80 16.05
C ASP J 129 -8.83 21.85 15.14
N GLY J 130 -9.06 21.98 13.83
CA GLY J 130 -7.96 22.13 12.84
C GLY J 130 -7.07 23.37 13.01
N THR J 131 -7.64 24.44 13.59
CA THR J 131 -6.91 25.68 13.86
C THR J 131 -6.24 25.65 15.21
N TRP J 132 -6.85 24.94 16.17
CA TRP J 132 -6.24 24.74 17.49
C TRP J 132 -5.04 23.77 17.42
N HIS J 133 -5.08 22.84 16.46
CA HIS J 133 -3.96 21.98 16.14
C HIS J 133 -2.69 22.79 15.81
N MET J 134 -2.89 23.98 15.20
CA MET J 134 -1.80 24.84 14.77
C MET J 134 -1.41 25.90 15.84
N THR J 135 -1.93 25.66 17.04
CA THR J 135 -1.76 26.55 18.16
C THR J 135 -1.12 25.86 19.35
N VAL J 136 -1.18 24.54 19.40
CA VAL J 136 -0.46 23.75 20.38
C VAL J 136 0.41 22.69 19.69
N ILE J 137 1.26 22.02 20.47
CA ILE J 137 2.05 20.87 20.04
C ILE J 137 1.47 19.59 20.67
N ARG J 138 0.69 19.80 21.75
CA ARG J 138 -0.22 18.83 22.42
C ARG J 138 0.29 18.25 23.77
N ASP J 139 -0.58 18.30 24.79
CA ASP J 139 -0.35 17.74 26.15
C ASP J 139 -1.07 16.38 26.32
N THR J 140 -2.16 16.23 25.57
CA THR J 140 -3.09 15.09 25.67
C THR J 140 -4.04 15.09 24.43
N ASP J 141 -5.09 14.29 24.47
CA ASP J 141 -6.16 14.34 23.47
C ASP J 141 -7.44 14.95 24.09
N PHE J 142 -7.28 15.46 25.31
CA PHE J 142 -8.31 16.25 25.96
C PHE J 142 -7.92 17.72 25.85
N THR J 143 -7.62 18.20 24.64
CA THR J 143 -7.43 19.63 24.36
C THR J 143 -8.79 20.36 24.57
N PRO J 144 -8.80 21.73 24.67
CA PRO J 144 -10.09 22.47 24.70
C PRO J 144 -11.01 22.05 23.57
N SER J 145 -10.55 22.15 22.32
CA SER J 145 -11.40 21.81 21.18
C SER J 145 -11.93 20.36 21.22
N HIS J 146 -11.07 19.40 21.51
CA HIS J 146 -11.48 18.02 21.67
C HIS J 146 -12.60 17.78 22.66
N ILE J 147 -12.58 18.51 23.77
CA ILE J 147 -13.63 18.47 24.81
C ILE J 147 -14.97 18.89 24.21
N ILE J 148 -14.96 20.03 23.51
CA ILE J 148 -16.18 20.57 22.92
C ILE J 148 -16.59 19.78 21.71
N GLU J 149 -15.66 19.53 20.79
CA GLU J 149 -15.96 18.78 19.57
C GLU J 149 -16.39 17.33 19.83
N PHE J 150 -15.50 16.51 20.38
CA PHE J 150 -15.84 15.12 20.52
C PHE J 150 -16.75 14.81 21.67
N TYR J 151 -16.51 15.37 22.83
CA TYR J 151 -17.31 15.05 24.01
C TYR J 151 -18.50 15.97 24.30
N MET J 152 -18.77 16.90 23.39
CA MET J 152 -19.89 17.79 23.59
C MET J 152 -20.79 17.88 22.37
N SER J 153 -20.43 18.74 21.43
CA SER J 153 -21.17 18.93 20.16
C SER J 153 -21.62 17.61 19.45
N TYR J 154 -20.74 16.62 19.41
CA TYR J 154 -21.07 15.35 18.79
C TYR J 154 -22.08 14.59 19.61
N PRO J 155 -21.78 14.31 20.89
CA PRO J 155 -22.83 13.66 21.64
C PRO J 155 -24.19 14.39 21.57
N ILE J 156 -24.19 15.72 21.76
CA ILE J 156 -25.43 16.51 21.68
C ILE J 156 -26.24 16.22 20.42
N TYR J 157 -25.67 16.43 19.24
CA TYR J 157 -26.47 16.17 18.07
C TYR J 157 -26.91 14.69 18.01
N SER J 158 -26.09 13.82 18.58
CA SER J 158 -26.38 12.40 18.60
C SER J 158 -27.64 12.13 19.44
N VAL J 159 -27.81 12.92 20.50
CA VAL J 159 -29.00 12.80 21.30
C VAL J 159 -30.23 13.27 20.53
N ILE J 160 -30.18 14.51 20.05
CA ILE J 160 -31.25 15.02 19.17
C ILE J 160 -31.68 14.01 18.07
N ALA J 161 -30.71 13.41 17.39
CA ALA J 161 -30.97 12.37 16.39
C ALA J 161 -31.84 11.24 16.97
N VAL J 162 -31.33 10.54 18.00
CA VAL J 162 -32.11 9.50 18.70
C VAL J 162 -33.50 10.00 19.10
N GLY J 163 -33.58 11.28 19.50
CA GLY J 163 -34.84 11.95 19.76
C GLY J 163 -35.76 11.89 18.56
N ALA J 164 -35.35 12.55 17.48
CA ALA J 164 -36.14 12.58 16.24
C ALA J 164 -36.61 11.18 15.79
N PHE J 165 -35.68 10.22 15.90
CA PHE J 165 -35.93 8.82 15.58
C PHE J 165 -37.02 8.20 16.44
N PHE J 166 -36.85 8.36 17.75
CA PHE J 166 -37.80 7.83 18.71
C PHE J 166 -39.10 8.51 18.59
N TYR J 167 -39.06 9.82 18.37
CA TYR J 167 -40.29 10.56 18.24
C TYR J 167 -41.15 9.94 17.14
N ALA J 168 -40.59 9.89 15.94
CA ALA J 168 -41.26 9.29 14.78
C ALA J 168 -41.70 7.85 15.02
N LYS J 169 -40.86 7.09 15.71
CA LYS J 169 -41.14 5.69 15.96
C LYS J 169 -42.39 5.53 16.80
N THR J 170 -42.65 6.50 17.70
CA THR J 170 -43.75 6.38 18.64
C THR J 170 -44.90 7.34 18.39
N ARG J 171 -45.02 7.86 17.18
CA ARG J 171 -46.10 8.78 16.87
C ARG J 171 -46.58 8.60 15.47
N ILE J 172 -45.79 7.98 14.62
CA ILE J 172 -46.19 7.86 13.23
C ILE J 172 -46.31 6.39 12.69
N PRO J 173 -47.53 6.04 12.22
CA PRO J 173 -47.74 4.73 11.60
C PRO J 173 -47.01 4.77 10.28
N TYR J 174 -45.98 3.95 10.21
CA TYR J 174 -44.98 3.97 9.14
C TYR J 174 -43.70 3.76 9.89
N PHE J 175 -43.33 4.77 10.68
CA PHE J 175 -42.09 4.72 11.46
C PHE J 175 -42.22 3.78 12.64
N ALA J 176 -43.41 3.81 13.25
CA ALA J 176 -43.83 2.80 14.20
C ALA J 176 -44.11 1.61 13.33
N HIS J 177 -43.78 0.42 13.84
CA HIS J 177 -43.74 -0.86 13.07
C HIS J 177 -42.99 -0.80 11.71
N GLY J 178 -41.71 -1.09 11.81
CA GLY J 178 -40.83 -0.91 10.69
C GLY J 178 -39.41 -0.78 11.19
N TYR J 179 -38.92 0.45 11.31
CA TYR J 179 -37.48 0.79 11.22
C TYR J 179 -37.24 1.22 9.78
N SER J 180 -37.49 2.50 9.52
CA SER J 180 -37.02 3.10 8.29
C SER J 180 -35.50 2.90 8.24
N LEU J 181 -35.00 2.38 7.12
CA LEU J 181 -33.57 2.09 7.02
C LEU J 181 -32.74 3.37 7.11
N ALA J 182 -33.13 4.37 6.30
CA ALA J 182 -32.50 5.70 6.34
C ALA J 182 -32.40 6.21 7.78
N PHE J 183 -33.51 6.12 8.52
CA PHE J 183 -33.59 6.74 9.82
C PHE J 183 -32.74 5.99 10.81
N LEU J 184 -32.81 4.69 10.73
CA LEU J 184 -31.98 3.84 11.52
C LEU J 184 -30.53 4.28 11.37
N ILE J 185 -30.05 4.35 10.13
CA ILE J 185 -28.69 4.82 9.83
C ILE J 185 -28.44 6.18 10.51
N VAL J 186 -29.32 7.17 10.24
CA VAL J 186 -29.18 8.54 10.71
C VAL J 186 -28.98 8.59 12.21
N ALA J 187 -29.69 7.74 12.94
CA ALA J 187 -29.61 7.73 14.40
C ALA J 187 -28.42 6.95 14.92
N ILE J 188 -27.89 6.02 14.12
CA ILE J 188 -26.81 5.16 14.59
C ILE J 188 -25.39 5.44 14.06
N GLY J 189 -25.29 5.70 12.77
CA GLY J 189 -24.05 6.24 12.18
C GLY J 189 -23.25 7.21 13.05
N PRO J 190 -23.92 8.16 13.74
CA PRO J 190 -23.27 8.90 14.81
C PRO J 190 -22.35 8.10 15.74
N PHE J 191 -22.65 6.82 16.01
CA PHE J 191 -21.78 6.07 16.90
C PHE J 191 -20.62 5.38 16.15
N MET J 192 -20.47 5.72 14.86
CA MET J 192 -19.34 5.24 14.02
C MET J 192 -18.64 6.41 13.31
N ILE J 193 -18.48 7.52 14.02
CA ILE J 193 -17.67 8.65 13.56
C ILE J 193 -16.32 8.54 14.24
N ILE J 194 -16.31 8.05 15.47
CA ILE J 194 -15.09 7.89 16.22
C ILE J 194 -14.03 7.17 15.41
N PRO J 195 -14.36 5.98 14.78
CA PRO J 195 -13.40 5.36 13.80
C PRO J 195 -13.35 5.94 12.36
N PHE J 224 -14.44 8.96 -1.65
CA PHE J 224 -14.61 7.64 -1.03
C PHE J 224 -14.80 7.73 0.52
N GLY J 225 -15.98 7.31 1.03
CA GLY J 225 -16.29 7.35 2.47
C GLY J 225 -17.65 6.77 2.89
N TRP J 226 -17.85 6.56 4.20
CA TRP J 226 -19.16 6.15 4.77
C TRP J 226 -19.80 7.23 5.61
N MET J 227 -20.94 7.74 5.14
CA MET J 227 -21.56 8.88 5.80
C MET J 227 -23.08 8.79 6.07
N ALA J 228 -23.56 9.75 6.85
CA ALA J 228 -25.00 9.90 7.12
C ALA J 228 -25.63 11.24 6.52
N LEU J 229 -25.82 11.21 5.20
CA LEU J 229 -26.85 11.94 4.48
C LEU J 229 -28.15 11.05 4.41
N GLY J 230 -28.47 10.40 5.53
CA GLY J 230 -29.54 9.40 5.56
C GLY J 230 -30.87 10.12 5.65
N VAL J 231 -30.72 11.41 5.92
CA VAL J 231 -31.81 12.38 5.94
C VAL J 231 -32.53 12.48 4.58
N PHE J 232 -31.80 12.26 3.49
CA PHE J 232 -32.44 12.15 2.18
C PHE J 232 -33.63 11.18 2.22
N GLY J 233 -33.39 9.97 2.74
CA GLY J 233 -34.39 8.94 2.82
C GLY J 233 -35.45 9.37 3.79
N VAL J 234 -35.06 9.91 4.92
CA VAL J 234 -36.07 10.32 5.90
C VAL J 234 -36.98 11.44 5.41
N VAL J 235 -36.44 12.51 4.85
CA VAL J 235 -37.35 13.53 4.31
C VAL J 235 -38.22 12.94 3.19
N LEU J 236 -37.66 12.06 2.37
CA LEU J 236 -38.44 11.40 1.33
C LEU J 236 -39.57 10.58 1.97
N GLN J 237 -39.31 10.02 3.15
CA GLN J 237 -40.31 9.21 3.82
C GLN J 237 -41.39 10.08 4.39
N ILE J 238 -40.98 11.18 4.99
CA ILE J 238 -41.89 12.27 5.36
C ILE J 238 -42.72 12.80 4.16
N LEU J 239 -42.05 13.15 3.07
CA LEU J 239 -42.76 13.63 1.89
C LEU J 239 -43.77 12.64 1.31
N MET J 240 -43.59 11.35 1.53
CA MET J 240 -44.48 10.36 0.94
C MET J 240 -45.80 10.36 1.67
N ARG J 241 -45.75 10.54 2.99
CA ARG J 241 -46.96 10.65 3.79
C ARG J 241 -47.69 11.97 3.56
N ILE J 242 -46.97 13.05 3.29
CA ILE J 242 -47.63 14.33 2.99
C ILE J 242 -48.38 14.20 1.66
N HIS J 243 -47.77 13.54 0.69
CA HIS J 243 -48.38 13.39 -0.61
C HIS J 243 -49.65 12.58 -0.47
N ALA J 244 -49.63 11.63 0.46
CA ALA J 244 -50.75 10.73 0.70
C ALA J 244 -51.86 11.42 1.46
N LEU J 245 -51.52 12.20 2.48
CA LEU J 245 -52.52 12.90 3.29
C LEU J 245 -53.22 14.12 2.64
N VAL J 246 -53.08 14.28 1.33
CA VAL J 246 -53.97 15.16 0.56
C VAL J 246 -54.69 14.35 -0.55
N GLY J 247 -56.01 14.43 -0.63
CA GLY J 247 -56.72 13.70 -1.68
C GLY J 247 -56.27 14.30 -3.01
N LYS J 248 -56.82 13.81 -4.12
CA LYS J 248 -56.64 14.45 -5.43
C LYS J 248 -56.92 15.95 -5.29
N GLU J 249 -57.90 16.29 -4.43
CA GLU J 249 -58.25 17.67 -4.06
C GLU J 249 -57.05 18.63 -3.83
N GLY J 250 -56.29 18.42 -2.74
CA GLY J 250 -55.05 19.16 -2.49
C GLY J 250 -54.12 18.91 -3.65
N VAL J 251 -53.53 17.71 -3.66
CA VAL J 251 -52.56 17.24 -4.67
C VAL J 251 -52.64 17.96 -6.02
N LYS J 252 -53.24 17.30 -7.02
CA LYS J 252 -53.34 17.84 -8.38
C LYS J 252 -53.94 19.24 -8.32
N LEU J 253 -55.15 19.32 -7.75
CA LEU J 253 -55.92 20.54 -7.90
C LEU J 253 -55.19 21.71 -7.25
N LEU J 254 -55.22 21.79 -5.93
CA LEU J 254 -54.70 22.98 -5.27
C LEU J 254 -53.32 23.36 -5.78
N THR J 255 -52.46 22.37 -5.97
CA THR J 255 -51.12 22.61 -6.50
C THR J 255 -50.87 21.89 -7.86
N GLU J 256 -51.41 22.52 -8.92
CA GLU J 256 -51.33 22.12 -10.36
C GLU J 256 -51.77 20.72 -10.71
N ALA K 9 -45.72 -45.29 15.76
CA ALA K 9 -46.44 -44.70 16.92
C ALA K 9 -46.16 -43.19 17.14
N VAL K 10 -45.13 -42.66 16.45
CA VAL K 10 -44.89 -41.18 16.27
C VAL K 10 -44.04 -40.88 15.02
N GLY K 11 -44.36 -41.60 13.94
CA GLY K 11 -43.59 -41.67 12.67
C GLY K 11 -42.81 -40.45 12.21
N PRO K 12 -41.60 -40.66 11.62
CA PRO K 12 -40.91 -41.90 11.27
C PRO K 12 -40.16 -42.56 12.42
N PHE K 13 -40.39 -42.09 13.65
CA PHE K 13 -39.93 -42.76 14.86
C PHE K 13 -41.01 -43.73 15.36
N ASN K 14 -40.55 -44.87 15.86
CA ASN K 14 -41.47 -45.83 16.43
C ASN K 14 -41.99 -45.39 17.80
N SER K 15 -41.15 -45.48 18.83
CA SER K 15 -41.53 -45.03 20.16
C SER K 15 -41.41 -43.51 20.33
N VAL K 16 -41.94 -42.99 21.44
CA VAL K 16 -41.61 -41.65 21.90
C VAL K 16 -40.17 -41.58 22.40
N ALA K 17 -39.64 -42.74 22.80
CA ALA K 17 -38.24 -42.88 23.21
C ALA K 17 -37.34 -42.93 21.99
N GLU K 18 -37.78 -43.59 20.92
CA GLU K 18 -36.99 -43.57 19.67
C GLU K 18 -36.90 -42.18 19.07
N ALA K 19 -37.95 -41.39 19.19
CA ALA K 19 -37.86 -39.96 18.90
C ALA K 19 -36.86 -39.27 19.82
N ALA K 20 -37.33 -38.87 21.02
CA ALA K 20 -36.53 -38.10 21.99
C ALA K 20 -35.10 -38.62 22.19
N GLY K 21 -34.88 -39.90 21.87
CA GLY K 21 -33.57 -40.49 21.92
C GLY K 21 -32.72 -40.01 20.78
N CYS K 22 -33.23 -40.10 19.55
CA CYS K 22 -32.47 -39.67 18.36
C CYS K 22 -32.24 -38.16 18.33
N VAL K 23 -33.22 -37.42 18.81
CA VAL K 23 -33.03 -35.98 18.96
C VAL K 23 -31.80 -35.65 19.85
N GLN K 24 -31.80 -36.12 21.09
CA GLN K 24 -30.67 -35.88 21.97
C GLN K 24 -29.33 -36.41 21.43
N THR K 25 -29.32 -37.40 20.55
CA THR K 25 -28.01 -37.78 20.02
C THR K 25 -27.61 -37.06 18.72
N VAL K 26 -28.57 -36.46 18.05
CA VAL K 26 -28.18 -35.54 16.99
C VAL K 26 -27.70 -34.17 17.58
N ASP K 27 -28.48 -33.62 18.51
CA ASP K 27 -28.07 -32.46 19.32
C ASP K 27 -26.60 -32.53 19.74
N TRP K 28 -26.09 -33.72 20.06
CA TRP K 28 -24.67 -33.76 20.36
C TRP K 28 -23.85 -33.70 19.08
N MET K 29 -24.18 -34.55 18.13
CA MET K 29 -23.35 -34.61 16.93
C MET K 29 -23.14 -33.26 16.25
N LEU K 30 -24.20 -32.44 16.19
CA LEU K 30 -24.10 -31.11 15.58
C LEU K 30 -23.17 -30.34 16.47
N LEU K 31 -23.57 -30.15 17.73
CA LEU K 31 -22.83 -29.30 18.69
C LEU K 31 -21.36 -29.53 18.55
N VAL K 32 -20.99 -30.80 18.43
CA VAL K 32 -19.62 -31.23 18.22
C VAL K 32 -19.06 -30.90 16.82
N LEU K 33 -19.69 -31.40 15.76
CA LEU K 33 -19.16 -31.11 14.42
C LEU K 33 -19.06 -29.59 14.21
N LEU K 34 -20.08 -28.84 14.68
CA LEU K 34 -20.06 -27.37 14.70
C LEU K 34 -18.93 -26.80 15.55
N PHE K 35 -18.61 -27.45 16.66
CA PHE K 35 -17.55 -26.91 17.48
C PHE K 35 -16.25 -26.80 16.74
N PHE K 36 -15.94 -27.72 15.83
CA PHE K 36 -14.67 -27.59 15.17
C PHE K 36 -14.42 -28.29 13.84
N ALA K 37 -14.82 -27.79 12.67
CA ALA K 37 -15.70 -26.63 12.33
C ALA K 37 -15.17 -25.24 12.60
N VAL K 38 -15.98 -24.40 13.24
CA VAL K 38 -15.57 -23.01 13.44
C VAL K 38 -14.15 -22.91 14.06
N LEU K 39 -13.84 -23.76 15.06
CA LEU K 39 -12.51 -23.74 15.65
C LEU K 39 -11.47 -23.89 14.51
N GLY K 40 -11.57 -24.93 13.71
CA GLY K 40 -10.71 -25.03 12.54
C GLY K 40 -10.55 -23.78 11.68
N GLY K 41 -11.66 -23.15 11.30
CA GLY K 41 -11.66 -21.98 10.42
C GLY K 41 -11.22 -20.72 11.14
N TYR K 42 -11.56 -20.62 12.42
CA TYR K 42 -11.26 -19.45 13.24
C TYR K 42 -9.76 -19.45 13.51
N HIS K 43 -9.23 -20.58 13.94
CA HIS K 43 -7.83 -20.70 14.25
C HIS K 43 -7.02 -20.35 13.04
N VAL K 44 -7.23 -21.05 11.91
CA VAL K 44 -6.42 -20.77 10.71
C VAL K 44 -6.36 -19.30 10.30
N HIS K 45 -7.49 -18.63 10.48
CA HIS K 45 -7.63 -17.24 10.12
C HIS K 45 -6.85 -16.39 11.09
N PHE K 46 -7.09 -16.65 12.37
CA PHE K 46 -6.51 -15.82 13.42
C PHE K 46 -5.01 -15.97 13.46
N MET K 47 -4.55 -17.19 13.28
CA MET K 47 -3.15 -17.50 13.44
C MET K 47 -2.45 -16.81 12.32
N LEU K 48 -3.11 -16.79 11.16
CA LEU K 48 -2.54 -16.23 9.96
C LEU K 48 -2.47 -14.76 10.00
N THR K 49 -3.45 -14.14 10.67
CA THR K 49 -3.47 -12.66 10.84
C THR K 49 -2.90 -12.16 12.16
N ALA K 50 -3.54 -12.48 13.27
CA ALA K 50 -3.02 -12.06 14.56
C ALA K 50 -1.93 -12.95 15.13
N GLY K 51 -1.25 -13.73 14.27
CA GLY K 51 0.11 -14.24 14.56
C GLY K 51 0.35 -14.94 15.89
N ASP K 52 1.47 -14.77 16.57
CA ASP K 52 2.57 -13.93 16.22
C ASP K 52 2.60 -12.94 17.31
N TRP K 53 1.52 -12.20 17.49
CA TRP K 53 1.33 -11.48 18.76
C TRP K 53 0.84 -12.47 19.78
N ASP K 54 0.29 -13.58 19.31
CA ASP K 54 -0.31 -14.54 20.21
C ASP K 54 0.62 -15.67 20.57
N PHE K 55 1.53 -16.02 19.67
CA PHE K 55 2.57 -16.98 20.00
C PHE K 55 3.52 -16.57 21.11
N TRP K 56 4.02 -15.34 21.07
CA TRP K 56 5.15 -15.00 21.90
C TRP K 56 4.88 -14.08 23.09
N VAL K 57 5.51 -14.36 24.23
CA VAL K 57 5.32 -13.50 25.42
C VAL K 57 5.88 -12.10 25.14
N ASP K 58 6.90 -12.09 24.26
CA ASP K 58 7.67 -10.89 23.95
C ASP K 58 7.12 -10.10 22.77
N TRP K 59 5.94 -10.49 22.31
CA TRP K 59 5.20 -9.66 21.39
C TRP K 59 4.10 -8.97 22.16
N LYS K 60 3.54 -9.61 23.20
CA LYS K 60 2.40 -8.99 23.93
C LYS K 60 2.78 -7.66 24.61
N ASP K 61 2.74 -6.58 23.82
CA ASP K 61 3.16 -5.25 24.29
C ASP K 61 1.96 -4.44 24.81
N ARG K 62 2.07 -3.11 24.78
CA ARG K 62 0.96 -2.24 25.19
C ARG K 62 0.22 -1.60 24.03
N ARG K 63 0.76 -1.67 22.83
CA ARG K 63 0.17 -0.98 21.69
C ARG K 63 -0.37 -1.92 20.65
N MET K 64 0.51 -2.58 19.93
CA MET K 64 0.04 -3.43 18.83
C MET K 64 -0.87 -4.57 19.27
N TRP K 65 -0.34 -5.37 20.19
CA TRP K 65 -1.01 -6.58 20.66
C TRP K 65 -2.46 -6.38 21.15
N PRO K 66 -2.70 -5.46 22.08
CA PRO K 66 -4.07 -5.22 22.51
C PRO K 66 -4.88 -4.37 21.54
N THR K 67 -4.33 -4.14 20.34
CA THR K 67 -5.09 -3.56 19.21
C THR K 67 -5.41 -4.63 18.21
N VAL K 68 -4.40 -5.32 17.67
CA VAL K 68 -4.69 -6.20 16.55
C VAL K 68 -5.54 -7.40 16.97
N VAL K 69 -5.34 -7.87 18.20
CA VAL K 69 -5.97 -9.13 18.59
C VAL K 69 -7.45 -9.00 18.81
N PRO K 70 -7.91 -7.98 19.57
CA PRO K 70 -9.38 -7.84 19.66
C PRO K 70 -10.02 -7.67 18.29
N ILE K 71 -9.35 -6.94 17.40
CA ILE K 71 -9.91 -6.59 16.11
C ILE K 71 -10.01 -7.81 15.24
N LEU K 72 -8.95 -8.62 15.23
CA LEU K 72 -8.96 -9.86 14.44
C LEU K 72 -9.73 -10.98 15.11
N GLY K 73 -9.81 -10.86 16.44
CA GLY K 73 -10.55 -11.78 17.28
C GLY K 73 -12.05 -11.69 17.12
N VAL K 74 -12.59 -10.50 16.91
CA VAL K 74 -14.03 -10.34 16.92
C VAL K 74 -14.69 -10.98 15.71
N THR K 75 -13.88 -11.28 14.71
CA THR K 75 -14.40 -11.81 13.45
C THR K 75 -15.33 -12.99 13.65
N PHE K 76 -14.82 -14.09 14.17
CA PHE K 76 -15.62 -15.29 14.15
C PHE K 76 -16.63 -15.27 15.23
N CYS K 77 -16.32 -14.60 16.34
CA CYS K 77 -17.32 -14.39 17.36
C CYS K 77 -18.55 -13.66 16.79
N ALA K 78 -18.35 -12.70 15.89
CA ALA K 78 -19.50 -12.07 15.28
C ALA K 78 -20.26 -13.09 14.43
N ALA K 79 -19.59 -13.78 13.50
CA ALA K 79 -20.29 -14.70 12.54
C ALA K 79 -20.93 -15.88 13.27
N SER K 80 -20.29 -16.32 14.36
CA SER K 80 -20.80 -17.39 15.18
C SER K 80 -22.07 -16.93 15.89
N GLN K 81 -22.05 -15.73 16.46
CA GLN K 81 -23.25 -15.16 17.00
C GLN K 81 -24.35 -15.04 15.94
N ALA K 82 -24.02 -14.55 14.75
CA ALA K 82 -25.02 -14.44 13.69
C ALA K 82 -25.64 -15.82 13.44
N PHE K 83 -24.86 -16.87 13.73
CA PHE K 83 -25.37 -18.22 13.48
C PHE K 83 -26.22 -18.82 14.59
N TRP K 84 -25.77 -18.71 15.82
CA TRP K 84 -26.48 -19.35 16.91
C TRP K 84 -27.68 -18.57 17.44
N TRP K 85 -27.65 -17.27 17.27
CA TRP K 85 -28.68 -16.43 17.85
C TRP K 85 -29.83 -16.30 16.88
N VAL K 86 -29.51 -16.10 15.62
CA VAL K 86 -30.57 -15.90 14.65
C VAL K 86 -31.39 -17.17 14.43
N ASN K 87 -30.70 -18.31 14.38
CA ASN K 87 -31.37 -19.54 14.08
C ASN K 87 -31.85 -20.27 15.29
N PHE K 88 -31.20 -20.11 16.42
CA PHE K 88 -31.63 -20.88 17.57
C PHE K 88 -31.89 -20.06 18.83
N ARG K 89 -31.82 -18.74 18.72
CA ARG K 89 -31.81 -17.90 19.90
C ARG K 89 -30.95 -18.46 21.09
N LEU K 90 -29.78 -19.01 20.79
CA LEU K 90 -28.84 -19.55 21.79
C LEU K 90 -27.69 -18.58 22.05
N PRO K 91 -27.62 -18.01 23.26
CA PRO K 91 -26.71 -16.88 23.50
C PRO K 91 -25.28 -17.28 23.84
N PHE K 92 -24.73 -18.22 23.09
CA PHE K 92 -23.36 -18.59 23.34
C PHE K 92 -22.44 -18.50 22.12
N GLY K 93 -22.92 -17.80 21.07
CA GLY K 93 -22.16 -17.57 19.83
C GLY K 93 -20.69 -17.23 20.06
N ALA K 94 -20.44 -16.06 20.66
CA ALA K 94 -19.08 -15.54 20.85
C ALA K 94 -18.18 -16.49 21.66
N VAL K 95 -18.75 -17.02 22.73
CA VAL K 95 -18.06 -17.94 23.61
C VAL K 95 -17.78 -19.24 22.85
N PHE K 96 -18.76 -19.70 22.06
CA PHE K 96 -18.60 -20.88 21.20
C PHE K 96 -17.36 -20.79 20.26
N ALA K 97 -16.99 -19.58 19.90
CA ALA K 97 -15.84 -19.35 19.01
C ALA K 97 -14.57 -19.07 19.81
N ALA K 98 -14.71 -18.22 20.81
CA ALA K 98 -13.57 -17.80 21.59
C ALA K 98 -12.93 -19.02 22.24
N LEU K 99 -13.77 -19.86 22.85
CA LEU K 99 -13.32 -21.09 23.52
C LEU K 99 -12.73 -22.07 22.50
N GLY K 100 -13.42 -22.20 21.39
CA GLY K 100 -12.95 -23.07 20.33
C GLY K 100 -11.49 -22.80 20.17
N LEU K 101 -11.20 -21.54 19.89
CA LEU K 101 -9.87 -21.07 19.58
C LEU K 101 -8.84 -21.44 20.64
N LEU K 102 -9.17 -21.02 21.86
CA LEU K 102 -8.32 -21.20 23.01
C LEU K 102 -7.87 -22.67 23.17
N ILE K 103 -8.85 -23.59 23.18
CA ILE K 103 -8.55 -25.01 23.21
C ILE K 103 -7.56 -25.27 22.09
N GLY K 104 -7.98 -25.00 20.86
CA GLY K 104 -7.19 -25.28 19.70
C GLY K 104 -5.75 -24.86 19.89
N GLU K 105 -5.56 -23.68 20.52
CA GLU K 105 -4.24 -23.05 20.70
C GLU K 105 -3.50 -23.75 21.81
N TRP K 106 -4.08 -23.68 23.01
CA TRP K 106 -3.54 -24.33 24.17
C TRP K 106 -3.08 -25.75 23.91
N ILE K 107 -3.97 -26.60 23.41
CA ILE K 107 -3.57 -27.92 22.93
C ILE K 107 -2.26 -27.85 22.15
N ASN K 108 -2.14 -26.93 21.19
CA ASN K 108 -0.96 -26.90 20.35
C ASN K 108 0.26 -26.37 21.06
N ARG K 109 0.10 -25.31 21.84
CA ARG K 109 1.20 -24.74 22.61
C ARG K 109 1.81 -25.83 23.49
N TYR K 110 0.93 -26.59 24.15
CA TYR K 110 1.32 -27.70 25.03
C TYR K 110 1.91 -28.83 24.19
N VAL K 111 1.07 -29.52 23.47
CA VAL K 111 1.56 -30.64 22.68
C VAL K 111 2.72 -30.38 21.75
N ASN K 112 2.89 -29.14 21.26
CA ASN K 112 3.92 -28.84 20.23
C ASN K 112 4.93 -27.75 20.52
N PHE K 113 4.47 -26.57 20.86
CA PHE K 113 5.44 -25.52 21.12
C PHE K 113 6.39 -26.02 22.19
N TRP K 114 5.80 -26.74 23.13
CA TRP K 114 6.50 -27.25 24.27
C TRP K 114 6.86 -28.71 24.09
N GLY K 115 5.82 -29.55 23.94
CA GLY K 115 5.98 -31.00 23.88
C GLY K 115 6.95 -31.45 22.82
N TRP K 116 6.96 -30.74 21.71
CA TRP K 116 7.70 -31.20 20.56
C TRP K 116 8.97 -30.43 20.43
N THR K 117 8.96 -29.13 20.77
CA THR K 117 10.09 -28.21 20.48
C THR K 117 10.73 -27.60 21.75
N TYR K 118 9.94 -27.68 22.83
CA TYR K 118 10.37 -27.38 24.18
C TYR K 118 10.67 -25.95 24.32
N PHE K 119 9.73 -25.07 24.02
CA PHE K 119 9.78 -23.70 24.52
C PHE K 119 8.92 -23.68 25.77
N PRO K 120 9.37 -23.03 26.83
CA PRO K 120 8.52 -22.92 28.01
C PRO K 120 7.17 -22.32 27.70
N ILE K 121 6.15 -22.83 28.38
CA ILE K 121 4.78 -22.33 28.25
C ILE K 121 4.74 -20.84 28.70
N SER K 122 5.80 -20.38 29.35
CA SER K 122 5.88 -18.96 29.70
C SER K 122 6.16 -18.13 28.47
N LEU K 123 6.89 -18.68 27.50
CA LEU K 123 7.09 -18.04 26.22
C LEU K 123 5.86 -18.16 25.29
N VAL K 124 5.23 -19.34 25.24
CA VAL K 124 4.29 -19.64 24.16
C VAL K 124 2.81 -19.63 24.49
N PHE K 125 2.40 -18.93 25.53
CA PHE K 125 0.99 -18.98 25.93
C PHE K 125 0.12 -17.94 25.21
N PRO K 126 -1.11 -18.30 24.79
CA PRO K 126 -2.11 -17.46 24.13
C PRO K 126 -2.75 -16.28 24.91
N SER K 127 -3.46 -15.43 24.15
CA SER K 127 -4.09 -14.23 24.68
C SER K 127 -5.36 -14.69 25.22
N ALA K 128 -5.82 -14.03 26.29
CA ALA K 128 -7.10 -14.33 26.97
C ALA K 128 -8.35 -13.66 26.37
N LEU K 129 -9.34 -14.45 25.94
CA LEU K 129 -10.48 -13.93 25.19
C LEU K 129 -11.86 -14.19 25.81
N ILE K 130 -11.95 -15.16 26.71
CA ILE K 130 -13.24 -15.60 27.18
C ILE K 130 -14.03 -14.55 27.94
N VAL K 131 -13.34 -13.71 28.69
CA VAL K 131 -14.03 -12.61 29.33
C VAL K 131 -14.68 -11.67 28.32
N PRO K 132 -13.90 -11.14 27.34
CA PRO K 132 -14.56 -10.37 26.29
C PRO K 132 -15.70 -11.15 25.62
N ALA K 133 -15.43 -12.39 25.20
CA ALA K 133 -16.45 -13.19 24.55
C ALA K 133 -17.75 -13.19 25.34
N ILE K 134 -17.65 -13.30 26.66
CA ILE K 134 -18.83 -13.32 27.53
C ILE K 134 -19.61 -12.00 27.45
N TRP K 135 -18.90 -10.90 27.62
CA TRP K 135 -19.49 -9.59 27.47
C TRP K 135 -20.29 -9.51 26.13
N LEU K 136 -19.66 -9.94 25.07
CA LEU K 136 -20.27 -9.86 23.77
C LEU K 136 -21.56 -10.63 23.81
N ASP K 137 -21.46 -11.85 24.28
CA ASP K 137 -22.59 -12.75 24.30
C ASP K 137 -23.78 -12.32 25.12
N VAL K 138 -23.47 -11.69 26.25
CA VAL K 138 -24.52 -11.26 27.13
C VAL K 138 -25.16 -9.98 26.63
N ILE K 139 -24.41 -9.17 25.90
CA ILE K 139 -24.99 -7.98 25.34
C ILE K 139 -25.99 -8.30 24.24
N LEU K 140 -25.73 -9.39 23.52
CA LEU K 140 -26.69 -9.85 22.52
C LEU K 140 -27.85 -10.58 23.21
N LEU K 141 -27.61 -11.01 24.45
CA LEU K 141 -28.63 -11.73 25.18
C LEU K 141 -29.60 -10.71 25.73
N LEU K 142 -29.06 -9.69 26.38
CA LEU K 142 -29.88 -8.68 27.00
C LEU K 142 -30.67 -7.88 25.96
N SER K 143 -30.05 -6.92 25.27
CA SER K 143 -30.66 -6.41 24.03
C SER K 143 -30.67 -7.60 23.11
N GLY K 144 -31.66 -7.67 22.25
CA GLY K 144 -31.75 -8.83 21.33
C GLY K 144 -31.18 -8.44 20.00
N SER K 145 -30.54 -7.26 20.00
CA SER K 145 -30.10 -6.59 18.78
C SER K 145 -28.65 -6.84 18.48
N TYR K 146 -28.36 -7.23 17.25
CA TYR K 146 -26.97 -7.28 16.81
C TYR K 146 -26.32 -5.90 16.67
N VAL K 147 -27.15 -4.91 16.30
CA VAL K 147 -26.76 -3.50 16.19
C VAL K 147 -26.30 -2.92 17.53
N ILE K 148 -27.10 -3.10 18.56
CA ILE K 148 -26.63 -2.81 19.91
C ILE K 148 -25.36 -3.60 20.28
N THR K 149 -25.32 -4.89 19.93
CA THR K 149 -24.12 -5.69 20.21
C THR K 149 -22.96 -5.05 19.49
N ALA K 150 -23.14 -4.85 18.19
CA ALA K 150 -22.12 -4.27 17.35
C ALA K 150 -21.51 -2.99 17.98
N VAL K 151 -22.33 -2.21 18.69
CA VAL K 151 -21.84 -1.01 19.37
C VAL K 151 -21.35 -1.27 20.79
N VAL K 152 -22.26 -1.43 21.74
CA VAL K 152 -21.83 -1.57 23.10
C VAL K 152 -21.24 -2.97 23.35
N GLY K 153 -21.48 -3.89 22.41
CA GLY K 153 -20.91 -5.22 22.54
C GLY K 153 -19.42 -5.12 22.26
N SER K 154 -19.09 -4.79 21.01
CA SER K 154 -17.70 -4.82 20.61
C SER K 154 -16.81 -3.82 21.38
N LEU K 155 -17.41 -2.73 21.85
CA LEU K 155 -16.69 -1.72 22.62
C LEU K 155 -16.23 -2.28 23.96
N GLY K 156 -17.07 -3.15 24.55
CA GLY K 156 -16.71 -3.84 25.78
C GLY K 156 -15.58 -4.79 25.45
N TRP K 157 -15.86 -5.60 24.41
CA TRP K 157 -14.94 -6.61 23.91
C TRP K 157 -13.55 -6.04 23.79
N GLY K 158 -13.48 -4.82 23.31
CA GLY K 158 -12.20 -4.14 23.10
C GLY K 158 -11.51 -3.72 24.38
N LEU K 159 -12.32 -3.19 25.31
CA LEU K 159 -11.81 -2.59 26.53
C LEU K 159 -11.29 -3.68 27.46
N LEU K 160 -12.11 -4.70 27.62
CA LEU K 160 -11.83 -5.78 28.59
C LEU K 160 -10.61 -6.64 28.31
N PHE K 161 -10.04 -6.53 27.11
CA PHE K 161 -9.06 -7.49 26.64
C PHE K 161 -7.79 -7.46 27.45
N TYR K 162 -7.26 -6.25 27.65
CA TYR K 162 -6.02 -6.11 28.36
C TYR K 162 -6.25 -6.35 29.85
N PRO K 163 -7.32 -5.76 30.41
CA PRO K 163 -7.62 -6.03 31.79
C PRO K 163 -7.63 -7.52 32.09
N ASN K 164 -8.35 -8.28 31.25
CA ASN K 164 -8.49 -9.73 31.42
C ASN K 164 -7.23 -10.50 31.01
N ASN K 165 -6.26 -9.83 30.40
CA ASN K 165 -5.00 -10.48 30.19
C ASN K 165 -4.00 -10.18 31.31
N TRP K 166 -4.03 -8.96 31.81
CA TRP K 166 -3.09 -8.55 32.86
C TRP K 166 -2.71 -9.62 33.87
N PRO K 167 -3.72 -10.30 34.51
CA PRO K 167 -3.50 -11.37 35.50
C PRO K 167 -2.49 -12.43 35.11
N ALA K 168 -2.50 -12.80 33.84
CA ALA K 168 -1.51 -13.75 33.34
C ALA K 168 -0.23 -13.06 32.95
N ILE K 169 -0.33 -11.77 32.63
CA ILE K 169 0.81 -11.06 32.03
C ILE K 169 1.77 -10.31 32.98
N ALA K 170 1.19 -9.59 33.95
CA ALA K 170 1.93 -8.85 34.96
C ALA K 170 3.23 -9.53 35.33
N ALA K 171 3.11 -10.79 35.77
CA ALA K 171 4.22 -11.65 36.22
C ALA K 171 5.52 -11.50 35.45
N PHE K 172 5.38 -11.26 34.14
CA PHE K 172 6.51 -11.24 33.22
C PHE K 172 7.01 -9.84 32.88
N HIS K 173 6.33 -8.84 33.44
CA HIS K 173 6.71 -7.46 33.22
C HIS K 173 7.49 -6.96 34.43
N GLN K 174 7.97 -7.91 35.22
CA GLN K 174 8.88 -7.61 36.31
C GLN K 174 10.23 -7.31 35.71
N ALA K 175 10.95 -6.39 36.34
CA ALA K 175 12.17 -5.84 35.75
C ALA K 175 13.38 -6.58 36.24
N THR K 176 14.30 -6.89 35.34
CA THR K 176 15.60 -7.45 35.69
C THR K 176 16.73 -6.55 35.17
N GLU K 177 17.88 -6.51 35.84
CA GLU K 177 19.04 -5.83 35.28
C GLU K 177 19.92 -6.85 34.58
N GLN K 178 20.21 -6.65 33.31
CA GLN K 178 21.06 -7.60 32.62
C GLN K 178 22.19 -6.94 31.90
N HIS K 179 23.41 -7.28 32.26
CA HIS K 179 24.61 -6.67 31.69
C HIS K 179 24.45 -5.17 31.55
N GLY K 180 23.93 -4.57 32.62
CA GLY K 180 23.92 -3.14 32.78
C GLY K 180 22.80 -2.45 32.07
N GLN K 181 21.82 -3.23 31.63
CA GLN K 181 20.67 -2.79 30.82
C GLN K 181 19.43 -3.27 31.51
N LEU K 182 18.33 -2.58 31.32
CA LEU K 182 17.06 -3.06 31.83
C LEU K 182 16.32 -4.01 30.84
N MET K 183 15.79 -5.11 31.36
CA MET K 183 14.85 -5.96 30.64
C MET K 183 13.64 -6.30 31.51
N THR K 184 12.52 -6.61 30.85
CA THR K 184 11.42 -7.33 31.51
C THR K 184 11.76 -8.83 31.36
N LEU K 185 11.36 -9.61 32.38
CA LEU K 185 11.47 -11.08 32.35
C LEU K 185 11.11 -11.63 30.98
N ALA K 186 9.97 -11.13 30.47
CA ALA K 186 9.38 -11.46 29.19
C ALA K 186 10.36 -11.30 28.04
N ASP K 187 11.01 -10.14 27.96
CA ASP K 187 12.04 -9.92 26.95
C ASP K 187 13.07 -11.05 27.03
N LEU K 188 13.32 -11.43 28.28
CA LEU K 188 14.39 -12.35 28.64
C LEU K 188 14.03 -13.75 28.20
N ILE K 189 12.83 -14.20 28.61
CA ILE K 189 12.34 -15.52 28.29
C ILE K 189 12.51 -15.70 26.82
N GLY K 190 12.25 -14.61 26.09
CA GLY K 190 12.36 -14.58 24.64
C GLY K 190 13.79 -14.80 24.23
N PHE K 191 14.66 -14.01 24.90
CA PHE K 191 16.09 -13.92 24.56
C PHE K 191 16.82 -15.23 24.84
N HIS K 192 16.44 -15.83 25.99
CA HIS K 192 16.95 -17.10 26.46
C HIS K 192 16.62 -18.29 25.54
N PHE K 193 15.33 -18.61 25.41
CA PHE K 193 14.93 -19.86 24.80
C PHE K 193 14.96 -19.71 23.32
N VAL K 194 16.07 -20.05 22.70
CA VAL K 194 16.37 -19.57 21.35
C VAL K 194 15.53 -20.02 20.12
N ARG K 195 14.87 -19.04 19.51
CA ARG K 195 14.10 -19.25 18.31
C ARG K 195 14.98 -19.00 17.10
N THR K 196 15.23 -20.03 16.31
CA THR K 196 15.99 -19.94 15.06
C THR K 196 15.69 -18.72 14.19
N SER K 197 14.45 -18.26 14.22
CA SER K 197 14.00 -17.31 13.23
C SER K 197 13.12 -16.27 13.87
N MET K 198 13.65 -15.50 14.79
CA MET K 198 12.81 -14.50 15.40
C MET K 198 13.60 -13.32 15.93
N PRO K 199 14.34 -12.59 15.05
CA PRO K 199 15.21 -11.49 15.53
C PRO K 199 14.39 -10.36 16.19
N GLU K 200 14.78 -9.88 17.36
CA GLU K 200 14.08 -8.73 17.95
C GLU K 200 14.26 -7.73 16.84
N TYR K 201 13.17 -7.14 16.39
CA TYR K 201 13.20 -6.20 15.27
C TYR K 201 12.16 -6.59 14.29
N ILE K 202 11.75 -7.85 14.38
CA ILE K 202 10.68 -8.36 13.59
C ILE K 202 9.40 -8.09 14.37
N ARG K 203 9.58 -7.84 15.68
CA ARG K 203 8.53 -7.85 16.69
C ARG K 203 7.27 -7.12 16.36
N MET K 204 7.30 -5.80 16.18
CA MET K 204 6.01 -5.07 15.99
C MET K 204 5.31 -4.92 17.33
N VAL K 205 6.06 -4.34 18.23
CA VAL K 205 5.59 -3.96 19.53
C VAL K 205 5.94 -2.48 19.62
N GLU K 206 5.33 -1.79 20.59
CA GLU K 206 5.57 -0.37 20.85
C GLU K 206 7.05 -0.08 20.97
N ARG K 207 7.51 1.02 20.38
CA ARG K 207 8.92 1.43 20.51
C ARG K 207 9.11 2.94 20.79
N GLY K 208 7.98 3.60 21.08
CA GLY K 208 7.91 5.02 21.45
C GLY K 208 7.63 5.90 20.26
N THR K 209 6.90 6.99 20.46
CA THR K 209 6.85 8.03 19.44
C THR K 209 6.84 9.37 20.14
N LEU K 210 7.00 10.41 19.33
CA LEU K 210 7.00 11.78 19.83
C LEU K 210 5.58 12.30 20.02
N ARG K 211 4.62 11.65 19.38
CA ARG K 211 3.23 11.99 19.53
C ARG K 211 2.55 11.21 20.67
N THR K 212 3.29 10.39 21.43
CA THR K 212 2.74 9.81 22.69
C THR K 212 2.78 10.88 23.77
N PHE K 213 1.69 10.98 24.54
CA PHE K 213 1.58 12.02 25.59
C PHE K 213 0.97 11.43 26.87
N GLY K 214 1.81 10.91 27.75
CA GLY K 214 1.39 10.04 28.83
C GLY K 214 2.22 8.79 28.54
N LYS K 215 2.02 7.67 29.25
CA LYS K 215 1.04 7.37 30.36
C LYS K 215 -0.39 6.97 29.92
N ASP K 216 -0.59 6.84 28.62
CA ASP K 216 -1.91 6.58 28.05
C ASP K 216 -1.96 5.36 27.10
N VAL K 217 -0.79 4.75 26.87
CA VAL K 217 -0.60 3.80 25.75
C VAL K 217 -1.62 2.64 25.67
N VAL K 218 -1.99 2.09 26.82
CA VAL K 218 -2.97 1.03 26.79
C VAL K 218 -4.41 1.50 26.60
N PRO K 219 -4.91 2.49 27.40
CA PRO K 219 -6.30 2.92 27.22
C PRO K 219 -6.59 3.30 25.78
N VAL K 220 -5.70 4.08 25.16
CA VAL K 220 -5.92 4.45 23.77
C VAL K 220 -6.01 3.21 22.93
N ALA K 221 -5.05 2.29 23.11
CA ALA K 221 -5.00 1.04 22.36
C ALA K 221 -6.33 0.29 22.44
N ALA K 222 -6.88 0.25 23.65
CA ALA K 222 -8.09 -0.52 23.94
C ALA K 222 -9.32 0.19 23.38
N PHE K 223 -9.44 1.50 23.60
CA PHE K 223 -10.53 2.25 22.99
C PHE K 223 -10.46 2.17 21.48
N PHE K 224 -9.27 2.37 20.91
CA PHE K 224 -9.09 2.16 19.49
C PHE K 224 -9.53 0.77 19.09
N SER K 225 -9.04 -0.26 19.80
CA SER K 225 -9.43 -1.64 19.50
C SER K 225 -10.97 -1.76 19.52
N GLY K 226 -11.57 -1.03 20.45
CA GLY K 226 -13.00 -1.06 20.68
C GLY K 226 -13.78 -0.53 19.50
N PHE K 227 -13.46 0.70 19.12
CA PHE K 227 -14.19 1.36 18.04
C PHE K 227 -14.05 0.67 16.68
N VAL K 228 -12.85 0.20 16.36
CA VAL K 228 -12.63 -0.55 15.15
C VAL K 228 -13.38 -1.86 15.18
N SER K 229 -13.41 -2.54 16.34
CA SER K 229 -14.17 -3.80 16.45
C SER K 229 -15.65 -3.71 16.05
N MET K 230 -16.16 -2.48 16.05
CA MET K 230 -17.55 -2.20 15.71
C MET K 230 -17.72 -2.44 14.26
N MET K 231 -16.86 -1.90 13.44
CA MET K 231 -17.05 -2.19 12.05
C MET K 231 -16.82 -3.66 11.71
N VAL K 232 -15.75 -4.24 12.25
CA VAL K 232 -15.44 -5.62 11.93
C VAL K 232 -16.65 -6.48 12.27
N TYR K 233 -17.23 -6.20 13.44
CA TYR K 233 -18.44 -6.91 13.92
C TYR K 233 -19.58 -6.98 12.91
N PHE K 234 -20.09 -5.82 12.51
CA PHE K 234 -21.04 -5.71 11.43
C PHE K 234 -20.65 -6.54 10.28
N LEU K 235 -19.53 -6.19 9.64
CA LEU K 235 -19.15 -6.90 8.47
C LEU K 235 -19.21 -8.42 8.71
N TRP K 236 -18.65 -8.87 9.85
CA TRP K 236 -18.64 -10.30 10.14
C TRP K 236 -19.99 -10.91 10.50
N TRP K 237 -20.90 -10.11 11.06
CA TRP K 237 -22.24 -10.58 11.36
C TRP K 237 -22.98 -10.86 10.08
N PHE K 238 -22.98 -9.91 9.15
CA PHE K 238 -23.61 -10.14 7.88
C PHE K 238 -22.88 -11.17 7.07
N MET K 239 -21.62 -11.43 7.39
CA MET K 239 -20.96 -12.56 6.73
C MET K 239 -21.35 -13.91 7.31
N GLY K 240 -21.52 -13.93 8.63
CA GLY K 240 -22.16 -15.02 9.33
C GLY K 240 -23.50 -15.31 8.68
N ARG K 241 -24.24 -14.27 8.30
CA ARG K 241 -25.52 -14.48 7.67
C ARG K 241 -25.30 -15.06 6.33
N TRP K 242 -24.43 -14.48 5.51
CA TRP K 242 -24.24 -15.01 4.17
C TRP K 242 -23.75 -16.43 4.24
N TYR K 243 -22.98 -16.78 5.27
CA TYR K 243 -22.52 -18.16 5.40
C TYR K 243 -23.60 -19.15 5.84
N SER K 244 -24.66 -18.68 6.50
CA SER K 244 -25.80 -19.53 6.90
C SER K 244 -26.75 -19.84 5.72
N THR K 245 -26.34 -19.53 4.49
CA THR K 245 -27.26 -19.59 3.35
C THR K 245 -27.71 -20.99 2.86
N THR K 246 -29.02 -21.20 2.88
CA THR K 246 -29.61 -22.45 2.41
C THR K 246 -29.96 -22.43 0.95
N LYS K 247 -29.49 -21.42 0.24
CA LYS K 247 -29.75 -21.34 -1.17
C LYS K 247 -29.18 -22.56 -1.86
N VAL K 248 -29.97 -23.11 -2.78
CA VAL K 248 -29.57 -24.22 -3.66
C VAL K 248 -29.52 -23.65 -5.07
N ILE K 249 -28.55 -24.10 -5.85
CA ILE K 249 -28.38 -23.53 -7.18
C ILE K 249 -28.41 -24.65 -8.17
N ASP K 250 -28.65 -24.31 -9.42
CA ASP K 250 -29.03 -25.31 -10.41
C ASP K 250 -27.91 -25.98 -11.15
N THR K 251 -26.85 -25.25 -11.49
CA THR K 251 -25.73 -25.86 -12.21
C THR K 251 -24.36 -25.31 -11.82
N ILE K 252 -23.32 -26.04 -12.21
CA ILE K 252 -21.93 -25.60 -11.96
C ILE K 252 -21.13 -25.45 -13.27
N ALA L 9 -40.60 -20.84 -48.60
CA ALA L 9 -40.52 -22.03 -47.68
C ALA L 9 -40.66 -21.69 -46.18
N VAL L 10 -39.71 -20.94 -45.60
CA VAL L 10 -39.67 -20.67 -44.13
C VAL L 10 -39.58 -19.18 -43.70
N GLY L 11 -40.69 -18.45 -43.81
CA GLY L 11 -40.79 -17.04 -43.38
C GLY L 11 -40.11 -16.78 -42.04
N PRO L 12 -39.41 -15.64 -41.91
CA PRO L 12 -39.27 -14.51 -42.85
C PRO L 12 -38.23 -14.68 -43.95
N PHE L 13 -37.71 -15.90 -44.09
CA PHE L 13 -36.90 -16.26 -45.25
C PHE L 13 -37.80 -16.85 -46.33
N ASN L 14 -37.45 -16.62 -47.59
CA ASN L 14 -38.18 -17.18 -48.70
C ASN L 14 -37.78 -18.63 -48.85
N SER L 15 -36.65 -18.89 -49.49
CA SER L 15 -36.22 -20.27 -49.68
C SER L 15 -35.76 -20.95 -48.38
N VAL L 16 -35.34 -22.20 -48.50
CA VAL L 16 -34.55 -22.88 -47.47
C VAL L 16 -33.08 -22.50 -47.64
N ALA L 17 -32.71 -22.10 -48.86
CA ALA L 17 -31.38 -21.56 -49.11
C ALA L 17 -31.24 -20.15 -48.53
N GLU L 18 -32.30 -19.34 -48.59
CA GLU L 18 -32.25 -18.00 -48.03
C GLU L 18 -32.16 -18.01 -46.51
N ALA L 19 -32.70 -19.05 -45.87
CA ALA L 19 -32.46 -19.27 -44.44
C ALA L 19 -31.02 -19.72 -44.27
N ALA L 20 -30.77 -20.99 -44.56
CA ALA L 20 -29.44 -21.63 -44.33
C ALA L 20 -28.25 -20.81 -44.82
N GLY L 21 -28.48 -19.89 -45.76
CA GLY L 21 -27.44 -19.00 -46.27
C GLY L 21 -27.17 -17.84 -45.32
N CYS L 22 -28.20 -17.08 -45.00
CA CYS L 22 -28.11 -15.99 -44.03
C CYS L 22 -27.56 -16.45 -42.65
N VAL L 23 -28.10 -17.54 -42.13
CA VAL L 23 -27.54 -18.19 -40.93
C VAL L 23 -26.01 -18.32 -41.04
N GLN L 24 -25.51 -19.00 -42.06
CA GLN L 24 -24.07 -19.21 -42.18
C GLN L 24 -23.27 -17.90 -42.39
N THR L 25 -23.86 -16.83 -42.96
CA THR L 25 -23.07 -15.61 -43.06
C THR L 25 -23.11 -14.73 -41.81
N VAL L 26 -24.13 -14.91 -40.98
CA VAL L 26 -24.16 -14.24 -39.69
C VAL L 26 -23.23 -14.97 -38.72
N ASP L 27 -23.33 -16.29 -38.67
CA ASP L 27 -22.34 -17.12 -37.98
C ASP L 27 -20.90 -16.63 -38.16
N TRP L 28 -20.52 -16.25 -39.38
CA TRP L 28 -19.18 -15.69 -39.55
C TRP L 28 -19.09 -14.30 -38.92
N MET L 29 -20.05 -13.43 -39.27
CA MET L 29 -20.01 -12.04 -38.82
C MET L 29 -19.88 -11.94 -37.32
N LEU L 30 -20.55 -12.85 -36.61
CA LEU L 30 -20.47 -12.94 -35.14
C LEU L 30 -19.06 -13.33 -34.67
N LEU L 31 -18.68 -14.58 -34.91
CA LEU L 31 -17.33 -15.07 -34.70
C LEU L 31 -16.22 -14.06 -35.01
N VAL L 32 -16.36 -13.28 -36.09
CA VAL L 32 -15.36 -12.28 -36.39
C VAL L 32 -15.48 -11.09 -35.42
N LEU L 33 -16.65 -10.46 -35.37
CA LEU L 33 -16.79 -9.26 -34.53
C LEU L 33 -16.53 -9.61 -33.08
N LEU L 34 -16.92 -10.80 -32.67
CA LEU L 34 -16.54 -11.33 -31.36
C LEU L 34 -15.05 -11.61 -31.25
N PHE L 35 -14.40 -12.03 -32.33
CA PHE L 35 -12.98 -12.30 -32.20
C PHE L 35 -12.20 -11.07 -31.76
N PHE L 36 -12.61 -9.90 -32.19
CA PHE L 36 -11.86 -8.74 -31.76
C PHE L 36 -12.58 -7.41 -31.86
N ALA L 37 -13.27 -6.89 -30.84
CA ALA L 37 -13.80 -7.53 -29.62
C ALA L 37 -12.79 -7.97 -28.61
N VAL L 38 -12.97 -9.19 -28.09
CA VAL L 38 -12.21 -9.64 -26.93
C VAL L 38 -10.71 -9.48 -27.10
N LEU L 39 -10.19 -9.65 -28.32
CA LEU L 39 -8.78 -9.34 -28.56
C LEU L 39 -8.43 -7.93 -28.06
N GLY L 40 -9.08 -6.91 -28.63
CA GLY L 40 -8.93 -5.54 -28.11
C GLY L 40 -8.95 -5.37 -26.58
N GLY L 41 -9.99 -5.91 -25.94
CA GLY L 41 -10.14 -5.76 -24.50
C GLY L 41 -9.15 -6.59 -23.71
N TYR L 42 -8.77 -7.73 -24.27
CA TYR L 42 -7.82 -8.62 -23.64
C TYR L 42 -6.45 -8.00 -23.71
N HIS L 43 -6.11 -7.49 -24.87
CA HIS L 43 -4.80 -6.95 -25.08
C HIS L 43 -4.56 -5.76 -24.16
N VAL L 44 -5.39 -4.73 -24.29
CA VAL L 44 -5.25 -3.53 -23.50
C VAL L 44 -5.06 -3.90 -22.03
N HIS L 45 -5.95 -4.74 -21.49
CA HIS L 45 -5.88 -5.11 -20.09
C HIS L 45 -4.57 -5.76 -19.76
N PHE L 46 -4.18 -6.68 -20.63
CA PHE L 46 -3.01 -7.51 -20.41
C PHE L 46 -1.72 -6.73 -20.62
N MET L 47 -1.70 -5.90 -21.66
CA MET L 47 -0.53 -5.07 -21.93
C MET L 47 -0.23 -4.12 -20.76
N LEU L 48 -1.30 -3.50 -20.25
CA LEU L 48 -1.24 -2.60 -19.09
C LEU L 48 -0.74 -3.24 -17.83
N THR L 49 -1.15 -4.47 -17.56
CA THR L 49 -0.76 -5.10 -16.32
C THR L 49 0.46 -5.96 -16.51
N ALA L 50 0.37 -6.97 -17.35
CA ALA L 50 1.49 -7.89 -17.53
C ALA L 50 2.50 -7.36 -18.53
N GLY L 51 2.40 -6.08 -18.88
CA GLY L 51 3.53 -5.36 -19.46
C GLY L 51 4.13 -5.91 -20.75
N ASP L 52 5.43 -5.81 -20.96
CA ASP L 52 6.43 -5.30 -20.03
C ASP L 52 7.26 -6.49 -19.64
N TRP L 53 6.65 -7.52 -19.08
CA TRP L 53 7.35 -8.79 -19.00
C TRP L 53 7.16 -9.48 -20.31
N ASP L 54 6.21 -8.97 -21.09
CA ASP L 54 5.89 -9.59 -22.36
C ASP L 54 6.66 -8.97 -23.53
N PHE L 55 6.89 -7.67 -23.47
CA PHE L 55 7.65 -7.00 -24.50
C PHE L 55 9.12 -7.46 -24.59
N TRP L 56 9.79 -7.68 -23.46
CA TRP L 56 11.25 -7.79 -23.44
C TRP L 56 11.76 -9.15 -23.07
N VAL L 57 12.68 -9.64 -23.90
CA VAL L 57 13.34 -10.94 -23.67
C VAL L 57 14.13 -10.99 -22.34
N ASP L 58 14.62 -9.83 -21.91
CA ASP L 58 15.39 -9.69 -20.66
C ASP L 58 14.50 -9.30 -19.48
N TRP L 59 13.19 -9.48 -19.64
CA TRP L 59 12.31 -9.54 -18.47
C TRP L 59 11.87 -10.97 -18.20
N LYS L 60 11.88 -11.80 -19.24
CA LYS L 60 11.39 -13.19 -19.08
C LYS L 60 12.37 -14.02 -18.22
N ASP L 61 12.17 -13.96 -16.91
CA ASP L 61 13.05 -14.56 -15.92
C ASP L 61 12.45 -15.82 -15.41
N ARG L 62 12.88 -16.26 -14.24
CA ARG L 62 12.36 -17.48 -13.66
C ARG L 62 11.29 -17.26 -12.60
N ARG L 63 11.19 -16.04 -12.04
CA ARG L 63 10.29 -15.81 -10.90
C ARG L 63 9.07 -14.98 -11.28
N MET L 64 9.31 -13.75 -11.72
CA MET L 64 8.24 -12.77 -11.93
C MET L 64 7.37 -13.14 -13.11
N TRP L 65 7.98 -13.13 -14.29
CA TRP L 65 7.29 -13.35 -15.55
C TRP L 65 6.41 -14.61 -15.59
N PRO L 66 6.97 -15.80 -15.21
CA PRO L 66 6.09 -16.98 -15.08
C PRO L 66 5.12 -16.97 -13.87
N THR L 67 5.03 -15.84 -13.16
CA THR L 67 4.01 -15.66 -12.13
C THR L 67 2.96 -14.69 -12.60
N VAL L 68 3.37 -13.48 -12.95
CA VAL L 68 2.38 -12.48 -13.31
C VAL L 68 1.62 -12.85 -14.56
N VAL L 69 2.29 -13.46 -15.53
CA VAL L 69 1.63 -13.68 -16.83
C VAL L 69 0.51 -14.73 -16.81
N PRO L 70 0.79 -15.91 -16.26
CA PRO L 70 -0.35 -16.82 -16.06
C PRO L 70 -1.52 -16.13 -15.35
N ILE L 71 -1.24 -15.54 -14.19
CA ILE L 71 -2.24 -14.91 -13.35
C ILE L 71 -2.97 -13.80 -14.08
N LEU L 72 -2.26 -12.95 -14.80
CA LEU L 72 -2.93 -11.90 -15.53
C LEU L 72 -3.55 -12.41 -16.80
N GLY L 73 -3.01 -13.52 -17.30
CA GLY L 73 -3.46 -14.12 -18.56
C GLY L 73 -4.78 -14.85 -18.49
N VAL L 74 -5.05 -15.50 -17.35
CA VAL L 74 -6.22 -16.39 -17.21
C VAL L 74 -7.53 -15.63 -17.19
N THR L 75 -7.47 -14.34 -16.87
CA THR L 75 -8.65 -13.45 -16.81
C THR L 75 -9.62 -13.52 -18.00
N PHE L 76 -9.16 -13.18 -19.20
CA PHE L 76 -10.11 -13.19 -20.31
C PHE L 76 -10.42 -14.61 -20.81
N CYS L 77 -9.50 -15.53 -20.58
CA CYS L 77 -9.78 -16.91 -20.92
C CYS L 77 -10.95 -17.38 -20.11
N ALA L 78 -10.92 -17.13 -18.80
CA ALA L 78 -12.04 -17.50 -17.95
C ALA L 78 -13.32 -16.78 -18.40
N ALA L 79 -13.24 -15.49 -18.74
CA ALA L 79 -14.46 -14.77 -19.11
C ALA L 79 -14.99 -15.16 -20.48
N SER L 80 -14.07 -15.45 -21.39
CA SER L 80 -14.43 -15.90 -22.72
C SER L 80 -15.11 -17.25 -22.60
N GLN L 81 -14.54 -18.15 -21.80
CA GLN L 81 -15.16 -19.43 -21.51
C GLN L 81 -16.60 -19.24 -21.00
N ALA L 82 -16.78 -18.41 -19.97
CA ALA L 82 -18.11 -18.18 -19.41
C ALA L 82 -19.10 -17.87 -20.51
N PHE L 83 -18.67 -17.14 -21.52
CA PHE L 83 -19.57 -16.77 -22.59
C PHE L 83 -19.82 -17.87 -23.64
N TRP L 84 -18.79 -18.61 -24.04
CA TRP L 84 -18.94 -19.54 -25.18
C TRP L 84 -19.54 -20.82 -24.77
N TRP L 85 -19.23 -21.25 -23.56
CA TRP L 85 -19.65 -22.57 -23.09
C TRP L 85 -21.04 -22.54 -22.45
N VAL L 86 -21.35 -21.43 -21.79
CA VAL L 86 -22.66 -21.34 -21.19
C VAL L 86 -23.75 -21.13 -22.22
N ASN L 87 -23.54 -20.24 -23.18
CA ASN L 87 -24.54 -20.01 -24.22
C ASN L 87 -24.51 -20.89 -25.48
N PHE L 88 -23.37 -21.47 -25.78
CA PHE L 88 -23.24 -22.23 -27.00
C PHE L 88 -22.64 -23.60 -26.77
N ARG L 89 -22.44 -23.99 -25.53
CA ARG L 89 -21.67 -25.19 -25.26
C ARG L 89 -20.44 -25.42 -26.18
N LEU L 90 -19.84 -24.33 -26.70
CA LEU L 90 -18.67 -24.40 -27.59
C LEU L 90 -17.36 -24.45 -26.81
N PRO L 91 -16.54 -25.52 -27.00
CA PRO L 91 -15.39 -25.67 -26.11
C PRO L 91 -14.12 -24.92 -26.56
N PHE L 92 -14.22 -23.71 -27.08
CA PHE L 92 -13.01 -23.03 -27.50
C PHE L 92 -12.72 -21.67 -26.80
N GLY L 93 -13.53 -21.30 -25.81
CA GLY L 93 -13.42 -20.01 -25.09
C GLY L 93 -12.02 -19.48 -24.78
N ALA L 94 -11.30 -20.19 -23.92
CA ALA L 94 -9.91 -19.86 -23.59
C ALA L 94 -9.10 -19.60 -24.85
N VAL L 95 -9.14 -20.56 -25.78
CA VAL L 95 -8.35 -20.51 -27.02
C VAL L 95 -8.77 -19.31 -27.89
N PHE L 96 -10.06 -19.04 -27.92
CA PHE L 96 -10.56 -17.87 -28.60
C PHE L 96 -9.86 -16.59 -28.10
N ALA L 97 -9.58 -16.54 -26.79
CA ALA L 97 -8.96 -15.34 -26.17
C ALA L 97 -7.43 -15.35 -26.21
N ALA L 98 -6.83 -16.48 -25.83
CA ALA L 98 -5.38 -16.71 -25.90
C ALA L 98 -4.80 -16.42 -27.27
N LEU L 99 -5.36 -17.05 -28.30
CA LEU L 99 -4.93 -16.77 -29.65
C LEU L 99 -5.13 -15.28 -29.99
N GLY L 100 -6.30 -14.74 -29.64
CA GLY L 100 -6.68 -13.38 -29.99
C GLY L 100 -5.52 -12.46 -29.65
N LEU L 101 -5.14 -12.52 -28.40
CA LEU L 101 -4.02 -11.78 -27.85
C LEU L 101 -2.76 -11.99 -28.69
N LEU L 102 -2.31 -13.24 -28.83
CA LEU L 102 -1.11 -13.57 -29.58
C LEU L 102 -1.03 -12.94 -30.97
N ILE L 103 -2.03 -13.19 -31.82
CA ILE L 103 -2.17 -12.44 -33.07
C ILE L 103 -1.98 -10.93 -32.88
N GLY L 104 -2.85 -10.30 -32.08
CA GLY L 104 -2.76 -8.87 -31.79
C GLY L 104 -1.38 -8.36 -31.38
N GLU L 105 -0.66 -9.16 -30.56
CA GLU L 105 0.70 -8.90 -30.08
C GLU L 105 1.74 -9.06 -31.18
N TRP L 106 1.84 -10.30 -31.71
CA TRP L 106 2.75 -10.64 -32.80
C TRP L 106 2.67 -9.68 -33.97
N ILE L 107 1.46 -9.42 -34.48
CA ILE L 107 1.25 -8.36 -35.47
C ILE L 107 2.01 -7.10 -35.11
N ASN L 108 1.91 -6.71 -33.83
CA ASN L 108 2.45 -5.45 -33.35
C ASN L 108 3.95 -5.50 -33.24
N ARG L 109 4.43 -6.55 -32.59
CA ARG L 109 5.85 -6.75 -32.46
C ARG L 109 6.50 -6.67 -33.83
N TYR L 110 5.90 -7.33 -34.81
CA TYR L 110 6.42 -7.32 -36.18
C TYR L 110 6.27 -5.97 -36.84
N VAL L 111 5.05 -5.53 -37.09
CA VAL L 111 4.84 -4.26 -37.78
C VAL L 111 5.41 -3.05 -37.06
N ASN L 112 5.51 -3.12 -35.73
CA ASN L 112 5.91 -1.92 -34.95
C ASN L 112 7.24 -2.01 -34.23
N PHE L 113 7.33 -2.88 -33.24
CA PHE L 113 8.57 -2.95 -32.45
C PHE L 113 9.76 -3.12 -33.39
N TRP L 114 9.48 -3.81 -34.49
CA TRP L 114 10.49 -4.13 -35.48
C TRP L 114 10.30 -3.36 -36.81
N GLY L 115 9.11 -3.42 -37.39
CA GLY L 115 8.85 -2.70 -38.61
C GLY L 115 9.00 -1.19 -38.50
N TRP L 116 8.64 -0.64 -37.34
CA TRP L 116 8.68 0.80 -37.18
C TRP L 116 9.88 1.33 -36.45
N THR L 117 10.36 0.58 -35.47
CA THR L 117 11.42 1.06 -34.58
C THR L 117 12.65 0.18 -34.60
N TYR L 118 12.51 -1.02 -35.11
CA TYR L 118 13.65 -1.86 -35.44
C TYR L 118 14.33 -2.49 -34.25
N PHE L 119 13.54 -3.06 -33.37
CA PHE L 119 14.09 -3.95 -32.38
C PHE L 119 13.96 -5.34 -32.97
N PRO L 120 15.03 -6.14 -32.91
CA PRO L 120 15.00 -7.54 -33.32
C PRO L 120 13.90 -8.28 -32.66
N ILE L 121 13.14 -9.02 -33.45
CA ILE L 121 12.14 -9.94 -32.92
C ILE L 121 12.66 -10.82 -31.74
N SER L 122 13.97 -11.06 -31.66
CA SER L 122 14.52 -11.85 -30.55
C SER L 122 14.36 -11.13 -29.20
N LEU L 123 14.28 -9.79 -29.26
CA LEU L 123 14.05 -8.95 -28.09
C LEU L 123 12.56 -8.89 -27.76
N VAL L 124 11.73 -8.69 -28.78
CA VAL L 124 10.33 -8.27 -28.62
C VAL L 124 9.25 -9.35 -28.87
N PHE L 125 9.57 -10.59 -28.61
CA PHE L 125 8.57 -11.62 -28.89
C PHE L 125 7.70 -11.94 -27.65
N PRO L 126 6.39 -12.18 -27.86
CA PRO L 126 5.44 -12.54 -26.81
C PRO L 126 5.62 -13.87 -26.07
N SER L 127 4.81 -14.03 -25.02
CA SER L 127 4.83 -15.19 -24.16
C SER L 127 3.85 -16.13 -24.80
N ALA L 128 4.21 -17.41 -24.82
CA ALA L 128 3.36 -18.48 -25.40
C ALA L 128 2.25 -18.91 -24.46
N LEU L 129 1.02 -18.85 -24.97
CA LEU L 129 -0.16 -19.11 -24.14
C LEU L 129 -1.06 -20.27 -24.62
N ILE L 130 -0.84 -20.68 -25.87
CA ILE L 130 -1.82 -21.51 -26.54
C ILE L 130 -1.89 -22.93 -26.00
N VAL L 131 -0.74 -23.49 -25.63
CA VAL L 131 -0.78 -24.74 -24.87
C VAL L 131 -1.65 -24.65 -23.59
N PRO L 132 -1.31 -23.77 -22.61
CA PRO L 132 -2.21 -23.72 -21.45
C PRO L 132 -3.69 -23.50 -21.88
N ALA L 133 -3.92 -22.50 -22.75
CA ALA L 133 -5.26 -22.19 -23.25
C ALA L 133 -6.09 -23.46 -23.61
N ILE L 134 -5.43 -24.37 -24.32
CA ILE L 134 -5.99 -25.67 -24.72
C ILE L 134 -6.27 -26.52 -23.48
N TRP L 135 -5.28 -26.71 -22.61
CA TRP L 135 -5.51 -27.49 -21.41
C TRP L 135 -6.76 -26.96 -20.74
N LEU L 136 -6.79 -25.63 -20.61
CA LEU L 136 -7.89 -24.99 -19.92
C LEU L 136 -9.25 -25.30 -20.60
N ASP L 137 -9.27 -25.19 -21.93
CA ASP L 137 -10.48 -25.48 -22.69
C ASP L 137 -10.97 -26.92 -22.70
N VAL L 138 -10.02 -27.84 -22.78
CA VAL L 138 -10.32 -29.25 -22.74
C VAL L 138 -10.82 -29.66 -21.33
N ILE L 139 -10.29 -29.06 -20.28
CA ILE L 139 -10.81 -29.41 -18.97
C ILE L 139 -12.28 -29.04 -18.86
N LEU L 140 -12.68 -27.93 -19.47
CA LEU L 140 -14.07 -27.52 -19.42
C LEU L 140 -14.91 -28.40 -20.34
N LEU L 141 -14.26 -28.95 -21.37
CA LEU L 141 -14.94 -29.85 -22.30
C LEU L 141 -15.21 -31.16 -21.61
N LEU L 142 -14.17 -31.81 -21.10
CA LEU L 142 -14.33 -33.09 -20.38
C LEU L 142 -15.35 -33.03 -19.20
N SER L 143 -14.95 -32.56 -18.02
CA SER L 143 -15.96 -32.14 -17.00
C SER L 143 -16.78 -31.07 -17.68
N GLY L 144 -18.03 -30.98 -17.36
CA GLY L 144 -18.80 -29.87 -17.93
C GLY L 144 -18.84 -28.70 -16.96
N SER L 145 -17.92 -28.71 -16.00
CA SER L 145 -18.00 -27.84 -14.83
C SER L 145 -16.93 -26.75 -14.88
N TYR L 146 -17.33 -25.50 -14.60
CA TYR L 146 -16.36 -24.41 -14.48
C TYR L 146 -15.66 -24.58 -13.17
N VAL L 147 -16.37 -25.09 -12.18
CA VAL L 147 -15.79 -25.31 -10.86
C VAL L 147 -14.54 -26.20 -11.00
N ILE L 148 -14.69 -27.34 -11.65
CA ILE L 148 -13.53 -28.20 -11.91
C ILE L 148 -12.48 -27.49 -12.77
N THR L 149 -12.91 -26.80 -13.82
CA THR L 149 -11.94 -26.07 -14.62
C THR L 149 -11.15 -25.09 -13.74
N ALA L 150 -11.89 -24.33 -12.95
CA ALA L 150 -11.31 -23.34 -12.04
C ALA L 150 -10.15 -23.98 -11.30
N VAL L 151 -10.33 -25.21 -10.84
CA VAL L 151 -9.31 -25.89 -10.07
C VAL L 151 -8.31 -26.59 -10.95
N VAL L 152 -8.65 -27.75 -11.49
CA VAL L 152 -7.66 -28.50 -12.26
C VAL L 152 -7.37 -27.82 -13.62
N GLY L 153 -8.30 -26.98 -14.07
CA GLY L 153 -8.10 -26.23 -15.29
C GLY L 153 -6.97 -25.25 -15.06
N SER L 154 -7.17 -24.28 -14.18
CA SER L 154 -6.18 -23.20 -14.05
C SER L 154 -4.85 -23.68 -13.50
N LEU L 155 -4.87 -24.63 -12.56
CA LEU L 155 -3.65 -25.27 -12.04
C LEU L 155 -2.76 -25.87 -13.15
N GLY L 156 -3.38 -26.39 -14.21
CA GLY L 156 -2.65 -26.85 -15.40
C GLY L 156 -2.06 -25.67 -16.14
N TRP L 157 -2.96 -24.75 -16.52
CA TRP L 157 -2.64 -23.49 -17.17
C TRP L 157 -1.42 -22.86 -16.49
N GLY L 158 -1.43 -22.90 -15.16
CA GLY L 158 -0.33 -22.37 -14.37
C GLY L 158 0.96 -23.09 -14.65
N LEU L 159 0.94 -24.42 -14.52
CA LEU L 159 2.15 -25.26 -14.59
C LEU L 159 2.71 -25.37 -16.01
N LEU L 160 1.84 -25.40 -17.00
CA LEU L 160 2.26 -25.53 -18.39
C LEU L 160 2.97 -24.33 -18.98
N PHE L 161 2.90 -23.19 -18.28
CA PHE L 161 3.35 -21.93 -18.86
C PHE L 161 4.83 -21.89 -19.21
N TYR L 162 5.66 -22.21 -18.22
CA TYR L 162 7.11 -22.17 -18.44
C TYR L 162 7.55 -23.25 -19.42
N PRO L 163 7.11 -24.49 -19.15
CA PRO L 163 7.30 -25.56 -20.10
C PRO L 163 7.07 -25.07 -21.51
N ASN L 164 5.87 -24.58 -21.80
CA ASN L 164 5.51 -24.26 -23.17
C ASN L 164 6.16 -23.01 -23.73
N ASN L 165 6.95 -22.33 -22.90
CA ASN L 165 7.71 -21.19 -23.35
C ASN L 165 9.18 -21.54 -23.58
N TRP L 166 9.70 -22.45 -22.74
CA TRP L 166 11.09 -22.96 -22.83
C TRP L 166 11.68 -23.20 -24.25
N PRO L 167 10.94 -23.91 -25.13
CA PRO L 167 11.37 -24.07 -26.51
C PRO L 167 11.80 -22.80 -27.23
N ALA L 168 11.08 -21.70 -27.03
CA ALA L 168 11.44 -20.41 -27.65
C ALA L 168 12.51 -19.65 -26.86
N ILE L 169 12.58 -19.96 -25.56
CA ILE L 169 13.38 -19.19 -24.56
C ILE L 169 14.83 -19.69 -24.34
N ALA L 170 15.00 -21.00 -24.18
CA ALA L 170 16.30 -21.63 -23.93
C ALA L 170 17.41 -21.01 -24.77
N ALA L 171 17.20 -20.97 -26.09
CA ALA L 171 18.16 -20.37 -27.04
C ALA L 171 18.86 -19.08 -26.58
N PHE L 172 18.22 -18.32 -25.69
CA PHE L 172 18.74 -17.03 -25.28
C PHE L 172 19.32 -17.06 -23.89
N HIS L 173 19.18 -18.19 -23.22
CA HIS L 173 19.77 -18.32 -21.90
C HIS L 173 21.11 -19.04 -21.96
N GLN L 174 21.63 -19.17 -23.17
CA GLN L 174 23.01 -19.58 -23.38
C GLN L 174 23.94 -18.47 -22.89
N ALA L 175 25.02 -18.90 -22.25
CA ALA L 175 26.01 -17.99 -21.62
C ALA L 175 27.04 -17.35 -22.54
N THR L 176 27.34 -16.08 -22.30
CA THR L 176 28.43 -15.42 -22.96
C THR L 176 29.33 -14.74 -21.88
N GLU L 177 30.61 -14.56 -22.19
CA GLU L 177 31.54 -13.79 -21.34
C GLU L 177 31.73 -12.43 -21.97
N GLN L 178 31.31 -11.40 -21.26
CA GLN L 178 31.52 -10.05 -21.75
C GLN L 178 32.32 -9.28 -20.76
N HIS L 179 33.40 -8.67 -21.25
CA HIS L 179 34.30 -7.91 -20.42
C HIS L 179 34.34 -8.50 -19.03
N GLY L 180 34.74 -9.77 -18.97
CA GLY L 180 35.07 -10.45 -17.71
C GLY L 180 33.91 -10.72 -16.76
N GLN L 181 32.71 -10.69 -17.32
CA GLN L 181 31.49 -10.83 -16.57
C GLN L 181 30.65 -11.82 -17.33
N LEU L 182 29.86 -12.61 -16.61
CA LEU L 182 28.89 -13.49 -17.24
C LEU L 182 27.53 -12.83 -17.57
N MET L 183 27.10 -13.01 -18.82
CA MET L 183 25.78 -12.58 -19.25
C MET L 183 25.06 -13.73 -19.98
N THR L 184 23.74 -13.77 -19.93
CA THR L 184 23.00 -14.61 -20.87
C THR L 184 22.79 -13.79 -22.14
N LEU L 185 22.48 -14.49 -23.21
CA LEU L 185 22.33 -13.86 -24.51
C LEU L 185 21.24 -12.81 -24.45
N ALA L 186 20.20 -13.16 -23.70
CA ALA L 186 19.04 -12.30 -23.59
C ALA L 186 19.52 -10.98 -23.03
N ASP L 187 20.16 -11.04 -21.86
CA ASP L 187 20.65 -9.84 -21.18
C ASP L 187 21.28 -8.96 -22.24
N LEU L 188 22.13 -9.60 -23.05
CA LEU L 188 22.92 -8.92 -24.05
C LEU L 188 22.09 -8.34 -25.16
N ILE L 189 21.09 -9.10 -25.63
CA ILE L 189 20.18 -8.57 -26.66
C ILE L 189 19.60 -7.23 -26.18
N GLY L 190 19.17 -7.23 -24.92
CA GLY L 190 18.62 -6.07 -24.27
C GLY L 190 19.65 -4.98 -24.23
N PHE L 191 20.86 -5.34 -23.80
CA PHE L 191 21.98 -4.40 -23.66
C PHE L 191 22.41 -3.74 -24.98
N HIS L 192 22.38 -4.56 -26.02
CA HIS L 192 22.76 -4.12 -27.34
C HIS L 192 21.77 -3.14 -27.93
N PHE L 193 20.56 -3.60 -28.20
CA PHE L 193 19.67 -2.81 -29.03
C PHE L 193 18.96 -1.74 -28.23
N VAL L 194 19.60 -0.58 -28.17
CA VAL L 194 19.34 0.44 -27.14
C VAL L 194 17.94 1.07 -27.02
N ARG L 195 17.26 0.71 -25.93
CA ARG L 195 15.97 1.26 -25.53
C ARG L 195 16.15 2.56 -24.78
N THR L 196 15.56 3.65 -25.29
CA THR L 196 15.70 4.97 -24.69
C THR L 196 15.29 5.07 -23.22
N SER L 197 14.33 4.26 -22.80
CA SER L 197 13.83 4.37 -21.45
C SER L 197 13.69 3.01 -20.79
N MET L 198 14.79 2.30 -20.58
CA MET L 198 14.61 0.99 -19.98
C MET L 198 15.82 0.54 -19.19
N PRO L 199 16.24 1.32 -18.20
CA PRO L 199 17.49 1.02 -17.47
C PRO L 199 17.41 -0.31 -16.74
N GLU L 200 18.32 -1.27 -16.95
CA GLU L 200 18.26 -2.47 -16.09
C GLU L 200 18.14 -1.93 -14.66
N TYR L 201 17.20 -2.46 -13.88
CA TYR L 201 16.86 -1.95 -12.52
C TYR L 201 15.36 -1.67 -12.48
N ILE L 202 14.84 -1.33 -13.66
CA ILE L 202 13.45 -1.14 -13.80
C ILE L 202 12.88 -2.54 -13.91
N ARG L 203 13.70 -3.52 -14.28
CA ARG L 203 13.23 -4.83 -14.75
C ARG L 203 12.15 -5.57 -13.96
N MET L 204 12.40 -5.84 -12.69
CA MET L 204 11.49 -6.74 -11.95
C MET L 204 11.62 -8.18 -12.40
N VAL L 205 12.82 -8.70 -12.29
CA VAL L 205 13.10 -10.08 -12.59
C VAL L 205 13.75 -10.55 -11.31
N GLU L 206 13.98 -11.85 -11.23
CA GLU L 206 14.57 -12.47 -10.05
C GLU L 206 15.94 -11.90 -9.82
N ARG L 207 16.27 -11.62 -8.55
CA ARG L 207 17.60 -11.15 -8.19
C ARG L 207 18.24 -11.91 -7.01
N GLY L 208 17.58 -12.99 -6.59
CA GLY L 208 18.07 -13.81 -5.50
C GLY L 208 17.56 -13.34 -4.15
N THR L 209 17.46 -14.27 -3.21
CA THR L 209 17.08 -13.95 -1.83
C THR L 209 17.64 -15.03 -0.96
N LEU L 210 17.70 -14.77 0.34
CA LEU L 210 18.27 -15.73 1.24
C LEU L 210 17.27 -16.83 1.52
N ARG L 211 15.98 -16.58 1.29
CA ARG L 211 14.95 -17.57 1.59
C ARG L 211 14.68 -18.46 0.36
N THR L 212 15.51 -18.37 -0.69
CA THR L 212 15.47 -19.37 -1.75
C THR L 212 16.33 -20.55 -1.33
N PHE L 213 15.80 -21.75 -1.55
CA PHE L 213 16.43 -23.01 -1.12
C PHE L 213 16.41 -24.11 -2.22
N GLY L 214 17.47 -24.18 -3.02
CA GLY L 214 17.42 -24.76 -4.36
C GLY L 214 17.62 -23.60 -5.34
N LYS L 215 17.56 -23.80 -6.68
CA LYS L 215 17.22 -25.04 -7.46
C LYS L 215 15.72 -25.36 -7.60
N ASP L 216 14.88 -24.43 -7.14
CA ASP L 216 13.43 -24.62 -7.12
C ASP L 216 12.67 -23.48 -7.79
N VAL L 217 13.40 -22.47 -8.27
CA VAL L 217 12.79 -21.15 -8.55
C VAL L 217 11.58 -21.22 -9.47
N VAL L 218 11.68 -22.04 -10.51
CA VAL L 218 10.59 -22.12 -11.48
C VAL L 218 9.42 -22.99 -11.03
N PRO L 219 9.68 -24.21 -10.51
CA PRO L 219 8.58 -24.99 -9.92
C PRO L 219 7.68 -24.17 -8.98
N VAL L 220 8.27 -23.53 -7.96
CA VAL L 220 7.46 -22.76 -7.01
C VAL L 220 6.68 -21.65 -7.72
N ALA L 221 7.34 -20.95 -8.64
CA ALA L 221 6.66 -19.92 -9.42
C ALA L 221 5.41 -20.48 -10.07
N ALA L 222 5.54 -21.59 -10.80
CA ALA L 222 4.43 -22.09 -11.59
C ALA L 222 3.35 -22.57 -10.68
N PHE L 223 3.68 -23.38 -9.68
CA PHE L 223 2.68 -23.83 -8.68
C PHE L 223 1.94 -22.63 -8.06
N PHE L 224 2.71 -21.63 -7.65
CA PHE L 224 2.12 -20.40 -7.19
C PHE L 224 1.19 -19.84 -8.24
N SER L 225 1.65 -19.80 -9.49
CA SER L 225 0.85 -19.16 -10.53
C SER L 225 -0.44 -19.97 -10.72
N GLY L 226 -0.32 -21.27 -10.52
CA GLY L 226 -1.43 -22.18 -10.62
C GLY L 226 -2.45 -21.87 -9.57
N PHE L 227 -2.06 -21.90 -8.31
CA PHE L 227 -3.02 -21.76 -7.21
C PHE L 227 -3.72 -20.41 -7.14
N VAL L 228 -3.02 -19.38 -7.61
CA VAL L 228 -3.59 -18.04 -7.66
C VAL L 228 -4.57 -17.93 -8.82
N SER L 229 -4.22 -18.56 -9.95
CA SER L 229 -5.09 -18.50 -11.14
C SER L 229 -6.46 -19.14 -10.90
N MET L 230 -6.55 -20.00 -9.88
CA MET L 230 -7.83 -20.51 -9.47
C MET L 230 -8.76 -19.38 -9.02
N MET L 231 -8.25 -18.48 -8.19
CA MET L 231 -9.07 -17.37 -7.78
C MET L 231 -9.40 -16.44 -8.93
N VAL L 232 -8.41 -16.07 -9.71
CA VAL L 232 -8.68 -15.14 -10.81
C VAL L 232 -9.72 -15.76 -11.68
N TYR L 233 -9.58 -17.05 -11.93
CA TYR L 233 -10.49 -17.75 -12.82
C TYR L 233 -11.96 -17.60 -12.45
N PHE L 234 -12.30 -18.03 -11.22
CA PHE L 234 -13.61 -17.84 -10.66
C PHE L 234 -14.09 -16.45 -10.89
N LEU L 235 -13.34 -15.48 -10.37
CA LEU L 235 -13.83 -14.13 -10.41
C LEU L 235 -14.23 -13.77 -11.87
N TRP L 236 -13.34 -14.10 -12.80
CA TRP L 236 -13.49 -13.69 -14.17
C TRP L 236 -14.49 -14.50 -14.95
N TRP L 237 -14.79 -15.69 -14.43
CA TRP L 237 -15.91 -16.46 -14.94
C TRP L 237 -17.22 -15.72 -14.66
N PHE L 238 -17.47 -15.40 -13.39
CA PHE L 238 -18.69 -14.74 -13.00
C PHE L 238 -18.77 -13.36 -13.56
N MET L 239 -17.63 -12.80 -13.92
CA MET L 239 -17.61 -11.55 -14.61
C MET L 239 -17.88 -11.71 -16.10
N GLY L 240 -17.39 -12.82 -16.65
CA GLY L 240 -17.76 -13.19 -18.00
C GLY L 240 -19.27 -13.28 -18.05
N ARG L 241 -19.86 -13.91 -17.04
CA ARG L 241 -21.31 -13.94 -16.90
C ARG L 241 -21.92 -12.55 -16.77
N TRP L 242 -21.41 -11.75 -15.84
CA TRP L 242 -22.03 -10.47 -15.61
C TRP L 242 -22.05 -9.73 -16.91
N TYR L 243 -20.99 -9.85 -17.69
CA TYR L 243 -20.91 -9.14 -18.97
C TYR L 243 -21.83 -9.69 -20.03
N SER L 244 -22.18 -10.97 -19.92
CA SER L 244 -23.12 -11.60 -20.82
C SER L 244 -24.56 -11.09 -20.62
N THR L 245 -24.73 -10.01 -19.84
CA THR L 245 -26.08 -9.61 -19.38
C THR L 245 -27.03 -9.04 -20.44
N THR L 246 -28.21 -9.65 -20.53
CA THR L 246 -29.23 -9.21 -21.47
C THR L 246 -30.23 -8.29 -20.81
N LYS L 247 -29.91 -7.88 -19.58
CA LYS L 247 -30.81 -6.98 -18.87
C LYS L 247 -31.02 -5.69 -19.66
N VAL L 248 -32.29 -5.30 -19.72
CA VAL L 248 -32.73 -4.01 -20.26
C VAL L 248 -33.18 -3.18 -19.07
N ILE L 249 -32.89 -1.90 -19.07
CA ILE L 249 -33.21 -1.07 -17.93
C ILE L 249 -34.01 0.08 -18.45
N ASP L 250 -34.73 0.77 -17.56
CA ASP L 250 -35.73 1.71 -18.01
C ASP L 250 -35.28 3.12 -18.29
N THR L 251 -34.40 3.69 -17.48
CA THR L 251 -33.91 5.08 -17.70
C THR L 251 -32.40 5.36 -17.37
N ILE L 252 -31.92 6.52 -17.80
CA ILE L 252 -30.54 6.94 -17.53
C ILE L 252 -30.56 8.34 -16.85
CU CU M . 6.09 -23.77 7.10
CU CU N . 6.26 26.42 26.92
CU CU O . 19.27 15.42 -29.09
CU CU P . 24.34 -27.16 10.95
CU CU Q . 2.73 7.36 -24.29
CU CU R . -7.28 17.33 17.53
#